data_2LA7
#
_entry.id   2LA7
#
_entity_poly.entity_id   1
_entity_poly.type   'polypeptide(L)'
_entity_poly.pdbx_seq_one_letter_code
;IPKHPDSEAVAPDPFNPAATQLLDDTSWVLSAWKQADGTARAVPSADQGAPITLTLSTSTGQRHASGFSGCNRYMGSYAL
KDGKLSFGTLGGTRMACMTPGGQIEGAYLNALTHIDRTGVQMRAPQQMQLVLDNGDTLTFDRSTR
;
_entity_poly.pdbx_strand_id   A
#
# COMPACT_ATOMS: atom_id res chain seq x y z
N ILE A 1 -6.67 36.99 1.65
CA ILE A 1 -7.94 36.30 1.33
C ILE A 1 -8.34 36.75 -0.08
N PRO A 2 -7.83 36.07 -1.12
CA PRO A 2 -8.35 36.22 -2.49
C PRO A 2 -9.74 35.56 -2.61
N LYS A 3 -10.26 35.43 -3.83
CA LYS A 3 -11.50 34.71 -4.07
C LYS A 3 -11.28 33.20 -3.87
N HIS A 4 -12.39 32.45 -3.87
CA HIS A 4 -12.42 31.05 -4.28
C HIS A 4 -11.79 30.89 -5.68
N PRO A 5 -11.36 29.67 -6.06
CA PRO A 5 -10.71 29.41 -7.35
C PRO A 5 -11.68 29.38 -8.53
N ASP A 6 -12.97 29.28 -8.26
CA ASP A 6 -14.05 28.93 -9.16
C ASP A 6 -13.92 27.47 -9.62
N SER A 7 -14.87 27.02 -10.43
CA SER A 7 -15.08 25.64 -10.87
C SER A 7 -14.47 25.43 -12.26
N GLU A 8 -13.37 24.68 -12.34
CA GLU A 8 -12.80 24.25 -13.62
C GLU A 8 -12.38 22.78 -13.62
N ALA A 9 -13.23 21.91 -13.10
CA ALA A 9 -12.95 20.48 -13.00
C ALA A 9 -14.26 19.72 -13.07
N VAL A 10 -14.46 19.01 -14.18
CA VAL A 10 -15.53 18.05 -14.40
C VAL A 10 -14.88 16.81 -15.02
N ALA A 11 -14.58 15.78 -14.23
CA ALA A 11 -14.03 14.52 -14.73
C ALA A 11 -14.11 13.41 -13.67
N PRO A 12 -14.11 12.13 -14.09
CA PRO A 12 -14.13 10.98 -13.19
C PRO A 12 -12.86 10.91 -12.34
N ASP A 13 -12.90 10.16 -11.24
CA ASP A 13 -11.81 10.07 -10.27
C ASP A 13 -10.74 9.10 -10.81
N PRO A 14 -9.50 9.19 -10.33
CA PRO A 14 -8.35 8.46 -10.86
C PRO A 14 -8.39 6.98 -10.47
N PHE A 15 -7.32 6.24 -10.79
CA PHE A 15 -7.17 4.81 -10.56
C PHE A 15 -8.20 4.04 -11.39
N ASN A 16 -8.19 2.71 -11.25
CA ASN A 16 -9.12 1.80 -11.94
C ASN A 16 -9.13 0.45 -11.21
N PRO A 17 -10.27 -0.25 -11.11
CA PRO A 17 -10.38 -1.52 -10.40
C PRO A 17 -9.90 -2.69 -11.25
N ALA A 18 -10.06 -2.63 -12.57
CA ALA A 18 -9.51 -3.60 -13.53
C ALA A 18 -7.98 -3.42 -13.66
N ALA A 19 -7.28 -3.51 -12.54
CA ALA A 19 -5.84 -3.38 -12.34
C ALA A 19 -5.50 -4.16 -11.08
N THR A 20 -6.32 -4.08 -10.03
CA THR A 20 -6.16 -4.80 -8.78
C THR A 20 -6.37 -6.33 -8.92
N GLN A 21 -6.25 -6.87 -10.13
CA GLN A 21 -6.31 -8.28 -10.51
C GLN A 21 -5.00 -8.75 -11.17
N LEU A 22 -4.04 -7.84 -11.27
CA LEU A 22 -2.68 -7.98 -11.76
C LEU A 22 -1.69 -7.79 -10.60
N LEU A 23 -2.19 -7.57 -9.38
CA LEU A 23 -1.41 -7.32 -8.16
C LEU A 23 -0.94 -8.68 -7.63
N ASP A 24 -0.05 -9.33 -8.37
CA ASP A 24 0.40 -10.69 -8.06
C ASP A 24 1.90 -10.81 -8.18
N ASP A 25 2.49 -10.33 -9.27
CA ASP A 25 3.93 -10.33 -9.49
C ASP A 25 4.31 -8.86 -9.71
N THR A 26 4.15 -8.05 -8.67
CA THR A 26 4.39 -6.62 -8.71
C THR A 26 5.17 -6.19 -7.46
N SER A 27 5.65 -4.95 -7.39
CA SER A 27 6.42 -4.48 -6.24
C SER A 27 6.28 -2.96 -6.21
N TRP A 28 6.32 -2.40 -5.00
CA TRP A 28 5.83 -1.06 -4.72
C TRP A 28 6.52 -0.58 -3.43
N VAL A 29 6.65 0.72 -3.24
CA VAL A 29 7.37 1.28 -2.09
C VAL A 29 6.49 2.40 -1.56
N LEU A 30 6.23 2.39 -0.26
CA LEU A 30 5.36 3.38 0.37
C LEU A 30 6.18 4.65 0.49
N SER A 31 5.64 5.78 0.05
CA SER A 31 6.35 7.04 0.15
C SER A 31 5.60 8.11 0.93
N ALA A 32 4.30 7.96 1.16
CA ALA A 32 3.52 8.90 1.94
C ALA A 32 2.29 8.20 2.50
N TRP A 33 1.85 8.61 3.68
CA TRP A 33 0.70 8.05 4.37
C TRP A 33 -0.09 9.24 4.91
N LYS A 34 -1.31 9.44 4.42
CA LYS A 34 -2.22 10.43 4.91
C LYS A 34 -3.24 9.78 5.83
N GLN A 35 -3.68 10.50 6.86
CA GLN A 35 -4.75 10.07 7.72
C GLN A 35 -6.09 10.33 7.05
N ALA A 36 -7.15 9.76 7.62
CA ALA A 36 -8.49 9.83 7.07
C ALA A 36 -9.00 11.25 6.93
N ASP A 37 -8.61 12.14 7.84
CA ASP A 37 -9.02 13.53 7.75
C ASP A 37 -8.08 14.33 6.83
N GLY A 38 -6.79 13.96 6.77
CA GLY A 38 -5.81 14.57 5.88
C GLY A 38 -4.43 14.79 6.50
N THR A 39 -4.18 14.43 7.77
CA THR A 39 -2.85 14.53 8.38
C THR A 39 -1.89 13.60 7.68
N ALA A 40 -0.96 14.16 6.92
CA ALA A 40 0.20 13.44 6.45
C ALA A 40 1.05 12.98 7.64
N ARG A 41 1.08 11.67 7.88
CA ARG A 41 1.91 11.02 8.88
C ARG A 41 3.39 11.21 8.53
N ALA A 42 4.29 10.82 9.43
CA ALA A 42 5.72 10.80 9.19
C ALA A 42 6.13 9.39 8.80
N VAL A 43 6.82 9.22 7.67
CA VAL A 43 7.25 7.91 7.18
C VAL A 43 8.75 7.96 6.84
N PRO A 44 9.47 6.83 6.85
CA PRO A 44 10.88 6.78 6.52
C PRO A 44 11.07 6.92 5.00
N SER A 45 11.48 8.11 4.54
CA SER A 45 11.97 8.31 3.19
C SER A 45 13.22 7.44 3.01
N ALA A 46 13.59 7.13 1.77
CA ALA A 46 14.74 6.28 1.45
C ALA A 46 16.08 6.86 1.89
N ASP A 47 16.15 8.17 2.17
CA ASP A 47 17.34 8.80 2.69
C ASP A 47 17.61 8.43 4.16
N GLN A 48 16.65 7.82 4.85
CA GLN A 48 16.65 7.68 6.30
C GLN A 48 17.26 6.37 6.78
N GLY A 49 17.31 5.33 5.94
CA GLY A 49 18.14 4.15 6.14
C GLY A 49 17.40 2.80 6.13
N ALA A 50 16.07 2.77 6.13
CA ALA A 50 15.24 1.57 6.07
C ALA A 50 13.83 1.95 5.55
N PRO A 51 13.68 2.19 4.23
CA PRO A 51 12.41 2.57 3.62
C PRO A 51 11.39 1.43 3.66
N ILE A 52 10.11 1.77 3.50
CA ILE A 52 9.01 0.82 3.52
C ILE A 52 8.77 0.28 2.09
N THR A 53 9.13 -0.98 1.82
CA THR A 53 8.97 -1.64 0.52
C THR A 53 7.93 -2.77 0.65
N LEU A 54 7.26 -3.13 -0.46
CA LEU A 54 6.33 -4.23 -0.61
C LEU A 54 6.74 -5.00 -1.86
N THR A 55 6.61 -6.31 -1.82
CA THR A 55 6.90 -7.21 -2.91
C THR A 55 5.78 -8.25 -2.95
N LEU A 56 5.19 -8.42 -4.13
CA LEU A 56 4.14 -9.39 -4.42
C LEU A 56 4.73 -10.27 -5.50
N SER A 57 4.88 -11.56 -5.23
CA SER A 57 5.33 -12.56 -6.18
C SER A 57 5.07 -13.93 -5.54
N THR A 58 5.19 -15.01 -6.30
CA THR A 58 5.22 -16.37 -5.79
C THR A 58 6.59 -16.67 -5.15
N SER A 59 7.08 -15.80 -4.28
CA SER A 59 8.42 -15.85 -3.73
C SER A 59 8.60 -17.03 -2.75
N THR A 60 7.51 -17.57 -2.19
CA THR A 60 7.52 -18.80 -1.40
C THR A 60 7.10 -20.02 -2.24
N GLY A 61 6.81 -19.80 -3.52
CA GLY A 61 6.06 -20.68 -4.39
C GLY A 61 4.56 -20.36 -4.38
N GLN A 62 4.05 -19.62 -3.38
CA GLN A 62 2.62 -19.32 -3.20
C GLN A 62 2.38 -17.81 -3.19
N ARG A 63 1.11 -17.38 -3.23
CA ARG A 63 0.73 -15.96 -3.27
C ARG A 63 1.02 -15.31 -1.92
N HIS A 64 2.27 -14.94 -1.70
CA HIS A 64 2.79 -14.49 -0.43
C HIS A 64 3.45 -13.15 -0.64
N ALA A 65 2.83 -12.15 -0.04
CA ALA A 65 3.38 -10.82 0.09
C ALA A 65 4.60 -10.91 1.00
N SER A 66 5.57 -10.05 0.75
CA SER A 66 6.74 -9.86 1.58
C SER A 66 7.14 -8.39 1.49
N GLY A 67 8.01 -7.93 2.39
CA GLY A 67 8.45 -6.55 2.33
C GLY A 67 9.14 -6.16 3.62
N PHE A 68 9.51 -4.89 3.72
CA PHE A 68 10.14 -4.29 4.88
C PHE A 68 9.21 -3.16 5.28
N SER A 69 8.58 -3.26 6.45
CA SER A 69 7.66 -2.24 6.94
C SER A 69 8.07 -1.77 8.32
N GLY A 70 8.83 -0.68 8.35
CA GLY A 70 9.28 -0.04 9.56
C GLY A 70 10.78 -0.25 9.67
N CYS A 71 11.24 -1.18 10.51
CA CYS A 71 12.61 -1.69 10.46
C CYS A 71 12.64 -3.21 10.65
N ASN A 72 11.54 -3.85 10.31
CA ASN A 72 11.23 -5.24 10.56
C ASN A 72 10.53 -5.69 9.28
N ARG A 73 11.01 -6.80 8.71
CA ARG A 73 10.39 -7.41 7.54
C ARG A 73 9.09 -8.09 7.94
N TYR A 74 8.16 -8.09 7.00
CA TYR A 74 6.85 -8.75 7.12
C TYR A 74 6.65 -9.73 5.97
N MET A 75 5.60 -10.54 6.08
CA MET A 75 5.16 -11.50 5.10
C MET A 75 3.70 -11.89 5.38
N GLY A 76 3.06 -12.59 4.45
CA GLY A 76 1.79 -13.29 4.64
C GLY A 76 1.08 -13.47 3.30
N SER A 77 -0.03 -14.20 3.26
CA SER A 77 -0.73 -14.48 2.02
C SER A 77 -1.59 -13.28 1.59
N TYR A 78 -2.05 -13.29 0.34
CA TYR A 78 -3.00 -12.29 -0.17
C TYR A 78 -4.05 -12.93 -1.09
N ALA A 79 -5.04 -12.14 -1.51
CA ALA A 79 -6.06 -12.52 -2.48
C ALA A 79 -6.60 -11.24 -3.15
N LEU A 80 -7.06 -11.34 -4.40
CA LEU A 80 -7.62 -10.22 -5.16
C LEU A 80 -9.11 -10.43 -5.32
N LYS A 81 -9.91 -9.42 -4.97
CA LYS A 81 -11.35 -9.34 -5.15
C LYS A 81 -11.79 -7.90 -4.98
N ASP A 82 -12.99 -7.58 -5.46
CA ASP A 82 -13.69 -6.30 -5.33
C ASP A 82 -12.86 -5.07 -5.76
N GLY A 83 -11.84 -5.24 -6.61
CA GLY A 83 -10.96 -4.13 -6.97
C GLY A 83 -9.95 -3.80 -5.87
N LYS A 84 -9.78 -4.65 -4.86
CA LYS A 84 -8.85 -4.48 -3.74
C LYS A 84 -7.90 -5.66 -3.58
N LEU A 85 -6.92 -5.49 -2.71
CA LEU A 85 -5.93 -6.50 -2.31
C LEU A 85 -6.24 -6.88 -0.87
N SER A 86 -6.92 -8.00 -0.67
CA SER A 86 -7.09 -8.51 0.69
C SER A 86 -5.79 -9.22 1.09
N PHE A 87 -5.55 -9.32 2.39
CA PHE A 87 -4.45 -10.09 2.94
C PHE A 87 -4.98 -11.17 3.87
N GLY A 88 -4.16 -12.19 4.11
CA GLY A 88 -4.40 -13.24 5.08
C GLY A 88 -3.81 -12.81 6.42
N THR A 89 -3.50 -13.80 7.25
CA THR A 89 -2.68 -13.65 8.45
C THR A 89 -1.27 -13.22 8.03
N LEU A 90 -1.01 -11.92 8.07
CA LEU A 90 0.29 -11.30 7.95
C LEU A 90 1.04 -11.37 9.28
N GLY A 91 2.29 -10.92 9.28
CA GLY A 91 3.09 -10.68 10.47
C GLY A 91 4.57 -10.63 10.11
N GLY A 92 5.43 -10.36 11.09
CA GLY A 92 6.87 -10.38 10.94
C GLY A 92 7.53 -10.75 12.26
N THR A 93 8.55 -10.02 12.71
CA THR A 93 9.37 -10.31 13.90
C THR A 93 9.77 -9.02 14.61
N ARG A 94 10.08 -9.12 15.91
CA ARG A 94 10.13 -7.96 16.79
C ARG A 94 11.59 -7.61 17.04
N MET A 95 12.28 -7.28 15.95
CA MET A 95 13.59 -6.66 16.04
C MET A 95 13.42 -5.22 16.55
N ALA A 96 14.50 -4.52 16.86
CA ALA A 96 14.43 -3.18 17.44
C ALA A 96 15.36 -2.23 16.69
N CYS A 97 14.84 -1.11 16.19
CA CYS A 97 15.65 -0.06 15.53
C CYS A 97 15.56 1.29 16.26
N MET A 98 14.95 1.39 17.46
CA MET A 98 14.92 2.59 18.32
C MET A 98 14.61 3.90 17.55
N THR A 99 13.67 3.84 16.61
CA THR A 99 13.45 4.90 15.62
C THR A 99 11.95 5.06 15.37
N PRO A 100 11.52 6.24 14.90
CA PRO A 100 10.13 6.51 14.57
C PRO A 100 9.73 5.76 13.29
N GLY A 101 10.63 5.66 12.31
CA GLY A 101 10.41 4.88 11.11
C GLY A 101 10.65 3.39 11.36
N GLY A 102 11.10 2.96 12.55
CA GLY A 102 11.16 1.56 12.92
C GLY A 102 9.84 1.06 13.49
N GLN A 103 9.38 1.65 14.59
CA GLN A 103 8.21 1.15 15.31
C GLN A 103 6.92 1.21 14.48
N ILE A 104 6.92 2.02 13.42
CA ILE A 104 5.75 2.20 12.56
C ILE A 104 5.32 0.87 11.88
N GLU A 105 6.10 -0.21 12.00
CA GLU A 105 5.65 -1.58 11.74
C GLU A 105 4.27 -1.84 12.37
N GLY A 106 4.11 -1.48 13.65
CA GLY A 106 2.90 -1.73 14.41
C GLY A 106 1.70 -1.10 13.73
N ALA A 107 1.81 0.19 13.43
CA ALA A 107 0.77 0.96 12.76
C ALA A 107 0.50 0.38 11.37
N TYR A 108 1.56 0.05 10.62
CA TYR A 108 1.48 -0.37 9.23
C TYR A 108 0.69 -1.67 9.13
N LEU A 109 0.99 -2.67 9.97
CA LEU A 109 0.22 -3.91 10.00
C LEU A 109 -1.24 -3.63 10.35
N ASN A 110 -1.51 -2.68 11.24
CA ASN A 110 -2.87 -2.31 11.64
C ASN A 110 -3.69 -1.69 10.51
N ALA A 111 -3.00 -1.24 9.47
CA ALA A 111 -3.60 -0.69 8.26
C ALA A 111 -3.66 -1.74 7.14
N LEU A 112 -3.09 -2.93 7.31
CA LEU A 112 -3.26 -4.02 6.34
C LEU A 112 -4.55 -4.80 6.58
N THR A 113 -5.21 -4.62 7.72
CA THR A 113 -6.45 -5.29 8.09
C THR A 113 -7.70 -4.56 7.59
N HIS A 114 -7.57 -3.37 6.99
CA HIS A 114 -8.69 -2.50 6.64
C HIS A 114 -8.47 -1.99 5.21
N ILE A 115 -8.77 -2.81 4.19
CA ILE A 115 -8.46 -2.52 2.78
C ILE A 115 -9.75 -2.10 2.02
N ASP A 116 -10.66 -1.37 2.68
CA ASP A 116 -12.03 -1.22 2.17
C ASP A 116 -12.11 -0.47 0.83
N ARG A 117 -11.11 0.35 0.51
CA ARG A 117 -10.93 0.99 -0.80
C ARG A 117 -9.55 0.64 -1.34
N THR A 118 -9.33 0.74 -2.64
CA THR A 118 -8.02 0.51 -3.26
C THR A 118 -7.91 1.24 -4.60
N GLY A 119 -6.88 2.07 -4.74
CA GLY A 119 -6.44 2.75 -5.95
C GLY A 119 -5.23 2.03 -6.54
N VAL A 120 -5.24 1.74 -7.84
CA VAL A 120 -4.03 1.46 -8.63
C VAL A 120 -4.17 2.18 -9.97
N GLN A 121 -3.07 2.78 -10.43
CA GLN A 121 -2.92 3.35 -11.76
C GLN A 121 -1.79 2.58 -12.42
N MET A 122 -2.12 1.57 -13.24
CA MET A 122 -1.13 0.85 -14.02
C MET A 122 -0.66 1.62 -15.26
N ARG A 123 -1.29 2.76 -15.51
CA ARG A 123 -0.77 3.85 -16.31
C ARG A 123 0.55 4.32 -15.70
N ALA A 124 1.61 4.39 -16.49
CA ALA A 124 2.90 4.89 -16.08
C ALA A 124 2.83 6.42 -16.14
N PRO A 125 3.38 7.16 -15.16
CA PRO A 125 4.24 6.69 -14.08
C PRO A 125 3.42 6.13 -12.91
N GLN A 126 3.49 4.80 -12.72
CA GLN A 126 2.56 4.03 -11.90
C GLN A 126 2.73 4.35 -10.42
N GLN A 127 1.62 4.65 -9.75
CA GLN A 127 1.60 4.85 -8.29
C GLN A 127 0.32 4.24 -7.72
N MET A 128 0.46 3.18 -6.95
CA MET A 128 -0.66 2.57 -6.27
C MET A 128 -1.04 3.44 -5.08
N GLN A 129 -2.27 3.34 -4.61
CA GLN A 129 -2.72 4.09 -3.46
C GLN A 129 -3.72 3.27 -2.66
N LEU A 130 -3.35 2.85 -1.47
CA LEU A 130 -4.28 2.11 -0.62
C LEU A 130 -5.10 3.10 0.18
N VAL A 131 -6.28 2.67 0.62
CA VAL A 131 -7.22 3.49 1.37
C VAL A 131 -7.88 2.61 2.43
N LEU A 132 -8.04 3.14 3.64
CA LEU A 132 -8.61 2.36 4.74
C LEU A 132 -10.08 2.70 4.90
N ASP A 133 -10.79 1.88 5.68
CA ASP A 133 -12.22 2.04 5.97
C ASP A 133 -12.55 3.34 6.70
N ASN A 134 -11.58 3.99 7.34
CA ASN A 134 -11.79 5.31 7.92
C ASN A 134 -11.81 6.37 6.82
N GLY A 135 -11.05 6.15 5.75
CA GLY A 135 -10.69 7.13 4.76
C GLY A 135 -9.19 7.44 4.70
N ASP A 136 -8.35 6.79 5.52
CA ASP A 136 -6.89 7.00 5.52
C ASP A 136 -6.33 6.62 4.14
N THR A 137 -5.16 7.11 3.75
CA THR A 137 -4.63 6.97 2.39
C THR A 137 -3.13 6.64 2.47
N LEU A 138 -2.61 5.76 1.59
CA LEU A 138 -1.19 5.41 1.55
C LEU A 138 -0.74 5.47 0.09
N THR A 139 0.10 6.42 -0.30
CA THR A 139 0.64 6.57 -1.64
C THR A 139 1.92 5.75 -1.81
N PHE A 140 1.89 4.79 -2.74
CA PHE A 140 3.03 3.96 -3.08
C PHE A 140 3.54 4.30 -4.48
N ASP A 141 4.86 4.34 -4.68
CA ASP A 141 5.42 4.24 -6.02
C ASP A 141 5.37 2.79 -6.47
N ARG A 142 5.32 2.54 -7.77
CA ARG A 142 5.74 1.24 -8.32
C ARG A 142 7.26 1.17 -8.13
N SER A 143 7.81 -0.02 -7.91
CA SER A 143 9.25 -0.19 -8.04
C SER A 143 9.50 -1.52 -8.73
N THR A 144 9.79 -1.46 -10.02
CA THR A 144 10.00 -2.64 -10.86
C THR A 144 11.39 -3.24 -10.75
N ARG A 145 12.27 -2.59 -10.00
CA ARG A 145 13.69 -2.47 -10.33
C ARG A 145 13.89 -1.82 -11.70
N ILE A 1 -16.49 11.74 -10.00
CA ILE A 1 -17.94 11.77 -10.23
C ILE A 1 -18.24 12.99 -11.12
N PRO A 2 -18.16 12.85 -12.45
CA PRO A 2 -18.65 13.86 -13.38
C PRO A 2 -20.19 13.90 -13.34
N LYS A 3 -20.75 15.02 -13.79
CA LYS A 3 -22.15 15.33 -14.13
C LYS A 3 -22.19 16.83 -14.43
N HIS A 4 -23.29 17.34 -15.02
CA HIS A 4 -23.44 18.75 -15.39
C HIS A 4 -22.41 19.19 -16.45
N PRO A 5 -22.57 20.36 -17.11
CA PRO A 5 -21.50 20.96 -17.89
C PRO A 5 -20.38 21.41 -16.93
N ASP A 6 -19.58 20.44 -16.49
CA ASP A 6 -18.62 20.57 -15.39
C ASP A 6 -17.38 19.74 -15.75
N SER A 7 -16.40 19.61 -14.86
CA SER A 7 -15.12 18.94 -15.14
C SER A 7 -15.21 17.40 -15.08
N GLU A 8 -14.06 16.71 -15.06
CA GLU A 8 -13.93 15.24 -15.05
C GLU A 8 -14.42 14.57 -16.34
N ALA A 9 -14.33 15.26 -17.49
CA ALA A 9 -14.78 14.77 -18.79
C ALA A 9 -13.67 14.78 -19.84
N VAL A 10 -12.46 14.43 -19.43
CA VAL A 10 -11.30 14.28 -20.28
C VAL A 10 -10.55 13.09 -19.71
N ALA A 11 -10.22 12.15 -20.60
CA ALA A 11 -9.65 10.85 -20.29
C ALA A 11 -10.51 9.99 -19.34
N PRO A 12 -10.21 8.68 -19.24
CA PRO A 12 -10.53 7.95 -18.04
C PRO A 12 -9.71 8.52 -16.88
N ASP A 13 -10.28 8.44 -15.69
CA ASP A 13 -9.63 8.89 -14.46
C ASP A 13 -8.65 7.77 -14.06
N PRO A 14 -7.71 8.04 -13.15
CA PRO A 14 -6.81 7.05 -12.59
C PRO A 14 -7.58 6.05 -11.68
N PHE A 15 -6.84 5.29 -10.89
CA PHE A 15 -7.34 4.56 -9.72
C PHE A 15 -8.51 3.62 -10.08
N ASN A 16 -8.26 2.50 -10.78
CA ASN A 16 -9.32 1.63 -11.32
C ASN A 16 -9.18 0.18 -10.87
N PRO A 17 -10.30 -0.53 -10.63
CA PRO A 17 -10.29 -1.91 -10.13
C PRO A 17 -9.85 -2.90 -11.21
N ALA A 18 -10.00 -2.55 -12.49
CA ALA A 18 -9.48 -3.29 -13.63
C ALA A 18 -8.00 -3.66 -13.50
N ALA A 19 -7.21 -2.91 -12.73
CA ALA A 19 -5.79 -3.15 -12.57
C ALA A 19 -5.46 -4.07 -11.38
N THR A 20 -6.45 -4.52 -10.59
CA THR A 20 -6.25 -5.36 -9.42
C THR A 20 -5.49 -6.64 -9.80
N GLN A 21 -6.02 -7.45 -10.72
CA GLN A 21 -5.44 -8.72 -11.15
C GLN A 21 -4.03 -8.62 -11.74
N LEU A 22 -3.58 -7.41 -12.10
CA LEU A 22 -2.24 -7.21 -12.66
C LEU A 22 -1.22 -7.12 -11.51
N LEU A 23 -1.66 -7.12 -10.25
CA LEU A 23 -0.78 -7.03 -9.08
C LEU A 23 0.07 -8.28 -8.89
N ASP A 24 -0.22 -9.38 -9.60
CA ASP A 24 0.33 -10.71 -9.32
C ASP A 24 1.82 -10.85 -9.66
N ASP A 25 2.42 -9.85 -10.29
CA ASP A 25 3.84 -9.77 -10.68
C ASP A 25 4.30 -8.33 -10.38
N THR A 26 4.26 -7.93 -9.10
CA THR A 26 4.64 -6.57 -8.73
C THR A 26 5.42 -6.56 -7.42
N SER A 27 5.74 -5.36 -6.94
CA SER A 27 6.41 -5.20 -5.67
C SER A 27 5.93 -3.96 -4.95
N TRP A 28 6.11 -2.79 -5.56
CA TRP A 28 5.79 -1.50 -4.99
C TRP A 28 6.70 -1.13 -3.82
N VAL A 29 6.76 0.16 -3.52
CA VAL A 29 7.40 0.70 -2.32
C VAL A 29 6.46 1.75 -1.80
N LEU A 30 6.12 1.69 -0.52
CA LEU A 30 5.26 2.71 0.09
C LEU A 30 6.02 4.03 0.13
N SER A 31 5.34 5.19 0.08
CA SER A 31 6.05 6.46 0.18
C SER A 31 5.29 7.57 0.93
N ALA A 32 3.97 7.55 1.05
CA ALA A 32 3.25 8.55 1.86
C ALA A 32 2.02 7.92 2.49
N TRP A 33 1.68 8.38 3.70
CA TRP A 33 0.52 7.96 4.48
C TRP A 33 -0.09 9.24 5.04
N LYS A 34 -1.27 9.61 4.54
CA LYS A 34 -2.10 10.64 5.12
C LYS A 34 -3.16 9.91 5.95
N GLN A 35 -3.49 10.41 7.14
CA GLN A 35 -4.66 9.96 7.91
C GLN A 35 -5.96 10.29 7.16
N ALA A 36 -7.12 10.14 7.78
CA ALA A 36 -8.36 10.55 7.15
C ALA A 36 -8.51 12.06 7.04
N ASP A 37 -7.94 12.82 7.95
CA ASP A 37 -8.30 14.24 8.09
C ASP A 37 -7.57 15.10 7.06
N GLY A 38 -6.28 14.83 6.95
CA GLY A 38 -5.25 15.62 6.27
C GLY A 38 -3.93 15.64 7.04
N THR A 39 -3.87 15.04 8.24
CA THR A 39 -2.63 14.75 8.94
C THR A 39 -1.79 13.77 8.11
N ALA A 40 -0.80 14.28 7.38
CA ALA A 40 0.29 13.45 6.92
C ALA A 40 0.95 12.81 8.15
N ARG A 41 0.99 11.48 8.17
CA ARG A 41 1.87 10.77 9.07
C ARG A 41 3.29 10.85 8.53
N ALA A 42 4.25 10.70 9.43
CA ALA A 42 5.61 10.39 9.03
C ALA A 42 5.63 8.98 8.45
N VAL A 43 6.49 8.75 7.47
CA VAL A 43 6.95 7.44 7.03
C VAL A 43 8.45 7.59 6.69
N PRO A 44 9.26 6.52 6.72
CA PRO A 44 10.66 6.62 6.35
C PRO A 44 10.76 6.72 4.81
N SER A 45 11.12 7.87 4.24
CA SER A 45 11.56 7.91 2.85
C SER A 45 12.83 7.06 2.71
N ALA A 46 13.13 6.63 1.49
CA ALA A 46 14.21 5.68 1.23
C ALA A 46 15.55 6.23 1.70
N ASP A 47 15.78 7.52 1.48
CA ASP A 47 17.04 8.17 1.84
C ASP A 47 17.25 8.22 3.36
N GLN A 48 16.18 8.06 4.14
CA GLN A 48 16.27 8.05 5.61
C GLN A 48 17.04 6.83 6.14
N GLY A 49 17.23 5.81 5.31
CA GLY A 49 18.02 4.62 5.60
C GLY A 49 17.39 3.39 4.98
N ALA A 50 16.07 3.26 5.16
CA ALA A 50 15.35 2.00 5.14
C ALA A 50 13.88 2.25 4.81
N PRO A 51 13.47 2.31 3.53
CA PRO A 51 12.08 2.48 3.14
C PRO A 51 11.25 1.23 3.44
N ILE A 52 9.94 1.40 3.50
CA ILE A 52 8.94 0.33 3.50
C ILE A 52 8.72 -0.15 2.06
N THR A 53 9.19 -1.35 1.73
CA THR A 53 8.92 -2.00 0.45
C THR A 53 7.68 -2.90 0.55
N LEU A 54 7.19 -3.38 -0.58
CA LEU A 54 6.28 -4.52 -0.68
C LEU A 54 6.86 -5.46 -1.73
N THR A 55 6.35 -6.69 -1.80
CA THR A 55 6.64 -7.64 -2.86
C THR A 55 5.35 -8.42 -3.06
N LEU A 56 4.89 -8.61 -4.31
CA LEU A 56 3.70 -9.37 -4.67
C LEU A 56 4.08 -10.32 -5.81
N SER A 57 4.68 -11.44 -5.46
CA SER A 57 5.04 -12.52 -6.37
C SER A 57 4.97 -13.85 -5.58
N THR A 58 5.72 -14.87 -6.02
CA THR A 58 5.66 -16.23 -5.50
C THR A 58 7.05 -16.77 -5.12
N SER A 59 7.90 -15.96 -4.47
CA SER A 59 9.25 -16.38 -4.06
C SER A 59 9.24 -17.64 -3.19
N THR A 60 8.31 -17.75 -2.22
CA THR A 60 8.13 -18.97 -1.43
C THR A 60 7.38 -20.02 -2.26
N GLY A 61 6.51 -19.56 -3.14
CA GLY A 61 5.76 -20.30 -4.13
C GLY A 61 4.26 -20.05 -3.98
N GLN A 62 3.79 -19.65 -2.79
CA GLN A 62 2.40 -19.22 -2.65
C GLN A 62 2.29 -17.75 -3.06
N ARG A 63 1.07 -17.27 -3.27
CA ARG A 63 0.79 -15.85 -3.40
C ARG A 63 0.86 -15.20 -2.02
N HIS A 64 2.06 -14.90 -1.51
CA HIS A 64 2.19 -14.13 -0.29
C HIS A 64 2.92 -12.82 -0.55
N ALA A 65 2.66 -11.85 0.32
CA ALA A 65 3.43 -10.62 0.33
C ALA A 65 4.67 -10.89 1.17
N SER A 66 5.79 -10.28 0.79
CA SER A 66 7.09 -10.53 1.39
C SER A 66 7.97 -9.28 1.30
N GLY A 67 7.55 -8.24 1.99
CA GLY A 67 8.15 -6.91 1.91
C GLY A 67 9.03 -6.62 3.13
N PHE A 68 9.56 -5.40 3.18
CA PHE A 68 10.21 -4.86 4.36
C PHE A 68 9.31 -3.77 4.94
N SER A 69 8.87 -3.95 6.19
CA SER A 69 8.15 -2.90 6.92
C SER A 69 9.19 -2.19 7.77
N GLY A 70 8.82 -1.04 8.35
CA GLY A 70 9.69 0.10 8.56
C GLY A 70 11.09 -0.22 9.10
N CYS A 71 11.19 -1.11 10.10
CA CYS A 71 12.47 -1.69 10.49
C CYS A 71 12.44 -3.22 10.57
N ASN A 72 11.27 -3.85 10.39
CA ASN A 72 11.08 -5.27 10.58
C ASN A 72 10.35 -5.76 9.35
N ARG A 73 10.92 -6.73 8.64
CA ARG A 73 10.31 -7.34 7.46
C ARG A 73 8.94 -7.93 7.78
N TYR A 74 8.22 -8.32 6.75
CA TYR A 74 6.94 -8.99 6.94
C TYR A 74 6.74 -10.08 5.91
N MET A 75 5.90 -11.05 6.25
CA MET A 75 5.49 -12.13 5.38
C MET A 75 4.12 -12.64 5.82
N GLY A 76 3.36 -13.26 4.92
CA GLY A 76 2.13 -13.91 5.31
C GLY A 76 1.44 -14.53 4.11
N SER A 77 0.45 -13.84 3.55
CA SER A 77 -0.36 -14.27 2.41
C SER A 77 -1.06 -13.03 1.83
N TYR A 78 -1.43 -13.01 0.54
CA TYR A 78 -2.29 -11.98 -0.03
C TYR A 78 -3.31 -12.57 -1.00
N ALA A 79 -4.31 -11.79 -1.40
CA ALA A 79 -5.33 -12.16 -2.37
C ALA A 79 -5.76 -10.91 -3.12
N LEU A 80 -6.03 -11.05 -4.41
CA LEU A 80 -6.72 -10.04 -5.20
C LEU A 80 -8.19 -10.43 -5.25
N LYS A 81 -9.06 -9.62 -4.69
CA LYS A 81 -10.50 -9.82 -4.68
C LYS A 81 -11.17 -8.46 -4.64
N ASP A 82 -12.45 -8.36 -4.98
CA ASP A 82 -13.31 -7.21 -4.72
C ASP A 82 -12.77 -5.90 -5.31
N GLY A 83 -11.95 -5.99 -6.37
CA GLY A 83 -11.29 -4.86 -6.99
C GLY A 83 -10.29 -4.18 -6.05
N LYS A 84 -9.80 -4.86 -5.01
CA LYS A 84 -8.86 -4.32 -4.04
C LYS A 84 -7.73 -5.29 -3.71
N LEU A 85 -6.68 -4.80 -3.05
CA LEU A 85 -5.72 -5.69 -2.40
C LEU A 85 -6.39 -6.25 -1.13
N SER A 86 -6.11 -7.49 -0.76
CA SER A 86 -6.46 -8.03 0.55
C SER A 86 -5.34 -8.93 1.03
N PHE A 87 -5.29 -9.22 2.33
CA PHE A 87 -4.20 -9.98 2.95
C PHE A 87 -4.76 -11.11 3.82
N GLY A 88 -3.89 -12.07 4.16
CA GLY A 88 -4.15 -13.15 5.08
C GLY A 88 -3.58 -12.82 6.46
N THR A 89 -3.22 -13.84 7.23
CA THR A 89 -2.51 -13.68 8.48
C THR A 89 -1.12 -13.14 8.12
N LEU A 90 -0.79 -11.97 8.66
CA LEU A 90 0.46 -11.23 8.46
C LEU A 90 1.30 -11.22 9.74
N GLY A 91 2.57 -10.83 9.65
CA GLY A 91 3.45 -10.69 10.80
C GLY A 91 4.92 -10.62 10.40
N GLY A 92 5.83 -10.77 11.36
CA GLY A 92 7.27 -10.65 11.21
C GLY A 92 7.94 -10.91 12.56
N THR A 93 9.16 -10.42 12.78
CA THR A 93 9.74 -10.23 14.11
C THR A 93 9.40 -8.81 14.60
N ARG A 94 9.68 -8.54 15.88
CA ARG A 94 9.75 -7.20 16.46
C ARG A 94 11.18 -7.05 16.95
N MET A 95 12.07 -6.63 16.07
CA MET A 95 13.44 -6.34 16.48
C MET A 95 13.45 -4.94 17.08
N ALA A 96 14.40 -4.68 17.97
CA ALA A 96 14.48 -3.40 18.68
C ALA A 96 15.26 -2.42 17.82
N CYS A 97 14.64 -1.29 17.50
CA CYS A 97 15.14 -0.33 16.53
C CYS A 97 15.29 1.07 17.14
N MET A 98 14.40 1.41 18.08
CA MET A 98 14.30 2.71 18.73
C MET A 98 14.36 3.86 17.70
N THR A 99 13.45 3.82 16.72
CA THR A 99 13.36 4.81 15.65
C THR A 99 11.89 5.05 15.27
N PRO A 100 11.58 6.20 14.63
CA PRO A 100 10.24 6.46 14.13
C PRO A 100 9.92 5.61 12.89
N GLY A 101 10.92 5.23 12.08
CA GLY A 101 10.74 4.22 11.04
C GLY A 101 10.71 2.81 11.66
N GLY A 102 10.97 2.63 12.95
CA GLY A 102 10.82 1.36 13.63
C GLY A 102 9.44 1.21 14.25
N GLN A 103 8.92 2.27 14.89
CA GLN A 103 7.68 2.17 15.66
C GLN A 103 6.44 2.04 14.76
N ILE A 104 6.55 2.41 13.49
CA ILE A 104 5.45 2.35 12.53
C ILE A 104 4.99 0.91 12.21
N GLU A 105 5.79 -0.11 12.55
CA GLU A 105 5.44 -1.52 12.35
C GLU A 105 4.01 -1.82 12.85
N GLY A 106 3.66 -1.40 14.06
CA GLY A 106 2.36 -1.75 14.66
C GLY A 106 1.22 -0.89 14.15
N ALA A 107 1.50 0.28 13.56
CA ALA A 107 0.49 1.04 12.85
C ALA A 107 0.19 0.33 11.54
N TYR A 108 1.24 0.01 10.78
CA TYR A 108 1.11 -0.54 9.44
C TYR A 108 0.41 -1.89 9.49
N LEU A 109 0.83 -2.80 10.38
CA LEU A 109 0.21 -4.12 10.50
C LEU A 109 -1.27 -4.01 10.89
N ASN A 110 -1.69 -2.94 11.58
CA ASN A 110 -3.10 -2.64 11.83
C ASN A 110 -3.78 -2.27 10.52
N ALA A 111 -3.24 -1.27 9.83
CA ALA A 111 -3.80 -0.70 8.62
C ALA A 111 -3.95 -1.74 7.50
N LEU A 112 -3.06 -2.73 7.43
CA LEU A 112 -3.14 -3.84 6.47
C LEU A 112 -4.36 -4.76 6.71
N THR A 113 -5.15 -4.53 7.75
CA THR A 113 -6.45 -5.18 7.95
C THR A 113 -7.62 -4.25 7.59
N HIS A 114 -7.36 -3.11 6.94
CA HIS A 114 -8.33 -2.09 6.58
C HIS A 114 -8.11 -1.62 5.13
N ILE A 115 -7.88 -2.51 4.16
CA ILE A 115 -8.11 -2.17 2.77
C ILE A 115 -9.61 -2.30 2.55
N ASP A 116 -10.36 -1.22 2.73
CA ASP A 116 -11.76 -1.18 2.30
C ASP A 116 -11.79 -0.76 0.83
N ARG A 117 -10.77 0.01 0.43
CA ARG A 117 -10.61 0.68 -0.84
C ARG A 117 -9.16 0.78 -1.30
N THR A 118 -9.00 1.12 -2.57
CA THR A 118 -7.71 1.25 -3.24
C THR A 118 -7.89 2.08 -4.50
N GLY A 119 -6.78 2.58 -5.04
CA GLY A 119 -6.74 3.25 -6.32
C GLY A 119 -5.50 2.79 -7.06
N VAL A 120 -5.58 1.76 -7.90
CA VAL A 120 -4.43 1.38 -8.71
C VAL A 120 -4.35 2.29 -9.91
N GLN A 121 -3.19 2.93 -10.10
CA GLN A 121 -2.94 3.92 -11.11
C GLN A 121 -1.97 3.31 -12.13
N MET A 122 -2.52 2.59 -13.11
CA MET A 122 -1.78 1.84 -14.11
C MET A 122 -1.19 2.72 -15.23
N ARG A 123 -1.62 3.98 -15.30
CA ARG A 123 -0.93 5.06 -15.99
C ARG A 123 0.49 5.15 -15.45
N ALA A 124 1.49 5.36 -16.30
CA ALA A 124 2.80 5.78 -15.85
C ALA A 124 2.69 7.21 -15.31
N PRO A 125 3.54 7.60 -14.34
CA PRO A 125 4.40 6.73 -13.55
C PRO A 125 3.52 5.91 -12.60
N GLN A 126 3.57 4.58 -12.73
CA GLN A 126 2.62 3.66 -12.09
C GLN A 126 2.72 3.77 -10.56
N GLN A 127 1.56 3.89 -9.91
CA GLN A 127 1.43 4.00 -8.47
C GLN A 127 0.18 3.25 -8.00
N MET A 128 0.02 3.12 -6.69
CA MET A 128 -1.10 2.47 -6.04
C MET A 128 -1.47 3.29 -4.81
N GLN A 129 -2.67 3.84 -4.76
CA GLN A 129 -3.29 4.23 -3.51
C GLN A 129 -3.86 3.00 -2.81
N LEU A 130 -3.90 3.05 -1.49
CA LEU A 130 -4.87 2.31 -0.68
C LEU A 130 -5.70 3.36 0.04
N VAL A 131 -6.98 3.09 0.31
CA VAL A 131 -7.78 3.95 1.15
C VAL A 131 -8.34 3.08 2.26
N LEU A 132 -8.20 3.58 3.49
CA LEU A 132 -8.80 2.91 4.63
C LEU A 132 -10.27 3.26 4.68
N ASP A 133 -10.99 2.41 5.40
CA ASP A 133 -12.38 2.60 5.77
C ASP A 133 -12.66 4.00 6.34
N ASN A 134 -11.73 4.57 7.11
CA ASN A 134 -11.93 5.84 7.82
C ASN A 134 -11.73 7.01 6.87
N GLY A 135 -11.13 6.77 5.69
CA GLY A 135 -10.77 7.79 4.74
C GLY A 135 -9.27 8.02 4.61
N ASP A 136 -8.43 7.28 5.35
CA ASP A 136 -6.97 7.46 5.32
C ASP A 136 -6.45 7.15 3.94
N THR A 137 -5.31 7.73 3.54
CA THR A 137 -4.85 7.73 2.16
C THR A 137 -3.39 7.33 2.09
N LEU A 138 -3.12 6.09 1.68
CA LEU A 138 -1.77 5.56 1.57
C LEU A 138 -1.38 5.53 0.10
N THR A 139 -0.08 5.65 -0.18
CA THR A 139 0.46 5.91 -1.52
C THR A 139 1.75 5.12 -1.71
N PHE A 140 1.81 4.28 -2.75
CA PHE A 140 2.95 3.44 -3.10
C PHE A 140 3.41 3.77 -4.52
N ASP A 141 4.72 3.82 -4.75
CA ASP A 141 5.35 3.87 -6.07
C ASP A 141 5.43 2.45 -6.63
N ARG A 142 5.33 2.24 -7.94
CA ARG A 142 5.64 0.95 -8.53
C ARG A 142 7.17 0.79 -8.62
N SER A 143 7.77 0.04 -7.71
CA SER A 143 8.95 -0.71 -8.05
C SER A 143 8.45 -2.01 -8.66
N THR A 144 8.79 -2.25 -9.93
CA THR A 144 8.94 -3.55 -10.55
C THR A 144 10.18 -3.47 -11.44
N ARG A 145 11.35 -3.29 -10.81
CA ARG A 145 12.69 -3.42 -11.37
C ARG A 145 13.62 -3.81 -10.24
N ILE A 1 -10.40 14.84 12.69
CA ILE A 1 -11.38 13.74 12.80
C ILE A 1 -12.36 13.85 11.64
N PRO A 2 -12.85 12.74 11.07
CA PRO A 2 -13.68 12.77 9.87
C PRO A 2 -15.05 13.40 10.17
N LYS A 3 -15.61 14.08 9.18
CA LYS A 3 -16.84 14.88 9.27
C LYS A 3 -17.77 14.47 8.13
N HIS A 4 -18.09 13.17 8.12
CA HIS A 4 -18.90 12.50 7.11
C HIS A 4 -18.22 12.47 5.73
N PRO A 5 -18.65 11.61 4.78
CA PRO A 5 -18.02 11.55 3.46
C PRO A 5 -18.31 12.78 2.58
N ASP A 6 -19.19 13.67 3.06
CA ASP A 6 -19.67 14.88 2.43
C ASP A 6 -20.61 14.57 1.27
N SER A 7 -21.15 15.64 0.71
CA SER A 7 -22.24 15.68 -0.25
C SER A 7 -21.81 16.50 -1.48
N GLU A 8 -22.72 16.65 -2.45
CA GLU A 8 -22.66 17.58 -3.58
C GLU A 8 -21.31 17.68 -4.29
N ALA A 9 -20.79 16.55 -4.78
CA ALA A 9 -19.59 16.48 -5.58
C ALA A 9 -19.79 15.40 -6.64
N VAL A 10 -19.95 15.81 -7.89
CA VAL A 10 -19.98 14.94 -9.08
C VAL A 10 -18.78 15.26 -9.98
N ALA A 11 -17.77 14.40 -9.97
CA ALA A 11 -16.66 14.41 -10.93
C ALA A 11 -16.19 12.97 -11.19
N PRO A 12 -15.46 12.71 -12.30
CA PRO A 12 -14.80 11.42 -12.53
C PRO A 12 -13.56 11.28 -11.63
N ASP A 13 -13.04 10.07 -11.47
CA ASP A 13 -11.88 9.74 -10.64
C ASP A 13 -10.99 8.79 -11.44
N PRO A 14 -9.64 8.82 -11.27
CA PRO A 14 -8.72 7.80 -11.76
C PRO A 14 -8.90 6.44 -11.08
N PHE A 15 -7.94 5.53 -11.35
CA PHE A 15 -7.78 4.18 -10.82
C PHE A 15 -8.80 3.23 -11.45
N ASN A 16 -8.60 1.91 -11.35
CA ASN A 16 -9.54 0.96 -11.88
C ASN A 16 -9.52 -0.34 -11.06
N PRO A 17 -10.67 -1.02 -10.88
CA PRO A 17 -10.73 -2.31 -10.18
C PRO A 17 -10.01 -3.39 -10.98
N ALA A 18 -10.21 -3.38 -12.30
CA ALA A 18 -9.55 -4.25 -13.25
C ALA A 18 -8.09 -3.85 -13.48
N ALA A 19 -7.44 -3.12 -12.58
CA ALA A 19 -5.99 -3.05 -12.52
C ALA A 19 -5.43 -3.92 -11.39
N THR A 20 -6.18 -4.15 -10.32
CA THR A 20 -5.73 -4.78 -9.09
C THR A 20 -5.46 -6.28 -9.25
N GLN A 21 -6.06 -6.90 -10.27
CA GLN A 21 -5.73 -8.22 -10.80
C GLN A 21 -4.23 -8.39 -11.15
N LEU A 22 -3.50 -7.29 -11.38
CA LEU A 22 -2.13 -7.32 -11.91
C LEU A 22 -1.18 -6.95 -10.77
N LEU A 23 -1.35 -7.64 -9.65
CA LEU A 23 -0.52 -7.51 -8.45
C LEU A 23 0.12 -8.85 -8.10
N ASP A 24 0.22 -9.79 -9.05
CA ASP A 24 0.78 -11.11 -8.83
C ASP A 24 2.29 -11.15 -9.09
N ASP A 25 2.87 -10.10 -9.69
CA ASP A 25 4.30 -10.02 -10.04
C ASP A 25 5.01 -8.76 -9.55
N THR A 26 4.27 -7.82 -8.97
CA THR A 26 4.73 -6.46 -8.71
C THR A 26 5.52 -6.34 -7.39
N SER A 27 5.95 -5.12 -7.02
CA SER A 27 6.69 -4.93 -5.78
C SER A 27 6.23 -3.71 -5.02
N TRP A 28 6.39 -2.50 -5.57
CA TRP A 28 6.03 -1.22 -4.96
C TRP A 28 6.86 -0.87 -3.70
N VAL A 29 6.83 0.40 -3.33
CA VAL A 29 7.46 0.96 -2.14
C VAL A 29 6.47 1.98 -1.58
N LEU A 30 6.40 2.15 -0.27
CA LEU A 30 5.57 3.16 0.36
C LEU A 30 6.43 4.37 0.66
N SER A 31 5.96 5.56 0.32
CA SER A 31 6.70 6.78 0.57
C SER A 31 5.84 7.93 1.13
N ALA A 32 4.51 7.78 1.24
CA ALA A 32 3.69 8.71 2.01
C ALA A 32 2.40 8.05 2.53
N TRP A 33 1.91 8.53 3.69
CA TRP A 33 0.67 8.15 4.37
C TRP A 33 0.01 9.42 4.88
N LYS A 34 -1.30 9.55 4.64
CA LYS A 34 -2.15 10.62 5.11
C LYS A 34 -3.28 10.03 5.94
N GLN A 35 -3.74 10.74 6.97
CA GLN A 35 -4.92 10.35 7.72
C GLN A 35 -6.17 10.97 7.11
N ALA A 36 -7.33 10.66 7.69
CA ALA A 36 -8.62 11.12 7.20
C ALA A 36 -8.72 12.66 7.19
N ASP A 37 -8.04 13.32 8.13
CA ASP A 37 -8.07 14.79 8.25
C ASP A 37 -6.83 15.42 7.61
N GLY A 38 -6.11 14.70 6.74
CA GLY A 38 -5.05 15.27 5.93
C GLY A 38 -3.72 15.30 6.66
N THR A 39 -3.65 14.65 7.83
CA THR A 39 -2.46 14.51 8.63
C THR A 39 -1.46 13.65 7.87
N ALA A 40 -0.45 14.22 7.22
CA ALA A 40 0.65 13.43 6.71
C ALA A 40 1.44 12.82 7.86
N ARG A 41 1.26 11.52 8.05
CA ARG A 41 2.00 10.74 9.04
C ARG A 41 3.48 10.71 8.69
N ALA A 42 4.33 10.49 9.69
CA ALA A 42 5.74 10.18 9.49
C ALA A 42 5.83 8.79 8.87
N VAL A 43 6.77 8.57 7.95
CA VAL A 43 7.17 7.27 7.42
C VAL A 43 8.69 7.31 7.16
N PRO A 44 9.40 6.16 7.07
CA PRO A 44 10.80 6.13 6.65
C PRO A 44 10.91 6.34 5.14
N SER A 45 11.53 7.44 4.76
CA SER A 45 12.02 7.76 3.44
C SER A 45 13.17 6.80 3.08
N ALA A 46 13.58 6.75 1.81
CA ALA A 46 14.75 5.96 1.42
C ALA A 46 16.00 6.41 2.17
N ASP A 47 16.29 7.71 2.13
CA ASP A 47 17.48 8.28 2.75
C ASP A 47 17.45 8.19 4.29
N GLN A 48 16.32 7.78 4.89
CA GLN A 48 16.23 7.58 6.33
C GLN A 48 16.74 6.19 6.75
N GLY A 49 16.90 5.27 5.79
CA GLY A 49 17.61 4.03 5.99
C GLY A 49 16.90 2.87 5.34
N ALA A 50 15.90 2.35 6.05
CA ALA A 50 15.13 1.18 5.70
C ALA A 50 13.70 1.62 5.37
N PRO A 51 13.43 2.04 4.13
CA PRO A 51 12.09 2.42 3.70
C PRO A 51 11.16 1.20 3.69
N ILE A 52 9.86 1.47 3.64
CA ILE A 52 8.85 0.43 3.56
C ILE A 52 8.78 -0.03 2.10
N THR A 53 9.29 -1.22 1.77
CA THR A 53 9.26 -1.80 0.42
C THR A 53 8.34 -3.03 0.46
N LEU A 54 7.39 -3.14 -0.46
CA LEU A 54 6.48 -4.29 -0.62
C LEU A 54 7.10 -5.19 -1.69
N THR A 55 6.78 -6.48 -1.68
CA THR A 55 7.22 -7.41 -2.71
C THR A 55 6.07 -8.40 -2.90
N LEU A 56 5.47 -8.48 -4.08
CA LEU A 56 4.29 -9.29 -4.36
C LEU A 56 4.65 -10.36 -5.39
N SER A 57 5.21 -11.49 -4.94
CA SER A 57 5.76 -12.53 -5.79
C SER A 57 5.50 -13.92 -5.19
N THR A 58 5.81 -14.99 -5.93
CA THR A 58 5.60 -16.37 -5.55
C THR A 58 6.89 -17.07 -5.09
N SER A 59 7.93 -16.36 -4.60
CA SER A 59 9.20 -16.98 -4.21
C SER A 59 9.00 -18.19 -3.27
N THR A 60 8.16 -18.06 -2.22
CA THR A 60 7.90 -19.16 -1.28
C THR A 60 6.98 -20.25 -1.87
N GLY A 61 6.60 -20.15 -3.14
CA GLY A 61 5.62 -20.97 -3.84
C GLY A 61 4.27 -20.27 -3.98
N GLN A 62 3.94 -19.35 -3.05
CA GLN A 62 2.62 -18.72 -2.98
C GLN A 62 2.72 -17.22 -3.13
N ARG A 63 1.63 -16.65 -3.63
CA ARG A 63 1.43 -15.22 -3.66
C ARG A 63 1.33 -14.74 -2.21
N HIS A 64 2.44 -14.26 -1.66
CA HIS A 64 2.49 -13.59 -0.40
C HIS A 64 3.28 -12.31 -0.53
N ALA A 65 2.96 -11.38 0.37
CA ALA A 65 3.52 -10.06 0.45
C ALA A 65 4.65 -10.16 1.45
N SER A 66 5.91 -10.03 1.02
CA SER A 66 7.09 -10.30 1.80
C SER A 66 7.98 -9.05 1.80
N GLY A 67 7.75 -8.13 2.74
CA GLY A 67 8.27 -6.76 2.65
C GLY A 67 8.76 -6.26 3.99
N PHE A 68 9.47 -5.14 4.01
CA PHE A 68 10.07 -4.57 5.22
C PHE A 68 9.12 -3.52 5.81
N SER A 69 8.39 -3.83 6.87
CA SER A 69 7.48 -2.89 7.52
C SER A 69 8.23 -2.20 8.67
N GLY A 70 8.71 -0.99 8.44
CA GLY A 70 9.19 -0.09 9.48
C GLY A 70 10.55 -0.49 10.04
N CYS A 71 10.59 -1.59 10.79
CA CYS A 71 11.80 -2.19 11.33
C CYS A 71 11.88 -3.70 11.07
N ASN A 72 10.78 -4.35 10.67
CA ASN A 72 10.71 -5.80 10.70
C ASN A 72 10.14 -6.24 9.38
N ARG A 73 10.72 -7.25 8.73
CA ARG A 73 10.04 -7.81 7.56
C ARG A 73 8.83 -8.57 8.01
N TYR A 74 7.74 -8.41 7.26
CA TYR A 74 6.53 -9.20 7.34
C TYR A 74 6.49 -10.17 6.18
N MET A 75 5.65 -11.19 6.33
CA MET A 75 5.22 -12.12 5.31
C MET A 75 3.80 -12.57 5.67
N GLY A 76 3.05 -13.11 4.70
CA GLY A 76 1.78 -13.76 5.00
C GLY A 76 1.20 -14.49 3.80
N SER A 77 0.12 -13.94 3.24
CA SER A 77 -0.46 -14.28 1.94
C SER A 77 -1.22 -13.03 1.46
N TYR A 78 -1.64 -13.02 0.19
CA TYR A 78 -2.67 -12.11 -0.29
C TYR A 78 -3.55 -12.83 -1.31
N ALA A 79 -4.64 -12.17 -1.72
CA ALA A 79 -5.53 -12.55 -2.81
C ALA A 79 -6.07 -11.26 -3.44
N LEU A 80 -6.39 -11.30 -4.74
CA LEU A 80 -7.06 -10.19 -5.42
C LEU A 80 -8.55 -10.53 -5.50
N LYS A 81 -9.42 -9.61 -5.07
CA LYS A 81 -10.87 -9.74 -5.09
C LYS A 81 -11.49 -8.36 -4.88
N ASP A 82 -12.77 -8.17 -5.17
CA ASP A 82 -13.52 -6.93 -4.91
C ASP A 82 -13.04 -5.71 -5.69
N GLY A 83 -12.08 -5.91 -6.58
CA GLY A 83 -11.31 -4.85 -7.23
C GLY A 83 -10.17 -4.34 -6.33
N LYS A 84 -9.92 -4.95 -5.17
CA LYS A 84 -8.97 -4.50 -4.15
C LYS A 84 -7.94 -5.59 -3.85
N LEU A 85 -6.90 -5.21 -3.12
CA LEU A 85 -5.94 -6.12 -2.54
C LEU A 85 -6.57 -6.63 -1.24
N SER A 86 -6.50 -7.93 -0.98
CA SER A 86 -6.78 -8.46 0.35
C SER A 86 -5.54 -9.17 0.84
N PHE A 87 -5.14 -8.87 2.08
CA PHE A 87 -4.08 -9.59 2.74
C PHE A 87 -4.70 -10.64 3.67
N GLY A 88 -3.92 -11.63 4.07
CA GLY A 88 -4.31 -12.66 5.04
C GLY A 88 -3.64 -12.40 6.38
N THR A 89 -3.33 -13.46 7.13
CA THR A 89 -2.47 -13.40 8.30
C THR A 89 -1.11 -12.81 7.90
N LEU A 90 -0.91 -11.53 8.17
CA LEU A 90 0.36 -10.84 8.05
C LEU A 90 1.01 -10.77 9.41
N GLY A 91 2.32 -10.90 9.44
CA GLY A 91 3.11 -10.62 10.61
C GLY A 91 4.57 -10.92 10.34
N GLY A 92 5.37 -10.76 11.38
CA GLY A 92 6.81 -10.83 11.29
C GLY A 92 7.41 -10.86 12.69
N THR A 93 8.72 -10.68 12.74
CA THR A 93 9.58 -10.62 13.92
C THR A 93 9.46 -9.28 14.67
N ARG A 94 10.09 -9.14 15.84
CA ARG A 94 10.27 -7.90 16.58
C ARG A 94 11.77 -7.67 16.79
N MET A 95 12.44 -7.08 15.80
CA MET A 95 13.73 -6.40 15.95
C MET A 95 13.49 -5.04 16.66
N ALA A 96 14.48 -4.17 16.82
CA ALA A 96 14.32 -2.84 17.43
C ALA A 96 15.18 -1.79 16.73
N CYS A 97 14.56 -0.87 16.01
CA CYS A 97 15.27 0.14 15.24
C CYS A 97 15.43 1.43 16.01
N MET A 98 14.69 1.63 17.11
CA MET A 98 14.70 2.81 17.95
C MET A 98 14.63 4.15 17.19
N THR A 99 14.00 4.17 16.01
CA THR A 99 13.82 5.32 15.13
C THR A 99 12.33 5.62 14.96
N PRO A 100 11.92 6.81 14.47
CA PRO A 100 10.52 7.10 14.21
C PRO A 100 9.96 6.38 12.98
N GLY A 101 10.81 5.83 12.12
CA GLY A 101 10.41 4.95 11.02
C GLY A 101 10.37 3.49 11.43
N GLY A 102 10.74 3.13 12.66
CA GLY A 102 10.83 1.73 13.07
C GLY A 102 9.53 1.20 13.64
N GLN A 103 9.03 1.83 14.70
CA GLN A 103 7.85 1.34 15.43
C GLN A 103 6.53 1.49 14.65
N ILE A 104 6.58 2.10 13.47
CA ILE A 104 5.46 2.16 12.54
C ILE A 104 5.08 0.77 11.99
N GLU A 105 5.91 -0.26 12.24
CA GLU A 105 5.67 -1.64 11.83
C GLU A 105 4.22 -2.05 12.13
N GLY A 106 3.84 -2.00 13.40
CA GLY A 106 2.50 -2.41 13.83
C GLY A 106 1.41 -1.51 13.26
N ALA A 107 1.70 -0.21 13.01
CA ALA A 107 0.70 0.67 12.44
C ALA A 107 0.41 0.27 11.01
N TYR A 108 1.45 -0.02 10.23
CA TYR A 108 1.35 -0.36 8.82
C TYR A 108 0.55 -1.65 8.65
N LEU A 109 0.88 -2.70 9.40
CA LEU A 109 0.10 -3.93 9.40
C LEU A 109 -1.35 -3.65 9.84
N ASN A 110 -1.58 -2.73 10.78
CA ASN A 110 -2.92 -2.32 11.23
C ASN A 110 -3.77 -1.91 10.05
N ALA A 111 -3.24 -1.00 9.24
CA ALA A 111 -3.94 -0.46 8.09
C ALA A 111 -4.10 -1.50 6.99
N LEU A 112 -3.16 -2.44 6.88
CA LEU A 112 -3.17 -3.55 5.94
C LEU A 112 -4.36 -4.49 6.15
N THR A 113 -4.95 -4.51 7.35
CA THR A 113 -6.18 -5.28 7.60
C THR A 113 -7.39 -4.61 6.93
N HIS A 114 -7.36 -3.28 6.75
CA HIS A 114 -8.50 -2.43 6.44
C HIS A 114 -8.32 -1.81 5.06
N ILE A 115 -8.01 -2.64 4.06
CA ILE A 115 -8.09 -2.24 2.67
C ILE A 115 -9.59 -2.25 2.33
N ASP A 116 -10.37 -1.34 2.88
CA ASP A 116 -11.78 -1.28 2.54
C ASP A 116 -11.95 -0.68 1.14
N ARG A 117 -11.06 0.26 0.78
CA ARG A 117 -11.06 0.97 -0.48
C ARG A 117 -9.65 1.00 -1.08
N THR A 118 -9.54 1.25 -2.38
CA THR A 118 -8.33 0.95 -3.14
C THR A 118 -8.25 1.86 -4.38
N GLY A 119 -7.10 1.94 -5.05
CA GLY A 119 -6.95 2.77 -6.23
C GLY A 119 -5.61 2.57 -6.94
N VAL A 120 -5.41 1.48 -7.69
CA VAL A 120 -4.21 1.33 -8.53
C VAL A 120 -4.43 1.98 -9.89
N GLN A 121 -3.51 2.87 -10.27
CA GLN A 121 -3.45 3.51 -11.58
C GLN A 121 -2.40 2.75 -12.40
N MET A 122 -2.71 1.60 -13.01
CA MET A 122 -1.71 0.92 -13.84
C MET A 122 -1.65 1.52 -15.23
N ARG A 123 -1.27 2.79 -15.31
CA ARG A 123 -0.85 3.48 -16.51
C ARG A 123 0.32 4.33 -16.08
N ALA A 124 1.45 4.26 -16.79
CA ALA A 124 2.54 5.19 -16.61
C ALA A 124 2.00 6.62 -16.62
N PRO A 125 2.46 7.50 -15.72
CA PRO A 125 3.36 7.22 -14.61
C PRO A 125 2.64 6.45 -13.49
N GLN A 126 3.16 5.27 -13.14
CA GLN A 126 2.49 4.30 -12.27
C GLN A 126 2.57 4.74 -10.81
N GLN A 127 1.44 4.63 -10.10
CA GLN A 127 1.34 4.69 -8.65
C GLN A 127 0.21 3.74 -8.19
N MET A 128 0.03 3.61 -6.88
CA MET A 128 -1.03 2.87 -6.24
C MET A 128 -1.47 3.67 -5.01
N GLN A 129 -2.79 3.79 -4.85
CA GLN A 129 -3.47 4.34 -3.70
C GLN A 129 -4.25 3.22 -2.98
N LEU A 130 -4.49 3.43 -1.68
CA LEU A 130 -5.46 2.74 -0.86
C LEU A 130 -6.16 3.74 0.06
N VAL A 131 -7.38 3.40 0.49
CA VAL A 131 -8.18 4.17 1.42
C VAL A 131 -8.73 3.19 2.45
N LEU A 132 -8.69 3.60 3.71
CA LEU A 132 -9.07 2.73 4.81
C LEU A 132 -10.56 2.83 5.11
N ASP A 133 -11.01 1.96 6.02
CA ASP A 133 -12.28 2.04 6.74
C ASP A 133 -12.45 3.39 7.46
N ASN A 134 -11.38 3.92 8.03
CA ASN A 134 -11.31 5.19 8.74
C ASN A 134 -11.09 6.34 7.75
N GLY A 135 -10.58 6.04 6.56
CA GLY A 135 -10.41 7.02 5.50
C GLY A 135 -9.02 7.64 5.43
N ASP A 136 -7.99 6.98 5.98
CA ASP A 136 -6.59 7.29 5.67
C ASP A 136 -6.39 7.21 4.14
N THR A 137 -5.38 7.91 3.60
CA THR A 137 -5.06 7.97 2.18
C THR A 137 -3.57 7.67 2.05
N LEU A 138 -3.20 6.52 1.49
CA LEU A 138 -1.81 6.08 1.46
C LEU A 138 -1.32 6.01 0.03
N THR A 139 -0.03 6.23 -0.14
CA THR A 139 0.53 6.55 -1.46
C THR A 139 1.85 5.82 -1.69
N PHE A 140 1.78 4.77 -2.51
CA PHE A 140 2.94 4.00 -2.87
C PHE A 140 3.55 4.55 -4.16
N ASP A 141 4.74 4.07 -4.47
CA ASP A 141 5.51 4.36 -5.66
C ASP A 141 5.73 3.05 -6.40
N ARG A 142 5.72 3.04 -7.75
CA ARG A 142 6.06 1.82 -8.49
C ARG A 142 7.57 1.61 -8.45
N SER A 143 8.03 0.66 -7.63
CA SER A 143 9.24 -0.05 -7.93
C SER A 143 8.81 -1.38 -8.53
N THR A 144 9.16 -1.60 -9.79
CA THR A 144 9.27 -2.92 -10.41
C THR A 144 10.63 -3.13 -11.12
N ARG A 145 11.47 -2.10 -11.05
CA ARG A 145 12.69 -1.81 -11.76
C ARG A 145 13.21 -0.55 -11.12
N ILE A 1 -23.51 -4.18 -32.42
CA ILE A 1 -22.49 -3.16 -32.13
C ILE A 1 -22.68 -1.95 -33.04
N PRO A 2 -23.54 -0.98 -32.66
CA PRO A 2 -23.55 0.33 -33.31
C PRO A 2 -22.24 1.09 -32.99
N LYS A 3 -22.12 2.34 -33.47
CA LYS A 3 -21.12 3.29 -32.99
C LYS A 3 -21.78 4.67 -32.91
N HIS A 4 -21.08 5.64 -32.35
CA HIS A 4 -21.49 7.04 -32.24
C HIS A 4 -20.27 7.91 -32.54
N PRO A 5 -20.44 9.18 -32.90
CA PRO A 5 -19.36 10.14 -32.96
C PRO A 5 -18.98 10.56 -31.54
N ASP A 6 -17.97 9.90 -30.97
CA ASP A 6 -17.20 10.40 -29.83
C ASP A 6 -15.71 10.16 -30.17
N SER A 7 -14.80 10.71 -29.38
CA SER A 7 -13.36 10.56 -29.54
C SER A 7 -12.79 9.74 -28.39
N GLU A 8 -11.61 9.14 -28.55
CA GLU A 8 -10.99 8.27 -27.55
C GLU A 8 -9.84 8.96 -26.81
N ALA A 9 -9.77 10.28 -26.93
CA ALA A 9 -8.63 11.09 -26.50
C ALA A 9 -8.74 11.50 -25.04
N VAL A 10 -9.31 10.62 -24.22
CA VAL A 10 -9.67 10.82 -22.83
C VAL A 10 -9.55 9.47 -22.10
N ALA A 11 -9.27 9.54 -20.79
CA ALA A 11 -9.08 8.42 -19.89
C ALA A 11 -9.76 8.77 -18.55
N PRO A 12 -10.12 7.77 -17.74
CA PRO A 12 -10.82 7.98 -16.47
C PRO A 12 -9.89 8.56 -15.41
N ASP A 13 -10.44 8.93 -14.25
CA ASP A 13 -9.69 9.40 -13.09
C ASP A 13 -8.75 8.31 -12.55
N PRO A 14 -7.71 8.67 -11.78
CA PRO A 14 -6.70 7.73 -11.30
C PRO A 14 -7.22 6.87 -10.14
N PHE A 15 -6.38 5.91 -9.70
CA PHE A 15 -6.62 5.07 -8.54
C PHE A 15 -7.97 4.33 -8.66
N ASN A 16 -8.14 3.62 -9.77
CA ASN A 16 -9.38 2.90 -10.08
C ASN A 16 -9.37 1.46 -9.55
N PRO A 17 -10.54 0.83 -9.32
CA PRO A 17 -10.63 -0.57 -8.88
C PRO A 17 -10.10 -1.55 -9.92
N ALA A 18 -10.36 -1.29 -11.22
CA ALA A 18 -10.13 -2.17 -12.37
C ALA A 18 -8.66 -2.50 -12.68
N ALA A 19 -7.76 -2.31 -11.73
CA ALA A 19 -6.31 -2.38 -11.90
C ALA A 19 -5.59 -3.10 -10.75
N THR A 20 -6.28 -3.45 -9.65
CA THR A 20 -5.63 -4.23 -8.59
C THR A 20 -5.57 -5.73 -8.91
N GLN A 21 -6.37 -6.24 -9.84
CA GLN A 21 -6.28 -7.65 -10.22
C GLN A 21 -4.89 -8.07 -10.72
N LEU A 22 -4.05 -7.11 -11.13
CA LEU A 22 -2.72 -7.39 -11.66
C LEU A 22 -1.70 -7.41 -10.52
N LEU A 23 -2.11 -7.26 -9.25
CA LEU A 23 -1.18 -7.18 -8.12
C LEU A 23 -0.80 -8.58 -7.64
N ASP A 24 -0.09 -9.33 -8.48
CA ASP A 24 0.32 -10.71 -8.21
C ASP A 24 1.82 -10.89 -8.22
N ASP A 25 2.48 -10.37 -9.25
CA ASP A 25 3.91 -10.47 -9.45
C ASP A 25 4.40 -9.04 -9.69
N THR A 26 4.14 -8.15 -8.73
CA THR A 26 4.40 -6.72 -8.85
C THR A 26 4.95 -6.16 -7.54
N SER A 27 5.59 -5.01 -7.61
CA SER A 27 6.53 -4.54 -6.64
C SER A 27 6.37 -3.05 -6.47
N TRP A 28 6.40 -2.60 -5.22
CA TRP A 28 5.96 -1.28 -4.84
C TRP A 28 6.74 -0.80 -3.62
N VAL A 29 6.70 0.49 -3.31
CA VAL A 29 7.33 1.07 -2.12
C VAL A 29 6.40 2.15 -1.59
N LEU A 30 6.00 2.03 -0.32
CA LEU A 30 5.24 3.03 0.38
C LEU A 30 6.11 4.27 0.48
N SER A 31 5.56 5.42 0.12
CA SER A 31 6.32 6.66 0.14
C SER A 31 5.50 7.81 0.77
N ALA A 32 4.22 7.60 1.10
CA ALA A 32 3.43 8.54 1.90
C ALA A 32 2.25 7.85 2.54
N TRP A 33 1.69 8.49 3.56
CA TRP A 33 0.51 8.02 4.26
C TRP A 33 -0.29 9.25 4.67
N LYS A 34 -1.50 9.40 4.16
CA LYS A 34 -2.41 10.46 4.55
C LYS A 34 -3.44 9.86 5.49
N GLN A 35 -3.81 10.56 6.56
CA GLN A 35 -4.96 10.20 7.38
C GLN A 35 -6.24 10.49 6.60
N ALA A 36 -7.37 9.99 7.09
CA ALA A 36 -8.66 10.11 6.41
C ALA A 36 -9.09 11.57 6.23
N ASP A 37 -8.68 12.44 7.16
CA ASP A 37 -8.98 13.86 7.08
C ASP A 37 -8.11 14.52 6.02
N GLY A 38 -6.81 14.18 6.03
CA GLY A 38 -5.81 14.83 5.21
C GLY A 38 -4.48 15.09 5.93
N THR A 39 -4.31 14.67 7.19
CA THR A 39 -3.02 14.76 7.87
C THR A 39 -2.03 13.84 7.14
N ALA A 40 -1.15 14.38 6.31
CA ALA A 40 0.01 13.67 5.81
C ALA A 40 0.90 13.27 6.99
N ARG A 41 0.93 11.98 7.32
CA ARG A 41 1.78 11.41 8.36
C ARG A 41 3.25 11.53 7.96
N ALA A 42 4.12 11.40 8.96
CA ALA A 42 5.51 11.03 8.74
C ALA A 42 5.58 9.54 8.46
N VAL A 43 6.51 9.13 7.59
CA VAL A 43 6.92 7.76 7.34
C VAL A 43 8.46 7.77 7.15
N PRO A 44 9.16 6.63 7.19
CA PRO A 44 10.58 6.60 6.87
C PRO A 44 10.81 6.83 5.37
N SER A 45 11.67 7.80 5.06
CA SER A 45 12.27 7.96 3.75
C SER A 45 13.19 6.79 3.40
N ALA A 46 13.53 6.63 2.12
CA ALA A 46 14.65 5.77 1.72
C ALA A 46 15.92 6.17 2.47
N ASP A 47 16.10 7.47 2.70
CA ASP A 47 17.26 8.01 3.37
C ASP A 47 17.26 7.76 4.87
N GLN A 48 16.08 7.49 5.45
CA GLN A 48 15.94 7.31 6.89
C GLN A 48 16.59 6.02 7.40
N GLY A 49 16.97 5.12 6.50
CA GLY A 49 17.69 3.90 6.81
C GLY A 49 16.82 2.65 6.70
N ALA A 50 15.53 2.79 6.39
CA ALA A 50 14.58 1.70 6.23
C ALA A 50 13.25 2.20 5.61
N PRO A 51 13.14 2.32 4.28
CA PRO A 51 11.86 2.61 3.64
C PRO A 51 10.93 1.39 3.76
N ILE A 52 9.62 1.63 3.66
CA ILE A 52 8.61 0.59 3.69
C ILE A 52 8.41 0.07 2.26
N THR A 53 8.81 -1.18 1.97
CA THR A 53 8.88 -1.69 0.61
C THR A 53 8.01 -2.96 0.53
N LEU A 54 7.15 -3.09 -0.49
CA LEU A 54 6.27 -4.24 -0.72
C LEU A 54 6.75 -4.98 -1.97
N THR A 55 6.85 -6.30 -1.93
CA THR A 55 7.04 -7.13 -3.11
C THR A 55 5.90 -8.12 -3.11
N LEU A 56 5.35 -8.42 -4.29
CA LEU A 56 4.31 -9.43 -4.48
C LEU A 56 4.86 -10.40 -5.51
N SER A 57 4.97 -11.68 -5.17
CA SER A 57 5.44 -12.72 -6.09
C SER A 57 5.26 -14.08 -5.39
N THR A 58 5.75 -15.16 -6.02
CA THR A 58 5.52 -16.54 -5.61
C THR A 58 6.80 -17.23 -5.13
N SER A 59 7.71 -16.51 -4.47
CA SER A 59 8.88 -17.04 -3.77
C SER A 59 8.62 -18.23 -2.82
N THR A 60 7.37 -18.53 -2.45
CA THR A 60 7.07 -19.67 -1.59
C THR A 60 6.26 -20.73 -2.36
N GLY A 61 6.01 -20.56 -3.65
CA GLY A 61 5.16 -21.45 -4.45
C GLY A 61 3.68 -21.13 -4.27
N GLN A 62 3.32 -20.33 -3.26
CA GLN A 62 2.01 -19.70 -3.16
C GLN A 62 2.15 -18.18 -3.29
N ARG A 63 1.01 -17.52 -3.51
CA ARG A 63 0.84 -16.08 -3.38
C ARG A 63 1.29 -15.63 -1.98
N HIS A 64 2.33 -14.82 -1.89
CA HIS A 64 2.82 -14.24 -0.65
C HIS A 64 3.35 -12.84 -0.94
N ALA A 65 3.62 -12.06 0.11
CA ALA A 65 4.05 -10.67 0.02
C ALA A 65 5.18 -10.43 1.01
N SER A 66 6.36 -10.95 0.70
CA SER A 66 7.53 -10.77 1.54
C SER A 66 7.91 -9.30 1.44
N GLY A 67 7.84 -8.57 2.56
CA GLY A 67 7.92 -7.11 2.55
C GLY A 67 8.63 -6.61 3.79
N PHE A 68 8.83 -5.30 3.85
CA PHE A 68 9.62 -4.64 4.88
C PHE A 68 8.78 -3.50 5.43
N SER A 69 8.26 -3.66 6.66
CA SER A 69 7.64 -2.58 7.42
C SER A 69 8.74 -1.72 8.04
N GLY A 70 8.36 -0.71 8.84
CA GLY A 70 9.20 0.43 9.24
C GLY A 70 10.64 0.13 9.67
N CYS A 71 10.93 -1.05 10.24
CA CYS A 71 12.27 -1.63 10.21
C CYS A 71 12.30 -3.17 10.17
N ASN A 72 11.14 -3.79 10.02
CA ASN A 72 10.96 -5.20 10.37
C ASN A 72 10.22 -5.87 9.24
N ARG A 73 10.82 -6.91 8.68
CA ARG A 73 10.24 -7.66 7.59
C ARG A 73 9.03 -8.46 8.06
N TYR A 74 8.08 -8.59 7.14
CA TYR A 74 6.82 -9.29 7.30
C TYR A 74 6.61 -10.24 6.13
N MET A 75 5.66 -11.14 6.29
CA MET A 75 5.24 -12.13 5.31
C MET A 75 3.79 -12.50 5.61
N GLY A 76 3.15 -13.13 4.64
CA GLY A 76 1.77 -13.59 4.69
C GLY A 76 1.22 -13.64 3.26
N SER A 77 0.01 -14.19 3.10
CA SER A 77 -0.59 -14.51 1.80
C SER A 77 -1.50 -13.38 1.32
N TYR A 78 -1.70 -13.24 0.01
CA TYR A 78 -2.58 -12.22 -0.57
C TYR A 78 -3.84 -12.85 -1.14
N ALA A 79 -4.84 -12.01 -1.43
CA ALA A 79 -6.10 -12.41 -2.05
C ALA A 79 -6.62 -11.22 -2.84
N LEU A 80 -6.83 -11.43 -4.13
CA LEU A 80 -7.19 -10.41 -5.12
C LEU A 80 -8.69 -10.52 -5.38
N LYS A 81 -9.44 -9.50 -4.95
CA LYS A 81 -10.89 -9.43 -5.01
C LYS A 81 -11.31 -7.96 -5.05
N ASP A 82 -12.54 -7.66 -5.42
CA ASP A 82 -13.28 -6.40 -5.22
C ASP A 82 -12.54 -5.11 -5.60
N GLY A 83 -11.62 -5.14 -6.57
CA GLY A 83 -10.80 -4.00 -6.91
C GLY A 83 -9.73 -3.69 -5.84
N LYS A 84 -9.51 -4.60 -4.88
CA LYS A 84 -8.71 -4.43 -3.67
C LYS A 84 -7.71 -5.58 -3.48
N LEU A 85 -6.75 -5.39 -2.59
CA LEU A 85 -5.63 -6.30 -2.35
C LEU A 85 -5.67 -6.69 -0.87
N SER A 86 -6.35 -7.79 -0.56
CA SER A 86 -6.46 -8.30 0.79
C SER A 86 -5.28 -9.21 1.08
N PHE A 87 -5.11 -9.52 2.36
CA PHE A 87 -4.13 -10.49 2.84
C PHE A 87 -4.78 -11.52 3.76
N GLY A 88 -4.01 -12.52 4.16
CA GLY A 88 -4.30 -13.52 5.19
C GLY A 88 -3.48 -13.21 6.43
N THR A 89 -2.89 -14.24 7.06
CA THR A 89 -2.04 -14.14 8.24
C THR A 89 -0.74 -13.35 7.94
N LEU A 90 -0.82 -12.03 8.01
CA LEU A 90 0.36 -11.19 7.98
C LEU A 90 1.04 -11.22 9.34
N GLY A 91 2.36 -11.21 9.35
CA GLY A 91 3.16 -10.99 10.55
C GLY A 91 4.63 -11.18 10.24
N GLY A 92 5.49 -11.08 11.24
CA GLY A 92 6.90 -10.81 11.02
C GLY A 92 7.74 -11.02 12.27
N THR A 93 8.73 -10.14 12.47
CA THR A 93 9.50 -10.03 13.69
C THR A 93 9.21 -8.65 14.30
N ARG A 94 9.64 -8.45 15.53
CA ARG A 94 9.64 -7.21 16.28
C ARG A 94 11.07 -7.08 16.74
N MET A 95 11.89 -6.42 15.92
CA MET A 95 13.23 -5.99 16.27
C MET A 95 13.12 -4.47 16.56
N ALA A 96 14.17 -3.79 17.04
CA ALA A 96 14.07 -2.38 17.44
C ALA A 96 15.19 -1.55 16.84
N CYS A 97 14.85 -0.72 15.84
CA CYS A 97 15.75 0.28 15.27
C CYS A 97 15.85 1.55 16.12
N MET A 98 15.04 1.67 17.15
CA MET A 98 15.03 2.76 18.13
C MET A 98 14.61 4.10 17.53
N THR A 99 13.91 4.08 16.39
CA THR A 99 13.58 5.25 15.57
C THR A 99 12.07 5.31 15.29
N PRO A 100 11.53 6.48 14.89
CA PRO A 100 10.11 6.63 14.63
C PRO A 100 9.71 5.90 13.35
N GLY A 101 10.57 5.92 12.33
CA GLY A 101 10.34 5.14 11.13
C GLY A 101 10.43 3.65 11.42
N GLY A 102 11.25 3.23 12.40
CA GLY A 102 11.22 1.89 12.95
C GLY A 102 9.83 1.58 13.50
N GLN A 103 9.41 2.36 14.49
CA GLN A 103 8.28 2.05 15.36
C GLN A 103 6.91 2.39 14.76
N ILE A 104 6.85 2.89 13.53
CA ILE A 104 5.60 2.97 12.77
C ILE A 104 5.24 1.59 12.18
N GLU A 105 6.14 0.59 12.27
CA GLU A 105 5.97 -0.76 11.75
C GLU A 105 4.57 -1.32 12.09
N GLY A 106 4.21 -1.41 13.36
CA GLY A 106 2.96 -2.02 13.80
C GLY A 106 1.77 -1.29 13.21
N ALA A 107 1.84 0.05 13.07
CA ALA A 107 0.73 0.80 12.53
C ALA A 107 0.52 0.44 11.06
N TYR A 108 1.60 0.28 10.30
CA TYR A 108 1.53 -0.11 8.91
C TYR A 108 0.95 -1.52 8.80
N LEU A 109 1.37 -2.48 9.63
CA LEU A 109 0.70 -3.79 9.64
C LEU A 109 -0.79 -3.63 9.95
N ASN A 110 -1.17 -2.71 10.85
CA ASN A 110 -2.56 -2.43 11.21
C ASN A 110 -3.38 -1.84 10.06
N ALA A 111 -2.71 -1.29 9.06
CA ALA A 111 -3.35 -0.78 7.85
C ALA A 111 -3.51 -1.89 6.81
N LEU A 112 -2.68 -2.94 6.86
CA LEU A 112 -2.77 -4.13 6.01
C LEU A 112 -3.81 -5.15 6.49
N THR A 113 -4.65 -4.76 7.44
CA THR A 113 -5.89 -5.43 7.80
C THR A 113 -7.12 -4.60 7.38
N HIS A 114 -6.93 -3.37 6.88
CA HIS A 114 -7.99 -2.43 6.59
C HIS A 114 -7.85 -1.96 5.13
N ILE A 115 -8.04 -2.87 4.17
CA ILE A 115 -7.92 -2.57 2.74
C ILE A 115 -9.31 -2.38 2.11
N ASP A 116 -10.29 -1.87 2.85
CA ASP A 116 -11.68 -1.89 2.36
C ASP A 116 -11.86 -1.26 0.99
N ARG A 117 -11.01 -0.29 0.65
CA ARG A 117 -10.88 0.31 -0.67
C ARG A 117 -9.43 0.22 -1.15
N THR A 118 -9.22 0.41 -2.44
CA THR A 118 -7.92 0.46 -3.08
C THR A 118 -8.08 1.22 -4.40
N GLY A 119 -6.98 1.64 -5.02
CA GLY A 119 -6.97 2.17 -6.36
C GLY A 119 -5.57 2.13 -6.92
N VAL A 120 -5.36 1.54 -8.11
CA VAL A 120 -4.08 1.63 -8.79
C VAL A 120 -4.20 2.68 -9.88
N GLN A 121 -3.12 3.44 -10.07
CA GLN A 121 -2.94 4.39 -11.14
C GLN A 121 -2.10 3.65 -12.19
N MET A 122 -2.77 2.75 -12.91
CA MET A 122 -2.17 1.94 -13.97
C MET A 122 -2.02 2.82 -15.19
N ARG A 123 -1.06 3.73 -15.14
CA ARG A 123 -0.60 4.57 -16.24
C ARG A 123 0.79 5.02 -15.82
N ALA A 124 1.75 5.08 -16.74
CA ALA A 124 3.05 5.62 -16.43
C ALA A 124 2.88 7.10 -16.05
N PRO A 125 3.47 7.58 -14.95
CA PRO A 125 4.28 6.83 -13.99
C PRO A 125 3.40 6.00 -13.04
N GLN A 126 3.57 4.68 -13.02
CA GLN A 126 2.70 3.80 -12.25
C GLN A 126 2.86 4.02 -10.75
N GLN A 127 1.74 4.18 -10.08
CA GLN A 127 1.64 4.38 -8.64
C GLN A 127 0.35 3.71 -8.17
N MET A 128 0.22 3.49 -6.88
CA MET A 128 -0.86 2.74 -6.24
C MET A 128 -1.25 3.51 -4.98
N GLN A 129 -2.52 3.45 -4.61
CA GLN A 129 -3.00 3.88 -3.32
C GLN A 129 -3.86 2.78 -2.73
N LEU A 130 -3.74 2.59 -1.42
CA LEU A 130 -4.75 1.88 -0.64
C LEU A 130 -5.69 2.95 -0.10
N VAL A 131 -6.89 2.56 0.32
CA VAL A 131 -7.77 3.44 1.07
C VAL A 131 -8.37 2.63 2.22
N LEU A 132 -8.15 3.08 3.46
CA LEU A 132 -8.65 2.38 4.65
C LEU A 132 -10.16 2.49 4.75
N ASP A 133 -10.72 1.73 5.68
CA ASP A 133 -12.12 1.84 6.09
C ASP A 133 -12.43 3.20 6.76
N ASN A 134 -11.45 3.87 7.37
CA ASN A 134 -11.62 5.25 7.81
C ASN A 134 -11.56 6.16 6.59
N GLY A 135 -10.70 5.83 5.63
CA GLY A 135 -10.42 6.64 4.47
C GLY A 135 -8.96 7.14 4.41
N ASP A 136 -8.04 6.63 5.24
CA ASP A 136 -6.60 6.91 5.14
C ASP A 136 -6.14 6.54 3.74
N THR A 137 -5.11 7.21 3.22
CA THR A 137 -4.62 7.01 1.87
C THR A 137 -3.10 6.81 1.92
N LEU A 138 -2.63 5.56 1.91
CA LEU A 138 -1.23 5.20 1.72
C LEU A 138 -0.91 5.29 0.23
N THR A 139 0.20 5.93 -0.17
CA THR A 139 0.66 6.00 -1.56
C THR A 139 1.90 5.14 -1.74
N PHE A 140 1.89 4.26 -2.74
CA PHE A 140 2.99 3.37 -3.07
C PHE A 140 3.44 3.65 -4.50
N ASP A 141 4.75 3.82 -4.72
CA ASP A 141 5.37 3.93 -6.05
C ASP A 141 5.64 2.54 -6.61
N ARG A 142 5.57 2.36 -7.93
CA ARG A 142 5.94 1.09 -8.60
C ARG A 142 7.45 0.92 -8.51
N SER A 143 7.98 -0.27 -8.12
CA SER A 143 9.42 -0.48 -7.99
C SER A 143 9.84 -1.79 -8.65
N THR A 144 9.61 -1.87 -9.95
CA THR A 144 9.98 -3.03 -10.78
C THR A 144 11.47 -3.14 -11.09
N ARG A 145 12.30 -2.24 -10.55
CA ARG A 145 13.70 -2.05 -10.90
C ARG A 145 13.91 -1.65 -12.36
N ILE A 1 -30.47 28.27 1.57
CA ILE A 1 -29.48 27.19 1.41
C ILE A 1 -29.53 26.80 -0.07
N PRO A 2 -28.40 26.44 -0.71
CA PRO A 2 -28.42 25.82 -2.02
C PRO A 2 -29.07 24.43 -1.97
N LYS A 3 -29.24 23.80 -3.13
CA LYS A 3 -29.71 22.42 -3.30
C LYS A 3 -28.90 21.75 -4.42
N HIS A 4 -27.61 22.10 -4.55
CA HIS A 4 -26.77 21.88 -5.72
C HIS A 4 -25.32 22.23 -5.39
N PRO A 5 -24.34 21.75 -6.19
CA PRO A 5 -22.94 22.18 -6.12
C PRO A 5 -22.71 23.53 -6.78
N ASP A 6 -23.73 24.07 -7.47
CA ASP A 6 -23.78 25.38 -8.12
C ASP A 6 -22.72 25.55 -9.22
N SER A 7 -22.20 24.43 -9.75
CA SER A 7 -21.26 24.39 -10.86
C SER A 7 -21.38 23.06 -11.60
N GLU A 8 -20.59 22.85 -12.66
CA GLU A 8 -20.63 21.69 -13.53
C GLU A 8 -19.20 21.19 -13.68
N ALA A 9 -18.80 20.41 -12.68
CA ALA A 9 -17.57 19.64 -12.66
C ALA A 9 -17.97 18.19 -12.43
N VAL A 10 -18.18 17.45 -13.51
CA VAL A 10 -18.53 16.03 -13.50
C VAL A 10 -17.57 15.34 -14.47
N ALA A 11 -16.55 14.72 -13.89
CA ALA A 11 -15.52 13.93 -14.56
C ALA A 11 -15.52 12.52 -13.95
N PRO A 12 -14.92 11.53 -14.62
CA PRO A 12 -14.66 10.24 -14.01
C PRO A 12 -13.61 10.41 -12.92
N ASP A 13 -13.82 9.76 -11.78
CA ASP A 13 -12.78 9.71 -10.74
C ASP A 13 -11.83 8.55 -11.10
N PRO A 14 -10.52 8.67 -10.84
CA PRO A 14 -9.51 7.76 -11.39
C PRO A 14 -9.41 6.41 -10.65
N PHE A 15 -8.32 5.68 -10.95
CA PHE A 15 -7.92 4.39 -10.42
C PHE A 15 -8.95 3.32 -10.78
N ASN A 16 -8.91 2.85 -12.03
CA ASN A 16 -9.87 1.85 -12.52
C ASN A 16 -9.76 0.56 -11.69
N PRO A 17 -10.87 -0.14 -11.41
CA PRO A 17 -10.86 -1.39 -10.66
C PRO A 17 -10.26 -2.55 -11.46
N ALA A 18 -10.10 -2.39 -12.77
CA ALA A 18 -9.55 -3.35 -13.71
C ALA A 18 -8.01 -3.34 -13.73
N ALA A 19 -7.36 -3.05 -12.61
CA ALA A 19 -5.90 -2.87 -12.54
C ALA A 19 -5.29 -3.66 -11.38
N THR A 20 -6.03 -3.90 -10.29
CA THR A 20 -5.50 -4.66 -9.16
C THR A 20 -5.28 -6.13 -9.55
N GLN A 21 -5.88 -6.60 -10.65
CA GLN A 21 -5.75 -7.97 -11.15
C GLN A 21 -4.31 -8.38 -11.49
N LEU A 22 -3.36 -7.44 -11.52
CA LEU A 22 -1.99 -7.64 -11.97
C LEU A 22 -1.02 -7.64 -10.78
N LEU A 23 -1.51 -7.64 -9.55
CA LEU A 23 -0.73 -7.49 -8.32
C LEU A 23 -0.01 -8.80 -7.97
N ASP A 24 0.75 -9.38 -8.91
CA ASP A 24 1.22 -10.77 -8.78
C ASP A 24 2.58 -11.07 -9.39
N ASP A 25 3.23 -10.06 -9.97
CA ASP A 25 4.70 -9.95 -10.00
C ASP A 25 5.19 -8.73 -9.21
N THR A 26 4.25 -7.90 -8.76
CA THR A 26 4.52 -6.51 -8.46
C THR A 26 5.33 -6.36 -7.16
N SER A 27 5.61 -5.12 -6.72
CA SER A 27 6.41 -4.93 -5.51
C SER A 27 5.99 -3.65 -4.81
N TRP A 28 6.27 -2.49 -5.39
CA TRP A 28 5.89 -1.19 -4.86
C TRP A 28 6.69 -0.80 -3.60
N VAL A 29 6.67 0.48 -3.25
CA VAL A 29 7.31 1.05 -2.05
C VAL A 29 6.39 2.15 -1.54
N LEU A 30 5.89 2.01 -0.31
CA LEU A 30 5.11 3.03 0.40
C LEU A 30 6.02 4.23 0.60
N SER A 31 5.52 5.44 0.37
CA SER A 31 6.31 6.65 0.58
C SER A 31 5.55 7.75 1.33
N ALA A 32 4.24 7.63 1.52
CA ALA A 32 3.49 8.58 2.33
C ALA A 32 2.24 7.89 2.87
N TRP A 33 1.80 8.37 4.03
CA TRP A 33 0.62 7.90 4.73
C TRP A 33 -0.15 9.14 5.12
N LYS A 34 -1.27 9.42 4.47
CA LYS A 34 -2.18 10.45 4.92
C LYS A 34 -3.21 9.80 5.84
N GLN A 35 -3.57 10.50 6.91
CA GLN A 35 -4.72 10.18 7.72
C GLN A 35 -6.00 10.44 6.95
N ALA A 36 -7.10 9.88 7.46
CA ALA A 36 -8.44 10.16 6.96
C ALA A 36 -8.80 11.63 7.05
N ASP A 37 -8.30 12.36 8.06
CA ASP A 37 -8.56 13.78 8.19
C ASP A 37 -7.68 14.61 7.24
N GLY A 38 -6.56 14.06 6.78
CA GLY A 38 -5.64 14.69 5.83
C GLY A 38 -4.27 15.04 6.41
N THR A 39 -3.97 14.64 7.65
CA THR A 39 -2.68 14.73 8.29
C THR A 39 -1.72 13.77 7.61
N ALA A 40 -0.67 14.25 6.98
CA ALA A 40 0.43 13.39 6.53
C ALA A 40 1.24 12.92 7.73
N ARG A 41 1.10 11.64 8.08
CA ARG A 41 1.91 10.98 9.10
C ARG A 41 3.36 10.90 8.66
N ALA A 42 4.27 10.94 9.61
CA ALA A 42 5.67 10.61 9.39
C ALA A 42 5.80 9.12 9.02
N VAL A 43 6.67 8.83 8.06
CA VAL A 43 7.09 7.51 7.61
C VAL A 43 8.62 7.53 7.36
N PRO A 44 9.32 6.38 7.32
CA PRO A 44 10.76 6.35 7.03
C PRO A 44 11.02 6.69 5.56
N SER A 45 11.72 7.80 5.29
CA SER A 45 12.09 8.16 3.94
C SER A 45 13.20 7.24 3.38
N ALA A 46 13.44 7.35 2.08
CA ALA A 46 14.60 6.73 1.44
C ALA A 46 15.90 7.26 2.06
N ASP A 47 15.93 8.54 2.37
CA ASP A 47 17.04 9.23 3.02
C ASP A 47 16.93 9.16 4.55
N GLN A 48 16.09 8.26 5.07
CA GLN A 48 16.12 7.79 6.45
C GLN A 48 16.70 6.38 6.51
N GLY A 49 16.53 5.59 5.45
CA GLY A 49 17.38 4.44 5.17
C GLY A 49 16.62 3.17 4.82
N ALA A 50 15.39 3.04 5.33
CA ALA A 50 14.52 1.88 5.14
C ALA A 50 13.08 2.35 4.83
N PRO A 51 12.83 2.89 3.63
CA PRO A 51 11.47 3.12 3.18
C PRO A 51 10.79 1.76 3.01
N ILE A 52 9.50 1.72 3.34
CA ILE A 52 8.70 0.51 3.48
C ILE A 52 8.46 -0.10 2.10
N THR A 53 9.24 -1.11 1.76
CA THR A 53 9.23 -1.84 0.50
C THR A 53 8.20 -2.96 0.62
N LEU A 54 7.56 -3.36 -0.48
CA LEU A 54 6.65 -4.51 -0.57
C LEU A 54 7.10 -5.39 -1.74
N THR A 55 6.75 -6.67 -1.75
CA THR A 55 7.05 -7.61 -2.80
C THR A 55 5.85 -8.56 -2.94
N LEU A 56 5.05 -8.45 -4.01
CA LEU A 56 4.03 -9.42 -4.35
C LEU A 56 4.68 -10.47 -5.23
N SER A 57 4.88 -11.66 -4.70
CA SER A 57 5.65 -12.70 -5.35
C SER A 57 5.09 -14.07 -4.94
N THR A 58 5.62 -15.14 -5.54
CA THR A 58 5.34 -16.52 -5.13
C THR A 58 6.62 -17.20 -4.67
N SER A 59 7.54 -16.46 -4.03
CA SER A 59 8.77 -16.99 -3.47
C SER A 59 8.48 -18.25 -2.64
N THR A 60 7.54 -18.19 -1.69
CA THR A 60 7.18 -19.30 -0.81
C THR A 60 6.13 -20.24 -1.47
N GLY A 61 5.88 -20.06 -2.76
CA GLY A 61 4.88 -20.78 -3.56
C GLY A 61 3.49 -20.16 -3.42
N GLN A 62 3.14 -19.72 -2.21
CA GLN A 62 1.91 -18.98 -1.98
C GLN A 62 2.07 -17.59 -2.54
N ARG A 63 0.95 -17.01 -2.97
CA ARG A 63 0.87 -15.59 -3.29
C ARG A 63 0.91 -14.84 -1.97
N HIS A 64 2.08 -14.33 -1.59
CA HIS A 64 2.20 -13.54 -0.41
C HIS A 64 2.87 -12.22 -0.73
N ALA A 65 2.52 -11.25 0.11
CA ALA A 65 3.37 -10.13 0.37
C ALA A 65 4.47 -10.66 1.26
N SER A 66 5.71 -10.32 0.94
CA SER A 66 6.69 -10.00 1.95
C SER A 66 7.08 -8.53 1.74
N GLY A 67 7.84 -7.96 2.67
CA GLY A 67 8.29 -6.58 2.57
C GLY A 67 8.95 -6.18 3.88
N PHE A 68 9.50 -4.97 3.94
CA PHE A 68 10.24 -4.49 5.10
C PHE A 68 9.40 -3.41 5.77
N SER A 69 8.59 -3.74 6.77
CA SER A 69 7.82 -2.76 7.51
C SER A 69 8.76 -1.97 8.44
N GLY A 70 9.46 -0.99 7.87
CA GLY A 70 9.97 0.16 8.59
C GLY A 70 11.31 -0.10 9.24
N CYS A 71 11.41 -1.18 10.01
CA CYS A 71 12.67 -1.85 10.23
C CYS A 71 12.48 -3.33 10.54
N ASN A 72 11.30 -3.90 10.30
CA ASN A 72 10.98 -5.27 10.62
C ASN A 72 10.16 -5.86 9.48
N ARG A 73 10.76 -6.78 8.74
CA ARG A 73 10.20 -7.44 7.56
C ARG A 73 9.16 -8.51 7.87
N TYR A 74 8.06 -8.51 7.12
CA TYR A 74 6.91 -9.40 7.26
C TYR A 74 6.81 -10.36 6.09
N MET A 75 5.95 -11.35 6.25
CA MET A 75 5.44 -12.23 5.22
C MET A 75 4.05 -12.71 5.66
N GLY A 76 3.19 -13.13 4.73
CA GLY A 76 1.87 -13.67 5.07
C GLY A 76 1.19 -14.29 3.85
N SER A 77 0.13 -13.65 3.33
CA SER A 77 -0.56 -14.05 2.10
C SER A 77 -1.38 -12.84 1.61
N TYR A 78 -1.93 -12.88 0.39
CA TYR A 78 -2.89 -11.89 -0.13
C TYR A 78 -3.81 -12.52 -1.18
N ALA A 79 -4.86 -11.81 -1.58
CA ALA A 79 -5.80 -12.20 -2.64
C ALA A 79 -6.37 -10.93 -3.29
N LEU A 80 -6.86 -11.04 -4.53
CA LEU A 80 -7.44 -9.93 -5.29
C LEU A 80 -8.93 -10.19 -5.44
N LYS A 81 -9.74 -9.16 -5.29
CA LYS A 81 -11.15 -9.09 -5.64
C LYS A 81 -11.57 -7.63 -5.72
N ASP A 82 -12.72 -7.28 -6.30
CA ASP A 82 -13.40 -5.99 -6.13
C ASP A 82 -12.52 -4.76 -6.35
N GLY A 83 -11.56 -4.85 -7.27
CA GLY A 83 -10.55 -3.82 -7.51
C GLY A 83 -9.72 -3.47 -6.27
N LYS A 84 -9.55 -4.44 -5.38
CA LYS A 84 -8.88 -4.36 -4.09
C LYS A 84 -7.83 -5.45 -3.94
N LEU A 85 -6.86 -5.14 -3.09
CA LEU A 85 -5.74 -5.99 -2.74
C LEU A 85 -5.96 -6.31 -1.26
N SER A 86 -6.50 -7.49 -0.99
CA SER A 86 -6.87 -7.90 0.36
C SER A 86 -5.77 -8.84 0.85
N PHE A 87 -5.56 -8.92 2.15
CA PHE A 87 -4.43 -9.62 2.75
C PHE A 87 -4.92 -10.81 3.57
N GLY A 88 -4.00 -11.74 3.84
CA GLY A 88 -4.13 -12.69 4.93
C GLY A 88 -3.73 -12.00 6.24
N THR A 89 -3.55 -12.77 7.29
CA THR A 89 -2.90 -12.34 8.50
C THR A 89 -1.39 -12.37 8.20
N LEU A 90 -0.66 -11.49 8.86
CA LEU A 90 0.74 -11.18 8.60
C LEU A 90 1.57 -11.31 9.87
N GLY A 91 2.89 -11.23 9.71
CA GLY A 91 3.82 -11.01 10.81
C GLY A 91 5.26 -11.29 10.36
N GLY A 92 6.23 -11.05 11.25
CA GLY A 92 7.64 -11.26 10.94
C GLY A 92 8.45 -11.40 12.24
N THR A 93 9.35 -10.46 12.47
CA THR A 93 10.26 -10.29 13.60
C THR A 93 9.91 -9.00 14.38
N ARG A 94 10.69 -8.63 15.40
CA ARG A 94 10.53 -7.42 16.22
C ARG A 94 11.91 -6.85 16.52
N MET A 95 12.68 -6.57 15.47
CA MET A 95 14.03 -6.05 15.57
C MET A 95 13.99 -4.62 16.14
N ALA A 96 15.09 -4.12 16.71
CA ALA A 96 15.16 -2.84 17.43
C ALA A 96 16.00 -1.84 16.64
N CYS A 97 15.36 -0.80 16.13
CA CYS A 97 15.99 0.21 15.28
C CYS A 97 16.00 1.62 15.85
N MET A 98 15.28 1.88 16.94
CA MET A 98 15.35 3.14 17.69
C MET A 98 14.94 4.35 16.85
N THR A 99 14.16 4.11 15.80
CA THR A 99 13.64 5.11 14.87
C THR A 99 12.12 5.17 15.00
N PRO A 100 11.46 6.29 14.67
CA PRO A 100 10.02 6.31 14.59
C PRO A 100 9.55 5.40 13.45
N GLY A 101 10.26 5.42 12.33
CA GLY A 101 10.00 4.60 11.16
C GLY A 101 10.32 3.13 11.37
N GLY A 102 10.91 2.70 12.50
CA GLY A 102 11.02 1.29 12.83
C GLY A 102 9.69 0.78 13.38
N GLN A 103 9.22 1.42 14.45
CA GLN A 103 8.12 0.94 15.27
C GLN A 103 6.78 1.00 14.52
N ILE A 104 6.71 1.76 13.42
CA ILE A 104 5.53 1.82 12.56
C ILE A 104 5.23 0.46 11.91
N GLU A 105 6.08 -0.57 12.08
CA GLU A 105 5.72 -1.95 11.76
C GLU A 105 4.33 -2.28 12.30
N GLY A 106 4.08 -2.02 13.59
CA GLY A 106 2.85 -2.41 14.25
C GLY A 106 1.62 -1.77 13.62
N ALA A 107 1.68 -0.47 13.35
CA ALA A 107 0.60 0.24 12.69
C ALA A 107 0.47 -0.24 11.25
N TYR A 108 1.56 -0.51 10.55
CA TYR A 108 1.49 -0.84 9.14
C TYR A 108 0.81 -2.20 8.94
N LEU A 109 1.21 -3.23 9.68
CA LEU A 109 0.53 -4.53 9.64
C LEU A 109 -0.95 -4.39 10.05
N ASN A 110 -1.27 -3.41 10.91
CA ASN A 110 -2.65 -3.05 11.25
C ASN A 110 -3.39 -2.48 10.04
N ALA A 111 -2.74 -1.62 9.26
CA ALA A 111 -3.35 -0.91 8.15
C ALA A 111 -3.76 -1.84 7.01
N LEU A 112 -3.21 -3.06 6.96
CA LEU A 112 -3.68 -4.10 6.05
C LEU A 112 -5.04 -4.68 6.46
N THR A 113 -5.55 -4.42 7.68
CA THR A 113 -6.78 -5.04 8.16
C THR A 113 -8.01 -4.17 7.89
N HIS A 114 -7.91 -3.13 7.04
CA HIS A 114 -8.96 -2.14 6.85
C HIS A 114 -9.11 -1.73 5.37
N ILE A 115 -8.79 -2.60 4.41
CA ILE A 115 -8.89 -2.35 2.98
C ILE A 115 -10.38 -2.35 2.62
N ASP A 116 -11.07 -1.23 2.86
CA ASP A 116 -12.40 -1.06 2.28
C ASP A 116 -12.26 -0.61 0.83
N ARG A 117 -11.23 0.20 0.52
CA ARG A 117 -11.02 0.77 -0.82
C ARG A 117 -9.62 0.44 -1.32
N THR A 118 -9.36 0.59 -2.62
CA THR A 118 -8.05 0.42 -3.24
C THR A 118 -8.12 1.15 -4.58
N GLY A 119 -7.01 1.75 -5.00
CA GLY A 119 -6.90 2.52 -6.21
C GLY A 119 -5.50 2.32 -6.77
N VAL A 120 -5.30 1.34 -7.65
CA VAL A 120 -4.08 1.29 -8.44
C VAL A 120 -4.26 2.11 -9.72
N GLN A 121 -3.26 2.94 -10.00
CA GLN A 121 -3.05 3.61 -11.26
C GLN A 121 -2.00 2.77 -11.98
N MET A 122 -2.47 1.77 -12.72
CA MET A 122 -1.62 0.94 -13.55
C MET A 122 -1.38 1.68 -14.88
N ARG A 123 -0.84 2.89 -14.83
CA ARG A 123 -0.49 3.68 -15.99
C ARG A 123 0.77 4.43 -15.59
N ALA A 124 1.91 4.20 -16.26
CA ALA A 124 3.14 4.92 -15.99
C ALA A 124 2.86 6.42 -15.99
N PRO A 125 3.22 7.16 -14.92
CA PRO A 125 3.98 6.72 -13.76
C PRO A 125 3.14 5.88 -12.78
N GLN A 126 3.48 4.60 -12.62
CA GLN A 126 2.61 3.65 -11.94
C GLN A 126 2.74 3.88 -10.45
N GLN A 127 1.60 4.01 -9.80
CA GLN A 127 1.46 4.22 -8.36
C GLN A 127 0.21 3.48 -7.88
N MET A 128 0.16 3.24 -6.59
CA MET A 128 -0.92 2.51 -5.94
C MET A 128 -1.28 3.32 -4.70
N GLN A 129 -2.56 3.65 -4.53
CA GLN A 129 -3.03 4.51 -3.45
C GLN A 129 -4.10 3.77 -2.67
N LEU A 130 -3.79 3.36 -1.44
CA LEU A 130 -4.71 2.56 -0.62
C LEU A 130 -5.52 3.49 0.26
N VAL A 131 -6.80 3.16 0.48
CA VAL A 131 -7.73 3.93 1.27
C VAL A 131 -8.41 2.95 2.22
N LEU A 132 -8.55 3.35 3.48
CA LEU A 132 -9.07 2.47 4.51
C LEU A 132 -10.56 2.68 4.69
N ASP A 133 -11.16 1.80 5.47
CA ASP A 133 -12.53 1.93 5.99
C ASP A 133 -12.75 3.26 6.72
N ASN A 134 -11.71 3.86 7.28
CA ASN A 134 -11.79 5.14 7.97
C ASN A 134 -11.53 6.31 7.03
N GLY A 135 -10.95 6.09 5.85
CA GLY A 135 -10.70 7.11 4.86
C GLY A 135 -9.23 7.55 4.72
N ASP A 136 -8.26 6.87 5.36
CA ASP A 136 -6.81 7.12 5.20
C ASP A 136 -6.43 7.14 3.72
N THR A 137 -5.23 7.64 3.38
CA THR A 137 -4.73 7.60 2.00
C THR A 137 -3.22 7.32 2.01
N LEU A 138 -2.82 6.06 1.85
CA LEU A 138 -1.41 5.68 1.70
C LEU A 138 -1.03 5.79 0.22
N THR A 139 0.22 6.14 -0.08
CA THR A 139 0.72 6.36 -1.43
C THR A 139 1.97 5.50 -1.65
N PHE A 140 1.96 4.67 -2.69
CA PHE A 140 3.06 3.77 -3.04
C PHE A 140 3.53 4.05 -4.46
N ASP A 141 4.85 4.12 -4.66
CA ASP A 141 5.49 4.16 -5.97
C ASP A 141 5.60 2.73 -6.50
N ARG A 142 5.52 2.50 -7.82
CA ARG A 142 5.92 1.21 -8.40
C ARG A 142 7.44 1.14 -8.44
N SER A 143 8.05 0.44 -7.49
CA SER A 143 9.27 -0.28 -7.80
C SER A 143 8.85 -1.53 -8.59
N THR A 144 9.47 -1.74 -9.76
CA THR A 144 9.32 -2.92 -10.61
C THR A 144 10.68 -3.49 -11.07
N ARG A 145 11.79 -3.13 -10.41
CA ARG A 145 13.07 -3.79 -10.64
C ARG A 145 13.03 -5.22 -10.11
N ILE A 1 -3.33 18.76 -14.81
CA ILE A 1 -4.43 18.83 -15.77
C ILE A 1 -5.62 19.44 -15.01
N PRO A 2 -5.66 20.79 -14.89
CA PRO A 2 -6.79 21.45 -14.26
C PRO A 2 -8.00 21.41 -15.21
N LYS A 3 -9.18 21.79 -14.70
CA LYS A 3 -10.37 21.98 -15.52
C LYS A 3 -10.64 23.47 -15.61
N HIS A 4 -10.37 24.06 -16.77
CA HIS A 4 -10.88 25.35 -17.21
C HIS A 4 -12.03 25.11 -18.19
N PRO A 5 -12.86 26.11 -18.53
CA PRO A 5 -13.86 26.00 -19.59
C PRO A 5 -13.17 25.86 -20.95
N ASP A 6 -12.85 24.61 -21.28
CA ASP A 6 -12.22 24.08 -22.48
C ASP A 6 -12.94 22.76 -22.80
N SER A 7 -12.58 22.16 -23.93
CA SER A 7 -12.93 20.86 -24.43
C SER A 7 -12.86 19.79 -23.34
N GLU A 8 -13.77 18.82 -23.37
CA GLU A 8 -13.66 17.67 -22.47
C GLU A 8 -12.83 16.52 -23.05
N ALA A 9 -12.08 16.81 -24.10
CA ALA A 9 -11.32 15.83 -24.85
C ALA A 9 -9.97 15.63 -24.17
N VAL A 10 -9.99 14.94 -23.05
CA VAL A 10 -8.86 14.61 -22.21
C VAL A 10 -8.96 13.12 -21.86
N ALA A 11 -7.82 12.51 -21.56
CA ALA A 11 -7.74 11.15 -21.03
C ALA A 11 -8.41 11.11 -19.64
N PRO A 12 -8.91 9.95 -19.18
CA PRO A 12 -9.70 9.85 -17.96
C PRO A 12 -8.86 10.11 -16.71
N ASP A 13 -9.55 10.33 -15.58
CA ASP A 13 -8.98 10.42 -14.24
C ASP A 13 -8.30 9.09 -13.86
N PRO A 14 -7.47 9.07 -12.81
CA PRO A 14 -6.76 7.88 -12.37
C PRO A 14 -7.66 6.89 -11.61
N PHE A 15 -7.01 5.81 -11.17
CA PHE A 15 -7.44 4.85 -10.15
C PHE A 15 -8.52 3.87 -10.66
N ASN A 16 -8.11 2.76 -11.28
CA ASN A 16 -8.99 1.79 -11.93
C ASN A 16 -8.94 0.42 -11.22
N PRO A 17 -10.06 -0.33 -11.12
CA PRO A 17 -10.11 -1.65 -10.46
C PRO A 17 -9.70 -2.79 -11.41
N ALA A 18 -9.72 -2.56 -12.73
CA ALA A 18 -9.32 -3.54 -13.74
C ALA A 18 -7.85 -3.97 -13.62
N ALA A 19 -7.06 -3.28 -12.79
CA ALA A 19 -5.64 -3.46 -12.58
C ALA A 19 -5.31 -4.24 -11.30
N THR A 20 -6.31 -4.63 -10.49
CA THR A 20 -6.07 -5.38 -9.25
C THR A 20 -5.38 -6.72 -9.51
N GLN A 21 -5.95 -7.60 -10.34
CA GLN A 21 -5.39 -8.90 -10.71
C GLN A 21 -3.93 -8.90 -11.19
N LEU A 22 -3.39 -7.73 -11.59
CA LEU A 22 -2.03 -7.57 -12.09
C LEU A 22 -1.02 -7.47 -10.91
N LEU A 23 -1.46 -7.65 -9.66
CA LEU A 23 -0.66 -7.46 -8.45
C LEU A 23 0.02 -8.77 -8.00
N ASP A 24 0.90 -9.36 -8.83
CA ASP A 24 1.55 -10.63 -8.50
C ASP A 24 3.07 -10.56 -8.62
N ASP A 25 3.61 -10.11 -9.75
CA ASP A 25 5.07 -10.00 -9.94
C ASP A 25 5.60 -8.63 -9.50
N THR A 26 4.72 -7.71 -9.12
CA THR A 26 5.05 -6.32 -8.80
C THR A 26 5.81 -6.21 -7.48
N SER A 27 6.13 -5.00 -7.03
CA SER A 27 6.78 -4.85 -5.74
C SER A 27 6.31 -3.62 -4.98
N TRP A 28 6.44 -2.42 -5.55
CA TRP A 28 5.97 -1.14 -5.00
C TRP A 28 6.80 -0.70 -3.78
N VAL A 29 6.66 0.57 -3.40
CA VAL A 29 7.29 1.18 -2.23
C VAL A 29 6.26 2.14 -1.66
N LEU A 30 6.11 2.18 -0.32
CA LEU A 30 5.24 3.13 0.36
C LEU A 30 5.99 4.44 0.43
N SER A 31 5.31 5.52 0.06
CA SER A 31 5.93 6.83 0.01
C SER A 31 5.16 7.87 0.82
N ALA A 32 3.90 7.63 1.18
CA ALA A 32 3.13 8.55 2.03
C ALA A 32 1.97 7.83 2.70
N TRP A 33 1.48 8.40 3.81
CA TRP A 33 0.43 7.86 4.65
C TRP A 33 -0.50 9.00 5.07
N LYS A 34 -1.60 9.20 4.35
CA LYS A 34 -2.60 10.19 4.72
C LYS A 34 -3.40 9.69 5.92
N GLN A 35 -3.80 10.62 6.77
CA GLN A 35 -4.79 10.42 7.81
C GLN A 35 -6.18 10.50 7.21
N ALA A 36 -7.17 10.06 7.98
CA ALA A 36 -8.60 10.23 7.76
C ALA A 36 -9.07 11.70 7.82
N ASP A 37 -8.14 12.66 7.76
CA ASP A 37 -8.40 14.10 7.75
C ASP A 37 -7.51 14.83 6.73
N GLY A 38 -6.72 14.10 5.93
CA GLY A 38 -5.93 14.68 4.84
C GLY A 38 -4.52 15.06 5.28
N THR A 39 -4.21 14.93 6.57
CA THR A 39 -2.89 15.09 7.14
C THR A 39 -2.02 13.92 6.68
N ALA A 40 -1.07 14.14 5.80
CA ALA A 40 0.02 13.20 5.57
C ALA A 40 0.89 13.10 6.83
N ARG A 41 1.16 11.88 7.28
CA ARG A 41 2.05 11.54 8.40
C ARG A 41 3.51 11.61 7.95
N ALA A 42 4.43 11.47 8.90
CA ALA A 42 5.81 11.16 8.58
C ALA A 42 5.97 9.65 8.43
N VAL A 43 6.71 9.23 7.39
CA VAL A 43 7.12 7.86 7.14
C VAL A 43 8.62 7.85 6.79
N PRO A 44 9.35 6.73 6.94
CA PRO A 44 10.76 6.68 6.59
C PRO A 44 10.92 6.70 5.06
N SER A 45 11.67 7.67 4.57
CA SER A 45 12.21 7.69 3.22
C SER A 45 13.43 6.75 3.18
N ALA A 46 13.97 6.48 2.00
CA ALA A 46 15.14 5.62 1.81
C ALA A 46 16.33 6.05 2.68
N ASP A 47 16.69 7.33 2.62
CA ASP A 47 17.81 7.85 3.40
C ASP A 47 17.55 7.85 4.90
N GLN A 48 16.31 7.68 5.36
CA GLN A 48 16.04 7.55 6.79
C GLN A 48 16.59 6.23 7.34
N GLY A 49 16.90 5.27 6.46
CA GLY A 49 17.79 4.18 6.76
C GLY A 49 17.21 2.83 6.41
N ALA A 50 15.88 2.71 6.48
CA ALA A 50 15.15 1.47 6.29
C ALA A 50 13.75 1.83 5.75
N PRO A 51 13.60 2.01 4.44
CA PRO A 51 12.33 2.42 3.83
C PRO A 51 11.30 1.30 3.82
N ILE A 52 10.02 1.68 3.66
CA ILE A 52 8.89 0.78 3.58
C ILE A 52 8.73 0.33 2.13
N THR A 53 9.19 -0.87 1.79
CA THR A 53 9.20 -1.40 0.42
C THR A 53 8.38 -2.68 0.39
N LEU A 54 7.30 -2.76 -0.38
CA LEU A 54 6.51 -3.99 -0.53
C LEU A 54 7.26 -4.89 -1.53
N THR A 55 6.92 -6.17 -1.60
CA THR A 55 7.34 -7.10 -2.65
C THR A 55 6.25 -8.14 -2.84
N LEU A 56 5.57 -8.11 -3.98
CA LEU A 56 4.76 -9.23 -4.39
C LEU A 56 5.68 -10.26 -5.04
N SER A 57 5.35 -11.53 -4.89
CA SER A 57 5.96 -12.67 -5.55
C SER A 57 4.99 -13.82 -5.31
N THR A 58 5.03 -14.87 -6.13
CA THR A 58 4.34 -16.11 -5.83
C THR A 58 5.28 -17.29 -6.02
N SER A 59 6.58 -17.08 -5.81
CA SER A 59 7.62 -18.04 -6.15
C SER A 59 7.37 -19.40 -5.51
N THR A 60 6.99 -19.47 -4.24
CA THR A 60 6.75 -20.71 -3.53
C THR A 60 5.50 -21.46 -4.02
N GLY A 61 4.64 -20.79 -4.80
CA GLY A 61 3.46 -21.36 -5.44
C GLY A 61 2.17 -21.06 -4.68
N GLN A 62 2.22 -20.28 -3.58
CA GLN A 62 1.03 -19.66 -3.01
C GLN A 62 1.19 -18.14 -3.04
N ARG A 63 0.13 -17.44 -2.64
CA ARG A 63 0.03 -15.98 -2.63
C ARG A 63 0.68 -15.45 -1.38
N HIS A 64 1.97 -15.68 -1.24
CA HIS A 64 2.73 -14.90 -0.28
C HIS A 64 2.74 -13.44 -0.75
N ALA A 65 2.98 -12.52 0.17
CA ALA A 65 3.64 -11.25 -0.09
C ALA A 65 4.75 -11.15 0.93
N SER A 66 5.78 -10.37 0.62
CA SER A 66 6.78 -9.93 1.58
C SER A 66 6.88 -8.42 1.51
N GLY A 67 7.62 -7.84 2.44
CA GLY A 67 8.00 -6.44 2.35
C GLY A 67 8.72 -6.04 3.61
N PHE A 68 9.14 -4.78 3.65
CA PHE A 68 9.73 -4.13 4.80
C PHE A 68 8.75 -3.08 5.27
N SER A 69 8.43 -3.08 6.56
CA SER A 69 7.47 -2.21 7.21
C SER A 69 8.09 -1.57 8.43
N GLY A 70 8.20 -0.24 8.45
CA GLY A 70 8.77 0.57 9.51
C GLY A 70 10.21 0.18 9.82
N CYS A 71 10.43 -0.91 10.57
CA CYS A 71 11.73 -1.53 10.79
C CYS A 71 11.75 -3.06 10.77
N ASN A 72 10.62 -3.73 10.54
CA ASN A 72 10.60 -5.19 10.41
C ASN A 72 10.14 -5.57 9.04
N ARG A 73 10.78 -6.58 8.45
CA ARG A 73 10.17 -7.27 7.33
C ARG A 73 9.00 -8.11 7.81
N TYR A 74 8.09 -8.36 6.89
CA TYR A 74 6.84 -9.08 7.13
C TYR A 74 6.59 -10.04 5.97
N MET A 75 5.66 -10.96 6.20
CA MET A 75 5.21 -11.95 5.25
C MET A 75 3.81 -12.40 5.65
N GLY A 76 3.08 -13.05 4.73
CA GLY A 76 1.75 -13.61 4.95
C GLY A 76 1.04 -13.73 3.60
N SER A 77 -0.24 -14.12 3.61
CA SER A 77 -0.98 -14.40 2.40
C SER A 77 -1.58 -13.13 1.77
N TYR A 78 -1.92 -13.15 0.47
CA TYR A 78 -2.71 -12.08 -0.14
C TYR A 78 -3.78 -12.58 -1.12
N ALA A 79 -4.73 -11.72 -1.49
CA ALA A 79 -5.78 -12.00 -2.47
C ALA A 79 -6.17 -10.74 -3.25
N LEU A 80 -6.66 -10.90 -4.48
CA LEU A 80 -6.86 -9.84 -5.47
C LEU A 80 -8.30 -9.87 -5.96
N LYS A 81 -9.16 -9.04 -5.38
CA LYS A 81 -10.60 -9.10 -5.63
C LYS A 81 -11.24 -7.78 -5.26
N ASP A 82 -12.51 -7.59 -5.58
CA ASP A 82 -13.32 -6.47 -5.16
C ASP A 82 -12.75 -5.10 -5.55
N GLY A 83 -11.89 -5.07 -6.57
CA GLY A 83 -11.20 -3.87 -7.01
C GLY A 83 -10.25 -3.36 -5.94
N LYS A 84 -9.77 -4.22 -5.03
CA LYS A 84 -8.87 -3.85 -3.96
C LYS A 84 -7.87 -4.97 -3.66
N LEU A 85 -6.79 -4.62 -2.98
CA LEU A 85 -5.86 -5.61 -2.46
C LEU A 85 -6.49 -6.19 -1.18
N SER A 86 -6.12 -7.39 -0.76
CA SER A 86 -6.40 -7.86 0.59
C SER A 86 -5.29 -8.80 1.02
N PHE A 87 -5.13 -8.99 2.33
CA PHE A 87 -4.12 -9.86 2.92
C PHE A 87 -4.78 -10.74 3.99
N GLY A 88 -4.09 -11.79 4.43
CA GLY A 88 -4.51 -12.64 5.54
C GLY A 88 -3.72 -12.31 6.80
N THR A 89 -3.63 -13.28 7.71
CA THR A 89 -2.73 -13.24 8.85
C THR A 89 -1.28 -13.06 8.39
N LEU A 90 -0.84 -11.81 8.37
CA LEU A 90 0.53 -11.36 8.22
C LEU A 90 1.23 -11.40 9.57
N GLY A 91 2.56 -11.49 9.54
CA GLY A 91 3.37 -11.22 10.70
C GLY A 91 4.84 -11.18 10.34
N GLY A 92 5.66 -10.69 11.26
CA GLY A 92 7.08 -10.54 11.13
C GLY A 92 7.68 -10.35 12.52
N THR A 93 8.98 -10.09 12.58
CA THR A 93 9.70 -9.91 13.84
C THR A 93 9.33 -8.58 14.49
N ARG A 94 9.83 -8.36 15.71
CA ARG A 94 9.73 -7.12 16.44
C ARG A 94 11.16 -6.71 16.83
N MET A 95 11.92 -6.25 15.84
CA MET A 95 13.25 -5.66 15.99
C MET A 95 13.10 -4.26 16.60
N ALA A 96 14.19 -3.73 17.15
CA ALA A 96 14.26 -2.38 17.68
C ALA A 96 15.08 -1.51 16.72
N CYS A 97 14.59 -0.31 16.40
CA CYS A 97 15.35 0.76 15.74
C CYS A 97 15.31 2.09 16.47
N MET A 98 14.45 2.21 17.49
CA MET A 98 14.26 3.42 18.29
C MET A 98 14.15 4.69 17.44
N THR A 99 13.31 4.63 16.40
CA THR A 99 13.02 5.74 15.51
C THR A 99 11.52 5.84 15.23
N PRO A 100 11.02 7.02 14.85
CA PRO A 100 9.62 7.20 14.49
C PRO A 100 9.29 6.56 13.13
N GLY A 101 10.29 6.41 12.24
CA GLY A 101 10.13 5.61 11.03
C GLY A 101 10.26 4.11 11.32
N GLY A 102 10.87 3.72 12.45
CA GLY A 102 10.95 2.33 12.87
C GLY A 102 9.60 1.86 13.39
N GLN A 103 9.13 2.47 14.49
CA GLN A 103 8.01 1.95 15.28
C GLN A 103 6.64 2.14 14.63
N ILE A 104 6.58 2.80 13.47
CA ILE A 104 5.39 2.81 12.62
C ILE A 104 5.07 1.41 12.09
N GLU A 105 6.03 0.49 12.12
CA GLU A 105 5.88 -0.90 11.73
C GLU A 105 4.62 -1.52 12.33
N GLY A 106 4.42 -1.33 13.64
CA GLY A 106 3.26 -1.83 14.35
C GLY A 106 1.96 -1.38 13.71
N ALA A 107 1.86 -0.12 13.29
CA ALA A 107 0.64 0.38 12.68
C ALA A 107 0.54 -0.16 11.26
N TYR A 108 1.67 -0.27 10.55
CA TYR A 108 1.68 -0.68 9.14
C TYR A 108 1.11 -2.08 8.98
N LEU A 109 1.52 -3.03 9.84
CA LEU A 109 0.93 -4.37 9.81
C LEU A 109 -0.56 -4.29 10.10
N ASN A 110 -0.98 -3.45 11.06
CA ASN A 110 -2.38 -3.24 11.39
C ASN A 110 -3.17 -2.60 10.26
N ALA A 111 -2.47 -2.00 9.30
CA ALA A 111 -2.98 -1.26 8.17
C ALA A 111 -2.94 -2.06 6.87
N LEU A 112 -2.51 -3.33 6.89
CA LEU A 112 -2.53 -4.17 5.68
C LEU A 112 -3.81 -4.99 5.56
N THR A 113 -4.49 -5.34 6.65
CA THR A 113 -5.71 -6.16 6.59
C THR A 113 -6.98 -5.32 6.45
N HIS A 114 -6.86 -4.00 6.63
CA HIS A 114 -7.86 -3.00 6.32
C HIS A 114 -7.47 -2.47 4.95
N ILE A 115 -8.23 -2.84 3.93
CA ILE A 115 -8.09 -2.29 2.60
C ILE A 115 -9.52 -2.03 2.13
N ASP A 116 -10.22 -1.11 2.80
CA ASP A 116 -11.59 -0.82 2.39
C ASP A 116 -11.58 -0.13 1.03
N ARG A 117 -10.60 0.72 0.66
CA ARG A 117 -10.47 1.02 -0.77
C ARG A 117 -9.06 0.83 -1.29
N THR A 118 -8.94 0.94 -2.60
CA THR A 118 -7.70 0.89 -3.34
C THR A 118 -7.91 1.75 -4.59
N GLY A 119 -6.83 2.34 -5.08
CA GLY A 119 -6.77 3.07 -6.33
C GLY A 119 -5.50 2.66 -7.04
N VAL A 120 -5.60 1.84 -8.10
CA VAL A 120 -4.44 1.55 -8.93
C VAL A 120 -4.33 2.65 -9.97
N GLN A 121 -3.35 3.53 -9.86
CA GLN A 121 -3.03 4.44 -10.92
C GLN A 121 -2.27 3.64 -11.99
N MET A 122 -2.97 2.77 -12.73
CA MET A 122 -2.43 2.06 -13.89
C MET A 122 -2.33 3.07 -15.04
N ARG A 123 -1.32 3.92 -14.93
CA ARG A 123 -0.88 4.93 -15.86
C ARG A 123 0.62 4.97 -15.61
N ALA A 124 1.47 4.56 -16.55
CA ALA A 124 2.91 4.63 -16.33
C ALA A 124 3.29 6.12 -16.16
N PRO A 125 4.12 6.51 -15.18
CA PRO A 125 4.70 5.64 -14.18
C PRO A 125 3.65 5.30 -13.12
N GLN A 126 3.42 3.99 -12.95
CA GLN A 126 2.36 3.51 -12.08
C GLN A 126 2.58 3.95 -10.63
N GLN A 127 1.47 4.13 -9.92
CA GLN A 127 1.39 4.38 -8.49
C GLN A 127 0.21 3.55 -7.98
N MET A 128 0.15 3.34 -6.68
CA MET A 128 -0.97 2.69 -6.00
C MET A 128 -1.44 3.58 -4.87
N GLN A 129 -2.60 3.23 -4.34
CA GLN A 129 -3.22 3.87 -3.22
C GLN A 129 -4.01 2.76 -2.52
N LEU A 130 -3.93 2.67 -1.20
CA LEU A 130 -4.72 1.76 -0.38
C LEU A 130 -5.31 2.61 0.72
N VAL A 131 -6.45 2.23 1.29
CA VAL A 131 -6.98 2.96 2.44
C VAL A 131 -7.52 2.05 3.49
N LEU A 132 -7.61 2.56 4.71
CA LEU A 132 -8.20 1.88 5.85
C LEU A 132 -9.56 2.45 6.11
N ASP A 133 -10.36 1.64 6.78
CA ASP A 133 -11.79 1.79 6.96
C ASP A 133 -12.12 3.06 7.78
N ASN A 134 -11.13 3.53 8.55
CA ASN A 134 -11.09 4.78 9.30
C ASN A 134 -10.96 5.98 8.36
N GLY A 135 -10.20 5.81 7.27
CA GLY A 135 -9.95 6.80 6.24
C GLY A 135 -8.45 7.02 5.96
N ASP A 136 -7.57 6.36 6.71
CA ASP A 136 -6.13 6.52 6.57
C ASP A 136 -5.70 5.95 5.21
N THR A 137 -5.29 6.81 4.28
CA THR A 137 -5.08 6.48 2.87
C THR A 137 -3.57 6.49 2.56
N LEU A 138 -2.95 5.33 2.37
CA LEU A 138 -1.53 5.21 2.03
C LEU A 138 -1.33 5.42 0.53
N THR A 139 -0.12 5.73 0.08
CA THR A 139 0.22 5.97 -1.33
C THR A 139 1.55 5.31 -1.64
N PHE A 140 1.55 4.52 -2.71
CA PHE A 140 2.69 3.72 -3.12
C PHE A 140 3.17 4.14 -4.50
N ASP A 141 4.47 4.06 -4.73
CA ASP A 141 5.07 4.15 -6.06
C ASP A 141 5.11 2.74 -6.65
N ARG A 142 5.07 2.60 -7.97
CA ARG A 142 5.52 1.37 -8.63
C ARG A 142 7.03 1.28 -8.41
N SER A 143 7.53 0.11 -8.05
CA SER A 143 8.91 -0.24 -8.25
C SER A 143 8.86 -1.65 -8.77
N THR A 144 9.27 -1.84 -10.02
CA THR A 144 9.43 -3.14 -10.68
C THR A 144 10.83 -3.30 -11.26
N ARG A 145 11.76 -2.41 -10.89
CA ARG A 145 13.16 -2.45 -11.32
C ARG A 145 13.28 -2.41 -12.84
N ILE A 1 -25.14 4.76 -10.54
CA ILE A 1 -24.09 5.11 -11.51
C ILE A 1 -24.66 6.07 -12.55
N PRO A 2 -24.64 7.38 -12.27
CA PRO A 2 -25.03 8.37 -13.28
C PRO A 2 -24.09 8.30 -14.49
N LYS A 3 -24.59 8.80 -15.63
CA LYS A 3 -23.87 8.98 -16.90
C LYS A 3 -24.74 9.89 -17.76
N HIS A 4 -24.14 10.59 -18.72
CA HIS A 4 -24.85 11.19 -19.85
C HIS A 4 -25.26 10.03 -20.78
N PRO A 5 -26.20 10.22 -21.73
CA PRO A 5 -26.56 9.17 -22.69
C PRO A 5 -25.40 8.83 -23.65
N ASP A 6 -24.48 9.77 -23.80
CA ASP A 6 -23.41 9.87 -24.78
C ASP A 6 -22.04 10.05 -24.11
N SER A 7 -22.01 10.18 -22.79
CA SER A 7 -20.80 10.37 -21.98
C SER A 7 -20.14 11.71 -22.28
N GLU A 8 -18.82 11.84 -22.07
CA GLU A 8 -18.17 13.16 -22.16
C GLU A 8 -16.79 13.12 -22.81
N ALA A 9 -16.52 11.98 -23.41
CA ALA A 9 -15.26 11.57 -24.00
C ALA A 9 -14.01 11.90 -23.17
N VAL A 10 -13.89 11.30 -21.98
CA VAL A 10 -12.78 11.54 -21.06
C VAL A 10 -11.98 10.25 -20.84
N ALA A 11 -10.66 10.37 -20.96
CA ALA A 11 -9.69 9.32 -20.71
C ALA A 11 -9.77 8.85 -19.24
N PRO A 12 -9.43 7.58 -18.95
CA PRO A 12 -9.72 6.99 -17.65
C PRO A 12 -8.92 7.63 -16.52
N ASP A 13 -9.60 7.76 -15.38
CA ASP A 13 -9.15 8.41 -14.16
C ASP A 13 -8.10 7.54 -13.47
N PRO A 14 -7.31 8.10 -12.55
CA PRO A 14 -6.39 7.34 -11.72
C PRO A 14 -7.14 6.58 -10.61
N PHE A 15 -6.43 5.66 -9.97
CA PHE A 15 -6.82 4.97 -8.74
C PHE A 15 -8.09 4.11 -8.93
N ASN A 16 -8.02 3.07 -9.77
CA ASN A 16 -9.18 2.32 -10.26
C ASN A 16 -9.05 0.80 -10.04
N PRO A 17 -10.15 0.05 -9.79
CA PRO A 17 -10.12 -1.38 -9.52
C PRO A 17 -9.71 -2.20 -10.75
N ALA A 18 -9.96 -1.65 -11.94
CA ALA A 18 -9.55 -2.17 -13.24
C ALA A 18 -8.03 -2.42 -13.30
N ALA A 19 -7.28 -1.81 -12.40
CA ALA A 19 -5.84 -1.80 -12.34
C ALA A 19 -5.34 -2.38 -11.03
N THR A 20 -6.16 -3.15 -10.30
CA THR A 20 -5.79 -3.78 -9.03
C THR A 20 -5.71 -5.31 -9.14
N GLN A 21 -6.26 -5.91 -10.19
CA GLN A 21 -6.20 -7.34 -10.43
C GLN A 21 -4.83 -7.83 -10.90
N LEU A 22 -3.92 -6.92 -11.25
CA LEU A 22 -2.61 -7.24 -11.82
C LEU A 22 -1.55 -7.22 -10.70
N LEU A 23 -2.00 -7.26 -9.43
CA LEU A 23 -1.17 -7.20 -8.23
C LEU A 23 -0.55 -8.55 -7.82
N ASP A 24 -0.53 -9.58 -8.67
CA ASP A 24 0.08 -10.86 -8.28
C ASP A 24 1.60 -10.82 -8.31
N ASP A 25 2.19 -10.14 -9.30
CA ASP A 25 3.61 -10.32 -9.65
C ASP A 25 4.43 -9.01 -9.57
N THR A 26 3.79 -7.91 -9.22
CA THR A 26 4.39 -6.57 -9.21
C THR A 26 4.91 -6.19 -7.81
N SER A 27 5.71 -5.13 -7.71
CA SER A 27 6.48 -4.76 -6.53
C SER A 27 6.55 -3.23 -6.43
N TRP A 28 6.62 -2.72 -5.20
CA TRP A 28 6.10 -1.42 -4.81
C TRP A 28 6.77 -0.88 -3.54
N VAL A 29 6.53 0.37 -3.11
CA VAL A 29 7.11 0.92 -1.86
C VAL A 29 6.36 2.08 -1.23
N LEU A 30 5.88 1.92 0.00
CA LEU A 30 5.15 2.96 0.70
C LEU A 30 6.08 4.16 0.84
N SER A 31 5.60 5.32 0.43
CA SER A 31 6.38 6.55 0.56
C SER A 31 5.54 7.68 1.17
N ALA A 32 4.21 7.54 1.29
CA ALA A 32 3.37 8.52 1.96
C ALA A 32 2.14 7.85 2.58
N TRP A 33 1.63 8.42 3.66
CA TRP A 33 0.44 7.96 4.38
C TRP A 33 -0.36 9.22 4.75
N LYS A 34 -1.53 9.44 4.17
CA LYS A 34 -2.42 10.53 4.55
C LYS A 34 -3.43 9.96 5.52
N GLN A 35 -3.78 10.73 6.56
CA GLN A 35 -5.00 10.48 7.30
C GLN A 35 -6.20 10.84 6.42
N ALA A 36 -7.40 10.51 6.87
CA ALA A 36 -8.61 10.77 6.12
C ALA A 36 -8.82 12.27 5.93
N ASP A 37 -8.48 13.06 6.95
CA ASP A 37 -8.68 14.51 6.97
C ASP A 37 -7.55 15.25 6.26
N GLY A 38 -6.58 14.52 5.73
CA GLY A 38 -5.57 15.06 4.83
C GLY A 38 -4.22 15.28 5.50
N THR A 39 -4.12 15.03 6.80
CA THR A 39 -2.88 15.07 7.56
C THR A 39 -1.93 14.02 6.99
N ALA A 40 -0.92 14.43 6.22
CA ALA A 40 0.15 13.53 5.83
C ALA A 40 1.01 13.21 7.06
N ARG A 41 1.06 11.93 7.38
CA ARG A 41 1.96 11.38 8.38
C ARG A 41 3.37 11.35 7.83
N ALA A 42 4.33 11.37 8.74
CA ALA A 42 5.70 10.99 8.42
C ALA A 42 5.77 9.47 8.29
N VAL A 43 6.54 9.01 7.33
CA VAL A 43 6.88 7.61 7.10
C VAL A 43 8.36 7.52 6.72
N PRO A 44 9.02 6.36 6.89
CA PRO A 44 10.43 6.20 6.52
C PRO A 44 10.57 6.29 5.00
N SER A 45 11.15 7.37 4.47
CA SER A 45 11.46 7.53 3.07
C SER A 45 12.52 6.49 2.64
N ALA A 46 12.84 6.40 1.34
CA ALA A 46 13.97 5.60 0.87
C ALA A 46 15.24 5.98 1.61
N ASP A 47 15.62 7.27 1.54
CA ASP A 47 16.85 7.77 2.13
C ASP A 47 16.80 7.82 3.67
N GLN A 48 15.66 7.55 4.31
CA GLN A 48 15.62 7.42 5.76
C GLN A 48 16.36 6.17 6.26
N GLY A 49 16.72 5.22 5.39
CA GLY A 49 17.53 4.08 5.74
C GLY A 49 16.88 2.76 5.33
N ALA A 50 15.83 2.37 6.04
CA ALA A 50 15.09 1.13 5.85
C ALA A 50 13.63 1.45 5.46
N PRO A 51 13.34 1.66 4.17
CA PRO A 51 11.99 1.98 3.69
C PRO A 51 11.05 0.79 3.72
N ILE A 52 9.75 1.06 3.63
CA ILE A 52 8.70 0.05 3.58
C ILE A 52 8.49 -0.36 2.12
N THR A 53 9.24 -1.36 1.66
CA THR A 53 9.25 -1.80 0.25
C THR A 53 8.48 -3.14 0.28
N LEU A 54 7.50 -3.28 -0.61
CA LEU A 54 6.60 -4.43 -0.71
C LEU A 54 6.90 -5.11 -2.04
N THR A 55 6.93 -6.43 -2.08
CA THR A 55 6.95 -7.20 -3.32
C THR A 55 5.78 -8.18 -3.24
N LEU A 56 5.05 -8.37 -4.33
CA LEU A 56 4.10 -9.46 -4.45
C LEU A 56 4.66 -10.39 -5.50
N SER A 57 4.77 -11.67 -5.18
CA SER A 57 5.18 -12.70 -6.12
C SER A 57 4.94 -14.06 -5.46
N THR A 58 5.21 -15.13 -6.20
CA THR A 58 5.37 -16.49 -5.72
C THR A 58 6.85 -16.77 -5.44
N SER A 59 7.54 -15.87 -4.72
CA SER A 59 8.95 -16.01 -4.39
C SER A 59 9.17 -17.26 -3.55
N THR A 60 8.42 -17.42 -2.45
CA THR A 60 8.54 -18.62 -1.63
C THR A 60 7.95 -19.84 -2.36
N GLY A 61 7.01 -19.63 -3.28
CA GLY A 61 6.17 -20.68 -3.87
C GLY A 61 4.70 -20.60 -3.45
N GLN A 62 4.33 -19.64 -2.60
CA GLN A 62 2.95 -19.25 -2.32
C GLN A 62 2.77 -17.79 -2.73
N ARG A 63 1.53 -17.41 -3.04
CA ARG A 63 1.15 -16.06 -3.47
C ARG A 63 1.13 -15.11 -2.26
N HIS A 64 2.30 -14.67 -1.80
CA HIS A 64 2.41 -13.89 -0.58
C HIS A 64 3.24 -12.63 -0.74
N ALA A 65 3.08 -11.74 0.24
CA ALA A 65 3.74 -10.46 0.35
C ALA A 65 4.81 -10.62 1.43
N SER A 66 6.07 -10.81 1.04
CA SER A 66 7.16 -11.03 1.98
C SER A 66 8.09 -9.81 2.04
N GLY A 67 7.53 -8.69 2.51
CA GLY A 67 8.08 -7.34 2.34
C GLY A 67 8.57 -6.79 3.66
N PHE A 68 9.30 -5.67 3.64
CA PHE A 68 9.84 -5.05 4.85
C PHE A 68 8.86 -3.97 5.31
N SER A 69 8.47 -3.97 6.59
CA SER A 69 7.83 -2.81 7.22
C SER A 69 8.84 -2.19 8.20
N GLY A 70 8.47 -1.06 8.80
CA GLY A 70 9.34 -0.05 9.38
C GLY A 70 10.51 -0.55 10.23
N CYS A 71 10.36 -1.70 10.90
CA CYS A 71 11.49 -2.34 11.54
C CYS A 71 11.53 -3.83 11.31
N ASN A 72 10.40 -4.48 11.07
CA ASN A 72 10.36 -5.90 10.83
C ASN A 72 9.56 -6.09 9.56
N ARG A 73 10.07 -6.99 8.74
CA ARG A 73 9.40 -7.48 7.55
C ARG A 73 8.16 -8.27 7.94
N TYR A 74 7.52 -8.86 6.96
CA TYR A 74 6.35 -9.68 7.13
C TYR A 74 6.33 -10.73 6.05
N MET A 75 5.43 -11.70 6.22
CA MET A 75 5.01 -12.67 5.25
C MET A 75 3.59 -13.09 5.67
N GLY A 76 2.78 -13.54 4.71
CA GLY A 76 1.56 -14.26 5.00
C GLY A 76 1.09 -14.94 3.74
N SER A 77 -0.06 -14.50 3.22
CA SER A 77 -0.49 -14.63 1.83
C SER A 77 -1.26 -13.35 1.49
N TYR A 78 -1.57 -13.11 0.20
CA TYR A 78 -2.54 -12.10 -0.25
C TYR A 78 -3.68 -12.81 -1.00
N ALA A 79 -4.67 -12.08 -1.52
CA ALA A 79 -5.70 -12.64 -2.38
C ALA A 79 -6.47 -11.53 -3.12
N LEU A 80 -6.37 -11.53 -4.46
CA LEU A 80 -6.94 -10.48 -5.31
C LEU A 80 -8.45 -10.67 -5.39
N LYS A 81 -9.26 -9.76 -4.86
CA LYS A 81 -10.73 -9.78 -4.92
C LYS A 81 -11.23 -8.34 -4.94
N ASP A 82 -12.51 -8.09 -5.22
CA ASP A 82 -13.20 -6.80 -5.14
C ASP A 82 -12.49 -5.61 -5.78
N GLY A 83 -11.59 -5.83 -6.75
CA GLY A 83 -10.78 -4.77 -7.29
C GLY A 83 -9.78 -4.23 -6.28
N LYS A 84 -9.46 -4.99 -5.22
CA LYS A 84 -8.59 -4.64 -4.10
C LYS A 84 -7.52 -5.70 -3.88
N LEU A 85 -6.57 -5.37 -3.00
CA LEU A 85 -5.45 -6.21 -2.61
C LEU A 85 -5.68 -6.56 -1.14
N SER A 86 -6.20 -7.75 -0.86
CA SER A 86 -6.47 -8.20 0.50
C SER A 86 -5.32 -9.09 0.98
N PHE A 87 -5.16 -9.20 2.29
CA PHE A 87 -4.08 -9.92 2.95
C PHE A 87 -4.63 -11.01 3.86
N GLY A 88 -3.74 -11.80 4.46
CA GLY A 88 -4.02 -12.81 5.48
C GLY A 88 -3.46 -12.34 6.82
N THR A 89 -3.31 -13.26 7.78
CA THR A 89 -2.48 -13.03 8.95
C THR A 89 -1.08 -12.74 8.44
N LEU A 90 -0.59 -11.52 8.66
CA LEU A 90 0.75 -11.07 8.33
C LEU A 90 1.59 -11.02 9.60
N GLY A 91 2.91 -11.12 9.44
CA GLY A 91 3.88 -10.75 10.45
C GLY A 91 5.26 -11.24 10.04
N GLY A 92 6.34 -10.65 10.55
CA GLY A 92 7.69 -11.16 10.32
C GLY A 92 8.77 -10.52 11.18
N THR A 93 9.00 -11.17 12.30
CA THR A 93 9.88 -10.88 13.43
C THR A 93 9.49 -9.60 14.16
N ARG A 94 10.16 -9.27 15.26
CA ARG A 94 9.90 -8.13 16.12
C ARG A 94 11.23 -7.49 16.53
N MET A 95 12.05 -7.17 15.53
CA MET A 95 13.31 -6.45 15.70
C MET A 95 13.06 -5.06 16.30
N ALA A 96 14.11 -4.34 16.70
CA ALA A 96 14.03 -3.00 17.29
C ALA A 96 14.77 -1.98 16.42
N CYS A 97 14.10 -0.88 16.10
CA CYS A 97 14.58 0.25 15.33
C CYS A 97 14.15 1.50 16.07
N MET A 98 15.09 2.10 16.81
CA MET A 98 14.90 3.29 17.65
C MET A 98 14.67 4.58 16.83
N THR A 99 13.84 4.52 15.80
CA THR A 99 13.65 5.56 14.80
C THR A 99 12.14 5.85 14.69
N PRO A 100 11.72 6.99 14.13
CA PRO A 100 10.30 7.32 13.99
C PRO A 100 9.62 6.31 13.07
N GLY A 101 10.24 6.06 11.92
CA GLY A 101 9.79 5.08 10.95
C GLY A 101 10.08 3.65 11.39
N GLY A 102 10.73 3.45 12.55
CA GLY A 102 10.99 2.14 13.13
C GLY A 102 9.82 1.71 14.00
N GLN A 103 9.25 2.62 14.80
CA GLN A 103 8.15 2.27 15.70
C GLN A 103 6.78 2.33 15.02
N ILE A 104 6.67 2.98 13.85
CA ILE A 104 5.45 2.99 13.03
C ILE A 104 5.05 1.58 12.55
N GLU A 105 5.97 0.61 12.63
CA GLU A 105 5.75 -0.79 12.30
C GLU A 105 4.42 -1.26 12.89
N GLY A 106 4.17 -0.98 14.17
CA GLY A 106 2.94 -1.37 14.85
C GLY A 106 1.71 -0.92 14.07
N ALA A 107 1.67 0.34 13.64
CA ALA A 107 0.52 0.90 12.94
C ALA A 107 0.39 0.28 11.55
N TYR A 108 1.49 0.13 10.82
CA TYR A 108 1.45 -0.41 9.46
C TYR A 108 0.98 -1.87 9.49
N LEU A 109 1.49 -2.68 10.41
CA LEU A 109 1.01 -4.05 10.59
C LEU A 109 -0.45 -4.09 11.10
N ASN A 110 -1.00 -2.99 11.59
CA ASN A 110 -2.43 -2.83 11.92
C ASN A 110 -3.28 -2.24 10.79
N ALA A 111 -2.65 -1.79 9.72
CA ALA A 111 -3.31 -1.08 8.63
C ALA A 111 -3.79 -2.02 7.52
N LEU A 112 -3.04 -3.07 7.17
CA LEU A 112 -3.37 -3.95 6.05
C LEU A 112 -4.57 -4.87 6.38
N THR A 113 -5.06 -4.83 7.61
CA THR A 113 -6.31 -5.44 8.03
C THR A 113 -7.52 -4.60 7.59
N HIS A 114 -7.30 -3.39 7.08
CA HIS A 114 -8.32 -2.41 6.71
C HIS A 114 -8.14 -2.08 5.23
N ILE A 115 -8.47 -3.01 4.35
CA ILE A 115 -8.50 -2.76 2.91
C ILE A 115 -9.97 -2.72 2.53
N ASP A 116 -10.73 -1.74 3.01
CA ASP A 116 -12.09 -1.66 2.50
C ASP A 116 -12.09 -1.14 1.06
N ARG A 117 -11.28 -0.12 0.80
CA ARG A 117 -11.15 0.56 -0.48
C ARG A 117 -9.71 0.49 -0.98
N THR A 118 -9.51 0.94 -2.20
CA THR A 118 -8.27 0.74 -2.95
C THR A 118 -8.33 1.65 -4.19
N GLY A 119 -7.24 1.76 -4.95
CA GLY A 119 -7.20 2.44 -6.22
C GLY A 119 -5.78 2.49 -6.77
N VAL A 120 -5.45 1.65 -7.74
CA VAL A 120 -4.11 1.67 -8.36
C VAL A 120 -4.12 2.65 -9.53
N GLN A 121 -2.96 3.24 -9.82
CA GLN A 121 -2.75 4.20 -10.88
C GLN A 121 -1.88 3.50 -11.95
N MET A 122 -2.53 2.89 -12.95
CA MET A 122 -1.89 2.22 -14.07
C MET A 122 -1.71 3.21 -15.24
N ARG A 123 -1.07 4.32 -14.93
CA ARG A 123 -0.60 5.31 -15.88
C ARG A 123 0.81 5.64 -15.42
N ALA A 124 1.82 5.54 -16.28
CA ALA A 124 3.16 6.01 -15.96
C ALA A 124 3.08 7.53 -15.79
N PRO A 125 3.58 8.09 -14.68
CA PRO A 125 4.33 7.42 -13.62
C PRO A 125 3.45 6.59 -12.66
N GLN A 126 3.62 5.27 -12.66
CA GLN A 126 2.74 4.34 -11.96
C GLN A 126 2.97 4.38 -10.46
N GLN A 127 1.89 4.36 -9.67
CA GLN A 127 1.89 4.32 -8.21
C GLN A 127 0.65 3.52 -7.76
N MET A 128 0.63 3.04 -6.53
CA MET A 128 -0.54 2.41 -5.91
C MET A 128 -1.12 3.38 -4.90
N GLN A 129 -2.44 3.33 -4.73
CA GLN A 129 -3.08 3.88 -3.55
C GLN A 129 -4.03 2.82 -2.95
N LEU A 130 -3.96 2.62 -1.63
CA LEU A 130 -4.91 1.84 -0.84
C LEU A 130 -5.61 2.75 0.18
N VAL A 131 -6.87 2.46 0.52
CA VAL A 131 -7.68 3.35 1.35
C VAL A 131 -8.32 2.55 2.47
N LEU A 132 -8.07 2.96 3.72
CA LEU A 132 -8.65 2.29 4.88
C LEU A 132 -10.15 2.61 4.96
N ASP A 133 -10.86 1.87 5.80
CA ASP A 133 -12.28 2.09 6.11
C ASP A 133 -12.52 3.50 6.67
N ASN A 134 -11.46 4.14 7.20
CA ASN A 134 -11.46 5.48 7.79
C ASN A 134 -11.37 6.56 6.72
N GLY A 135 -10.84 6.22 5.54
CA GLY A 135 -10.51 7.17 4.49
C GLY A 135 -9.02 7.53 4.46
N ASP A 136 -8.21 6.99 5.37
CA ASP A 136 -6.74 7.07 5.36
C ASP A 136 -6.23 6.55 4.01
N THR A 137 -5.13 7.11 3.50
CA THR A 137 -4.73 6.99 2.10
C THR A 137 -3.22 6.69 2.04
N LEU A 138 -2.82 5.45 1.79
CA LEU A 138 -1.40 5.07 1.67
C LEU A 138 -0.99 5.14 0.20
N THR A 139 0.09 5.83 -0.14
CA THR A 139 0.63 5.93 -1.51
C THR A 139 1.93 5.11 -1.56
N PHE A 140 2.08 4.25 -2.57
CA PHE A 140 3.26 3.39 -2.75
C PHE A 140 3.85 3.56 -4.16
N ASP A 141 5.16 3.31 -4.33
CA ASP A 141 5.82 3.55 -5.61
C ASP A 141 5.64 2.32 -6.47
N ARG A 142 5.72 2.40 -7.80
CA ARG A 142 5.92 1.20 -8.61
C ARG A 142 7.42 0.95 -8.69
N SER A 143 7.97 0.09 -7.83
CA SER A 143 9.34 -0.33 -7.95
C SER A 143 9.34 -1.61 -8.78
N THR A 144 9.17 -1.46 -10.10
CA THR A 144 9.18 -2.58 -11.04
C THR A 144 10.59 -3.03 -11.45
N ARG A 145 11.64 -2.58 -10.74
CA ARG A 145 13.03 -2.79 -11.10
C ARG A 145 13.31 -2.26 -12.50
N ILE A 1 -36.68 11.66 -26.85
CA ILE A 1 -35.86 12.04 -25.68
C ILE A 1 -34.43 11.54 -25.95
N PRO A 2 -33.38 12.27 -25.54
CA PRO A 2 -32.01 11.78 -25.53
C PRO A 2 -31.82 10.68 -24.48
N LYS A 3 -30.59 10.22 -24.29
CA LYS A 3 -30.09 9.49 -23.12
C LYS A 3 -28.74 10.14 -22.78
N HIS A 4 -28.18 9.83 -21.61
CA HIS A 4 -27.03 10.50 -20.97
C HIS A 4 -27.27 12.03 -20.81
N PRO A 5 -26.50 12.76 -19.99
CA PRO A 5 -26.68 14.20 -19.88
C PRO A 5 -26.00 14.94 -21.04
N ASP A 6 -24.78 14.53 -21.31
CA ASP A 6 -23.87 14.92 -22.38
C ASP A 6 -22.82 13.80 -22.46
N SER A 7 -21.81 13.93 -23.32
CA SER A 7 -20.69 13.00 -23.46
C SER A 7 -20.00 12.80 -22.11
N GLU A 8 -19.73 11.54 -21.77
CA GLU A 8 -18.89 11.13 -20.65
C GLU A 8 -18.10 9.91 -21.12
N ALA A 9 -17.04 10.14 -21.91
CA ALA A 9 -16.19 9.09 -22.45
C ALA A 9 -14.86 9.68 -22.92
N VAL A 10 -13.96 10.05 -22.01
CA VAL A 10 -12.70 10.77 -22.33
C VAL A 10 -11.57 10.17 -21.51
N ALA A 11 -10.93 9.11 -22.02
CA ALA A 11 -9.92 8.29 -21.35
C ALA A 11 -10.45 7.62 -20.07
N PRO A 12 -9.75 6.62 -19.51
CA PRO A 12 -10.05 6.10 -18.19
C PRO A 12 -9.46 7.04 -17.14
N ASP A 13 -10.12 7.15 -15.99
CA ASP A 13 -9.63 7.92 -14.86
C ASP A 13 -8.66 7.07 -14.03
N PRO A 14 -7.76 7.71 -13.27
CA PRO A 14 -6.82 7.01 -12.42
C PRO A 14 -7.54 6.37 -11.22
N PHE A 15 -6.83 5.51 -10.52
CA PHE A 15 -7.22 4.88 -9.26
C PHE A 15 -8.41 3.93 -9.43
N ASN A 16 -8.51 3.24 -10.57
CA ASN A 16 -9.68 2.42 -10.88
C ASN A 16 -9.57 1.00 -10.28
N PRO A 17 -10.67 0.39 -9.82
CA PRO A 17 -10.66 -0.96 -9.26
C PRO A 17 -10.41 -2.02 -10.35
N ALA A 18 -10.71 -1.69 -11.60
CA ALA A 18 -10.56 -2.53 -12.78
C ALA A 18 -9.11 -2.90 -13.11
N ALA A 19 -8.13 -2.43 -12.34
CA ALA A 19 -6.71 -2.67 -12.53
C ALA A 19 -6.10 -3.49 -11.38
N THR A 20 -6.92 -3.94 -10.41
CA THR A 20 -6.41 -4.63 -9.24
C THR A 20 -5.98 -6.08 -9.59
N GLN A 21 -6.32 -6.63 -10.76
CA GLN A 21 -5.90 -7.99 -11.10
C GLN A 21 -4.38 -8.11 -11.31
N LEU A 22 -3.66 -6.98 -11.33
CA LEU A 22 -2.27 -6.91 -11.76
C LEU A 22 -1.29 -6.75 -10.58
N LEU A 23 -1.72 -7.12 -9.38
CA LEU A 23 -1.00 -6.98 -8.13
C LEU A 23 -0.57 -8.35 -7.63
N ASP A 24 0.27 -9.03 -8.41
CA ASP A 24 0.51 -10.46 -8.28
C ASP A 24 2.00 -10.80 -8.39
N ASP A 25 2.70 -10.17 -9.32
CA ASP A 25 4.11 -10.41 -9.59
C ASP A 25 4.88 -9.09 -9.78
N THR A 26 4.25 -8.01 -9.33
CA THR A 26 4.70 -6.61 -9.33
C THR A 26 5.27 -6.26 -7.94
N SER A 27 5.91 -5.10 -7.78
CA SER A 27 6.59 -4.70 -6.54
C SER A 27 6.61 -3.17 -6.43
N TRP A 28 6.57 -2.65 -5.20
CA TRP A 28 6.22 -1.27 -4.87
C TRP A 28 6.97 -0.81 -3.62
N VAL A 29 6.84 0.45 -3.22
CA VAL A 29 7.52 1.04 -2.05
C VAL A 29 6.57 2.09 -1.45
N LEU A 30 6.26 2.03 -0.16
CA LEU A 30 5.48 3.04 0.54
C LEU A 30 6.32 4.30 0.60
N SER A 31 5.74 5.45 0.27
CA SER A 31 6.43 6.74 0.40
C SER A 31 5.54 7.80 1.08
N ALA A 32 4.24 7.56 1.26
CA ALA A 32 3.32 8.56 1.79
C ALA A 32 2.15 7.85 2.48
N TRP A 33 1.69 8.39 3.62
CA TRP A 33 0.55 7.89 4.37
C TRP A 33 -0.29 9.10 4.77
N LYS A 34 -1.36 9.39 4.03
CA LYS A 34 -2.29 10.45 4.40
C LYS A 34 -3.25 9.88 5.41
N GLN A 35 -3.55 10.63 6.46
CA GLN A 35 -4.76 10.41 7.20
C GLN A 35 -5.94 10.77 6.31
N ALA A 36 -7.14 10.32 6.69
CA ALA A 36 -8.33 10.56 5.88
C ALA A 36 -8.60 12.06 5.74
N ASP A 37 -8.36 12.80 6.82
CA ASP A 37 -8.67 14.22 6.87
C ASP A 37 -7.61 15.03 6.10
N GLY A 38 -6.48 14.41 5.73
CA GLY A 38 -5.50 14.96 4.82
C GLY A 38 -4.12 15.15 5.43
N THR A 39 -3.92 14.90 6.72
CA THR A 39 -2.63 15.04 7.35
C THR A 39 -1.73 13.89 6.91
N ALA A 40 -0.75 14.18 6.06
CA ALA A 40 0.34 13.27 5.76
C ALA A 40 1.16 12.99 7.02
N ARG A 41 1.04 11.77 7.51
CA ARG A 41 1.82 11.22 8.61
C ARG A 41 3.30 11.20 8.25
N ALA A 42 4.15 11.24 9.27
CA ALA A 42 5.58 10.99 9.08
C ALA A 42 5.76 9.51 8.70
N VAL A 43 6.55 9.24 7.66
CA VAL A 43 6.88 7.90 7.20
C VAL A 43 8.37 7.83 6.83
N PRO A 44 8.98 6.63 6.85
CA PRO A 44 10.39 6.47 6.51
C PRO A 44 10.59 6.69 5.00
N SER A 45 11.22 7.81 4.65
CA SER A 45 11.62 8.11 3.28
C SER A 45 12.76 7.19 2.82
N ALA A 46 13.04 7.24 1.52
CA ALA A 46 14.20 6.61 0.88
C ALA A 46 15.52 7.29 1.24
N ASP A 47 15.49 8.42 1.92
CA ASP A 47 16.63 9.23 2.38
C ASP A 47 16.65 9.34 3.92
N GLN A 48 15.80 8.56 4.60
CA GLN A 48 15.81 8.44 6.06
C GLN A 48 16.55 7.18 6.52
N GLY A 49 16.90 6.27 5.62
CA GLY A 49 17.77 5.13 5.90
C GLY A 49 17.19 3.79 5.52
N ALA A 50 15.93 3.55 5.87
CA ALA A 50 15.23 2.28 5.78
C ALA A 50 13.79 2.52 5.27
N PRO A 51 13.59 2.70 3.94
CA PRO A 51 12.27 2.85 3.36
C PRO A 51 11.44 1.57 3.49
N ILE A 52 10.12 1.70 3.42
CA ILE A 52 9.18 0.58 3.50
C ILE A 52 8.94 0.05 2.09
N THR A 53 9.37 -1.18 1.79
CA THR A 53 9.36 -1.74 0.44
C THR A 53 8.46 -2.98 0.45
N LEU A 54 7.67 -3.21 -0.61
CA LEU A 54 6.73 -4.33 -0.73
C LEU A 54 7.02 -5.09 -2.02
N THR A 55 6.95 -6.41 -1.98
CA THR A 55 7.21 -7.32 -3.09
C THR A 55 6.09 -8.35 -3.12
N LEU A 56 5.46 -8.56 -4.28
CA LEU A 56 4.40 -9.53 -4.47
C LEU A 56 4.91 -10.51 -5.50
N SER A 57 4.95 -11.79 -5.15
CA SER A 57 5.42 -12.86 -6.01
C SER A 57 5.02 -14.18 -5.34
N THR A 58 5.76 -15.27 -5.60
CA THR A 58 5.54 -16.58 -4.99
C THR A 58 6.80 -17.10 -4.25
N SER A 59 7.47 -16.28 -3.42
CA SER A 59 8.74 -16.66 -2.78
C SER A 59 8.59 -17.91 -1.89
N THR A 60 7.57 -17.98 -1.04
CA THR A 60 7.28 -19.20 -0.26
C THR A 60 6.58 -20.28 -1.11
N GLY A 61 6.32 -20.04 -2.39
CA GLY A 61 5.64 -20.95 -3.30
C GLY A 61 4.14 -20.77 -3.31
N GLN A 62 3.56 -19.98 -2.39
CA GLN A 62 2.20 -19.47 -2.48
C GLN A 62 2.24 -18.00 -2.87
N ARG A 63 1.13 -17.44 -3.39
CA ARG A 63 0.98 -16.00 -3.64
C ARG A 63 1.02 -15.24 -2.31
N HIS A 64 2.20 -14.82 -1.90
CA HIS A 64 2.41 -14.11 -0.66
C HIS A 64 3.28 -12.90 -0.90
N ALA A 65 3.12 -11.93 -0.01
CA ALA A 65 3.93 -10.74 0.01
C ALA A 65 5.19 -11.05 0.81
N SER A 66 6.28 -10.44 0.41
CA SER A 66 7.39 -10.17 1.31
C SER A 66 7.70 -8.67 1.25
N GLY A 67 8.23 -8.13 2.34
CA GLY A 67 8.43 -6.70 2.42
C GLY A 67 9.04 -6.28 3.74
N PHE A 68 9.30 -4.99 3.88
CA PHE A 68 9.92 -4.38 5.03
C PHE A 68 9.00 -3.28 5.53
N SER A 69 8.31 -3.51 6.64
CA SER A 69 7.30 -2.62 7.22
C SER A 69 7.90 -1.53 8.13
N GLY A 70 9.22 -1.53 8.34
CA GLY A 70 9.86 -0.57 9.21
C GLY A 70 11.09 -1.19 9.84
N CYS A 71 10.91 -2.09 10.82
CA CYS A 71 12.05 -2.78 11.43
C CYS A 71 11.71 -4.17 11.96
N ASN A 72 10.57 -4.73 11.58
CA ASN A 72 10.24 -6.13 11.92
C ASN A 72 10.06 -7.00 10.69
N ARG A 73 10.09 -6.37 9.50
CA ARG A 73 9.59 -6.91 8.25
C ARG A 73 8.15 -7.39 8.38
N TYR A 74 7.62 -7.87 7.27
CA TYR A 74 6.37 -8.61 7.26
C TYR A 74 6.39 -9.55 6.07
N MET A 75 5.64 -10.65 6.19
CA MET A 75 5.34 -11.61 5.13
C MET A 75 3.92 -12.12 5.39
N GLY A 76 3.30 -12.70 4.37
CA GLY A 76 2.02 -13.39 4.49
C GLY A 76 1.26 -13.34 3.16
N SER A 77 0.26 -14.20 3.02
CA SER A 77 -0.44 -14.43 1.76
C SER A 77 -1.29 -13.23 1.36
N TYR A 78 -1.71 -13.17 0.10
CA TYR A 78 -2.66 -12.18 -0.40
C TYR A 78 -3.70 -12.80 -1.35
N ALA A 79 -4.70 -12.01 -1.72
CA ALA A 79 -5.78 -12.39 -2.63
C ALA A 79 -6.24 -11.13 -3.35
N LEU A 80 -6.73 -11.28 -4.59
CA LEU A 80 -7.18 -10.16 -5.40
C LEU A 80 -8.66 -10.32 -5.69
N LYS A 81 -9.48 -9.38 -5.23
CA LYS A 81 -10.93 -9.39 -5.37
C LYS A 81 -11.49 -8.00 -5.07
N ASP A 82 -12.76 -7.76 -5.38
CA ASP A 82 -13.52 -6.55 -5.05
C ASP A 82 -12.84 -5.20 -5.36
N GLY A 83 -11.89 -5.17 -6.29
CA GLY A 83 -11.14 -3.96 -6.58
C GLY A 83 -10.14 -3.60 -5.48
N LYS A 84 -9.83 -4.49 -4.53
CA LYS A 84 -8.96 -4.19 -3.39
C LYS A 84 -8.03 -5.35 -3.04
N LEU A 85 -6.80 -5.05 -2.69
CA LEU A 85 -5.75 -6.01 -2.32
C LEU A 85 -5.92 -6.40 -0.86
N SER A 86 -6.41 -7.60 -0.60
CA SER A 86 -6.56 -8.11 0.76
C SER A 86 -5.50 -9.18 1.02
N PHE A 87 -5.23 -9.41 2.29
CA PHE A 87 -4.10 -10.19 2.77
C PHE A 87 -4.57 -11.46 3.48
N GLY A 88 -3.71 -12.14 4.23
CA GLY A 88 -4.02 -13.38 4.93
C GLY A 88 -4.00 -13.16 6.44
N THR A 89 -2.81 -13.31 7.02
CA THR A 89 -2.54 -13.14 8.44
C THR A 89 -1.05 -12.78 8.55
N LEU A 90 -0.66 -11.59 8.11
CA LEU A 90 0.73 -11.22 8.04
C LEU A 90 1.40 -11.21 9.41
N GLY A 91 2.73 -11.20 9.41
CA GLY A 91 3.53 -10.97 10.59
C GLY A 91 5.01 -10.98 10.23
N GLY A 92 5.88 -10.77 11.21
CA GLY A 92 7.31 -10.56 11.02
C GLY A 92 8.14 -11.18 12.14
N THR A 93 9.36 -10.68 12.30
CA THR A 93 10.18 -10.95 13.49
C THR A 93 9.86 -9.87 14.54
N ARG A 94 10.46 -9.89 15.73
CA ARG A 94 10.28 -8.82 16.73
C ARG A 94 11.63 -8.30 17.20
N MET A 95 12.40 -7.81 16.25
CA MET A 95 13.54 -6.93 16.48
C MET A 95 13.06 -5.66 17.18
N ALA A 96 14.00 -4.89 17.73
CA ALA A 96 13.75 -3.52 18.18
C ALA A 96 14.48 -2.56 17.24
N CYS A 97 14.00 -1.34 17.12
CA CYS A 97 14.70 -0.26 16.45
C CYS A 97 14.62 1.01 17.28
N MET A 98 15.53 1.95 17.03
CA MET A 98 15.59 3.25 17.68
C MET A 98 15.27 4.37 16.68
N THR A 99 14.61 4.00 15.59
CA THR A 99 14.20 4.86 14.50
C THR A 99 12.74 5.28 14.73
N PRO A 100 12.23 6.30 14.04
CA PRO A 100 10.79 6.55 13.98
C PRO A 100 10.13 5.51 13.06
N GLY A 101 10.77 5.23 11.93
CA GLY A 101 10.27 4.34 10.91
C GLY A 101 10.43 2.87 11.26
N GLY A 102 10.86 2.52 12.48
CA GLY A 102 10.85 1.16 12.95
C GLY A 102 9.51 0.88 13.60
N GLN A 103 9.15 1.71 14.59
CA GLN A 103 7.95 1.53 15.40
C GLN A 103 6.67 1.56 14.57
N ILE A 104 6.69 2.25 13.43
CA ILE A 104 5.54 2.41 12.55
C ILE A 104 5.08 1.06 11.96
N GLU A 105 5.91 0.02 11.98
CA GLU A 105 5.51 -1.32 11.54
C GLU A 105 4.25 -1.76 12.26
N GLY A 106 4.16 -1.47 13.57
CA GLY A 106 3.03 -1.87 14.39
C GLY A 106 1.73 -1.21 13.94
N ALA A 107 1.80 -0.02 13.32
CA ALA A 107 0.65 0.62 12.68
C ALA A 107 0.44 0.02 11.29
N TYR A 108 1.51 -0.15 10.52
CA TYR A 108 1.45 -0.53 9.11
C TYR A 108 0.84 -1.92 8.95
N LEU A 109 1.27 -2.90 9.74
CA LEU A 109 0.67 -4.24 9.75
C LEU A 109 -0.83 -4.12 9.97
N ASN A 110 -1.21 -3.31 10.96
CA ASN A 110 -2.60 -3.14 11.35
C ASN A 110 -3.40 -2.46 10.25
N ALA A 111 -2.76 -1.57 9.48
CA ALA A 111 -3.37 -0.93 8.33
C ALA A 111 -3.69 -1.95 7.22
N LEU A 112 -2.95 -3.07 7.15
CA LEU A 112 -3.25 -4.14 6.19
C LEU A 112 -4.56 -4.87 6.51
N THR A 113 -5.14 -4.67 7.71
CA THR A 113 -6.38 -5.33 8.06
C THR A 113 -7.61 -4.49 7.69
N HIS A 114 -7.42 -3.26 7.18
CA HIS A 114 -8.49 -2.37 6.78
C HIS A 114 -8.33 -2.11 5.28
N ILE A 115 -8.62 -3.11 4.45
CA ILE A 115 -8.65 -2.93 3.00
C ILE A 115 -10.12 -2.97 2.60
N ASP A 116 -10.83 -1.85 2.72
CA ASP A 116 -12.15 -1.75 2.09
C ASP A 116 -12.08 -1.08 0.73
N ARG A 117 -11.11 -0.20 0.57
CA ARG A 117 -10.93 0.57 -0.65
C ARG A 117 -9.49 0.47 -1.12
N THR A 118 -9.26 0.90 -2.34
CA THR A 118 -8.00 0.87 -3.04
C THR A 118 -8.14 1.84 -4.22
N GLY A 119 -7.04 2.13 -4.88
CA GLY A 119 -6.95 2.75 -6.17
C GLY A 119 -5.66 2.21 -6.77
N VAL A 120 -5.69 1.98 -8.08
CA VAL A 120 -4.55 1.59 -8.88
C VAL A 120 -4.53 2.55 -10.06
N GLN A 121 -3.40 3.19 -10.31
CA GLN A 121 -3.26 4.21 -11.32
C GLN A 121 -2.47 3.62 -12.47
N MET A 122 -3.16 2.99 -13.43
CA MET A 122 -2.58 2.31 -14.60
C MET A 122 -2.12 3.33 -15.66
N ARG A 123 -1.35 4.30 -15.20
CA ARG A 123 -0.60 5.28 -15.96
C ARG A 123 0.82 5.14 -15.47
N ALA A 124 1.81 4.98 -16.33
CA ALA A 124 3.13 5.50 -16.07
C ALA A 124 3.00 7.01 -15.84
N PRO A 125 3.67 7.61 -14.83
CA PRO A 125 4.41 6.93 -13.78
C PRO A 125 3.47 6.26 -12.79
N GLN A 126 3.61 4.95 -12.63
CA GLN A 126 2.69 4.13 -11.86
C GLN A 126 2.90 4.32 -10.36
N GLN A 127 1.80 4.40 -9.64
CA GLN A 127 1.73 4.41 -8.17
C GLN A 127 0.45 3.68 -7.80
N MET A 128 0.39 3.09 -6.63
CA MET A 128 -0.79 2.42 -6.06
C MET A 128 -1.21 3.19 -4.82
N GLN A 129 -2.52 3.29 -4.52
CA GLN A 129 -3.01 3.98 -3.33
C GLN A 129 -4.05 3.14 -2.61
N LEU A 130 -3.66 2.50 -1.51
CA LEU A 130 -4.62 1.74 -0.70
C LEU A 130 -5.38 2.70 0.21
N VAL A 131 -6.65 2.38 0.53
CA VAL A 131 -7.52 3.24 1.32
C VAL A 131 -8.17 2.43 2.42
N LEU A 132 -8.08 2.89 3.67
CA LEU A 132 -8.73 2.23 4.79
C LEU A 132 -10.19 2.65 4.81
N ASP A 133 -11.04 1.83 5.43
CA ASP A 133 -12.48 2.07 5.60
C ASP A 133 -12.78 3.45 6.21
N ASN A 134 -11.91 3.89 7.11
CA ASN A 134 -12.05 5.13 7.87
C ASN A 134 -11.44 6.32 7.12
N GLY A 135 -10.77 6.05 5.99
CA GLY A 135 -10.53 7.00 4.90
C GLY A 135 -9.05 7.28 4.61
N ASP A 136 -8.14 6.72 5.41
CA ASP A 136 -6.69 6.91 5.30
C ASP A 136 -6.22 6.50 3.91
N THR A 137 -5.08 7.00 3.43
CA THR A 137 -4.60 6.81 2.07
C THR A 137 -3.09 6.57 2.07
N LEU A 138 -2.67 5.31 2.02
CA LEU A 138 -1.26 4.99 1.83
C LEU A 138 -0.97 5.03 0.33
N THR A 139 0.21 5.52 -0.05
CA THR A 139 0.62 5.79 -1.42
C THR A 139 1.96 5.09 -1.64
N PHE A 140 2.03 4.32 -2.73
CA PHE A 140 3.09 3.38 -2.99
C PHE A 140 3.62 3.62 -4.40
N ASP A 141 4.90 3.92 -4.52
CA ASP A 141 5.56 4.10 -5.80
C ASP A 141 5.78 2.73 -6.44
N ARG A 142 5.66 2.65 -7.76
CA ARG A 142 6.00 1.46 -8.51
C ARG A 142 7.52 1.30 -8.49
N SER A 143 8.02 0.12 -8.12
CA SER A 143 9.42 -0.22 -8.27
C SER A 143 9.53 -1.63 -8.84
N THR A 144 9.44 -1.74 -10.17
CA THR A 144 9.61 -2.98 -10.92
C THR A 144 11.10 -3.37 -11.09
N ARG A 145 11.98 -2.82 -10.25
CA ARG A 145 13.42 -2.81 -10.35
C ARG A 145 13.86 -2.08 -11.59
N ILE A 1 -32.30 5.00 6.85
CA ILE A 1 -31.47 5.93 6.06
C ILE A 1 -30.22 6.23 6.90
N PRO A 2 -29.03 6.36 6.30
CA PRO A 2 -27.78 6.55 7.03
C PRO A 2 -27.40 8.04 7.09
N LYS A 3 -28.05 8.79 7.98
CA LYS A 3 -27.81 10.22 8.22
C LYS A 3 -27.93 11.02 6.93
N HIS A 4 -29.19 11.26 6.53
CA HIS A 4 -29.56 11.83 5.24
C HIS A 4 -29.19 10.86 4.09
N PRO A 5 -29.70 11.08 2.86
CA PRO A 5 -29.65 10.07 1.80
C PRO A 5 -28.28 9.92 1.08
N ASP A 6 -27.31 10.78 1.40
CA ASP A 6 -26.05 11.00 0.68
C ASP A 6 -26.30 11.49 -0.75
N SER A 7 -26.79 12.74 -0.85
CA SER A 7 -27.14 13.48 -2.07
C SER A 7 -25.95 13.80 -3.00
N GLU A 8 -24.81 13.15 -2.81
CA GLU A 8 -23.55 13.49 -3.46
C GLU A 8 -23.25 12.41 -4.47
N ALA A 9 -24.00 12.44 -5.56
CA ALA A 9 -23.71 11.60 -6.71
C ALA A 9 -22.53 12.16 -7.51
N VAL A 10 -21.38 12.32 -6.88
CA VAL A 10 -20.10 12.74 -7.45
C VAL A 10 -19.08 11.72 -6.93
N ALA A 11 -18.19 11.22 -7.80
CA ALA A 11 -17.18 10.23 -7.42
C ALA A 11 -15.78 10.72 -7.79
N PRO A 12 -14.72 10.27 -7.09
CA PRO A 12 -13.34 10.62 -7.37
C PRO A 12 -12.83 9.93 -8.63
N ASP A 13 -11.59 10.23 -9.03
CA ASP A 13 -10.95 9.62 -10.19
C ASP A 13 -10.87 8.09 -10.02
N PRO A 14 -10.87 7.31 -11.12
CA PRO A 14 -10.68 5.88 -11.10
C PRO A 14 -9.20 5.51 -10.96
N PHE A 15 -8.98 4.25 -10.58
CA PHE A 15 -7.71 3.61 -10.26
C PHE A 15 -7.79 2.17 -10.79
N ASN A 16 -8.28 2.05 -12.03
CA ASN A 16 -8.19 0.88 -12.92
C ASN A 16 -8.44 -0.46 -12.22
N PRO A 17 -9.67 -0.85 -11.87
CA PRO A 17 -9.95 -2.09 -11.15
C PRO A 17 -9.51 -3.38 -11.87
N ALA A 18 -9.25 -3.34 -13.19
CA ALA A 18 -8.61 -4.41 -13.94
C ALA A 18 -7.10 -4.55 -13.67
N ALA A 19 -6.54 -3.74 -12.78
CA ALA A 19 -5.19 -3.81 -12.28
C ALA A 19 -5.02 -4.91 -11.25
N THR A 20 -6.07 -5.32 -10.52
CA THR A 20 -5.86 -6.04 -9.27
C THR A 20 -5.13 -7.38 -9.51
N GLN A 21 -5.31 -8.00 -10.67
CA GLN A 21 -4.64 -9.24 -11.06
C GLN A 21 -3.14 -9.06 -11.31
N LEU A 22 -2.69 -7.83 -11.57
CA LEU A 22 -1.27 -7.52 -11.79
C LEU A 22 -0.54 -7.37 -10.45
N LEU A 23 -1.25 -7.38 -9.32
CA LEU A 23 -0.65 -7.38 -7.98
C LEU A 23 -0.13 -8.79 -7.63
N ASP A 24 -0.21 -9.73 -8.57
CA ASP A 24 0.36 -11.07 -8.53
C ASP A 24 1.89 -11.06 -8.71
N ASP A 25 2.44 -9.98 -9.27
CA ASP A 25 3.79 -9.95 -9.81
C ASP A 25 4.25 -8.49 -9.88
N THR A 26 4.14 -7.71 -8.79
CA THR A 26 4.61 -6.32 -8.75
C THR A 26 4.96 -5.95 -7.31
N SER A 27 6.05 -5.22 -7.09
CA SER A 27 6.60 -5.08 -5.75
C SER A 27 5.95 -3.97 -4.91
N TRP A 28 6.10 -2.73 -5.35
CA TRP A 28 5.60 -1.46 -4.79
C TRP A 28 6.35 -0.95 -3.55
N VAL A 29 6.24 0.35 -3.20
CA VAL A 29 6.94 0.90 -2.02
C VAL A 29 6.24 2.04 -1.35
N LEU A 30 5.83 1.83 -0.11
CA LEU A 30 5.14 2.84 0.66
C LEU A 30 6.09 3.98 0.97
N SER A 31 5.66 5.22 0.80
CA SER A 31 6.47 6.38 1.18
C SER A 31 5.67 7.55 1.75
N ALA A 32 4.33 7.45 1.81
CA ALA A 32 3.52 8.47 2.49
C ALA A 32 2.20 7.89 2.97
N TRP A 33 1.67 8.46 4.05
CA TRP A 33 0.41 8.08 4.71
C TRP A 33 -0.27 9.38 5.09
N LYS A 34 -1.56 9.52 4.79
CA LYS A 34 -2.38 10.70 4.99
C LYS A 34 -3.57 10.27 5.83
N GLN A 35 -3.93 11.06 6.84
CA GLN A 35 -5.17 10.88 7.57
C GLN A 35 -6.33 11.44 6.76
N ALA A 36 -7.55 11.17 7.20
CA ALA A 36 -8.77 11.66 6.52
C ALA A 36 -8.98 13.16 6.72
N ASP A 37 -8.28 13.76 7.68
CA ASP A 37 -8.25 15.20 7.92
C ASP A 37 -7.17 15.88 7.06
N GLY A 38 -6.48 15.14 6.19
CA GLY A 38 -5.50 15.66 5.25
C GLY A 38 -4.08 15.70 5.83
N THR A 39 -3.97 15.41 7.12
CA THR A 39 -2.74 15.34 7.89
C THR A 39 -1.82 14.27 7.30
N ALA A 40 -0.77 14.67 6.60
CA ALA A 40 0.30 13.79 6.15
C ALA A 40 1.12 13.34 7.36
N ARG A 41 1.05 12.06 7.71
CA ARG A 41 1.82 11.46 8.79
C ARG A 41 3.30 11.47 8.46
N ALA A 42 4.13 11.44 9.51
CA ALA A 42 5.52 11.03 9.40
C ALA A 42 5.55 9.52 9.19
N VAL A 43 6.46 9.09 8.34
CA VAL A 43 6.82 7.71 8.01
C VAL A 43 8.35 7.72 7.81
N PRO A 44 9.06 6.57 7.78
CA PRO A 44 10.45 6.56 7.34
C PRO A 44 10.49 6.97 5.87
N SER A 45 11.27 8.00 5.55
CA SER A 45 11.57 8.38 4.19
C SER A 45 12.50 7.36 3.55
N ALA A 46 12.46 7.23 2.23
CA ALA A 46 13.37 6.36 1.50
C ALA A 46 14.81 6.81 1.69
N ASP A 47 15.04 8.11 1.65
CA ASP A 47 16.36 8.71 1.75
C ASP A 47 16.90 8.70 3.19
N GLN A 48 16.16 8.12 4.14
CA GLN A 48 16.66 7.84 5.47
C GLN A 48 17.41 6.50 5.51
N GLY A 49 17.20 5.59 4.55
CA GLY A 49 17.96 4.36 4.43
C GLY A 49 17.14 3.25 3.79
N ALA A 50 16.33 2.56 4.58
CA ALA A 50 15.64 1.34 4.18
C ALA A 50 14.12 1.54 4.31
N PRO A 51 13.45 2.10 3.28
CA PRO A 51 12.02 2.37 3.29
C PRO A 51 11.17 1.09 3.39
N ILE A 52 9.86 1.29 3.49
CA ILE A 52 8.86 0.24 3.60
C ILE A 52 8.48 -0.24 2.19
N THR A 53 9.37 -1.04 1.59
CA THR A 53 9.23 -1.54 0.22
C THR A 53 8.39 -2.83 0.38
N LEU A 54 7.30 -2.94 -0.38
CA LEU A 54 6.48 -4.15 -0.47
C LEU A 54 7.10 -5.03 -1.56
N THR A 55 6.85 -6.34 -1.52
CA THR A 55 7.20 -7.21 -2.63
C THR A 55 6.10 -8.26 -2.79
N LEU A 56 5.49 -8.34 -3.99
CA LEU A 56 4.46 -9.32 -4.32
C LEU A 56 5.00 -10.17 -5.46
N SER A 57 5.22 -11.46 -5.21
CA SER A 57 5.69 -12.46 -6.16
C SER A 57 5.44 -13.85 -5.54
N THR A 58 5.97 -14.94 -6.13
CA THR A 58 5.54 -16.30 -5.83
C THR A 58 6.69 -17.27 -5.51
N SER A 59 7.83 -16.79 -4.99
CA SER A 59 9.00 -17.62 -4.71
C SER A 59 8.67 -18.81 -3.80
N THR A 60 7.97 -18.60 -2.66
CA THR A 60 7.56 -19.69 -1.76
C THR A 60 6.45 -20.57 -2.37
N GLY A 61 6.04 -20.38 -3.63
CA GLY A 61 4.99 -21.14 -4.30
C GLY A 61 3.58 -20.64 -3.98
N GLN A 62 3.43 -19.67 -3.07
CA GLN A 62 2.14 -19.12 -2.70
C GLN A 62 2.02 -17.64 -3.08
N ARG A 63 0.80 -17.20 -3.32
CA ARG A 63 0.41 -15.79 -3.48
C ARG A 63 0.49 -15.06 -2.13
N HIS A 64 1.69 -14.76 -1.66
CA HIS A 64 1.90 -14.11 -0.38
C HIS A 64 2.85 -12.92 -0.55
N ALA A 65 2.65 -11.88 0.25
CA ALA A 65 3.51 -10.71 0.30
C ALA A 65 4.70 -11.03 1.18
N SER A 66 5.82 -10.34 0.97
CA SER A 66 6.88 -10.20 1.96
C SER A 66 7.72 -8.97 1.62
N GLY A 67 7.45 -7.84 2.29
CA GLY A 67 8.23 -6.61 2.18
C GLY A 67 9.18 -6.45 3.36
N PHE A 68 9.64 -5.23 3.65
CA PHE A 68 10.46 -4.83 4.79
C PHE A 68 9.67 -3.67 5.44
N SER A 69 9.28 -3.72 6.72
CA SER A 69 8.52 -2.66 7.41
C SER A 69 9.32 -2.06 8.56
N GLY A 70 9.91 -0.89 8.33
CA GLY A 70 10.60 -0.08 9.31
C GLY A 70 11.96 -0.65 9.66
N CYS A 71 11.96 -1.75 10.39
CA CYS A 71 13.14 -2.54 10.70
C CYS A 71 12.88 -4.04 10.53
N ASN A 72 11.66 -4.43 10.17
CA ASN A 72 11.15 -5.78 10.30
C ASN A 72 10.42 -6.11 9.02
N ARG A 73 11.02 -6.99 8.23
CA ARG A 73 10.27 -7.67 7.20
C ARG A 73 9.15 -8.51 7.80
N TYR A 74 8.20 -8.79 6.92
CA TYR A 74 6.92 -9.37 7.18
C TYR A 74 6.60 -10.36 6.09
N MET A 75 5.49 -11.07 6.24
CA MET A 75 4.97 -11.97 5.23
C MET A 75 3.48 -12.23 5.49
N GLY A 76 2.79 -12.80 4.50
CA GLY A 76 1.47 -13.40 4.66
C GLY A 76 0.68 -13.32 3.36
N SER A 77 -0.41 -14.08 3.25
CA SER A 77 -1.03 -14.35 1.95
C SER A 77 -1.78 -13.11 1.44
N TYR A 78 -2.19 -13.12 0.17
CA TYR A 78 -3.09 -12.12 -0.41
C TYR A 78 -4.18 -12.76 -1.27
N ALA A 79 -5.09 -11.92 -1.77
CA ALA A 79 -6.12 -12.25 -2.75
C ALA A 79 -6.41 -10.99 -3.57
N LEU A 80 -6.80 -11.17 -4.82
CA LEU A 80 -6.78 -10.14 -5.86
C LEU A 80 -8.16 -10.10 -6.52
N LYS A 81 -9.10 -9.46 -5.83
CA LYS A 81 -10.52 -9.47 -6.18
C LYS A 81 -11.15 -8.13 -5.80
N ASP A 82 -12.38 -7.87 -6.26
CA ASP A 82 -13.19 -6.74 -5.81
C ASP A 82 -12.49 -5.39 -6.01
N GLY A 83 -11.56 -5.34 -6.97
CA GLY A 83 -10.71 -4.23 -7.29
C GLY A 83 -9.50 -4.08 -6.35
N LYS A 84 -9.41 -4.82 -5.22
CA LYS A 84 -8.49 -4.50 -4.13
C LYS A 84 -7.53 -5.63 -3.82
N LEU A 85 -6.27 -5.25 -3.60
CA LEU A 85 -5.24 -6.12 -3.02
C LEU A 85 -5.66 -6.35 -1.57
N SER A 86 -6.14 -7.55 -1.27
CA SER A 86 -6.51 -7.97 0.07
C SER A 86 -5.39 -8.82 0.66
N PHE A 87 -5.40 -9.03 1.98
CA PHE A 87 -4.35 -9.74 2.70
C PHE A 87 -4.95 -10.70 3.72
N GLY A 88 -4.27 -11.82 3.96
CA GLY A 88 -4.55 -12.79 5.02
C GLY A 88 -3.83 -12.42 6.31
N THR A 89 -3.53 -13.39 7.17
CA THR A 89 -2.77 -13.20 8.40
C THR A 89 -1.34 -12.76 8.04
N LEU A 90 -1.09 -11.45 8.10
CA LEU A 90 0.24 -10.89 7.98
C LEU A 90 0.91 -10.91 9.36
N GLY A 91 2.22 -10.70 9.39
CA GLY A 91 3.02 -10.51 10.59
C GLY A 91 4.49 -10.61 10.21
N GLY A 92 5.41 -10.62 11.18
CA GLY A 92 6.83 -10.69 10.90
C GLY A 92 7.69 -10.81 12.17
N THR A 93 8.91 -10.29 12.10
CA THR A 93 9.87 -10.21 13.21
C THR A 93 9.64 -8.96 14.08
N ARG A 94 10.32 -8.86 15.23
CA ARG A 94 10.32 -7.68 16.11
C ARG A 94 11.73 -7.25 16.48
N MET A 95 12.53 -6.88 15.48
CA MET A 95 13.88 -6.36 15.67
C MET A 95 13.80 -4.87 16.02
N ALA A 96 14.74 -4.34 16.80
CA ALA A 96 14.75 -2.95 17.22
C ALA A 96 15.55 -2.09 16.23
N CYS A 97 15.08 -0.87 15.93
CA CYS A 97 15.82 0.11 15.14
C CYS A 97 16.16 1.39 15.89
N MET A 98 15.44 1.71 16.97
CA MET A 98 15.64 2.93 17.77
C MET A 98 15.26 4.20 17.00
N THR A 99 14.47 4.07 15.94
CA THR A 99 14.00 5.13 15.05
C THR A 99 12.46 5.21 15.04
N PRO A 100 11.87 6.38 14.72
CA PRO A 100 10.43 6.53 14.64
C PRO A 100 9.84 5.70 13.49
N GLY A 101 10.60 5.47 12.43
CA GLY A 101 10.19 4.65 11.30
C GLY A 101 10.29 3.16 11.59
N GLY A 102 10.89 2.74 12.70
CA GLY A 102 10.77 1.37 13.16
C GLY A 102 9.40 1.16 13.80
N GLN A 103 8.98 2.06 14.69
CA GLN A 103 7.82 1.86 15.56
C GLN A 103 6.49 1.87 14.81
N ILE A 104 6.43 2.53 13.65
CA ILE A 104 5.22 2.59 12.83
C ILE A 104 4.81 1.19 12.29
N GLU A 105 5.66 0.18 12.46
CA GLU A 105 5.41 -1.24 12.21
C GLU A 105 4.27 -1.79 13.10
N GLY A 106 3.88 -1.09 14.16
CA GLY A 106 2.69 -1.45 14.90
C GLY A 106 1.41 -0.89 14.28
N ALA A 107 1.48 0.25 13.60
CA ALA A 107 0.32 0.81 12.92
C ALA A 107 0.07 0.07 11.61
N TYR A 108 1.12 -0.16 10.81
CA TYR A 108 0.99 -0.51 9.40
C TYR A 108 0.22 -1.84 9.22
N LEU A 109 0.44 -2.81 10.11
CA LEU A 109 -0.19 -4.13 10.13
C LEU A 109 -1.66 -3.99 10.52
N ASN A 110 -1.94 -3.21 11.56
CA ASN A 110 -3.29 -2.94 12.04
C ASN A 110 -4.14 -2.16 11.03
N ALA A 111 -3.49 -1.59 10.03
CA ALA A 111 -4.13 -0.91 8.91
C ALA A 111 -4.31 -1.84 7.71
N LEU A 112 -3.45 -2.85 7.53
CA LEU A 112 -3.58 -3.80 6.41
C LEU A 112 -4.75 -4.76 6.56
N THR A 113 -5.42 -4.80 7.71
CA THR A 113 -6.66 -5.53 7.91
C THR A 113 -7.88 -4.77 7.37
N HIS A 114 -7.74 -3.49 6.98
CA HIS A 114 -8.83 -2.57 6.68
C HIS A 114 -8.69 -2.04 5.26
N ILE A 115 -8.92 -2.91 4.27
CA ILE A 115 -8.80 -2.55 2.87
C ILE A 115 -10.21 -2.36 2.30
N ASP A 116 -10.99 -1.50 2.95
CA ASP A 116 -12.33 -1.17 2.49
C ASP A 116 -12.30 -0.52 1.11
N ARG A 117 -11.21 0.19 0.79
CA ARG A 117 -11.00 0.92 -0.46
C ARG A 117 -9.57 0.77 -0.93
N THR A 118 -9.30 1.14 -2.18
CA THR A 118 -8.03 0.86 -2.85
C THR A 118 -7.89 1.83 -4.03
N GLY A 119 -6.66 1.99 -4.55
CA GLY A 119 -6.43 2.81 -5.71
C GLY A 119 -5.13 2.47 -6.44
N VAL A 120 -5.11 1.47 -7.31
CA VAL A 120 -3.96 1.20 -8.18
C VAL A 120 -4.10 1.94 -9.53
N GLN A 121 -3.44 3.10 -9.61
CA GLN A 121 -3.29 3.87 -10.83
C GLN A 121 -2.09 3.31 -11.61
N MET A 122 -2.32 2.46 -12.61
CA MET A 122 -1.31 1.84 -13.45
C MET A 122 -0.89 2.69 -14.66
N ARG A 123 -0.91 4.02 -14.60
CA ARG A 123 -0.81 4.90 -15.76
C ARG A 123 0.40 5.84 -15.61
N ALA A 124 1.56 5.40 -16.10
CA ALA A 124 2.89 5.95 -15.84
C ALA A 124 2.87 7.48 -15.73
N PRO A 125 3.29 8.08 -14.60
CA PRO A 125 3.81 7.43 -13.41
C PRO A 125 2.74 6.63 -12.67
N GLN A 126 3.02 5.35 -12.43
CA GLN A 126 2.13 4.43 -11.74
C GLN A 126 2.30 4.62 -10.23
N GLN A 127 1.24 4.49 -9.44
CA GLN A 127 1.33 4.34 -7.99
C GLN A 127 0.29 3.31 -7.54
N MET A 128 0.24 3.05 -6.25
CA MET A 128 -0.89 2.40 -5.63
C MET A 128 -1.25 3.18 -4.37
N GLN A 129 -2.53 3.21 -4.05
CA GLN A 129 -3.10 3.71 -2.83
C GLN A 129 -3.81 2.57 -2.14
N LEU A 130 -3.84 2.69 -0.82
CA LEU A 130 -4.82 2.08 0.05
C LEU A 130 -5.62 3.20 0.68
N VAL A 131 -6.87 2.92 1.05
CA VAL A 131 -7.73 3.83 1.79
C VAL A 131 -8.47 2.95 2.79
N LEU A 132 -8.27 3.23 4.07
CA LEU A 132 -8.95 2.48 5.13
C LEU A 132 -10.41 2.90 5.25
N ASP A 133 -11.14 2.17 6.09
CA ASP A 133 -12.39 2.60 6.72
C ASP A 133 -12.24 3.89 7.54
N ASN A 134 -11.02 4.28 7.91
CA ASN A 134 -10.71 5.50 8.63
C ASN A 134 -10.74 6.69 7.69
N GLY A 135 -10.97 6.45 6.39
CA GLY A 135 -11.00 7.48 5.37
C GLY A 135 -9.62 8.01 5.03
N ASP A 136 -8.57 7.27 5.41
CA ASP A 136 -7.18 7.68 5.22
C ASP A 136 -6.77 7.70 3.73
N THR A 137 -5.50 7.91 3.39
CA THR A 137 -4.94 7.53 2.10
C THR A 137 -3.46 7.19 2.30
N LEU A 138 -3.01 6.01 1.89
CA LEU A 138 -1.60 5.64 1.84
C LEU A 138 -1.14 5.66 0.39
N THR A 139 0.17 5.73 0.17
CA THR A 139 0.75 5.99 -1.15
C THR A 139 2.04 5.18 -1.35
N PHE A 140 2.06 4.38 -2.41
CA PHE A 140 3.10 3.40 -2.73
C PHE A 140 3.65 3.63 -4.14
N ASP A 141 4.95 3.42 -4.38
CA ASP A 141 5.47 3.54 -5.75
C ASP A 141 5.18 2.27 -6.49
N ARG A 142 5.28 2.25 -7.83
CA ARG A 142 5.50 1.00 -8.56
C ARG A 142 7.01 0.77 -8.63
N SER A 143 7.58 -0.05 -7.76
CA SER A 143 9.01 -0.37 -7.79
C SER A 143 9.18 -1.82 -8.24
N THR A 144 8.57 -2.19 -9.37
CA THR A 144 8.71 -3.53 -9.94
C THR A 144 10.07 -3.73 -10.64
N ARG A 145 10.98 -2.75 -10.51
CA ARG A 145 12.25 -2.73 -11.22
C ARG A 145 13.19 -3.76 -10.63
N ILE A 1 -14.33 27.36 -26.12
CA ILE A 1 -13.58 26.28 -26.78
C ILE A 1 -14.08 26.28 -28.24
N PRO A 2 -13.23 25.99 -29.25
CA PRO A 2 -13.69 25.76 -30.61
C PRO A 2 -14.47 24.44 -30.68
N LYS A 3 -14.96 24.08 -31.88
CA LYS A 3 -15.37 22.72 -32.15
C LYS A 3 -14.12 21.87 -32.35
N HIS A 4 -14.24 20.57 -32.13
CA HIS A 4 -13.25 19.54 -32.39
C HIS A 4 -13.99 18.44 -33.17
N PRO A 5 -13.30 17.49 -33.81
CA PRO A 5 -13.96 16.30 -34.35
C PRO A 5 -14.43 15.34 -33.23
N ASP A 6 -13.79 15.47 -32.08
CA ASP A 6 -13.64 14.48 -31.01
C ASP A 6 -12.98 13.19 -31.52
N SER A 7 -12.47 12.37 -30.60
CA SER A 7 -11.84 11.08 -30.85
C SER A 7 -11.71 10.33 -29.53
N GLU A 8 -11.28 9.06 -29.58
CA GLU A 8 -10.89 8.31 -28.38
C GLU A 8 -9.51 8.75 -27.85
N ALA A 9 -9.04 9.93 -28.24
CA ALA A 9 -7.67 10.41 -28.02
C ALA A 9 -7.47 10.98 -26.61
N VAL A 10 -8.08 10.33 -25.62
CA VAL A 10 -8.06 10.70 -24.22
C VAL A 10 -8.05 9.39 -23.41
N ALA A 11 -7.00 9.16 -22.62
CA ALA A 11 -6.94 8.03 -21.70
C ALA A 11 -7.99 8.17 -20.59
N PRO A 12 -8.40 7.08 -19.94
CA PRO A 12 -9.41 7.13 -18.87
C PRO A 12 -8.82 7.59 -17.54
N ASP A 13 -9.69 7.88 -16.58
CA ASP A 13 -9.37 8.39 -15.24
C ASP A 13 -8.53 7.37 -14.43
N PRO A 14 -7.82 7.83 -13.38
CA PRO A 14 -6.93 7.01 -12.57
C PRO A 14 -7.71 6.09 -11.64
N PHE A 15 -6.96 5.39 -10.78
CA PHE A 15 -7.42 4.65 -9.62
C PHE A 15 -8.61 3.70 -9.95
N ASN A 16 -8.33 2.58 -10.61
CA ASN A 16 -9.36 1.72 -11.23
C ASN A 16 -9.16 0.25 -10.86
N PRO A 17 -10.22 -0.55 -10.68
CA PRO A 17 -10.11 -1.97 -10.37
C PRO A 17 -9.66 -2.80 -11.58
N ALA A 18 -9.67 -2.21 -12.79
CA ALA A 18 -8.99 -2.76 -13.96
C ALA A 18 -7.46 -2.85 -13.78
N ALA A 19 -6.93 -2.39 -12.65
CA ALA A 19 -5.55 -2.50 -12.23
C ALA A 19 -5.45 -3.25 -10.88
N THR A 20 -6.44 -4.06 -10.49
CA THR A 20 -6.33 -4.97 -9.35
C THR A 20 -5.68 -6.33 -9.71
N GLN A 21 -6.25 -7.16 -10.58
CA GLN A 21 -5.93 -8.59 -10.64
C GLN A 21 -4.47 -8.93 -10.96
N LEU A 22 -3.77 -8.03 -11.67
CA LEU A 22 -2.36 -8.17 -12.08
C LEU A 22 -1.41 -7.92 -10.90
N LEU A 23 -1.93 -7.52 -9.74
CA LEU A 23 -1.14 -7.27 -8.52
C LEU A 23 -0.55 -8.59 -7.95
N ASP A 24 -0.48 -9.66 -8.73
CA ASP A 24 0.20 -10.91 -8.41
C ASP A 24 1.67 -10.89 -8.84
N ASP A 25 2.10 -9.91 -9.64
CA ASP A 25 3.50 -9.81 -10.11
C ASP A 25 4.16 -8.46 -9.86
N THR A 26 3.40 -7.43 -9.50
CA THR A 26 3.93 -6.07 -9.41
C THR A 26 4.65 -5.83 -8.05
N SER A 27 5.34 -4.71 -7.92
CA SER A 27 6.12 -4.32 -6.74
C SER A 27 5.98 -2.83 -6.61
N TRP A 28 6.02 -2.33 -5.38
CA TRP A 28 5.59 -1.01 -5.00
C TRP A 28 6.37 -0.58 -3.74
N VAL A 29 6.36 0.70 -3.38
CA VAL A 29 7.11 1.21 -2.22
C VAL A 29 6.23 2.29 -1.58
N LEU A 30 5.86 2.12 -0.30
CA LEU A 30 5.09 3.11 0.45
C LEU A 30 5.94 4.38 0.56
N SER A 31 5.36 5.54 0.28
CA SER A 31 6.12 6.78 0.31
C SER A 31 5.33 7.94 0.94
N ALA A 32 4.01 7.84 1.13
CA ALA A 32 3.24 8.75 1.97
C ALA A 32 2.09 8.00 2.62
N TRP A 33 1.57 8.55 3.71
CA TRP A 33 0.42 8.02 4.43
C TRP A 33 -0.40 9.21 4.89
N LYS A 34 -1.40 9.61 4.12
CA LYS A 34 -2.35 10.61 4.56
C LYS A 34 -3.25 9.98 5.60
N GLN A 35 -3.49 10.67 6.71
CA GLN A 35 -4.67 10.41 7.50
C GLN A 35 -5.89 10.78 6.67
N ALA A 36 -7.07 10.31 7.08
CA ALA A 36 -8.30 10.43 6.31
C ALA A 36 -8.65 11.89 6.03
N ASP A 37 -8.21 12.81 6.90
CA ASP A 37 -8.55 14.22 6.84
C ASP A 37 -7.52 15.04 6.05
N GLY A 38 -6.31 14.51 5.83
CA GLY A 38 -5.29 15.17 5.03
C GLY A 38 -3.94 15.33 5.71
N THR A 39 -3.81 14.99 7.00
CA THR A 39 -2.54 15.02 7.71
C THR A 39 -1.64 13.92 7.17
N ALA A 40 -0.64 14.25 6.36
CA ALA A 40 0.38 13.28 5.97
C ALA A 40 1.21 12.92 7.22
N ARG A 41 1.25 11.63 7.55
CA ARG A 41 2.07 11.07 8.63
C ARG A 41 3.52 10.99 8.19
N ALA A 42 4.42 11.03 9.17
CA ALA A 42 5.83 10.73 9.00
C ALA A 42 6.02 9.25 8.69
N VAL A 43 6.69 8.95 7.58
CA VAL A 43 7.11 7.62 7.16
C VAL A 43 8.61 7.68 6.78
N PRO A 44 9.37 6.57 6.83
CA PRO A 44 10.80 6.58 6.52
C PRO A 44 11.02 6.70 5.00
N SER A 45 11.71 7.73 4.55
CA SER A 45 12.27 7.79 3.22
C SER A 45 13.38 6.74 3.00
N ALA A 46 13.78 6.54 1.75
CA ALA A 46 14.97 5.78 1.41
C ALA A 46 16.22 6.34 2.09
N ASP A 47 16.30 7.65 2.32
CA ASP A 47 17.44 8.26 2.99
C ASP A 47 17.34 8.19 4.52
N GLN A 48 16.16 7.87 5.06
CA GLN A 48 15.95 7.73 6.50
C GLN A 48 16.54 6.43 7.06
N GLY A 49 16.82 5.46 6.20
CA GLY A 49 17.68 4.33 6.50
C GLY A 49 17.05 2.98 6.22
N ALA A 50 15.72 2.89 6.17
CA ALA A 50 15.02 1.65 5.90
C ALA A 50 13.62 1.93 5.31
N PRO A 51 13.50 2.13 3.99
CA PRO A 51 12.21 2.38 3.36
C PRO A 51 11.31 1.13 3.39
N ILE A 52 10.01 1.38 3.36
CA ILE A 52 8.92 0.41 3.39
C ILE A 52 8.64 -0.04 1.95
N THR A 53 9.09 -1.24 1.59
CA THR A 53 9.20 -1.71 0.20
C THR A 53 8.42 -3.02 0.05
N LEU A 54 7.64 -3.16 -1.02
CA LEU A 54 6.63 -4.20 -1.23
C LEU A 54 6.86 -4.87 -2.59
N THR A 55 6.78 -6.19 -2.65
CA THR A 55 7.14 -7.01 -3.80
C THR A 55 6.18 -8.20 -3.78
N LEU A 56 5.31 -8.33 -4.78
CA LEU A 56 4.30 -9.37 -4.76
C LEU A 56 4.73 -10.44 -5.73
N SER A 57 5.06 -11.61 -5.19
CA SER A 57 5.56 -12.73 -5.97
C SER A 57 5.39 -14.02 -5.16
N THR A 58 5.89 -15.15 -5.67
CA THR A 58 5.74 -16.47 -5.06
C THR A 58 6.93 -16.82 -4.15
N SER A 59 7.54 -15.87 -3.44
CA SER A 59 8.88 -16.02 -2.87
C SER A 59 9.08 -17.31 -2.06
N THR A 60 8.25 -17.60 -1.04
CA THR A 60 8.32 -18.82 -0.24
C THR A 60 7.38 -19.90 -0.80
N GLY A 61 6.78 -19.67 -1.98
CA GLY A 61 6.10 -20.67 -2.79
C GLY A 61 4.68 -20.31 -3.19
N GLN A 62 4.01 -19.44 -2.44
CA GLN A 62 2.67 -18.95 -2.62
C GLN A 62 2.70 -17.44 -2.76
N ARG A 63 1.57 -16.90 -3.21
CA ARG A 63 1.40 -15.49 -3.46
C ARG A 63 1.44 -14.72 -2.14
N HIS A 64 2.59 -14.15 -1.78
CA HIS A 64 2.72 -13.35 -0.60
C HIS A 64 3.61 -12.14 -0.80
N ALA A 65 3.56 -11.30 0.22
CA ALA A 65 4.21 -10.01 0.33
C ALA A 65 5.34 -10.17 1.35
N SER A 66 6.44 -10.82 0.94
CA SER A 66 7.64 -10.92 1.78
C SER A 66 8.38 -9.59 1.66
N GLY A 67 8.01 -8.63 2.50
CA GLY A 67 8.37 -7.24 2.32
C GLY A 67 8.99 -6.67 3.57
N PHE A 68 9.36 -5.39 3.49
CA PHE A 68 9.92 -4.69 4.63
C PHE A 68 9.02 -3.52 4.98
N SER A 69 8.87 -3.34 6.28
CA SER A 69 7.97 -2.45 6.96
C SER A 69 8.74 -1.98 8.18
N GLY A 70 8.69 -0.68 8.45
CA GLY A 70 9.32 0.02 9.56
C GLY A 70 10.76 -0.42 9.79
N CYS A 71 10.95 -1.42 10.65
CA CYS A 71 12.18 -2.20 10.71
C CYS A 71 11.92 -3.60 11.25
N ASN A 72 10.75 -4.14 10.96
CA ASN A 72 10.29 -5.43 11.48
C ASN A 72 9.89 -6.43 10.41
N ARG A 73 9.85 -5.99 9.14
CA ARG A 73 9.41 -6.69 7.94
C ARG A 73 8.10 -7.46 8.14
N TYR A 74 7.66 -8.06 7.05
CA TYR A 74 6.40 -8.79 7.01
C TYR A 74 6.42 -9.85 5.92
N MET A 75 5.55 -10.84 6.06
CA MET A 75 5.29 -11.89 5.09
C MET A 75 3.96 -12.55 5.44
N GLY A 76 3.32 -13.24 4.48
CA GLY A 76 2.25 -14.19 4.78
C GLY A 76 1.55 -14.68 3.52
N SER A 77 0.53 -13.95 3.05
CA SER A 77 -0.29 -14.26 1.90
C SER A 77 -1.06 -13.01 1.45
N TYR A 78 -1.57 -13.01 0.22
CA TYR A 78 -2.58 -12.06 -0.26
C TYR A 78 -3.56 -12.74 -1.22
N ALA A 79 -4.62 -12.01 -1.58
CA ALA A 79 -5.61 -12.37 -2.59
C ALA A 79 -6.14 -11.09 -3.24
N LEU A 80 -6.40 -11.11 -4.55
CA LEU A 80 -6.98 -9.99 -5.28
C LEU A 80 -8.46 -10.25 -5.54
N LYS A 81 -9.30 -9.76 -4.64
CA LYS A 81 -10.76 -9.87 -4.65
C LYS A 81 -11.37 -8.47 -4.59
N ASP A 82 -12.69 -8.30 -4.65
CA ASP A 82 -13.43 -7.06 -4.50
C ASP A 82 -12.98 -5.89 -5.40
N GLY A 83 -12.17 -6.13 -6.43
CA GLY A 83 -11.43 -5.08 -7.12
C GLY A 83 -10.55 -4.28 -6.14
N LYS A 84 -9.96 -4.95 -5.14
CA LYS A 84 -8.98 -4.41 -4.18
C LYS A 84 -7.91 -5.44 -3.82
N LEU A 85 -6.95 -5.02 -3.00
CA LEU A 85 -5.93 -5.89 -2.40
C LEU A 85 -6.51 -6.46 -1.10
N SER A 86 -6.29 -7.73 -0.77
CA SER A 86 -6.46 -8.21 0.60
C SER A 86 -5.26 -9.03 1.02
N PHE A 87 -4.92 -9.00 2.31
CA PHE A 87 -3.83 -9.75 2.90
C PHE A 87 -4.37 -10.82 3.85
N GLY A 88 -3.58 -11.86 4.11
CA GLY A 88 -3.92 -12.95 5.01
C GLY A 88 -3.51 -12.65 6.45
N THR A 89 -3.25 -13.70 7.23
CA THR A 89 -2.67 -13.67 8.57
C THR A 89 -1.21 -13.20 8.46
N LEU A 90 -0.97 -11.89 8.48
CA LEU A 90 0.35 -11.30 8.30
C LEU A 90 1.18 -11.37 9.59
N GLY A 91 2.45 -10.98 9.49
CA GLY A 91 3.34 -10.78 10.62
C GLY A 91 4.79 -10.84 10.17
N GLY A 92 5.72 -10.66 11.10
CA GLY A 92 7.15 -10.51 10.84
C GLY A 92 7.97 -11.00 12.02
N THR A 93 8.59 -10.07 12.73
CA THR A 93 9.39 -10.31 13.93
C THR A 93 9.40 -9.01 14.75
N ARG A 94 9.70 -9.10 16.04
CA ARG A 94 9.66 -7.99 17.01
C ARG A 94 11.07 -7.49 17.30
N MET A 95 11.91 -7.43 16.27
CA MET A 95 13.27 -6.91 16.35
C MET A 95 13.23 -5.43 16.79
N ALA A 96 14.36 -4.89 17.26
CA ALA A 96 14.49 -3.49 17.61
C ALA A 96 15.33 -2.80 16.56
N CYS A 97 14.98 -1.55 16.25
CA CYS A 97 15.68 -0.68 15.34
C CYS A 97 16.07 0.65 15.96
N MET A 98 15.47 0.99 17.11
CA MET A 98 15.61 2.25 17.81
C MET A 98 15.50 3.46 16.86
N THR A 99 14.50 3.43 15.97
CA THR A 99 14.17 4.51 15.03
C THR A 99 12.66 4.78 15.06
N PRO A 100 12.19 5.97 14.66
CA PRO A 100 10.77 6.23 14.54
C PRO A 100 10.14 5.49 13.36
N GLY A 101 10.91 5.18 12.31
CA GLY A 101 10.44 4.29 11.26
C GLY A 101 10.22 2.90 11.84
N GLY A 102 11.04 2.43 12.79
CA GLY A 102 11.00 1.04 13.24
C GLY A 102 9.66 0.65 13.85
N GLN A 103 9.01 1.56 14.57
CA GLN A 103 7.79 1.25 15.29
C GLN A 103 6.53 1.39 14.42
N ILE A 104 6.63 2.02 13.24
CA ILE A 104 5.47 2.21 12.38
C ILE A 104 4.96 0.88 11.82
N GLU A 105 5.73 -0.21 11.99
CA GLU A 105 5.27 -1.58 11.75
C GLU A 105 3.89 -1.79 12.37
N GLY A 106 3.74 -1.44 13.65
CA GLY A 106 2.53 -1.71 14.39
C GLY A 106 1.32 -1.06 13.74
N ALA A 107 1.49 0.16 13.22
CA ALA A 107 0.47 0.87 12.48
C ALA A 107 0.23 0.20 11.12
N TYR A 108 1.30 -0.13 10.40
CA TYR A 108 1.23 -0.61 9.03
C TYR A 108 0.48 -1.94 8.95
N LEU A 109 0.76 -2.90 9.84
CA LEU A 109 -0.02 -4.12 9.88
C LEU A 109 -1.49 -3.80 10.25
N ASN A 110 -1.73 -2.82 11.12
CA ASN A 110 -3.08 -2.33 11.49
C ASN A 110 -3.82 -1.67 10.33
N ALA A 111 -3.09 -1.29 9.28
CA ALA A 111 -3.63 -0.68 8.07
C ALA A 111 -3.86 -1.74 7.00
N LEU A 112 -3.02 -2.77 6.96
CA LEU A 112 -3.12 -3.92 6.07
C LEU A 112 -4.41 -4.75 6.32
N THR A 113 -5.00 -4.63 7.51
CA THR A 113 -6.25 -5.29 7.90
C THR A 113 -7.49 -4.56 7.41
N HIS A 114 -7.35 -3.34 6.86
CA HIS A 114 -8.47 -2.51 6.45
C HIS A 114 -8.15 -1.96 5.06
N ILE A 115 -8.09 -2.83 4.06
CA ILE A 115 -8.16 -2.39 2.68
C ILE A 115 -9.65 -2.42 2.37
N ASP A 116 -10.42 -1.50 2.96
CA ASP A 116 -11.86 -1.48 2.66
C ASP A 116 -12.06 -0.93 1.26
N ARG A 117 -11.35 0.16 0.95
CA ARG A 117 -11.38 0.88 -0.33
C ARG A 117 -9.98 0.93 -0.92
N THR A 118 -9.85 1.32 -2.19
CA THR A 118 -8.59 1.14 -2.90
C THR A 118 -8.61 2.04 -4.16
N GLY A 119 -7.47 2.17 -4.85
CA GLY A 119 -7.37 2.89 -6.10
C GLY A 119 -5.95 2.79 -6.66
N VAL A 120 -5.73 1.97 -7.67
CA VAL A 120 -4.40 1.80 -8.28
C VAL A 120 -4.42 2.35 -9.70
N GLN A 121 -3.31 2.98 -10.09
CA GLN A 121 -3.13 3.72 -11.31
C GLN A 121 -1.99 3.05 -12.08
N MET A 122 -2.28 1.93 -12.75
CA MET A 122 -1.34 1.29 -13.66
C MET A 122 -1.29 2.09 -14.97
N ARG A 123 -0.84 3.34 -14.92
CA ARG A 123 -0.68 4.19 -16.08
C ARG A 123 0.50 5.10 -15.79
N ALA A 124 1.68 4.86 -16.39
CA ALA A 124 2.88 5.63 -16.14
C ALA A 124 2.57 7.12 -16.15
N PRO A 125 2.91 7.89 -15.11
CA PRO A 125 3.64 7.46 -13.92
C PRO A 125 2.79 6.60 -13.01
N GLN A 126 3.26 5.38 -12.70
CA GLN A 126 2.47 4.45 -11.91
C GLN A 126 2.54 4.82 -10.43
N GLN A 127 1.40 4.82 -9.77
CA GLN A 127 1.29 4.79 -8.32
C GLN A 127 0.12 3.87 -7.98
N MET A 128 0.08 3.44 -6.73
CA MET A 128 -1.00 2.68 -6.13
C MET A 128 -1.39 3.42 -4.86
N GLN A 129 -2.66 3.39 -4.48
CA GLN A 129 -3.18 4.19 -3.39
C GLN A 129 -4.27 3.39 -2.68
N LEU A 130 -4.19 3.24 -1.36
CA LEU A 130 -5.17 2.46 -0.59
C LEU A 130 -5.94 3.40 0.34
N VAL A 131 -7.18 3.06 0.65
CA VAL A 131 -8.06 3.86 1.49
C VAL A 131 -8.58 2.96 2.60
N LEU A 132 -8.24 3.31 3.85
CA LEU A 132 -8.67 2.54 5.00
C LEU A 132 -10.18 2.65 5.20
N ASP A 133 -10.70 1.81 6.08
CA ASP A 133 -12.08 1.84 6.57
C ASP A 133 -12.47 3.22 7.12
N ASN A 134 -11.52 3.94 7.73
CA ASN A 134 -11.71 5.31 8.19
C ASN A 134 -11.50 6.34 7.07
N GLY A 135 -10.67 6.02 6.07
CA GLY A 135 -10.38 6.88 4.93
C GLY A 135 -8.89 7.22 4.74
N ASP A 136 -8.00 6.81 5.65
CA ASP A 136 -6.55 7.08 5.58
C ASP A 136 -6.03 6.64 4.22
N THR A 137 -5.34 7.54 3.51
CA THR A 137 -4.94 7.38 2.12
C THR A 137 -3.44 7.06 2.07
N LEU A 138 -3.04 5.80 1.94
CA LEU A 138 -1.64 5.42 1.76
C LEU A 138 -1.27 5.56 0.29
N THR A 139 -0.06 6.02 -0.03
CA THR A 139 0.42 6.21 -1.40
C THR A 139 1.71 5.41 -1.61
N PHE A 140 1.76 4.67 -2.73
CA PHE A 140 2.84 3.77 -3.09
C PHE A 140 3.29 4.08 -4.53
N ASP A 141 4.60 4.18 -4.77
CA ASP A 141 5.17 4.21 -6.13
C ASP A 141 5.34 2.77 -6.63
N ARG A 142 5.43 2.53 -7.94
CA ARG A 142 5.73 1.20 -8.50
C ARG A 142 7.24 1.04 -8.50
N SER A 143 7.76 -0.11 -8.06
CA SER A 143 9.19 -0.41 -8.14
C SER A 143 9.36 -1.62 -9.04
N THR A 144 9.02 -1.46 -10.31
CA THR A 144 9.06 -2.56 -11.28
C THR A 144 10.47 -2.94 -11.73
N ARG A 145 11.48 -2.24 -11.22
CA ARG A 145 12.85 -2.30 -11.72
C ARG A 145 12.92 -2.03 -13.23
N ILE A 1 -30.25 19.52 -21.20
CA ILE A 1 -28.98 19.25 -21.89
C ILE A 1 -28.56 20.53 -22.61
N PRO A 2 -27.86 21.46 -21.94
CA PRO A 2 -26.97 22.35 -22.68
C PRO A 2 -25.86 21.50 -23.34
N LYS A 3 -25.03 22.12 -24.18
CA LYS A 3 -23.78 21.53 -24.64
C LYS A 3 -22.65 22.37 -24.05
N HIS A 4 -21.42 21.86 -24.10
CA HIS A 4 -20.23 22.66 -23.82
C HIS A 4 -20.10 23.80 -24.85
N PRO A 5 -19.31 24.85 -24.53
CA PRO A 5 -18.94 25.89 -25.49
C PRO A 5 -17.80 25.46 -26.43
N ASP A 6 -17.22 24.28 -26.21
CA ASP A 6 -16.14 23.65 -26.97
C ASP A 6 -16.48 22.15 -27.00
N SER A 7 -15.52 21.26 -27.25
CA SER A 7 -15.71 19.83 -27.25
C SER A 7 -16.09 19.32 -25.85
N GLU A 8 -16.63 18.11 -25.82
CA GLU A 8 -17.12 17.43 -24.62
C GLU A 8 -16.20 16.26 -24.23
N ALA A 9 -14.99 16.25 -24.80
CA ALA A 9 -14.02 15.17 -24.74
C ALA A 9 -13.24 15.23 -23.41
N VAL A 10 -13.93 14.90 -22.33
CA VAL A 10 -13.42 14.83 -20.97
C VAL A 10 -13.23 13.35 -20.65
N ALA A 11 -11.98 12.94 -20.44
CA ALA A 11 -11.65 11.58 -20.06
C ALA A 11 -12.22 11.27 -18.66
N PRO A 12 -12.54 10.00 -18.37
CA PRO A 12 -13.16 9.60 -17.12
C PRO A 12 -12.14 9.46 -15.97
N ASP A 13 -12.64 9.10 -14.79
CA ASP A 13 -11.89 9.06 -13.54
C ASP A 13 -10.63 8.19 -13.63
N PRO A 14 -9.54 8.56 -12.92
CA PRO A 14 -8.32 7.76 -12.84
C PRO A 14 -8.49 6.53 -11.92
N PHE A 15 -7.43 5.72 -11.80
CA PHE A 15 -7.44 4.37 -11.25
C PHE A 15 -8.40 3.48 -12.04
N ASN A 16 -8.37 2.18 -11.77
CA ASN A 16 -9.42 1.24 -12.21
C ASN A 16 -9.26 -0.08 -11.46
N PRO A 17 -10.34 -0.83 -11.16
CA PRO A 17 -10.23 -2.15 -10.56
C PRO A 17 -9.51 -3.12 -11.50
N ALA A 18 -9.56 -2.88 -12.81
CA ALA A 18 -8.85 -3.67 -13.81
C ALA A 18 -7.33 -3.48 -13.77
N ALA A 19 -6.77 -2.73 -12.83
CA ALA A 19 -5.34 -2.78 -12.56
C ALA A 19 -5.03 -3.67 -11.35
N THR A 20 -6.03 -4.03 -10.54
CA THR A 20 -5.76 -4.73 -9.28
C THR A 20 -5.57 -6.24 -9.47
N GLN A 21 -6.05 -6.84 -10.57
CA GLN A 21 -5.81 -8.26 -10.80
C GLN A 21 -4.35 -8.60 -11.08
N LEU A 22 -3.47 -7.60 -11.23
CA LEU A 22 -2.06 -7.79 -11.55
C LEU A 22 -1.23 -7.69 -10.27
N LEU A 23 -1.88 -7.76 -9.11
CA LEU A 23 -1.21 -7.73 -7.80
C LEU A 23 -0.69 -9.14 -7.44
N ASP A 24 -0.31 -9.95 -8.44
CA ASP A 24 0.32 -11.26 -8.22
C ASP A 24 1.82 -11.08 -8.02
N ASP A 25 2.49 -10.43 -8.98
CA ASP A 25 3.95 -10.27 -9.08
C ASP A 25 4.40 -8.81 -9.02
N THR A 26 3.50 -7.84 -8.84
CA THR A 26 3.90 -6.44 -8.83
C THR A 26 4.52 -6.04 -7.48
N SER A 27 5.33 -5.00 -7.50
CA SER A 27 6.06 -4.51 -6.35
C SER A 27 5.93 -3.00 -6.29
N TRP A 28 6.06 -2.47 -5.09
CA TRP A 28 5.67 -1.12 -4.75
C TRP A 28 6.55 -0.67 -3.59
N VAL A 29 6.64 0.62 -3.32
CA VAL A 29 7.44 1.18 -2.23
C VAL A 29 6.65 2.38 -1.72
N LEU A 30 6.50 2.49 -0.42
CA LEU A 30 5.65 3.52 0.18
C LEU A 30 6.41 4.84 0.25
N SER A 31 5.68 5.96 0.18
CA SER A 31 6.28 7.27 0.20
C SER A 31 5.51 8.28 1.06
N ALA A 32 4.20 8.08 1.31
CA ALA A 32 3.44 8.91 2.25
C ALA A 32 2.30 8.11 2.86
N TRP A 33 1.79 8.59 4.00
CA TRP A 33 0.58 8.12 4.65
C TRP A 33 -0.17 9.35 5.17
N LYS A 34 -1.49 9.38 5.04
CA LYS A 34 -2.37 10.43 5.52
C LYS A 34 -3.41 9.84 6.44
N GLN A 35 -3.69 10.48 7.57
CA GLN A 35 -4.87 10.25 8.37
C GLN A 35 -6.10 10.76 7.62
N ALA A 36 -7.29 10.29 8.02
CA ALA A 36 -8.55 10.79 7.52
C ALA A 36 -8.73 12.28 7.81
N ASP A 37 -8.23 12.77 8.96
CA ASP A 37 -8.33 14.19 9.32
C ASP A 37 -7.31 15.04 8.57
N GLY A 38 -6.46 14.42 7.77
CA GLY A 38 -5.53 15.06 6.88
C GLY A 38 -4.14 15.20 7.49
N THR A 39 -3.94 14.78 8.74
CA THR A 39 -2.63 14.67 9.34
C THR A 39 -1.82 13.68 8.51
N ALA A 40 -0.91 14.17 7.68
CA ALA A 40 0.10 13.33 7.09
C ALA A 40 0.92 12.70 8.21
N ARG A 41 1.14 11.40 8.12
CA ARG A 41 2.05 10.69 9.00
C ARG A 41 3.44 10.80 8.39
N ALA A 42 4.44 10.83 9.27
CA ALA A 42 5.80 10.53 8.87
C ALA A 42 5.88 9.06 8.51
N VAL A 43 6.69 8.75 7.51
CA VAL A 43 7.08 7.41 7.11
C VAL A 43 8.56 7.48 6.69
N PRO A 44 9.33 6.39 6.81
CA PRO A 44 10.74 6.42 6.43
C PRO A 44 10.84 6.38 4.91
N SER A 45 11.39 7.44 4.31
CA SER A 45 11.79 7.44 2.92
C SER A 45 13.10 6.65 2.79
N ALA A 46 13.58 6.42 1.56
CA ALA A 46 14.83 5.70 1.32
C ALA A 46 15.99 6.34 2.08
N ASP A 47 16.05 7.67 2.08
CA ASP A 47 17.15 8.41 2.70
C ASP A 47 17.04 8.49 4.23
N GLN A 48 15.92 8.03 4.81
CA GLN A 48 15.79 7.83 6.25
C GLN A 48 16.45 6.53 6.71
N GLY A 49 16.87 5.70 5.77
CA GLY A 49 17.67 4.52 6.02
C GLY A 49 16.91 3.22 5.77
N ALA A 50 15.57 3.25 5.82
CA ALA A 50 14.73 2.06 5.82
C ALA A 50 13.48 2.31 4.97
N PRO A 51 13.58 2.26 3.64
CA PRO A 51 12.44 2.39 2.76
C PRO A 51 11.47 1.22 2.97
N ILE A 52 10.20 1.56 3.20
CA ILE A 52 9.05 0.66 3.16
C ILE A 52 8.92 0.04 1.76
N THR A 53 9.44 -1.16 1.53
CA THR A 53 9.42 -1.84 0.23
C THR A 53 8.41 -3.01 0.30
N LEU A 54 7.41 -3.02 -0.57
CA LEU A 54 6.35 -4.03 -0.64
C LEU A 54 6.58 -4.88 -1.89
N THR A 55 6.35 -6.20 -1.81
CA THR A 55 6.47 -7.09 -2.95
C THR A 55 5.33 -8.10 -2.88
N LEU A 56 4.50 -8.18 -3.92
CA LEU A 56 3.71 -9.34 -4.24
C LEU A 56 4.55 -10.16 -5.22
N SER A 57 4.61 -11.49 -5.04
CA SER A 57 5.33 -12.48 -5.84
C SER A 57 5.16 -13.82 -5.09
N THR A 58 6.07 -14.77 -5.27
CA THR A 58 5.98 -16.14 -4.77
C THR A 58 7.19 -16.52 -3.88
N SER A 59 7.68 -15.65 -2.99
CA SER A 59 8.85 -15.95 -2.15
C SER A 59 8.67 -17.16 -1.20
N THR A 60 7.48 -17.76 -1.08
CA THR A 60 7.23 -19.07 -0.45
C THR A 60 6.55 -20.05 -1.42
N GLY A 61 6.25 -19.62 -2.64
CA GLY A 61 5.48 -20.37 -3.62
C GLY A 61 3.98 -20.21 -3.46
N GLN A 62 3.48 -19.55 -2.39
CA GLN A 62 2.07 -19.20 -2.31
C GLN A 62 1.86 -17.82 -2.93
N ARG A 63 0.61 -17.41 -3.12
CA ARG A 63 0.27 -16.00 -3.31
C ARG A 63 0.48 -15.29 -1.96
N HIS A 64 1.70 -14.85 -1.71
CA HIS A 64 2.17 -14.32 -0.44
C HIS A 64 2.94 -13.05 -0.74
N ALA A 65 2.79 -12.04 0.12
CA ALA A 65 3.57 -10.84 0.05
C ALA A 65 4.86 -11.06 0.85
N SER A 66 5.94 -10.39 0.49
CA SER A 66 7.11 -10.22 1.35
C SER A 66 7.68 -8.83 1.13
N GLY A 67 7.97 -8.09 2.20
CA GLY A 67 8.48 -6.74 2.09
C GLY A 67 9.20 -6.33 3.37
N PHE A 68 9.97 -5.25 3.28
CA PHE A 68 10.62 -4.60 4.42
C PHE A 68 9.68 -3.48 4.83
N SER A 69 9.21 -3.53 6.08
CA SER A 69 8.54 -2.45 6.76
C SER A 69 9.60 -1.51 7.34
N GLY A 70 9.24 -0.72 8.33
CA GLY A 70 10.09 0.35 8.81
C GLY A 70 11.31 -0.11 9.59
N CYS A 71 11.29 -1.36 10.08
CA CYS A 71 12.48 -2.07 10.52
C CYS A 71 12.29 -3.57 10.31
N ASN A 72 11.09 -4.12 10.62
CA ASN A 72 10.88 -5.55 10.65
C ASN A 72 10.13 -5.97 9.40
N ARG A 73 10.87 -6.59 8.49
CA ARG A 73 10.34 -7.18 7.28
C ARG A 73 9.32 -8.25 7.64
N TYR A 74 8.34 -8.42 6.78
CA TYR A 74 7.11 -9.12 7.05
C TYR A 74 6.73 -9.95 5.83
N MET A 75 5.67 -10.75 6.01
CA MET A 75 5.12 -11.67 5.05
C MET A 75 3.64 -11.90 5.38
N GLY A 76 2.87 -12.48 4.46
CA GLY A 76 1.53 -13.00 4.71
C GLY A 76 0.78 -13.20 3.39
N SER A 77 -0.33 -13.93 3.40
CA SER A 77 -1.07 -14.22 2.17
C SER A 77 -1.80 -12.97 1.66
N TYR A 78 -2.26 -13.03 0.41
CA TYR A 78 -3.14 -12.02 -0.18
C TYR A 78 -4.20 -12.67 -1.08
N ALA A 79 -5.12 -11.85 -1.60
CA ALA A 79 -6.23 -12.24 -2.45
C ALA A 79 -6.56 -11.11 -3.43
N LEU A 80 -6.59 -11.44 -4.72
CA LEU A 80 -7.09 -10.62 -5.80
C LEU A 80 -8.57 -10.95 -5.95
N LYS A 81 -9.42 -10.10 -5.39
CA LYS A 81 -10.88 -10.17 -5.53
C LYS A 81 -11.43 -8.76 -5.45
N ASP A 82 -12.69 -8.55 -5.86
CA ASP A 82 -13.41 -7.27 -5.87
C ASP A 82 -12.77 -6.18 -6.73
N GLY A 83 -11.73 -6.52 -7.48
CA GLY A 83 -10.86 -5.50 -8.05
C GLY A 83 -10.16 -4.68 -6.96
N LYS A 84 -9.94 -5.27 -5.77
CA LYS A 84 -9.07 -4.74 -4.74
C LYS A 84 -7.99 -5.77 -4.43
N LEU A 85 -7.01 -5.37 -3.64
CA LEU A 85 -6.10 -6.29 -2.98
C LEU A 85 -6.61 -6.46 -1.56
N SER A 86 -6.68 -7.68 -1.03
CA SER A 86 -6.88 -7.87 0.40
C SER A 86 -5.82 -8.83 0.91
N PHE A 87 -5.20 -8.52 2.04
CA PHE A 87 -4.14 -9.32 2.63
C PHE A 87 -4.73 -10.35 3.61
N GLY A 88 -3.89 -11.11 4.29
CA GLY A 88 -4.24 -12.13 5.27
C GLY A 88 -3.61 -11.79 6.62
N THR A 89 -3.27 -12.81 7.40
CA THR A 89 -2.52 -12.65 8.64
C THR A 89 -1.08 -12.24 8.30
N LEU A 90 -0.86 -10.94 8.12
CA LEU A 90 0.43 -10.32 7.86
C LEU A 90 1.22 -10.24 9.15
N GLY A 91 2.51 -10.58 9.14
CA GLY A 91 3.38 -10.36 10.28
C GLY A 91 4.85 -10.59 9.94
N GLY A 92 5.72 -10.19 10.86
CA GLY A 92 7.16 -10.33 10.74
C GLY A 92 7.76 -10.59 12.12
N THR A 93 9.09 -10.52 12.21
CA THR A 93 9.83 -10.56 13.45
C THR A 93 9.68 -9.25 14.23
N ARG A 94 10.33 -9.17 15.39
CA ARG A 94 10.42 -7.97 16.21
C ARG A 94 11.90 -7.77 16.52
N MET A 95 12.61 -7.16 15.57
CA MET A 95 13.96 -6.63 15.77
C MET A 95 13.85 -5.31 16.55
N ALA A 96 14.97 -4.62 16.77
CA ALA A 96 15.02 -3.32 17.42
C ALA A 96 15.66 -2.28 16.51
N CYS A 97 14.87 -1.33 16.04
CA CYS A 97 15.35 -0.09 15.44
C CYS A 97 14.80 1.08 16.25
N MET A 98 15.66 1.65 17.08
CA MET A 98 15.45 2.77 18.01
C MET A 98 15.08 4.08 17.30
N THR A 99 14.01 4.09 16.51
CA THR A 99 13.75 5.10 15.49
C THR A 99 12.23 5.29 15.31
N PRO A 100 11.77 6.46 14.84
CA PRO A 100 10.36 6.71 14.61
C PRO A 100 9.85 5.94 13.39
N GLY A 101 10.71 5.69 12.40
CA GLY A 101 10.40 4.83 11.26
C GLY A 101 10.45 3.36 11.65
N GLY A 102 10.91 2.98 12.86
CA GLY A 102 10.89 1.60 13.32
C GLY A 102 9.53 1.26 13.93
N GLN A 103 9.13 2.00 14.98
CA GLN A 103 8.03 1.61 15.85
C GLN A 103 6.66 1.67 15.16
N ILE A 104 6.57 2.27 13.97
CA ILE A 104 5.38 2.33 13.14
C ILE A 104 4.92 0.96 12.61
N GLU A 105 5.78 -0.07 12.65
CA GLU A 105 5.51 -1.41 12.14
C GLU A 105 4.13 -1.91 12.56
N GLY A 106 3.79 -1.83 13.84
CA GLY A 106 2.51 -2.29 14.34
C GLY A 106 1.33 -1.62 13.63
N ALA A 107 1.44 -0.33 13.31
CA ALA A 107 0.37 0.41 12.67
C ALA A 107 0.26 -0.02 11.21
N TYR A 108 1.38 -0.20 10.52
CA TYR A 108 1.39 -0.61 9.11
C TYR A 108 0.59 -1.88 8.94
N LEU A 109 0.86 -2.86 9.80
CA LEU A 109 0.17 -4.14 9.73
C LEU A 109 -1.31 -3.96 10.03
N ASN A 110 -1.63 -3.09 10.99
CA ASN A 110 -3.00 -2.84 11.43
C ASN A 110 -3.85 -2.15 10.36
N ALA A 111 -3.20 -1.50 9.40
CA ALA A 111 -3.82 -0.79 8.32
C ALA A 111 -4.00 -1.70 7.10
N LEU A 112 -2.98 -2.48 6.75
CA LEU A 112 -3.00 -3.30 5.55
C LEU A 112 -4.10 -4.36 5.56
N THR A 113 -4.65 -4.68 6.73
CA THR A 113 -5.77 -5.59 6.88
C THR A 113 -7.11 -4.97 6.41
N HIS A 114 -7.19 -3.65 6.14
CA HIS A 114 -8.44 -2.92 5.94
C HIS A 114 -8.43 -2.19 4.59
N ILE A 115 -8.24 -2.92 3.49
CA ILE A 115 -8.30 -2.34 2.14
C ILE A 115 -9.78 -2.24 1.77
N ASP A 116 -10.52 -1.39 2.48
CA ASP A 116 -11.94 -1.22 2.21
C ASP A 116 -12.14 -0.38 0.95
N ARG A 117 -11.22 0.55 0.70
CA ARG A 117 -11.11 1.30 -0.54
C ARG A 117 -9.71 1.12 -1.11
N THR A 118 -9.58 1.44 -2.39
CA THR A 118 -8.47 1.01 -3.22
C THR A 118 -7.88 2.17 -4.01
N GLY A 119 -7.10 1.80 -5.03
CA GLY A 119 -6.86 2.66 -6.16
C GLY A 119 -5.48 2.41 -6.75
N VAL A 120 -5.31 1.41 -7.61
CA VAL A 120 -4.09 1.31 -8.40
C VAL A 120 -4.35 1.89 -9.79
N GLN A 121 -3.26 2.41 -10.36
CA GLN A 121 -3.14 3.05 -11.64
C GLN A 121 -1.92 2.38 -12.29
N MET A 122 -2.12 1.77 -13.47
CA MET A 122 -1.15 0.98 -14.21
C MET A 122 -0.78 1.68 -15.53
N ARG A 123 -0.57 3.00 -15.48
CA ARG A 123 -0.33 3.88 -16.63
C ARG A 123 0.86 4.79 -16.29
N ALA A 124 2.08 4.33 -16.58
CA ALA A 124 3.33 4.83 -16.04
C ALA A 124 3.43 6.36 -16.10
N PRO A 125 3.86 7.03 -15.01
CA PRO A 125 4.35 6.45 -13.76
C PRO A 125 3.24 5.86 -12.90
N GLN A 126 3.38 4.58 -12.59
CA GLN A 126 2.40 3.79 -11.87
C GLN A 126 2.55 4.05 -10.38
N GLN A 127 1.46 4.43 -9.74
CA GLN A 127 1.39 4.71 -8.31
C GLN A 127 0.07 4.18 -7.80
N MET A 128 0.05 3.75 -6.54
CA MET A 128 -1.07 3.03 -5.96
C MET A 128 -1.47 3.73 -4.68
N GLN A 129 -2.78 3.79 -4.44
CA GLN A 129 -3.40 4.24 -3.23
C GLN A 129 -4.05 3.02 -2.60
N LEU A 130 -4.12 3.06 -1.28
CA LEU A 130 -5.05 2.37 -0.44
C LEU A 130 -5.67 3.44 0.47
N VAL A 131 -6.88 3.18 0.90
CA VAL A 131 -7.73 4.03 1.70
C VAL A 131 -8.41 3.07 2.64
N LEU A 132 -8.26 3.30 3.94
CA LEU A 132 -8.81 2.39 4.92
C LEU A 132 -10.31 2.56 5.00
N ASP A 133 -10.93 1.62 5.70
CA ASP A 133 -12.30 1.73 6.19
C ASP A 133 -12.54 3.01 6.99
N ASN A 134 -11.52 3.62 7.62
CA ASN A 134 -11.65 4.86 8.37
C ASN A 134 -11.27 6.10 7.55
N GLY A 135 -10.82 5.93 6.29
CA GLY A 135 -10.70 7.04 5.34
C GLY A 135 -9.32 7.69 5.30
N ASP A 136 -8.29 7.02 5.84
CA ASP A 136 -6.90 7.44 5.69
C ASP A 136 -6.48 7.27 4.22
N THR A 137 -5.30 7.74 3.79
CA THR A 137 -4.87 7.61 2.40
C THR A 137 -3.36 7.43 2.34
N LEU A 138 -2.90 6.28 1.85
CA LEU A 138 -1.49 5.94 1.73
C LEU A 138 -1.07 6.03 0.26
N THR A 139 0.24 6.13 0.04
CA THR A 139 0.80 6.32 -1.29
C THR A 139 1.99 5.40 -1.50
N PHE A 140 1.91 4.58 -2.55
CA PHE A 140 3.05 3.85 -3.08
C PHE A 140 3.46 4.38 -4.45
N ASP A 141 4.75 4.23 -4.75
CA ASP A 141 5.28 4.13 -6.10
C ASP A 141 5.35 2.66 -6.49
N ARG A 142 5.22 2.35 -7.77
CA ARG A 142 5.59 1.04 -8.31
C ARG A 142 7.11 0.92 -8.24
N SER A 143 7.64 -0.28 -7.96
CA SER A 143 9.07 -0.54 -8.09
C SER A 143 9.24 -1.85 -8.86
N THR A 144 9.25 -1.74 -10.18
CA THR A 144 9.67 -2.80 -11.10
C THR A 144 11.21 -2.87 -11.19
N ARG A 145 11.90 -2.42 -10.14
CA ARG A 145 13.34 -2.24 -10.04
C ARG A 145 13.83 -1.30 -11.13
N ILE A 1 -15.81 19.52 4.42
CA ILE A 1 -15.83 20.84 3.75
C ILE A 1 -17.18 21.00 3.07
N PRO A 2 -17.61 22.20 2.63
CA PRO A 2 -18.87 22.34 1.91
C PRO A 2 -18.73 21.90 0.45
N LYS A 3 -19.87 21.81 -0.24
CA LYS A 3 -19.96 21.46 -1.65
C LYS A 3 -19.18 22.47 -2.51
N HIS A 4 -18.73 22.03 -3.68
CA HIS A 4 -17.93 22.81 -4.63
C HIS A 4 -18.79 23.16 -5.85
N PRO A 5 -18.34 24.09 -6.71
CA PRO A 5 -18.90 24.25 -8.05
C PRO A 5 -18.52 23.06 -8.94
N ASP A 6 -19.03 21.87 -8.61
CA ASP A 6 -19.09 20.70 -9.46
C ASP A 6 -20.30 20.83 -10.39
N SER A 7 -20.46 19.84 -11.26
CA SER A 7 -21.60 19.64 -12.14
C SER A 7 -21.51 18.21 -12.70
N GLU A 8 -22.49 17.81 -13.51
CA GLU A 8 -22.55 16.47 -14.10
C GLU A 8 -21.75 16.33 -15.40
N ALA A 9 -20.86 17.28 -15.67
CA ALA A 9 -20.05 17.33 -16.88
C ALA A 9 -18.57 17.41 -16.47
N VAL A 10 -17.96 16.28 -16.16
CA VAL A 10 -16.56 16.17 -15.73
C VAL A 10 -15.94 14.99 -16.47
N ALA A 11 -14.61 14.91 -16.48
CA ALA A 11 -13.86 13.80 -17.05
C ALA A 11 -14.05 12.52 -16.22
N PRO A 12 -13.72 11.34 -16.77
CA PRO A 12 -13.49 10.16 -15.95
C PRO A 12 -12.19 10.34 -15.17
N ASP A 13 -12.24 10.03 -13.89
CA ASP A 13 -11.12 10.06 -12.94
C ASP A 13 -10.23 8.81 -13.18
N PRO A 14 -9.01 8.77 -12.64
CA PRO A 14 -8.12 7.61 -12.72
C PRO A 14 -8.62 6.47 -11.81
N PHE A 15 -7.76 5.46 -11.57
CA PHE A 15 -7.93 4.39 -10.59
C PHE A 15 -9.10 3.44 -10.92
N ASN A 16 -8.87 2.45 -11.78
CA ASN A 16 -9.86 1.42 -12.11
C ASN A 16 -9.76 0.19 -11.20
N PRO A 17 -10.89 -0.50 -10.90
CA PRO A 17 -10.87 -1.81 -10.23
C PRO A 17 -10.20 -2.86 -11.12
N ALA A 18 -10.40 -2.76 -12.45
CA ALA A 18 -9.77 -3.56 -13.49
C ALA A 18 -8.25 -3.29 -13.64
N ALA A 19 -7.60 -2.76 -12.61
CA ALA A 19 -6.15 -2.65 -12.53
C ALA A 19 -5.60 -3.45 -11.35
N THR A 20 -6.43 -3.80 -10.37
CA THR A 20 -5.99 -4.54 -9.20
C THR A 20 -5.66 -6.02 -9.55
N GLN A 21 -6.06 -6.51 -10.72
CA GLN A 21 -5.84 -7.88 -11.17
C GLN A 21 -4.44 -8.15 -11.73
N LEU A 22 -3.55 -7.15 -11.70
CA LEU A 22 -2.17 -7.27 -12.17
C LEU A 22 -1.21 -7.28 -10.98
N LEU A 23 -1.75 -7.23 -9.76
CA LEU A 23 -1.02 -7.12 -8.51
C LEU A 23 -0.30 -8.44 -8.16
N ASP A 24 -0.50 -9.49 -8.94
CA ASP A 24 0.09 -10.83 -8.84
C ASP A 24 1.62 -10.84 -8.96
N ASP A 25 2.20 -9.74 -9.42
CA ASP A 25 3.61 -9.60 -9.83
C ASP A 25 4.27 -8.38 -9.20
N THR A 26 3.47 -7.45 -8.70
CA THR A 26 3.91 -6.13 -8.28
C THR A 26 4.72 -6.20 -6.99
N SER A 27 5.31 -5.08 -6.58
CA SER A 27 6.09 -5.01 -5.37
C SER A 27 5.90 -3.69 -4.67
N TRP A 28 6.18 -2.57 -5.33
CA TRP A 28 6.03 -1.23 -4.83
C TRP A 28 6.94 -0.90 -3.64
N VAL A 29 6.92 0.37 -3.23
CA VAL A 29 7.61 0.91 -2.06
C VAL A 29 6.66 1.95 -1.49
N LEU A 30 6.35 1.86 -0.20
CA LEU A 30 5.50 2.82 0.49
C LEU A 30 6.27 4.14 0.62
N SER A 31 5.62 5.28 0.40
CA SER A 31 6.29 6.56 0.45
C SER A 31 5.46 7.72 1.02
N ALA A 32 4.13 7.65 1.04
CA ALA A 32 3.34 8.52 1.90
C ALA A 32 2.29 7.72 2.62
N TRP A 33 1.87 8.25 3.76
CA TRP A 33 0.77 7.78 4.54
C TRP A 33 0.00 9.01 4.94
N LYS A 34 -1.04 9.35 4.19
CA LYS A 34 -1.93 10.43 4.55
C LYS A 34 -3.17 9.83 5.18
N GLN A 35 -3.89 10.62 5.94
CA GLN A 35 -5.04 10.14 6.70
C GLN A 35 -6.32 10.59 6.00
N ALA A 36 -7.45 10.02 6.43
CA ALA A 36 -8.80 10.35 5.97
C ALA A 36 -9.20 11.83 6.03
N ASP A 37 -8.44 12.69 6.69
CA ASP A 37 -8.70 14.13 6.78
C ASP A 37 -7.61 14.96 6.10
N GLY A 38 -6.55 14.33 5.60
CA GLY A 38 -5.47 15.00 4.92
C GLY A 38 -4.23 15.15 5.81
N THR A 39 -4.20 14.54 7.00
CA THR A 39 -2.99 14.51 7.81
C THR A 39 -2.00 13.55 7.19
N ALA A 40 -1.02 14.06 6.45
CA ALA A 40 0.16 13.31 6.09
C ALA A 40 0.90 13.00 7.39
N ARG A 41 0.90 11.72 7.74
CA ARG A 41 1.74 11.18 8.80
C ARG A 41 3.20 11.31 8.39
N ALA A 42 4.06 11.15 9.38
CA ALA A 42 5.49 10.95 9.16
C ALA A 42 5.75 9.46 8.95
N VAL A 43 6.70 9.15 8.06
CA VAL A 43 7.09 7.80 7.64
C VAL A 43 8.61 7.79 7.35
N PRO A 44 9.28 6.63 7.27
CA PRO A 44 10.66 6.58 6.80
C PRO A 44 10.69 6.77 5.28
N SER A 45 11.31 7.88 4.82
CA SER A 45 11.69 8.05 3.43
C SER A 45 12.91 7.16 3.11
N ALA A 46 13.31 7.06 1.83
CA ALA A 46 14.55 6.37 1.47
C ALA A 46 15.73 6.99 2.22
N ASP A 47 15.80 8.32 2.28
CA ASP A 47 16.89 9.01 2.98
C ASP A 47 16.91 8.75 4.49
N GLN A 48 15.85 8.19 5.08
CA GLN A 48 15.85 7.80 6.50
C GLN A 48 16.62 6.50 6.76
N GLY A 49 17.11 5.84 5.72
CA GLY A 49 18.06 4.76 5.84
C GLY A 49 17.42 3.40 5.65
N ALA A 50 16.25 3.21 6.26
CA ALA A 50 15.45 2.00 6.18
C ALA A 50 14.00 2.41 5.84
N PRO A 51 13.68 2.63 4.55
CA PRO A 51 12.32 2.88 4.08
C PRO A 51 11.47 1.60 4.10
N ILE A 52 10.17 1.72 3.85
CA ILE A 52 9.25 0.60 3.76
C ILE A 52 9.12 0.15 2.30
N THR A 53 9.72 -0.98 1.95
CA THR A 53 9.44 -1.67 0.69
C THR A 53 8.16 -2.49 0.84
N LEU A 54 7.55 -2.90 -0.28
CA LEU A 54 6.45 -3.84 -0.32
C LEU A 54 6.82 -4.90 -1.36
N THR A 55 6.14 -6.05 -1.37
CA THR A 55 6.37 -7.11 -2.34
C THR A 55 5.09 -7.97 -2.47
N LEU A 56 4.58 -8.22 -3.69
CA LEU A 56 3.37 -9.02 -3.96
C LEU A 56 3.62 -9.99 -5.11
N SER A 57 4.50 -10.96 -4.90
CA SER A 57 4.90 -11.94 -5.89
C SER A 57 4.65 -13.35 -5.36
N THR A 58 5.11 -14.36 -6.09
CA THR A 58 4.94 -15.76 -5.73
C THR A 58 6.27 -16.35 -5.25
N SER A 59 6.93 -15.71 -4.27
CA SER A 59 8.25 -16.15 -3.81
C SER A 59 8.22 -17.50 -3.09
N THR A 60 7.07 -17.96 -2.56
CA THR A 60 6.89 -19.33 -2.05
C THR A 60 6.23 -20.23 -3.13
N GLY A 61 5.98 -19.68 -4.30
CA GLY A 61 5.16 -20.24 -5.36
C GLY A 61 3.67 -20.29 -4.99
N GLN A 62 3.27 -19.86 -3.79
CA GLN A 62 1.95 -19.32 -3.54
C GLN A 62 2.05 -17.79 -3.54
N ARG A 63 0.91 -17.12 -3.48
CA ARG A 63 0.75 -15.69 -3.70
C ARG A 63 1.01 -15.00 -2.36
N HIS A 64 2.27 -14.72 -2.04
CA HIS A 64 2.76 -14.41 -0.71
C HIS A 64 3.39 -13.03 -0.64
N ALA A 65 2.64 -12.13 -0.01
CA ALA A 65 3.01 -10.77 0.35
C ALA A 65 4.25 -10.82 1.23
N SER A 66 5.12 -9.84 1.04
CA SER A 66 6.29 -9.59 1.85
C SER A 66 6.59 -8.09 1.82
N GLY A 67 7.60 -7.67 2.56
CA GLY A 67 8.15 -6.31 2.54
C GLY A 67 9.05 -6.14 3.74
N PHE A 68 9.90 -5.11 3.72
CA PHE A 68 10.55 -4.59 4.91
C PHE A 68 9.60 -3.52 5.45
N SER A 69 8.94 -3.77 6.59
CA SER A 69 8.27 -2.67 7.31
C SER A 69 9.30 -2.00 8.22
N GLY A 70 8.92 -0.89 8.84
CA GLY A 70 9.80 0.18 9.33
C GLY A 70 11.04 -0.26 10.09
N CYS A 71 10.91 -1.30 10.93
CA CYS A 71 12.04 -1.96 11.55
C CYS A 71 12.15 -3.42 11.12
N ASN A 72 11.03 -4.07 10.80
CA ASN A 72 10.97 -5.52 10.69
C ASN A 72 10.28 -5.86 9.38
N ARG A 73 10.98 -6.67 8.59
CA ARG A 73 10.38 -7.36 7.46
C ARG A 73 9.29 -8.31 7.93
N TYR A 74 8.33 -8.54 7.06
CA TYR A 74 7.13 -9.33 7.31
C TYR A 74 6.81 -10.16 6.07
N MET A 75 5.80 -11.02 6.21
CA MET A 75 5.28 -11.90 5.17
C MET A 75 3.82 -12.24 5.48
N GLY A 76 3.09 -12.79 4.51
CA GLY A 76 1.74 -13.33 4.65
C GLY A 76 1.11 -13.60 3.28
N SER A 77 -0.14 -14.06 3.24
CA SER A 77 -0.80 -14.48 2.01
C SER A 77 -1.90 -13.50 1.61
N TYR A 78 -1.79 -12.89 0.42
CA TYR A 78 -2.75 -11.85 -0.02
C TYR A 78 -3.94 -12.50 -0.74
N ALA A 79 -4.85 -11.73 -1.33
CA ALA A 79 -5.87 -12.22 -2.27
C ALA A 79 -6.52 -11.04 -2.98
N LEU A 80 -6.60 -11.04 -4.30
CA LEU A 80 -7.36 -10.02 -5.03
C LEU A 80 -8.85 -10.39 -5.03
N LYS A 81 -9.73 -9.39 -4.84
CA LYS A 81 -11.18 -9.50 -4.95
C LYS A 81 -11.78 -8.10 -4.93
N ASP A 82 -12.99 -7.92 -5.46
CA ASP A 82 -13.81 -6.70 -5.35
C ASP A 82 -13.05 -5.42 -5.75
N GLY A 83 -12.27 -5.47 -6.82
CA GLY A 83 -11.46 -4.33 -7.22
C GLY A 83 -10.36 -3.97 -6.24
N LYS A 84 -10.18 -4.72 -5.15
CA LYS A 84 -9.23 -4.43 -4.10
C LYS A 84 -8.30 -5.60 -3.90
N LEU A 85 -7.35 -5.37 -3.01
CA LEU A 85 -6.29 -6.26 -2.61
C LEU A 85 -6.60 -6.54 -1.14
N SER A 86 -6.73 -7.80 -0.75
CA SER A 86 -6.84 -8.17 0.65
C SER A 86 -5.55 -8.82 1.08
N PHE A 87 -5.26 -8.72 2.37
CA PHE A 87 -4.05 -9.25 3.01
C PHE A 87 -4.48 -10.23 4.10
N GLY A 88 -3.60 -11.18 4.40
CA GLY A 88 -3.80 -12.17 5.44
C GLY A 88 -3.45 -11.64 6.82
N THR A 89 -3.51 -12.50 7.83
CA THR A 89 -2.89 -12.27 9.11
C THR A 89 -1.38 -12.23 8.85
N LEU A 90 -0.78 -11.04 8.87
CA LEU A 90 0.63 -10.84 8.55
C LEU A 90 1.46 -10.99 9.82
N GLY A 91 2.77 -11.11 9.65
CA GLY A 91 3.70 -10.90 10.74
C GLY A 91 5.14 -11.11 10.32
N GLY A 92 6.06 -11.02 11.27
CA GLY A 92 7.48 -11.14 11.05
C GLY A 92 8.21 -11.37 12.36
N THR A 93 9.14 -10.48 12.71
CA THR A 93 9.92 -10.52 13.94
C THR A 93 9.83 -9.16 14.67
N ARG A 94 10.58 -8.98 15.76
CA ARG A 94 10.56 -7.81 16.64
C ARG A 94 11.98 -7.30 16.88
N MET A 95 12.77 -7.20 15.81
CA MET A 95 14.10 -6.61 15.87
C MET A 95 13.97 -5.17 16.37
N ALA A 96 15.02 -4.61 16.97
CA ALA A 96 14.94 -3.31 17.64
C ALA A 96 15.40 -2.19 16.73
N CYS A 97 14.59 -1.15 16.61
CA CYS A 97 14.98 0.14 16.06
C CYS A 97 14.41 1.20 16.97
N MET A 98 15.29 1.86 17.72
CA MET A 98 15.00 3.14 18.33
C MET A 98 14.96 4.21 17.23
N THR A 99 13.95 4.15 16.35
CA THR A 99 13.67 5.14 15.32
C THR A 99 12.15 5.33 15.24
N PRO A 100 11.66 6.51 14.81
CA PRO A 100 10.24 6.73 14.60
C PRO A 100 9.78 6.06 13.31
N GLY A 101 10.66 5.92 12.32
CA GLY A 101 10.46 5.06 11.15
C GLY A 101 10.60 3.58 11.49
N GLY A 102 10.90 3.22 12.74
CA GLY A 102 10.94 1.85 13.19
C GLY A 102 9.55 1.42 13.63
N GLN A 103 8.98 2.14 14.61
CA GLN A 103 7.77 1.73 15.33
C GLN A 103 6.51 1.70 14.48
N ILE A 104 6.58 2.21 13.26
CA ILE A 104 5.50 2.14 12.29
C ILE A 104 5.29 0.70 11.79
N GLU A 105 6.24 -0.19 12.02
CA GLU A 105 6.15 -1.62 11.76
C GLU A 105 4.80 -2.18 12.23
N GLY A 106 4.49 -2.01 13.51
CA GLY A 106 3.26 -2.56 14.07
C GLY A 106 2.02 -1.94 13.45
N ALA A 107 2.05 -0.63 13.15
CA ALA A 107 0.91 0.08 12.59
C ALA A 107 0.64 -0.39 11.16
N TYR A 108 1.70 -0.60 10.36
CA TYR A 108 1.60 -0.98 8.97
C TYR A 108 0.84 -2.30 8.83
N LEU A 109 1.24 -3.32 9.58
CA LEU A 109 0.54 -4.60 9.57
C LEU A 109 -0.94 -4.39 9.92
N ASN A 110 -1.22 -3.55 10.92
CA ASN A 110 -2.57 -3.19 11.38
C ASN A 110 -3.37 -2.33 10.40
N ALA A 111 -2.70 -1.82 9.38
CA ALA A 111 -3.30 -1.02 8.32
C ALA A 111 -3.48 -1.85 7.04
N LEU A 112 -2.72 -2.94 6.84
CA LEU A 112 -3.05 -3.92 5.81
C LEU A 112 -4.32 -4.70 6.19
N THR A 113 -4.63 -4.85 7.48
CA THR A 113 -5.80 -5.58 7.94
C THR A 113 -7.10 -4.79 7.68
N HIS A 114 -7.00 -3.58 7.13
CA HIS A 114 -8.08 -2.66 6.85
C HIS A 114 -7.88 -2.16 5.41
N ILE A 115 -8.38 -2.88 4.40
CA ILE A 115 -8.48 -2.41 3.03
C ILE A 115 -9.98 -2.37 2.80
N ASP A 116 -10.62 -1.27 3.12
CA ASP A 116 -12.01 -1.12 2.69
C ASP A 116 -12.04 -0.84 1.21
N ARG A 117 -11.14 0.02 0.72
CA ARG A 117 -11.11 0.46 -0.66
C ARG A 117 -9.72 0.25 -1.28
N THR A 118 -9.53 0.48 -2.58
CA THR A 118 -8.23 0.39 -3.27
C THR A 118 -8.29 1.27 -4.53
N GLY A 119 -7.12 1.60 -5.10
CA GLY A 119 -6.99 2.40 -6.30
C GLY A 119 -5.57 2.28 -6.85
N VAL A 120 -5.32 1.33 -7.76
CA VAL A 120 -4.06 1.24 -8.48
C VAL A 120 -4.16 2.05 -9.78
N GLN A 121 -3.12 2.83 -10.07
CA GLN A 121 -2.90 3.49 -11.34
C GLN A 121 -1.76 2.73 -12.04
N MET A 122 -2.09 1.83 -12.96
CA MET A 122 -1.14 1.02 -13.74
C MET A 122 -0.47 1.82 -14.87
N ARG A 123 -0.60 3.14 -14.87
CA ARG A 123 -0.14 4.07 -15.89
C ARG A 123 1.02 4.86 -15.31
N ALA A 124 2.13 4.98 -16.05
CA ALA A 124 3.30 5.76 -15.68
C ALA A 124 2.90 7.22 -15.40
N PRO A 125 3.20 7.78 -14.22
CA PRO A 125 3.98 7.20 -13.14
C PRO A 125 3.14 6.20 -12.33
N GLN A 126 3.47 4.92 -12.42
CA GLN A 126 2.67 3.85 -11.87
C GLN A 126 2.77 3.95 -10.37
N GLN A 127 1.62 4.11 -9.73
CA GLN A 127 1.50 4.17 -8.30
C GLN A 127 0.31 3.33 -7.89
N MET A 128 0.29 3.00 -6.62
CA MET A 128 -0.79 2.29 -5.98
C MET A 128 -1.21 3.18 -4.82
N GLN A 129 -2.52 3.35 -4.61
CA GLN A 129 -3.07 4.08 -3.50
C GLN A 129 -3.99 3.17 -2.72
N LEU A 130 -3.86 3.12 -1.41
CA LEU A 130 -4.64 2.25 -0.55
C LEU A 130 -5.09 3.00 0.63
N VAL A 131 -6.20 2.47 1.11
CA VAL A 131 -7.04 3.18 1.97
C VAL A 131 -7.67 2.19 2.93
N LEU A 132 -8.16 2.74 4.02
CA LEU A 132 -8.68 2.03 5.16
C LEU A 132 -10.19 2.19 5.17
N ASP A 133 -10.79 1.70 6.23
CA ASP A 133 -12.22 1.90 6.53
C ASP A 133 -12.55 3.38 6.69
N ASN A 134 -11.70 4.17 7.32
CA ASN A 134 -11.83 5.63 7.38
C ASN A 134 -11.40 6.28 6.06
N GLY A 135 -10.60 5.56 5.26
CA GLY A 135 -9.96 6.06 4.07
C GLY A 135 -8.76 6.93 4.37
N ASP A 136 -7.82 6.45 5.19
CA ASP A 136 -6.39 6.81 5.07
C ASP A 136 -5.93 6.64 3.61
N THR A 137 -4.74 7.08 3.25
CA THR A 137 -4.33 7.29 1.87
C THR A 137 -2.83 7.07 1.73
N LEU A 138 -2.43 5.84 1.39
CA LEU A 138 -1.03 5.43 1.36
C LEU A 138 -0.52 5.45 -0.08
N THR A 139 0.43 6.34 -0.39
CA THR A 139 1.11 6.37 -1.69
C THR A 139 2.15 5.26 -1.68
N PHE A 140 2.13 4.42 -2.71
CA PHE A 140 3.23 3.52 -3.03
C PHE A 140 3.68 3.77 -4.47
N ASP A 141 4.98 3.91 -4.68
CA ASP A 141 5.61 4.00 -6.00
C ASP A 141 5.83 2.58 -6.52
N ARG A 142 5.57 2.29 -7.81
CA ARG A 142 5.89 1.00 -8.43
C ARG A 142 7.40 0.81 -8.37
N SER A 143 7.86 -0.37 -7.93
CA SER A 143 9.26 -0.77 -7.99
C SER A 143 9.30 -2.25 -8.35
N THR A 144 8.91 -2.55 -9.59
CA THR A 144 9.23 -3.77 -10.32
C THR A 144 10.59 -3.52 -11.03
N ARG A 145 11.48 -2.83 -10.32
CA ARG A 145 12.87 -2.47 -10.58
C ARG A 145 13.43 -2.09 -9.21
N ILE A 1 -3.19 20.33 -1.59
CA ILE A 1 -4.33 19.71 -0.91
C ILE A 1 -5.45 20.75 -0.71
N PRO A 2 -6.28 21.02 -1.72
CA PRO A 2 -7.53 21.72 -1.51
C PRO A 2 -8.60 20.82 -0.87
N LYS A 3 -9.62 21.44 -0.27
CA LYS A 3 -10.80 20.81 0.33
C LYS A 3 -11.68 21.85 1.02
N HIS A 4 -12.46 22.62 0.26
CA HIS A 4 -13.57 23.44 0.76
C HIS A 4 -14.88 22.88 0.22
N PRO A 5 -16.01 23.06 0.92
CA PRO A 5 -17.33 22.78 0.39
C PRO A 5 -17.68 23.85 -0.64
N ASP A 6 -17.40 23.50 -1.89
CA ASP A 6 -17.58 24.26 -3.13
C ASP A 6 -17.60 23.22 -4.26
N SER A 7 -18.04 23.59 -5.47
CA SER A 7 -18.53 22.70 -6.52
C SER A 7 -19.81 21.96 -6.08
N GLU A 8 -20.59 21.49 -7.05
CA GLU A 8 -21.81 20.72 -6.86
C GLU A 8 -21.90 19.72 -8.02
N ALA A 9 -20.95 18.78 -8.06
CA ALA A 9 -20.87 17.73 -9.06
C ALA A 9 -20.14 16.56 -8.44
N VAL A 10 -20.83 15.46 -8.18
CA VAL A 10 -20.22 14.16 -8.04
C VAL A 10 -19.59 13.83 -9.41
N ALA A 11 -18.27 13.86 -9.49
CA ALA A 11 -17.53 13.38 -10.64
C ALA A 11 -17.13 11.92 -10.39
N PRO A 12 -16.89 11.12 -11.45
CA PRO A 12 -16.33 9.80 -11.30
C PRO A 12 -14.91 9.95 -10.73
N ASP A 13 -14.62 9.18 -9.69
CA ASP A 13 -13.33 9.18 -9.00
C ASP A 13 -12.30 8.50 -9.93
N PRO A 14 -11.01 8.80 -9.77
CA PRO A 14 -9.93 8.16 -10.51
C PRO A 14 -9.78 6.68 -10.12
N PHE A 15 -8.80 6.01 -10.75
CA PHE A 15 -8.45 4.60 -10.58
C PHE A 15 -9.52 3.69 -11.17
N ASN A 16 -9.17 2.42 -11.36
CA ASN A 16 -10.05 1.38 -11.82
C ASN A 16 -9.82 0.14 -10.95
N PRO A 17 -10.88 -0.64 -10.64
CA PRO A 17 -10.73 -1.97 -10.07
C PRO A 17 -10.16 -2.95 -11.12
N ALA A 18 -10.36 -2.64 -12.41
CA ALA A 18 -9.83 -3.33 -13.57
C ALA A 18 -8.28 -3.27 -13.67
N ALA A 19 -7.59 -2.87 -12.61
CA ALA A 19 -6.15 -2.73 -12.50
C ALA A 19 -5.57 -3.55 -11.35
N THR A 20 -6.39 -4.08 -10.45
CA THR A 20 -5.89 -4.77 -9.28
C THR A 20 -5.51 -6.22 -9.56
N GLN A 21 -5.96 -6.80 -10.68
CA GLN A 21 -5.66 -8.19 -11.05
C GLN A 21 -4.24 -8.39 -11.60
N LEU A 22 -3.44 -7.33 -11.70
CA LEU A 22 -2.08 -7.39 -12.21
C LEU A 22 -1.07 -7.49 -11.06
N LEU A 23 -1.55 -7.56 -9.82
CA LEU A 23 -0.77 -7.47 -8.57
C LEU A 23 -0.04 -8.79 -8.24
N ASP A 24 0.41 -9.52 -9.25
CA ASP A 24 1.09 -10.80 -9.08
C ASP A 24 2.61 -10.63 -9.06
N ASP A 25 3.10 -9.68 -9.86
CA ASP A 25 4.52 -9.56 -10.20
C ASP A 25 4.92 -8.08 -10.24
N THR A 26 4.12 -7.24 -9.58
CA THR A 26 4.46 -5.85 -9.28
C THR A 26 5.29 -5.84 -7.97
N SER A 27 5.57 -4.68 -7.37
CA SER A 27 6.37 -4.65 -6.16
C SER A 27 6.03 -3.45 -5.30
N TRP A 28 6.22 -2.24 -5.80
CA TRP A 28 5.87 -1.00 -5.12
C TRP A 28 6.68 -0.70 -3.84
N VAL A 29 6.67 0.56 -3.46
CA VAL A 29 7.25 1.15 -2.25
C VAL A 29 6.22 2.13 -1.67
N LEU A 30 5.83 1.98 -0.40
CA LEU A 30 5.02 2.99 0.28
C LEU A 30 5.87 4.26 0.33
N SER A 31 5.35 5.39 -0.15
CA SER A 31 6.15 6.61 -0.18
C SER A 31 5.43 7.78 0.51
N ALA A 32 4.10 7.73 0.68
CA ALA A 32 3.43 8.60 1.61
C ALA A 32 2.23 7.90 2.25
N TRP A 33 1.83 8.38 3.43
CA TRP A 33 0.73 7.81 4.20
C TRP A 33 -0.17 8.97 4.63
N LYS A 34 -1.28 9.17 3.92
CA LYS A 34 -2.23 10.19 4.32
C LYS A 34 -3.14 9.61 5.39
N GLN A 35 -3.46 10.39 6.40
CA GLN A 35 -4.53 10.10 7.34
C GLN A 35 -5.87 10.50 6.75
N ALA A 36 -6.95 10.11 7.41
CA ALA A 36 -8.31 10.43 7.00
C ALA A 36 -8.56 11.94 6.92
N ASP A 37 -7.94 12.72 7.83
CA ASP A 37 -8.10 14.18 7.81
C ASP A 37 -7.27 14.84 6.70
N GLY A 38 -6.36 14.08 6.08
CA GLY A 38 -5.49 14.57 5.05
C GLY A 38 -4.08 14.87 5.55
N THR A 39 -3.70 14.42 6.74
CA THR A 39 -2.36 14.57 7.30
C THR A 39 -1.44 13.53 6.68
N ALA A 40 -0.51 13.93 5.82
CA ALA A 40 0.60 13.07 5.44
C ALA A 40 1.49 12.83 6.67
N ARG A 41 1.57 11.59 7.14
CA ARG A 41 2.38 11.18 8.28
C ARG A 41 3.87 11.36 7.96
N ALA A 42 4.72 11.35 9.00
CA ALA A 42 6.11 10.97 8.82
C ALA A 42 6.14 9.50 8.44
N VAL A 43 6.93 9.18 7.42
CA VAL A 43 7.31 7.81 7.09
C VAL A 43 8.83 7.81 6.88
N PRO A 44 9.52 6.67 6.97
CA PRO A 44 10.96 6.61 6.77
C PRO A 44 11.30 6.65 5.27
N SER A 45 11.95 7.70 4.78
CA SER A 45 12.51 7.74 3.44
C SER A 45 13.74 6.80 3.34
N ALA A 46 14.29 6.61 2.14
CA ALA A 46 15.50 5.81 1.93
C ALA A 46 16.66 6.32 2.78
N ASP A 47 16.76 7.64 2.96
CA ASP A 47 17.83 8.27 3.73
C ASP A 47 17.68 8.03 5.22
N GLN A 48 16.47 7.72 5.68
CA GLN A 48 16.22 7.41 7.09
C GLN A 48 16.77 6.03 7.48
N GLY A 49 17.11 5.20 6.51
CA GLY A 49 17.87 3.99 6.69
C GLY A 49 17.03 2.72 6.78
N ALA A 50 15.74 2.85 7.09
CA ALA A 50 14.79 1.76 7.03
C ALA A 50 13.53 2.20 6.28
N PRO A 51 13.63 2.38 4.95
CA PRO A 51 12.46 2.65 4.12
C PRO A 51 11.50 1.46 4.17
N ILE A 52 10.23 1.73 3.88
CA ILE A 52 9.22 0.72 3.67
C ILE A 52 9.24 0.38 2.19
N THR A 53 9.20 -0.90 1.88
CA THR A 53 9.14 -1.43 0.52
C THR A 53 8.00 -2.46 0.51
N LEU A 54 7.54 -2.88 -0.67
CA LEU A 54 6.52 -3.91 -0.87
C LEU A 54 7.05 -4.81 -2.00
N THR A 55 6.62 -6.07 -2.05
CA THR A 55 7.01 -7.01 -3.10
C THR A 55 5.89 -8.04 -3.31
N LEU A 56 5.27 -8.04 -4.49
CA LEU A 56 4.34 -9.06 -4.92
C LEU A 56 5.15 -10.09 -5.70
N SER A 57 5.25 -11.30 -5.15
CA SER A 57 5.91 -12.41 -5.79
C SER A 57 5.43 -13.70 -5.10
N THR A 58 6.01 -14.84 -5.47
CA THR A 58 5.57 -16.15 -5.05
C THR A 58 6.75 -17.04 -4.61
N SER A 59 7.83 -16.45 -4.11
CA SER A 59 8.96 -17.13 -3.49
C SER A 59 8.58 -18.23 -2.50
N THR A 60 7.51 -18.08 -1.73
CA THR A 60 7.11 -19.13 -0.79
C THR A 60 6.50 -20.34 -1.52
N GLY A 61 5.88 -20.10 -2.68
CA GLY A 61 5.17 -21.05 -3.52
C GLY A 61 3.75 -20.58 -3.84
N GLN A 62 3.17 -19.71 -3.01
CA GLN A 62 1.85 -19.11 -3.19
C GLN A 62 1.99 -17.59 -3.32
N ARG A 63 0.89 -16.89 -3.66
CA ARG A 63 0.78 -15.45 -3.58
C ARG A 63 0.96 -14.98 -2.14
N HIS A 64 2.18 -14.62 -1.78
CA HIS A 64 2.61 -14.21 -0.46
C HIS A 64 3.40 -12.93 -0.62
N ALA A 65 2.91 -11.90 0.04
CA ALA A 65 3.55 -10.60 0.05
C ALA A 65 4.82 -10.68 0.91
N SER A 66 5.71 -9.71 0.72
CA SER A 66 6.73 -9.38 1.70
C SER A 66 7.09 -7.90 1.54
N GLY A 67 7.94 -7.42 2.44
CA GLY A 67 8.50 -6.08 2.42
C GLY A 67 9.08 -5.77 3.80
N PHE A 68 9.37 -4.51 4.06
CA PHE A 68 9.88 -4.04 5.34
C PHE A 68 8.89 -3.00 5.87
N SER A 69 8.42 -3.16 7.11
CA SER A 69 7.40 -2.33 7.74
C SER A 69 8.00 -1.17 8.56
N GLY A 70 9.32 -1.14 8.74
CA GLY A 70 9.97 -0.15 9.58
C GLY A 70 11.17 -0.74 10.33
N CYS A 71 11.03 -1.93 10.91
CA CYS A 71 12.17 -2.62 11.52
C CYS A 71 11.94 -4.11 11.62
N ASN A 72 10.70 -4.55 11.82
CA ASN A 72 10.39 -5.95 12.07
C ASN A 72 9.94 -6.72 10.82
N ARG A 73 9.89 -6.04 9.67
CA ARG A 73 9.42 -6.50 8.38
C ARG A 73 8.07 -7.22 8.45
N TYR A 74 7.64 -7.76 7.32
CA TYR A 74 6.39 -8.51 7.22
C TYR A 74 6.43 -9.52 6.08
N MET A 75 5.47 -10.45 6.12
CA MET A 75 5.08 -11.37 5.07
C MET A 75 3.64 -11.83 5.38
N GLY A 76 3.04 -12.59 4.47
CA GLY A 76 1.76 -13.27 4.64
C GLY A 76 1.03 -13.37 3.30
N SER A 77 -0.11 -14.06 3.27
CA SER A 77 -0.84 -14.31 2.03
C SER A 77 -1.51 -13.04 1.53
N TYR A 78 -2.02 -13.10 0.30
CA TYR A 78 -2.92 -12.08 -0.24
C TYR A 78 -3.88 -12.73 -1.22
N ALA A 79 -4.84 -11.97 -1.75
CA ALA A 79 -5.70 -12.36 -2.86
C ALA A 79 -6.22 -11.10 -3.54
N LEU A 80 -6.44 -11.19 -4.85
CA LEU A 80 -7.08 -10.12 -5.61
C LEU A 80 -8.56 -10.47 -5.64
N LYS A 81 -9.39 -9.63 -5.00
CA LYS A 81 -10.82 -9.82 -4.90
C LYS A 81 -11.48 -8.47 -4.79
N ASP A 82 -12.79 -8.38 -4.96
CA ASP A 82 -13.60 -7.18 -4.80
C ASP A 82 -13.13 -5.96 -5.59
N GLY A 83 -12.23 -6.11 -6.55
CA GLY A 83 -11.59 -5.00 -7.24
C GLY A 83 -10.55 -4.29 -6.37
N LYS A 84 -10.09 -4.93 -5.29
CA LYS A 84 -9.06 -4.48 -4.36
C LYS A 84 -8.03 -5.59 -4.12
N LEU A 85 -7.03 -5.27 -3.31
CA LEU A 85 -5.92 -6.13 -2.93
C LEU A 85 -6.20 -6.49 -1.47
N SER A 86 -6.57 -7.74 -1.18
CA SER A 86 -6.72 -8.18 0.21
C SER A 86 -5.46 -8.90 0.66
N PHE A 87 -5.19 -8.88 1.96
CA PHE A 87 -4.04 -9.54 2.58
C PHE A 87 -4.49 -10.77 3.37
N GLY A 88 -3.64 -11.32 4.24
CA GLY A 88 -3.89 -12.50 5.05
C GLY A 88 -3.54 -12.27 6.50
N THR A 89 -3.27 -13.34 7.23
CA THR A 89 -2.77 -13.31 8.60
C THR A 89 -1.30 -12.90 8.51
N LEU A 90 -1.08 -11.63 8.17
CA LEU A 90 0.25 -11.04 8.00
C LEU A 90 0.94 -11.03 9.35
N GLY A 91 2.25 -11.02 9.35
CA GLY A 91 3.04 -10.79 10.54
C GLY A 91 4.51 -10.74 10.21
N GLY A 92 5.34 -10.62 11.24
CA GLY A 92 6.74 -10.30 11.09
C GLY A 92 7.57 -10.85 12.23
N THR A 93 8.65 -10.16 12.55
CA THR A 93 9.57 -10.51 13.62
C THR A 93 9.29 -9.68 14.86
N ARG A 94 10.18 -9.81 15.83
CA ARG A 94 10.23 -9.02 17.04
C ARG A 94 11.70 -8.68 17.21
N MET A 95 12.15 -7.59 16.61
CA MET A 95 13.47 -7.03 16.76
C MET A 95 13.39 -5.68 17.45
N ALA A 96 14.55 -5.21 17.91
CA ALA A 96 14.78 -3.83 18.28
C ALA A 96 14.79 -2.95 17.02
N CYS A 97 14.38 -1.71 17.23
CA CYS A 97 14.54 -0.52 16.42
C CYS A 97 14.70 0.65 17.40
N MET A 98 15.49 1.66 17.00
CA MET A 98 15.82 2.85 17.80
C MET A 98 15.56 4.11 16.99
N THR A 99 14.60 4.01 16.06
CA THR A 99 14.34 4.97 15.01
C THR A 99 12.83 5.25 15.01
N PRO A 100 12.37 6.43 14.53
CA PRO A 100 10.95 6.71 14.45
C PRO A 100 10.31 5.78 13.42
N GLY A 101 11.00 5.58 12.29
CA GLY A 101 10.60 4.67 11.24
C GLY A 101 10.56 3.21 11.68
N GLY A 102 11.17 2.84 12.81
CA GLY A 102 10.94 1.55 13.40
C GLY A 102 9.53 1.44 13.94
N GLN A 103 9.11 2.36 14.83
CA GLN A 103 7.95 2.12 15.67
C GLN A 103 6.62 2.25 14.92
N ILE A 104 6.63 2.89 13.75
CA ILE A 104 5.48 2.95 12.85
C ILE A 104 5.16 1.55 12.28
N GLU A 105 6.06 0.57 12.40
CA GLU A 105 5.84 -0.83 12.02
C GLU A 105 4.55 -1.37 12.61
N GLY A 106 4.27 -1.07 13.87
CA GLY A 106 3.05 -1.51 14.53
C GLY A 106 1.81 -1.00 13.82
N ALA A 107 1.81 0.26 13.40
CA ALA A 107 0.68 0.82 12.66
C ALA A 107 0.66 0.23 11.25
N TYR A 108 1.83 -0.01 10.64
CA TYR A 108 1.95 -0.47 9.27
C TYR A 108 1.30 -1.83 9.10
N LEU A 109 1.69 -2.83 9.93
CA LEU A 109 1.07 -4.15 9.94
C LEU A 109 -0.43 -3.97 10.13
N ASN A 110 -0.85 -3.19 11.14
CA ASN A 110 -2.26 -2.98 11.43
C ASN A 110 -3.02 -2.47 10.21
N ALA A 111 -2.48 -1.46 9.53
CA ALA A 111 -3.14 -0.78 8.43
C ALA A 111 -3.27 -1.65 7.18
N LEU A 112 -2.44 -2.69 7.01
CA LEU A 112 -2.63 -3.64 5.90
C LEU A 112 -3.82 -4.57 6.14
N THR A 113 -4.35 -4.66 7.35
CA THR A 113 -5.48 -5.54 7.67
C THR A 113 -6.83 -4.88 7.33
N HIS A 114 -6.80 -3.68 6.73
CA HIS A 114 -7.92 -2.79 6.47
C HIS A 114 -7.84 -2.29 5.02
N ILE A 115 -8.28 -3.08 4.03
CA ILE A 115 -8.30 -2.66 2.62
C ILE A 115 -9.74 -2.65 2.11
N ASP A 116 -10.66 -1.99 2.82
CA ASP A 116 -12.05 -1.88 2.36
C ASP A 116 -12.15 -1.14 1.03
N ARG A 117 -11.23 -0.19 0.83
CA ARG A 117 -11.19 0.70 -0.30
C ARG A 117 -9.80 0.67 -0.93
N THR A 118 -9.67 1.25 -2.12
CA THR A 118 -8.48 0.98 -2.94
C THR A 118 -8.33 2.04 -4.05
N GLY A 119 -7.31 1.94 -4.91
CA GLY A 119 -7.04 2.95 -5.94
C GLY A 119 -5.72 2.73 -6.69
N VAL A 120 -5.56 1.71 -7.53
CA VAL A 120 -4.38 1.61 -8.40
C VAL A 120 -4.62 2.41 -9.67
N GLN A 121 -3.57 3.08 -10.15
CA GLN A 121 -3.54 3.65 -11.48
C GLN A 121 -2.63 2.76 -12.33
N MET A 122 -3.22 1.81 -13.08
CA MET A 122 -2.49 1.01 -14.07
C MET A 122 -2.38 1.83 -15.35
N ARG A 123 -1.72 2.99 -15.25
CA ARG A 123 -1.50 3.90 -16.36
C ARG A 123 -0.28 4.72 -16.01
N ALA A 124 0.83 4.49 -16.71
CA ALA A 124 2.07 5.24 -16.51
C ALA A 124 1.79 6.76 -16.48
N PRO A 125 2.33 7.50 -15.50
CA PRO A 125 3.17 7.03 -14.40
C PRO A 125 2.34 6.25 -13.36
N GLN A 126 2.68 4.98 -13.16
CA GLN A 126 1.93 4.10 -12.29
C GLN A 126 2.29 4.41 -10.85
N GLN A 127 1.24 4.44 -10.04
CA GLN A 127 1.23 4.55 -8.59
C GLN A 127 0.12 3.63 -8.12
N MET A 128 0.11 3.33 -6.83
CA MET A 128 -0.95 2.57 -6.20
C MET A 128 -1.36 3.35 -4.96
N GLN A 129 -2.65 3.59 -4.80
CA GLN A 129 -3.23 4.10 -3.59
C GLN A 129 -4.10 3.01 -2.98
N LEU A 130 -4.17 2.97 -1.65
CA LEU A 130 -4.92 2.01 -0.85
C LEU A 130 -5.60 2.84 0.21
N VAL A 131 -6.84 2.52 0.53
CA VAL A 131 -7.70 3.38 1.33
C VAL A 131 -8.26 2.51 2.45
N LEU A 132 -8.08 2.97 3.68
CA LEU A 132 -8.64 2.27 4.83
C LEU A 132 -10.15 2.51 4.86
N ASP A 133 -10.82 1.71 5.67
CA ASP A 133 -12.20 1.91 6.07
C ASP A 133 -12.35 3.27 6.76
N ASN A 134 -11.35 3.69 7.53
CA ASN A 134 -11.27 4.98 8.23
C ASN A 134 -11.04 6.10 7.23
N GLY A 135 -10.55 5.79 6.03
CA GLY A 135 -10.25 6.77 5.02
C GLY A 135 -8.81 7.27 5.03
N ASP A 136 -7.88 6.63 5.74
CA ASP A 136 -6.45 6.88 5.51
C ASP A 136 -6.14 6.49 4.05
N THR A 137 -5.23 7.20 3.37
CA THR A 137 -4.89 6.98 1.96
C THR A 137 -3.38 6.75 1.85
N LEU A 138 -2.95 5.49 1.80
CA LEU A 138 -1.54 5.11 1.63
C LEU A 138 -1.21 5.18 0.15
N THR A 139 -0.15 5.90 -0.21
CA THR A 139 0.29 6.18 -1.57
C THR A 139 1.64 5.47 -1.78
N PHE A 140 1.71 4.53 -2.72
CA PHE A 140 2.91 3.79 -3.07
C PHE A 140 3.32 4.15 -4.49
N ASP A 141 4.62 4.07 -4.77
CA ASP A 141 5.20 4.32 -6.08
C ASP A 141 5.29 3.00 -6.83
N ARG A 142 5.19 3.00 -8.17
CA ARG A 142 5.62 1.84 -8.95
C ARG A 142 7.14 1.82 -8.91
N SER A 143 7.72 0.89 -8.16
CA SER A 143 9.14 0.60 -8.17
C SER A 143 9.32 -0.70 -8.92
N THR A 144 9.49 -0.64 -10.25
CA THR A 144 9.65 -1.84 -11.08
C THR A 144 11.04 -1.84 -11.68
N ARG A 145 12.06 -1.65 -10.84
CA ARG A 145 13.47 -1.60 -11.22
C ARG A 145 14.25 -2.39 -10.22
N ILE A 1 -12.98 9.27 -1.59
CA ILE A 1 -14.21 8.54 -1.94
C ILE A 1 -14.29 8.40 -3.46
N PRO A 2 -14.98 7.36 -3.95
CA PRO A 2 -15.28 7.20 -5.38
C PRO A 2 -16.30 8.24 -5.86
N LYS A 3 -16.74 8.09 -7.11
CA LYS A 3 -17.71 8.96 -7.76
C LYS A 3 -19.02 9.10 -6.97
N HIS A 4 -19.84 10.05 -7.39
CA HIS A 4 -21.17 10.37 -6.87
C HIS A 4 -22.18 10.27 -8.03
N PRO A 5 -23.49 10.23 -7.76
CA PRO A 5 -24.51 10.23 -8.80
C PRO A 5 -24.70 11.65 -9.35
N ASP A 6 -23.83 12.03 -10.29
CA ASP A 6 -23.88 13.28 -11.06
C ASP A 6 -23.44 13.01 -12.51
N SER A 7 -23.22 14.05 -13.31
CA SER A 7 -22.87 14.03 -14.71
C SER A 7 -21.79 13.02 -15.10
N GLU A 8 -22.20 11.98 -15.84
CA GLU A 8 -21.32 11.15 -16.65
C GLU A 8 -21.00 11.93 -17.93
N ALA A 9 -20.34 13.07 -17.75
CA ALA A 9 -19.88 13.93 -18.85
C ALA A 9 -18.45 14.43 -18.62
N VAL A 10 -17.62 13.60 -18.00
CA VAL A 10 -16.23 13.92 -17.68
C VAL A 10 -15.33 12.70 -17.98
N ALA A 11 -14.14 12.97 -18.52
CA ALA A 11 -13.11 11.98 -18.79
C ALA A 11 -12.82 11.13 -17.55
N PRO A 12 -12.40 9.87 -17.71
CA PRO A 12 -12.33 8.91 -16.63
C PRO A 12 -11.18 9.22 -15.67
N ASP A 13 -11.48 9.24 -14.37
CA ASP A 13 -10.46 9.33 -13.35
C ASP A 13 -9.71 7.99 -13.30
N PRO A 14 -8.39 7.98 -13.05
CA PRO A 14 -7.59 6.77 -12.94
C PRO A 14 -7.92 5.95 -11.69
N PHE A 15 -7.04 5.01 -11.33
CA PHE A 15 -7.17 4.08 -10.21
C PHE A 15 -8.25 3.02 -10.48
N ASN A 16 -8.38 2.60 -11.75
CA ASN A 16 -9.33 1.57 -12.20
C ASN A 16 -9.14 0.27 -11.43
N PRO A 17 -10.21 -0.50 -11.15
CA PRO A 17 -10.14 -1.76 -10.43
C PRO A 17 -9.69 -2.90 -11.35
N ALA A 18 -9.94 -2.80 -12.67
CA ALA A 18 -9.61 -3.81 -13.67
C ALA A 18 -8.10 -3.88 -13.96
N ALA A 19 -7.27 -3.56 -12.98
CA ALA A 19 -5.84 -3.67 -12.94
C ALA A 19 -5.38 -4.59 -11.80
N THR A 20 -6.28 -4.98 -10.89
CA THR A 20 -5.94 -5.67 -9.65
C THR A 20 -5.22 -7.00 -9.90
N GLN A 21 -5.60 -7.79 -10.91
CA GLN A 21 -4.89 -9.04 -11.20
C GLN A 21 -3.43 -8.82 -11.63
N LEU A 22 -3.10 -7.67 -12.24
CA LEU A 22 -1.78 -7.31 -12.77
C LEU A 22 -0.89 -6.79 -11.62
N LEU A 23 -1.04 -7.35 -10.42
CA LEU A 23 -0.21 -7.06 -9.26
C LEU A 23 0.72 -8.24 -8.95
N ASP A 24 0.56 -9.37 -9.64
CA ASP A 24 1.14 -10.67 -9.32
C ASP A 24 2.67 -10.71 -9.29
N ASP A 25 3.32 -9.83 -10.06
CA ASP A 25 4.78 -9.74 -10.21
C ASP A 25 5.40 -8.59 -9.42
N THR A 26 4.54 -7.69 -8.96
CA THR A 26 4.89 -6.29 -8.77
C THR A 26 5.45 -6.05 -7.38
N SER A 27 5.91 -4.82 -7.09
CA SER A 27 6.63 -4.56 -5.85
C SER A 27 6.00 -3.46 -5.05
N TRP A 28 6.19 -2.24 -5.54
CA TRP A 28 5.77 -1.00 -4.94
C TRP A 28 6.58 -0.68 -3.67
N VAL A 29 6.53 0.58 -3.25
CA VAL A 29 7.16 1.13 -2.06
C VAL A 29 6.19 2.18 -1.54
N LEU A 30 5.95 2.19 -0.23
CA LEU A 30 5.11 3.22 0.38
C LEU A 30 5.91 4.50 0.44
N SER A 31 5.31 5.61 0.01
CA SER A 31 5.93 6.92 0.17
C SER A 31 5.13 7.87 1.06
N ALA A 32 3.80 7.74 1.20
CA ALA A 32 3.03 8.70 2.01
C ALA A 32 1.76 8.10 2.57
N TRP A 33 1.39 8.54 3.77
CA TRP A 33 0.26 8.10 4.58
C TRP A 33 -0.40 9.34 5.16
N LYS A 34 -1.50 9.78 4.59
CA LYS A 34 -2.34 10.81 5.16
C LYS A 34 -3.28 10.15 6.14
N GLN A 35 -3.40 10.69 7.35
CA GLN A 35 -4.51 10.33 8.21
C GLN A 35 -5.79 10.91 7.64
N ALA A 36 -6.92 10.45 8.17
CA ALA A 36 -8.24 10.74 7.65
C ALA A 36 -8.53 12.25 7.61
N ASP A 37 -7.94 13.04 8.52
CA ASP A 37 -8.22 14.48 8.57
C ASP A 37 -7.25 15.29 7.71
N GLY A 38 -6.12 14.70 7.31
CA GLY A 38 -5.06 15.35 6.55
C GLY A 38 -3.71 15.33 7.26
N THR A 39 -3.60 14.79 8.47
CA THR A 39 -2.34 14.63 9.18
C THR A 39 -1.44 13.65 8.40
N ALA A 40 -0.56 14.15 7.54
CA ALA A 40 0.47 13.32 6.92
C ALA A 40 1.37 12.75 8.01
N ARG A 41 1.24 11.44 8.27
CA ARG A 41 2.17 10.71 9.11
C ARG A 41 3.53 10.77 8.44
N ALA A 42 4.57 10.88 9.27
CA ALA A 42 5.92 10.70 8.78
C ALA A 42 6.11 9.20 8.56
N VAL A 43 6.62 8.85 7.40
CA VAL A 43 6.98 7.50 7.00
C VAL A 43 8.43 7.58 6.48
N PRO A 44 9.22 6.50 6.54
CA PRO A 44 10.60 6.56 6.10
C PRO A 44 10.67 6.72 4.57
N SER A 45 11.15 7.88 4.12
CA SER A 45 11.55 8.08 2.75
C SER A 45 12.70 7.15 2.37
N ALA A 46 13.00 7.08 1.08
CA ALA A 46 14.14 6.30 0.60
C ALA A 46 15.47 6.80 1.19
N ASP A 47 15.52 8.05 1.66
CA ASP A 47 16.73 8.63 2.25
C ASP A 47 16.69 8.66 3.78
N GLN A 48 15.53 8.36 4.39
CA GLN A 48 15.40 8.23 5.83
C GLN A 48 16.14 7.00 6.36
N GLY A 49 16.52 6.05 5.51
CA GLY A 49 17.28 4.89 5.90
C GLY A 49 16.76 3.66 5.15
N ALA A 50 15.66 3.12 5.67
CA ALA A 50 15.06 1.85 5.33
C ALA A 50 13.57 2.10 5.01
N PRO A 51 13.23 2.45 3.75
CA PRO A 51 11.86 2.74 3.38
C PRO A 51 10.97 1.49 3.45
N ILE A 52 9.66 1.73 3.52
CA ILE A 52 8.65 0.69 3.53
C ILE A 52 8.51 0.14 2.11
N THR A 53 9.06 -1.04 1.82
CA THR A 53 8.97 -1.67 0.50
C THR A 53 7.94 -2.81 0.55
N LEU A 54 7.38 -3.20 -0.60
CA LEU A 54 6.55 -4.39 -0.76
C LEU A 54 7.10 -5.25 -1.91
N THR A 55 6.78 -6.54 -1.91
CA THR A 55 6.90 -7.44 -3.05
C THR A 55 5.69 -8.38 -3.06
N LEU A 56 5.00 -8.47 -4.19
CA LEU A 56 4.09 -9.51 -4.56
C LEU A 56 4.89 -10.48 -5.44
N SER A 57 4.99 -11.74 -5.05
CA SER A 57 5.60 -12.79 -5.86
C SER A 57 4.96 -14.13 -5.50
N THR A 58 5.53 -15.24 -5.94
CA THR A 58 4.98 -16.59 -5.84
C THR A 58 6.01 -17.58 -5.29
N SER A 59 7.04 -17.09 -4.59
CA SER A 59 8.26 -17.81 -4.25
C SER A 59 8.04 -19.04 -3.36
N THR A 60 7.00 -19.04 -2.50
CA THR A 60 6.66 -20.20 -1.67
C THR A 60 5.89 -21.25 -2.49
N GLY A 61 5.43 -20.93 -3.70
CA GLY A 61 4.51 -21.71 -4.50
C GLY A 61 3.09 -21.17 -4.42
N GLN A 62 2.84 -20.19 -3.55
CA GLN A 62 1.53 -19.60 -3.29
C GLN A 62 1.62 -18.08 -3.33
N ARG A 63 0.45 -17.43 -3.37
CA ARG A 63 0.25 -15.97 -3.27
C ARG A 63 0.64 -15.43 -1.89
N HIS A 64 1.94 -15.33 -1.63
CA HIS A 64 2.50 -14.68 -0.45
C HIS A 64 3.02 -13.32 -0.89
N ALA A 65 2.82 -12.33 -0.04
CA ALA A 65 3.40 -11.01 -0.16
C ALA A 65 4.34 -10.82 1.02
N SER A 66 5.41 -10.07 0.83
CA SER A 66 6.32 -9.73 1.92
C SER A 66 7.00 -8.39 1.63
N GLY A 67 7.65 -7.80 2.63
CA GLY A 67 8.27 -6.49 2.46
C GLY A 67 8.94 -6.01 3.74
N PHE A 68 9.33 -4.76 3.74
CA PHE A 68 9.80 -4.03 4.92
C PHE A 68 8.68 -3.06 5.31
N SER A 69 8.31 -3.00 6.58
CA SER A 69 7.35 -2.07 7.16
C SER A 69 8.04 -1.12 8.15
N GLY A 70 9.36 -0.94 8.01
CA GLY A 70 10.16 -0.05 8.83
C GLY A 70 11.41 -0.73 9.35
N CYS A 71 11.37 -1.65 10.33
CA CYS A 71 12.58 -2.32 10.83
C CYS A 71 12.37 -3.80 11.21
N ASN A 72 11.14 -4.32 11.17
CA ASN A 72 10.79 -5.65 11.66
C ASN A 72 10.29 -6.62 10.57
N ARG A 73 10.14 -6.11 9.35
CA ARG A 73 9.68 -6.71 8.10
C ARG A 73 8.25 -7.23 8.21
N TYR A 74 7.71 -7.71 7.09
CA TYR A 74 6.44 -8.40 7.09
C TYR A 74 6.39 -9.47 6.00
N MET A 75 5.45 -10.40 6.19
CA MET A 75 5.07 -11.45 5.26
C MET A 75 3.65 -11.88 5.60
N GLY A 76 3.02 -12.62 4.68
CA GLY A 76 1.71 -13.22 4.87
C GLY A 76 1.06 -13.49 3.51
N SER A 77 -0.10 -14.16 3.52
CA SER A 77 -0.79 -14.53 2.29
C SER A 77 -1.73 -13.41 1.87
N TYR A 78 -2.13 -13.40 0.60
CA TYR A 78 -3.04 -12.38 0.12
C TYR A 78 -4.08 -12.95 -0.84
N ALA A 79 -4.90 -12.10 -1.44
CA ALA A 79 -5.76 -12.40 -2.56
C ALA A 79 -6.00 -11.10 -3.34
N LEU A 80 -6.52 -11.26 -4.56
CA LEU A 80 -6.83 -10.18 -5.49
C LEU A 80 -8.27 -10.40 -5.93
N LYS A 81 -9.21 -9.59 -5.43
CA LYS A 81 -10.64 -9.67 -5.69
C LYS A 81 -11.28 -8.35 -5.29
N ASP A 82 -12.55 -8.12 -5.61
CA ASP A 82 -13.31 -6.92 -5.24
C ASP A 82 -12.65 -5.62 -5.72
N GLY A 83 -11.79 -5.67 -6.74
CA GLY A 83 -10.98 -4.54 -7.16
C GLY A 83 -9.99 -4.10 -6.10
N LYS A 84 -9.65 -4.95 -5.13
CA LYS A 84 -8.69 -4.64 -4.08
C LYS A 84 -7.80 -5.84 -3.77
N LEU A 85 -6.88 -5.64 -2.83
CA LEU A 85 -5.95 -6.65 -2.38
C LEU A 85 -6.29 -6.89 -0.91
N SER A 86 -6.79 -8.08 -0.57
CA SER A 86 -6.97 -8.48 0.83
C SER A 86 -5.74 -9.27 1.27
N PHE A 87 -5.19 -8.96 2.45
CA PHE A 87 -4.14 -9.74 3.08
C PHE A 87 -4.77 -10.85 3.94
N GLY A 88 -3.97 -11.58 4.71
CA GLY A 88 -4.38 -12.60 5.68
C GLY A 88 -3.85 -12.23 7.06
N THR A 89 -3.56 -13.26 7.87
CA THR A 89 -2.72 -13.09 9.05
C THR A 89 -1.34 -12.64 8.57
N LEU A 90 -0.99 -11.39 8.84
CA LEU A 90 0.33 -10.83 8.63
C LEU A 90 1.19 -11.07 9.86
N GLY A 91 2.48 -10.80 9.74
CA GLY A 91 3.30 -10.56 10.90
C GLY A 91 4.75 -10.34 10.50
N GLY A 92 5.59 -10.05 11.49
CA GLY A 92 7.01 -9.80 11.30
C GLY A 92 7.77 -10.07 12.60
N THR A 93 9.06 -9.75 12.61
CA THR A 93 9.93 -9.93 13.76
C THR A 93 9.60 -8.94 14.88
N ARG A 94 10.33 -9.02 16.00
CA ARG A 94 10.28 -8.07 17.11
C ARG A 94 11.72 -7.70 17.47
N MET A 95 12.51 -7.36 16.45
CA MET A 95 13.79 -6.70 16.64
C MET A 95 13.54 -5.33 17.26
N ALA A 96 14.54 -4.75 17.94
CA ALA A 96 14.44 -3.43 18.56
C ALA A 96 15.35 -2.47 17.81
N CYS A 97 14.80 -1.32 17.41
CA CYS A 97 15.38 -0.34 16.52
C CYS A 97 15.12 1.04 17.10
N MET A 98 16.16 1.85 17.29
CA MET A 98 16.02 3.15 17.96
C MET A 98 15.72 4.23 16.93
N THR A 99 14.70 3.98 16.12
CA THR A 99 14.37 4.78 14.95
C THR A 99 12.86 5.03 14.96
N PRO A 100 12.37 6.13 14.35
CA PRO A 100 10.95 6.37 14.27
C PRO A 100 10.32 5.39 13.26
N GLY A 101 11.04 5.12 12.16
CA GLY A 101 10.69 4.12 11.18
C GLY A 101 11.02 2.70 11.66
N GLY A 102 11.26 2.47 12.96
CA GLY A 102 11.24 1.15 13.57
C GLY A 102 10.08 0.98 14.56
N GLN A 103 9.41 2.09 14.91
CA GLN A 103 8.17 2.02 15.67
C GLN A 103 6.93 1.90 14.79
N ILE A 104 6.98 2.27 13.50
CA ILE A 104 5.77 2.38 12.68
C ILE A 104 5.15 1.01 12.34
N GLU A 105 5.87 -0.10 12.53
CA GLU A 105 5.46 -1.43 12.09
C GLU A 105 4.11 -1.85 12.67
N GLY A 106 3.87 -1.55 13.95
CA GLY A 106 2.60 -1.78 14.62
C GLY A 106 1.46 -1.06 13.91
N ALA A 107 1.65 0.22 13.57
CA ALA A 107 0.65 0.98 12.82
C ALA A 107 0.43 0.34 11.45
N TYR A 108 1.52 0.10 10.71
CA TYR A 108 1.42 -0.32 9.32
C TYR A 108 0.77 -1.69 9.19
N LEU A 109 1.05 -2.65 10.07
CA LEU A 109 0.36 -3.93 10.07
C LEU A 109 -1.14 -3.72 10.35
N ASN A 110 -1.50 -2.78 11.22
CA ASN A 110 -2.90 -2.42 11.47
C ASN A 110 -3.57 -1.74 10.28
N ALA A 111 -2.78 -1.16 9.37
CA ALA A 111 -3.30 -0.51 8.18
C ALA A 111 -3.55 -1.56 7.09
N LEU A 112 -2.66 -2.55 6.97
CA LEU A 112 -2.80 -3.67 6.04
C LEU A 112 -4.02 -4.55 6.33
N THR A 113 -4.65 -4.40 7.50
CA THR A 113 -5.85 -5.14 7.89
C THR A 113 -7.12 -4.30 7.64
N HIS A 114 -6.96 -3.15 6.96
CA HIS A 114 -8.04 -2.24 6.59
C HIS A 114 -7.87 -1.81 5.15
N ILE A 115 -8.00 -2.74 4.21
CA ILE A 115 -8.09 -2.45 2.79
C ILE A 115 -9.58 -2.54 2.44
N ASP A 116 -10.37 -1.51 2.75
CA ASP A 116 -11.75 -1.49 2.22
C ASP A 116 -11.72 -1.29 0.71
N ARG A 117 -10.79 -0.46 0.23
CA ARG A 117 -10.68 -0.06 -1.18
C ARG A 117 -9.25 -0.25 -1.69
N THR A 118 -9.09 -0.28 -3.00
CA THR A 118 -7.81 0.00 -3.66
C THR A 118 -8.14 0.60 -5.05
N GLY A 119 -7.14 1.13 -5.75
CA GLY A 119 -7.13 1.22 -7.19
C GLY A 119 -5.67 1.40 -7.63
N VAL A 120 -5.40 1.14 -8.91
CA VAL A 120 -4.05 1.18 -9.44
C VAL A 120 -4.03 2.14 -10.61
N GLN A 121 -2.94 2.85 -10.78
CA GLN A 121 -2.71 3.64 -11.96
C GLN A 121 -1.60 2.99 -12.77
N MET A 122 -1.97 2.14 -13.72
CA MET A 122 -1.05 1.46 -14.63
C MET A 122 -0.64 2.38 -15.78
N ARG A 123 -0.49 3.68 -15.51
CA ARG A 123 -0.13 4.72 -16.47
C ARG A 123 0.97 5.53 -15.82
N ALA A 124 2.12 5.66 -16.49
CA ALA A 124 3.31 6.27 -15.94
C ALA A 124 3.02 7.72 -15.52
N PRO A 125 3.69 8.25 -14.48
CA PRO A 125 4.48 7.50 -13.51
C PRO A 125 3.52 6.66 -12.64
N GLN A 126 3.72 5.35 -12.63
CA GLN A 126 2.76 4.42 -12.06
C GLN A 126 2.75 4.53 -10.54
N GLN A 127 1.55 4.56 -9.96
CA GLN A 127 1.31 4.53 -8.52
C GLN A 127 0.12 3.62 -8.21
N MET A 128 -0.08 3.31 -6.94
CA MET A 128 -1.16 2.50 -6.39
C MET A 128 -1.73 3.27 -5.20
N GLN A 129 -3.05 3.21 -5.00
CA GLN A 129 -3.70 3.99 -3.96
C GLN A 129 -4.74 3.14 -3.24
N LEU A 130 -4.80 3.31 -1.92
CA LEU A 130 -5.73 2.69 -0.98
C LEU A 130 -6.27 3.75 -0.02
N VAL A 131 -7.38 3.40 0.59
CA VAL A 131 -8.03 4.15 1.65
C VAL A 131 -8.35 3.09 2.69
N LEU A 132 -8.10 3.43 3.94
CA LEU A 132 -8.50 2.58 5.05
C LEU A 132 -9.94 2.88 5.35
N ASP A 133 -10.60 1.97 6.07
CA ASP A 133 -12.03 2.07 6.32
C ASP A 133 -12.37 3.30 7.20
N ASN A 134 -11.42 3.75 8.03
CA ASN A 134 -11.52 4.92 8.88
C ASN A 134 -11.23 6.20 8.10
N GLY A 135 -10.82 6.09 6.84
CA GLY A 135 -10.72 7.22 5.94
C GLY A 135 -9.31 7.75 5.69
N ASP A 136 -8.26 7.13 6.24
CA ASP A 136 -6.85 7.46 5.94
C ASP A 136 -6.59 7.22 4.45
N THR A 137 -5.55 7.85 3.89
CA THR A 137 -5.20 7.78 2.47
C THR A 137 -3.74 7.41 2.31
N LEU A 138 -3.45 6.25 1.73
CA LEU A 138 -2.10 5.75 1.57
C LEU A 138 -1.77 5.64 0.08
N THR A 139 -0.48 5.78 -0.22
CA THR A 139 0.01 6.02 -1.59
C THR A 139 1.34 5.31 -1.81
N PHE A 140 1.39 4.40 -2.79
CA PHE A 140 2.59 3.63 -3.11
C PHE A 140 3.09 4.01 -4.50
N ASP A 141 4.41 4.10 -4.61
CA ASP A 141 5.13 4.31 -5.85
C ASP A 141 5.52 2.94 -6.40
N ARG A 142 5.35 2.74 -7.70
CA ARG A 142 5.78 1.52 -8.39
C ARG A 142 7.29 1.39 -8.24
N SER A 143 7.84 0.21 -7.95
CA SER A 143 9.29 0.04 -7.98
C SER A 143 9.68 -1.28 -8.63
N THR A 144 8.91 -1.66 -9.63
CA THR A 144 9.13 -2.85 -10.46
C THR A 144 10.28 -2.57 -11.46
N ARG A 145 11.19 -1.64 -11.13
CA ARG A 145 12.43 -1.32 -11.81
C ARG A 145 12.19 -0.62 -13.13
N ILE A 1 -20.77 20.49 -8.27
CA ILE A 1 -19.32 20.22 -8.26
C ILE A 1 -18.98 19.08 -9.24
N PRO A 2 -18.83 19.36 -10.54
CA PRO A 2 -18.35 18.38 -11.50
C PRO A 2 -16.86 18.12 -11.31
N LYS A 3 -16.37 17.08 -11.97
CA LYS A 3 -14.97 16.68 -11.96
C LYS A 3 -14.45 16.55 -13.38
N HIS A 4 -15.32 16.21 -14.32
CA HIS A 4 -15.15 16.18 -15.76
C HIS A 4 -16.40 16.78 -16.40
N PRO A 5 -16.39 17.13 -17.70
CA PRO A 5 -17.57 17.67 -18.36
C PRO A 5 -18.73 16.69 -18.40
N ASP A 6 -18.43 15.39 -18.29
CA ASP A 6 -19.34 14.24 -18.35
C ASP A 6 -19.74 13.99 -19.80
N SER A 7 -18.76 13.62 -20.62
CA SER A 7 -18.91 13.30 -22.05
C SER A 7 -17.77 12.39 -22.53
N GLU A 8 -17.90 11.85 -23.73
CA GLU A 8 -16.96 10.96 -24.41
C GLU A 8 -15.90 11.82 -25.11
N ALA A 9 -15.20 12.64 -24.32
CA ALA A 9 -14.05 13.41 -24.76
C ALA A 9 -13.00 13.57 -23.67
N VAL A 10 -12.75 12.51 -22.91
CA VAL A 10 -11.78 12.51 -21.83
C VAL A 10 -11.16 11.12 -21.68
N ALA A 11 -9.92 11.07 -21.22
CA ALA A 11 -9.23 9.82 -20.89
C ALA A 11 -9.82 9.20 -19.61
N PRO A 12 -9.70 7.87 -19.43
CA PRO A 12 -10.24 7.18 -18.27
C PRO A 12 -9.49 7.58 -17.00
N ASP A 13 -10.27 7.95 -15.99
CA ASP A 13 -9.78 8.47 -14.71
C ASP A 13 -9.05 7.36 -13.95
N PRO A 14 -7.98 7.68 -13.20
CA PRO A 14 -7.12 6.69 -12.56
C PRO A 14 -7.83 6.01 -11.38
N PHE A 15 -7.12 5.08 -10.74
CA PHE A 15 -7.59 4.29 -9.60
C PHE A 15 -8.75 3.39 -10.03
N ASN A 16 -8.44 2.45 -10.92
CA ASN A 16 -9.47 1.64 -11.60
C ASN A 16 -9.39 0.19 -11.14
N PRO A 17 -10.52 -0.53 -11.01
CA PRO A 17 -10.57 -1.93 -10.61
C PRO A 17 -10.09 -2.87 -11.72
N ALA A 18 -10.22 -2.46 -12.99
CA ALA A 18 -9.64 -3.16 -14.14
C ALA A 18 -8.12 -2.98 -14.21
N ALA A 19 -7.44 -3.23 -13.10
CA ALA A 19 -6.00 -3.22 -12.89
C ALA A 19 -5.68 -4.11 -11.70
N THR A 20 -6.46 -3.99 -10.63
CA THR A 20 -6.21 -4.48 -9.28
C THR A 20 -6.04 -6.00 -9.17
N GLN A 21 -6.47 -6.75 -10.20
CA GLN A 21 -6.27 -8.19 -10.33
C GLN A 21 -4.84 -8.58 -10.72
N LEU A 22 -4.07 -7.67 -11.35
CA LEU A 22 -2.71 -7.91 -11.85
C LEU A 22 -1.70 -8.02 -10.71
N LEU A 23 -2.14 -7.79 -9.47
CA LEU A 23 -1.30 -7.46 -8.33
C LEU A 23 -0.67 -8.73 -7.72
N ASP A 24 -0.27 -9.69 -8.55
CA ASP A 24 0.44 -10.89 -8.11
C ASP A 24 1.93 -10.62 -7.96
N ASP A 25 2.56 -10.06 -8.99
CA ASP A 25 4.02 -10.12 -9.21
C ASP A 25 4.72 -8.83 -8.81
N THR A 26 3.95 -7.84 -8.40
CA THR A 26 4.35 -6.44 -8.45
C THR A 26 4.96 -5.97 -7.12
N SER A 27 5.60 -4.81 -7.13
CA SER A 27 6.31 -4.25 -6.02
C SER A 27 6.06 -2.79 -6.02
N TRP A 28 6.20 -2.23 -4.83
CA TRP A 28 5.91 -0.85 -4.58
C TRP A 28 6.90 -0.36 -3.56
N VAL A 29 6.96 0.94 -3.32
CA VAL A 29 7.71 1.50 -2.21
C VAL A 29 6.82 2.56 -1.61
N LEU A 30 6.55 2.42 -0.31
CA LEU A 30 5.67 3.35 0.38
C LEU A 30 6.49 4.57 0.71
N SER A 31 5.97 5.75 0.37
CA SER A 31 6.66 7.00 0.64
C SER A 31 5.76 8.06 1.30
N ALA A 32 4.43 7.83 1.43
CA ALA A 32 3.56 8.73 2.17
C ALA A 32 2.31 8.00 2.69
N TRP A 33 1.86 8.34 3.90
CA TRP A 33 0.65 7.88 4.59
C TRP A 33 -0.09 9.13 5.02
N LYS A 34 -1.31 9.34 4.53
CA LYS A 34 -2.21 10.38 4.99
C LYS A 34 -3.19 9.74 5.97
N GLN A 35 -3.39 10.33 7.13
CA GLN A 35 -4.54 9.98 7.95
C GLN A 35 -5.82 10.41 7.24
N ALA A 36 -6.95 9.93 7.76
CA ALA A 36 -8.27 10.14 7.18
C ALA A 36 -8.63 11.61 7.09
N ASP A 37 -8.17 12.44 8.03
CA ASP A 37 -8.53 13.86 8.03
C ASP A 37 -7.88 14.58 6.86
N GLY A 38 -6.78 14.02 6.37
CA GLY A 38 -5.86 14.60 5.41
C GLY A 38 -4.51 14.92 6.05
N THR A 39 -4.29 14.60 7.33
CA THR A 39 -3.02 14.79 8.03
C THR A 39 -1.99 13.85 7.43
N ALA A 40 -1.08 14.38 6.62
CA ALA A 40 0.09 13.66 6.19
C ALA A 40 0.93 13.29 7.42
N ARG A 41 1.07 12.00 7.69
CA ARG A 41 1.96 11.49 8.72
C ARG A 41 3.40 11.68 8.29
N ALA A 42 4.35 11.49 9.21
CA ALA A 42 5.69 11.04 8.84
C ALA A 42 5.66 9.52 8.65
N VAL A 43 6.56 9.04 7.81
CA VAL A 43 6.87 7.63 7.61
C VAL A 43 8.39 7.49 7.43
N PRO A 44 8.93 6.26 7.53
CA PRO A 44 10.30 5.96 7.17
C PRO A 44 10.50 6.14 5.67
N SER A 45 11.17 7.22 5.27
CA SER A 45 11.68 7.41 3.93
C SER A 45 12.90 6.52 3.65
N ALA A 46 13.40 6.53 2.41
CA ALA A 46 14.57 5.76 2.02
C ALA A 46 15.79 6.12 2.86
N ASP A 47 16.10 7.40 3.00
CA ASP A 47 17.31 7.82 3.71
C ASP A 47 17.05 8.04 5.20
N GLN A 48 15.85 7.74 5.70
CA GLN A 48 15.58 7.74 7.14
C GLN A 48 16.28 6.55 7.81
N GLY A 49 16.56 5.47 7.07
CA GLY A 49 17.34 4.32 7.54
C GLY A 49 16.91 3.01 6.88
N ALA A 50 15.61 2.81 6.78
CA ALA A 50 14.94 1.55 6.48
C ALA A 50 13.61 1.84 5.76
N PRO A 51 13.58 2.00 4.43
CA PRO A 51 12.35 2.24 3.67
C PRO A 51 11.44 1.03 3.62
N ILE A 52 10.13 1.27 3.78
CA ILE A 52 9.08 0.32 3.41
C ILE A 52 9.12 0.06 1.90
N THR A 53 9.33 -1.19 1.49
CA THR A 53 9.24 -1.61 0.09
C THR A 53 8.23 -2.78 0.04
N LEU A 54 7.14 -2.63 -0.70
CA LEU A 54 6.15 -3.68 -0.97
C LEU A 54 6.76 -4.69 -1.93
N THR A 55 6.46 -5.97 -1.78
CA THR A 55 6.73 -6.97 -2.80
C THR A 55 5.65 -8.04 -2.69
N LEU A 56 4.69 -8.01 -3.61
CA LEU A 56 3.79 -9.11 -3.89
C LEU A 56 4.56 -10.02 -4.86
N SER A 57 4.66 -11.31 -4.52
CA SER A 57 5.29 -12.36 -5.31
C SER A 57 4.92 -13.68 -4.61
N THR A 58 5.68 -14.75 -4.87
CA THR A 58 5.58 -16.01 -4.16
C THR A 58 6.88 -16.38 -3.43
N SER A 59 7.45 -15.48 -2.62
CA SER A 59 8.72 -15.67 -1.93
C SER A 59 8.71 -16.91 -1.02
N THR A 60 7.60 -17.17 -0.32
CA THR A 60 7.42 -18.39 0.49
C THR A 60 6.99 -19.59 -0.36
N GLY A 61 6.63 -19.38 -1.63
CA GLY A 61 6.08 -20.39 -2.52
C GLY A 61 4.58 -20.21 -2.76
N GLN A 62 3.88 -19.36 -2.01
CA GLN A 62 2.50 -18.95 -2.28
C GLN A 62 2.43 -17.45 -2.45
N ARG A 63 1.33 -16.93 -3.04
CA ARG A 63 1.11 -15.49 -3.20
C ARG A 63 0.98 -14.82 -1.84
N HIS A 64 2.07 -14.27 -1.34
CA HIS A 64 2.10 -13.59 -0.08
C HIS A 64 2.97 -12.33 -0.21
N ALA A 65 2.68 -11.37 0.65
CA ALA A 65 3.22 -10.03 0.59
C ALA A 65 4.51 -10.00 1.39
N SER A 66 5.63 -10.22 0.74
CA SER A 66 6.94 -10.30 1.36
C SER A 66 7.66 -8.96 1.25
N GLY A 67 7.14 -7.94 1.90
CA GLY A 67 7.75 -6.62 1.90
C GLY A 67 8.70 -6.48 3.08
N PHE A 68 9.61 -5.50 3.01
CA PHE A 68 10.25 -4.94 4.19
C PHE A 68 9.32 -3.81 4.62
N SER A 69 8.76 -3.84 5.84
CA SER A 69 8.22 -2.64 6.48
C SER A 69 9.40 -1.94 7.16
N GLY A 70 9.16 -0.78 7.76
CA GLY A 70 10.17 0.26 8.00
C GLY A 70 11.17 -0.04 9.11
N CYS A 71 11.19 -1.28 9.59
CA CYS A 71 12.43 -1.94 9.95
C CYS A 71 12.31 -3.47 10.01
N ASN A 72 11.17 -4.07 9.66
CA ASN A 72 10.93 -5.50 9.82
C ASN A 72 10.26 -5.96 8.54
N ARG A 73 10.82 -6.98 7.88
CA ARG A 73 10.12 -7.63 6.79
C ARG A 73 8.94 -8.42 7.33
N TYR A 74 7.84 -8.32 6.58
CA TYR A 74 6.59 -8.96 6.84
C TYR A 74 6.34 -10.01 5.78
N MET A 75 5.32 -10.84 6.02
CA MET A 75 4.89 -11.93 5.17
C MET A 75 3.44 -12.22 5.51
N GLY A 76 2.65 -12.63 4.50
CA GLY A 76 1.31 -13.18 4.71
C GLY A 76 0.47 -13.06 3.44
N SER A 77 -0.54 -13.92 3.33
CA SER A 77 -0.99 -14.46 2.04
C SER A 77 -2.14 -13.66 1.45
N TYR A 78 -1.95 -13.10 0.25
CA TYR A 78 -2.89 -12.14 -0.32
C TYR A 78 -3.86 -12.79 -1.32
N ALA A 79 -4.86 -12.02 -1.76
CA ALA A 79 -5.89 -12.39 -2.71
C ALA A 79 -6.35 -11.12 -3.43
N LEU A 80 -6.70 -11.23 -4.71
CA LEU A 80 -7.34 -10.17 -5.49
C LEU A 80 -8.70 -10.72 -5.90
N LYS A 81 -9.80 -10.09 -5.47
CA LYS A 81 -11.14 -10.68 -5.72
C LYS A 81 -12.34 -9.74 -5.65
N ASP A 82 -12.09 -8.47 -5.41
CA ASP A 82 -13.08 -7.50 -4.93
C ASP A 82 -13.00 -6.14 -5.63
N GLY A 83 -12.21 -6.04 -6.70
CA GLY A 83 -11.68 -4.77 -7.14
C GLY A 83 -10.72 -4.15 -6.11
N LYS A 84 -10.31 -4.91 -5.09
CA LYS A 84 -9.27 -4.60 -4.13
C LYS A 84 -8.42 -5.85 -3.88
N LEU A 85 -7.29 -5.58 -3.27
CA LEU A 85 -6.39 -6.50 -2.58
C LEU A 85 -7.04 -6.84 -1.23
N SER A 86 -6.86 -8.06 -0.74
CA SER A 86 -6.91 -8.34 0.69
C SER A 86 -5.65 -9.08 1.08
N PHE A 87 -5.08 -8.70 2.22
CA PHE A 87 -4.01 -9.45 2.87
C PHE A 87 -4.63 -10.55 3.73
N GLY A 88 -3.83 -11.53 4.13
CA GLY A 88 -4.16 -12.47 5.20
C GLY A 88 -3.66 -11.90 6.51
N THR A 89 -3.70 -12.67 7.61
CA THR A 89 -2.97 -12.30 8.82
C THR A 89 -1.50 -12.18 8.46
N LEU A 90 -0.99 -10.95 8.39
CA LEU A 90 0.41 -10.69 8.16
C LEU A 90 1.14 -10.79 9.49
N GLY A 91 2.43 -11.06 9.43
CA GLY A 91 3.33 -10.90 10.55
C GLY A 91 4.74 -10.67 10.03
N GLY A 92 5.65 -10.23 10.88
CA GLY A 92 7.00 -9.87 10.49
C GLY A 92 8.02 -10.25 11.54
N THR A 93 9.28 -9.97 11.25
CA THR A 93 10.36 -10.12 12.22
C THR A 93 10.18 -9.10 13.36
N ARG A 94 10.99 -9.22 14.40
CA ARG A 94 11.09 -8.23 15.46
C ARG A 94 12.54 -7.77 15.47
N MET A 95 12.92 -6.92 14.53
CA MET A 95 14.27 -6.36 14.52
C MET A 95 14.37 -5.27 15.59
N ALA A 96 15.59 -4.97 16.01
CA ALA A 96 15.91 -4.01 17.05
C ALA A 96 16.32 -2.71 16.37
N CYS A 97 15.48 -1.68 16.52
CA CYS A 97 15.57 -0.46 15.73
C CYS A 97 15.17 0.76 16.56
N MET A 98 16.05 1.76 16.53
CA MET A 98 16.02 2.94 17.37
C MET A 98 15.59 4.11 16.50
N THR A 99 14.42 3.98 15.90
CA THR A 99 13.99 4.83 14.79
C THR A 99 12.49 5.12 14.90
N PRO A 100 12.04 6.28 14.39
CA PRO A 100 10.63 6.62 14.37
C PRO A 100 9.86 5.75 13.37
N GLY A 101 10.55 5.17 12.37
CA GLY A 101 10.00 4.22 11.43
C GLY A 101 10.01 2.80 11.95
N GLY A 102 10.76 2.51 13.01
CA GLY A 102 10.86 1.16 13.55
C GLY A 102 9.57 0.72 14.21
N GLN A 103 8.90 1.62 14.92
CA GLN A 103 7.72 1.28 15.71
C GLN A 103 6.41 1.47 14.93
N ILE A 104 6.37 2.36 13.93
CA ILE A 104 5.19 2.52 13.06
C ILE A 104 4.91 1.24 12.24
N GLU A 105 5.87 0.30 12.18
CA GLU A 105 5.67 -1.03 11.59
C GLU A 105 4.41 -1.69 12.16
N GLY A 106 4.21 -1.61 13.47
CA GLY A 106 3.04 -2.20 14.11
C GLY A 106 1.74 -1.61 13.56
N ALA A 107 1.70 -0.28 13.34
CA ALA A 107 0.53 0.38 12.78
C ALA A 107 0.35 0.00 11.31
N TYR A 108 1.44 -0.14 10.56
CA TYR A 108 1.40 -0.42 9.13
C TYR A 108 0.72 -1.78 8.88
N LEU A 109 1.12 -2.83 9.59
CA LEU A 109 0.44 -4.12 9.47
C LEU A 109 -1.02 -4.02 9.91
N ASN A 110 -1.33 -3.18 10.90
CA ASN A 110 -2.72 -2.93 11.31
C ASN A 110 -3.53 -2.22 10.22
N ALA A 111 -2.87 -1.38 9.44
CA ALA A 111 -3.51 -0.62 8.38
C ALA A 111 -3.91 -1.57 7.24
N LEU A 112 -3.10 -2.61 7.01
CA LEU A 112 -3.40 -3.64 6.02
C LEU A 112 -4.66 -4.45 6.36
N THR A 113 -5.22 -4.40 7.57
CA THR A 113 -6.44 -5.16 7.89
C THR A 113 -7.70 -4.45 7.37
N HIS A 114 -7.59 -3.21 6.89
CA HIS A 114 -8.72 -2.30 6.68
C HIS A 114 -8.85 -1.84 5.23
N ILE A 115 -8.39 -2.65 4.25
CA ILE A 115 -8.53 -2.36 2.83
C ILE A 115 -10.02 -2.50 2.52
N ASP A 116 -10.79 -1.40 2.62
CA ASP A 116 -12.17 -1.42 2.11
C ASP A 116 -12.21 -0.98 0.65
N ARG A 117 -11.21 -0.20 0.25
CA ARG A 117 -11.07 0.40 -1.07
C ARG A 117 -9.64 0.22 -1.58
N THR A 118 -9.40 0.45 -2.86
CA THR A 118 -8.09 0.45 -3.50
C THR A 118 -8.19 1.22 -4.80
N GLY A 119 -7.11 1.91 -5.17
CA GLY A 119 -6.84 2.37 -6.51
C GLY A 119 -5.47 1.86 -6.96
N VAL A 120 -5.38 1.42 -8.22
CA VAL A 120 -4.09 1.22 -8.88
C VAL A 120 -4.05 2.20 -10.05
N GLN A 121 -2.85 2.72 -10.31
CA GLN A 121 -2.61 3.76 -11.27
C GLN A 121 -1.55 3.22 -12.23
N MET A 122 -1.96 2.34 -13.16
CA MET A 122 -1.12 1.61 -14.09
C MET A 122 -0.72 2.43 -15.32
N ARG A 123 -0.66 3.75 -15.19
CA ARG A 123 -0.37 4.66 -16.29
C ARG A 123 0.86 5.45 -15.88
N ALA A 124 1.99 5.18 -16.54
CA ALA A 124 3.27 5.78 -16.25
C ALA A 124 3.15 7.31 -16.20
N PRO A 125 3.59 7.97 -15.11
CA PRO A 125 4.29 7.39 -13.97
C PRO A 125 3.37 6.56 -13.05
N GLN A 126 3.67 5.27 -12.88
CA GLN A 126 2.77 4.36 -12.20
C GLN A 126 2.93 4.46 -10.69
N GLN A 127 1.81 4.46 -9.99
CA GLN A 127 1.71 4.51 -8.55
C GLN A 127 0.55 3.60 -8.13
N MET A 128 0.37 3.46 -6.83
CA MET A 128 -0.74 2.78 -6.18
C MET A 128 -1.28 3.77 -5.15
N GLN A 129 -2.54 3.61 -4.75
CA GLN A 129 -3.05 4.35 -3.62
C GLN A 129 -4.20 3.55 -3.03
N LEU A 130 -4.00 3.03 -1.82
CA LEU A 130 -5.06 2.39 -1.06
C LEU A 130 -5.91 3.45 -0.35
N VAL A 131 -7.09 3.06 0.12
CA VAL A 131 -7.91 3.82 1.06
C VAL A 131 -8.39 2.81 2.07
N LEU A 132 -8.23 3.13 3.36
CA LEU A 132 -8.72 2.28 4.42
C LEU A 132 -10.20 2.56 4.64
N ASP A 133 -10.89 1.68 5.36
CA ASP A 133 -12.29 1.86 5.78
C ASP A 133 -12.48 3.18 6.55
N ASN A 134 -11.50 3.55 7.36
CA ASN A 134 -11.51 4.77 8.15
C ASN A 134 -11.12 6.00 7.33
N GLY A 135 -10.56 5.82 6.13
CA GLY A 135 -10.25 6.89 5.20
C GLY A 135 -8.76 7.21 5.05
N ASP A 136 -7.89 6.62 5.87
CA ASP A 136 -6.44 6.78 5.74
C ASP A 136 -6.03 6.36 4.32
N THR A 137 -5.03 7.04 3.74
CA THR A 137 -4.68 6.97 2.33
C THR A 137 -3.16 6.84 2.23
N LEU A 138 -2.63 5.70 1.80
CA LEU A 138 -1.19 5.53 1.61
C LEU A 138 -0.88 5.55 0.14
N THR A 139 0.36 5.90 -0.16
CA THR A 139 0.83 6.24 -1.49
C THR A 139 2.13 5.51 -1.76
N PHE A 140 2.09 4.60 -2.73
CA PHE A 140 3.21 3.74 -3.04
C PHE A 140 3.56 3.91 -4.51
N ASP A 141 4.85 3.95 -4.84
CA ASP A 141 5.34 4.07 -6.21
C ASP A 141 5.61 2.67 -6.77
N ARG A 142 5.34 2.41 -8.05
CA ARG A 142 5.58 1.11 -8.72
C ARG A 142 7.08 0.83 -8.79
N SER A 143 7.63 -0.25 -8.20
CA SER A 143 9.09 -0.40 -8.13
C SER A 143 9.59 -1.70 -8.75
N THR A 144 8.96 -2.09 -9.84
CA THR A 144 9.31 -3.25 -10.64
C THR A 144 10.58 -3.00 -11.48
N ARG A 145 11.37 -1.97 -11.15
CA ARG A 145 12.67 -1.67 -11.74
C ARG A 145 12.58 -1.33 -13.23
N ILE A 1 -20.71 19.85 8.90
CA ILE A 1 -20.46 21.07 8.12
C ILE A 1 -20.77 20.82 6.64
N PRO A 2 -22.06 20.77 6.25
CA PRO A 2 -22.46 20.61 4.86
C PRO A 2 -22.01 21.78 4.00
N LYS A 3 -21.99 21.54 2.70
CA LYS A 3 -21.73 22.49 1.62
C LYS A 3 -22.63 22.11 0.44
N HIS A 4 -22.55 22.86 -0.67
CA HIS A 4 -23.27 22.56 -1.91
C HIS A 4 -22.38 21.65 -2.79
N PRO A 5 -22.94 21.01 -3.83
CA PRO A 5 -22.17 20.15 -4.74
C PRO A 5 -21.16 20.93 -5.61
N ASP A 6 -21.25 22.26 -5.62
CA ASP A 6 -20.40 23.18 -6.38
C ASP A 6 -20.50 22.94 -7.89
N SER A 7 -21.73 23.18 -8.39
CA SER A 7 -22.14 23.09 -9.79
C SER A 7 -22.30 21.62 -10.21
N GLU A 8 -22.57 21.42 -11.50
CA GLU A 8 -22.83 20.12 -12.09
C GLU A 8 -21.66 19.79 -13.02
N ALA A 9 -20.48 19.66 -12.42
CA ALA A 9 -19.26 19.32 -13.13
C ALA A 9 -18.41 18.42 -12.23
N VAL A 10 -18.89 17.19 -12.04
CA VAL A 10 -18.31 16.17 -11.19
C VAL A 10 -17.56 15.19 -12.09
N ALA A 11 -16.37 15.58 -12.57
CA ALA A 11 -15.58 14.74 -13.45
C ALA A 11 -15.24 13.40 -12.77
N PRO A 12 -14.98 12.32 -13.53
CA PRO A 12 -14.61 11.04 -12.94
C PRO A 12 -13.27 11.22 -12.22
N ASP A 13 -13.05 10.48 -11.15
CA ASP A 13 -11.80 10.49 -10.40
C ASP A 13 -10.92 9.36 -10.97
N PRO A 14 -9.59 9.39 -10.77
CA PRO A 14 -8.67 8.39 -11.32
C PRO A 14 -8.85 7.03 -10.64
N PHE A 15 -7.94 6.10 -10.96
CA PHE A 15 -7.82 4.73 -10.45
C PHE A 15 -8.87 3.80 -11.02
N ASN A 16 -8.63 2.48 -10.98
CA ASN A 16 -9.57 1.49 -11.49
C ASN A 16 -9.50 0.19 -10.67
N PRO A 17 -10.61 -0.55 -10.55
CA PRO A 17 -10.62 -1.90 -9.98
C PRO A 17 -9.99 -2.92 -10.95
N ALA A 18 -10.15 -2.69 -12.27
CA ALA A 18 -9.56 -3.47 -13.36
C ALA A 18 -8.04 -3.29 -13.45
N ALA A 19 -7.34 -3.26 -12.31
CA ALA A 19 -5.91 -3.07 -12.20
C ALA A 19 -5.31 -3.92 -11.07
N THR A 20 -6.10 -4.43 -10.12
CA THR A 20 -5.53 -5.26 -9.05
C THR A 20 -5.00 -6.59 -9.61
N GLN A 21 -5.60 -7.13 -10.67
CA GLN A 21 -5.27 -8.47 -11.19
C GLN A 21 -3.80 -8.63 -11.59
N LEU A 22 -3.10 -7.52 -11.84
CA LEU A 22 -1.71 -7.49 -12.26
C LEU A 22 -0.76 -7.49 -11.05
N LEU A 23 -1.28 -7.62 -9.83
CA LEU A 23 -0.51 -7.68 -8.59
C LEU A 23 -0.16 -9.14 -8.31
N ASP A 24 0.85 -9.65 -9.01
CA ASP A 24 1.32 -11.04 -8.79
C ASP A 24 2.84 -11.13 -8.70
N ASP A 25 3.53 -10.20 -9.39
CA ASP A 25 5.00 -10.14 -9.52
C ASP A 25 5.54 -8.76 -9.13
N THR A 26 4.65 -7.86 -8.72
CA THR A 26 4.93 -6.46 -8.41
C THR A 26 5.66 -6.32 -7.07
N SER A 27 5.85 -5.09 -6.59
CA SER A 27 6.61 -4.93 -5.38
C SER A 27 6.16 -3.69 -4.64
N TRP A 28 6.34 -2.51 -5.23
CA TRP A 28 5.94 -1.23 -4.63
C TRP A 28 6.72 -0.90 -3.37
N VAL A 29 6.73 0.38 -3.05
CA VAL A 29 7.41 0.91 -1.89
C VAL A 29 6.47 1.96 -1.36
N LEU A 30 6.17 1.91 -0.06
CA LEU A 30 5.41 2.96 0.57
C LEU A 30 6.28 4.21 0.55
N SER A 31 5.70 5.41 0.59
CA SER A 31 6.51 6.60 0.80
C SER A 31 5.74 7.69 1.51
N ALA A 32 4.40 7.64 1.48
CA ALA A 32 3.61 8.61 2.22
C ALA A 32 2.36 7.94 2.77
N TRP A 33 1.99 8.30 4.00
CA TRP A 33 0.83 7.78 4.69
C TRP A 33 -0.11 8.93 4.98
N LYS A 34 -1.14 9.11 4.15
CA LYS A 34 -2.13 10.16 4.37
C LYS A 34 -3.16 9.64 5.36
N GLN A 35 -3.52 10.44 6.34
CA GLN A 35 -4.65 10.17 7.22
C GLN A 35 -5.95 10.44 6.47
N ALA A 36 -7.06 9.98 7.06
CA ALA A 36 -8.46 10.20 6.68
C ALA A 36 -8.93 11.67 6.68
N ASP A 37 -7.99 12.61 6.69
CA ASP A 37 -8.17 14.05 6.71
C ASP A 37 -7.36 14.73 5.60
N GLY A 38 -6.34 14.05 5.04
CA GLY A 38 -5.43 14.62 4.04
C GLY A 38 -4.02 14.92 4.58
N THR A 39 -3.73 14.57 5.84
CA THR A 39 -2.46 14.78 6.52
C THR A 39 -1.49 13.61 6.28
N ALA A 40 -0.40 13.84 5.57
CA ALA A 40 0.75 12.95 5.49
C ALA A 40 1.50 12.81 6.83
N ARG A 41 1.38 11.63 7.47
CA ARG A 41 2.06 11.25 8.71
C ARG A 41 3.57 11.27 8.56
N ALA A 42 4.29 11.32 9.69
CA ALA A 42 5.70 10.94 9.79
C ALA A 42 5.85 9.48 9.35
N VAL A 43 6.76 9.21 8.42
CA VAL A 43 7.14 7.87 7.95
C VAL A 43 8.65 7.88 7.65
N PRO A 44 9.34 6.73 7.52
CA PRO A 44 10.72 6.67 7.08
C PRO A 44 10.82 6.82 5.55
N SER A 45 11.28 7.97 5.06
CA SER A 45 11.60 8.18 3.66
C SER A 45 12.80 7.32 3.20
N ALA A 46 13.06 7.25 1.89
CA ALA A 46 14.22 6.54 1.34
C ALA A 46 15.52 7.17 1.84
N ASP A 47 15.68 8.49 1.62
CA ASP A 47 16.93 9.15 2.00
C ASP A 47 17.13 9.20 3.53
N GLN A 48 16.09 8.85 4.32
CA GLN A 48 16.20 8.76 5.78
C GLN A 48 16.91 7.49 6.25
N GLY A 49 17.06 6.47 5.40
CA GLY A 49 17.79 5.25 5.73
C GLY A 49 17.08 4.03 5.18
N ALA A 50 16.15 3.49 5.98
CA ALA A 50 15.47 2.23 5.79
C ALA A 50 13.96 2.50 5.62
N PRO A 51 13.49 2.77 4.39
CA PRO A 51 12.07 2.86 4.09
C PRO A 51 11.38 1.49 4.12
N ILE A 52 10.07 1.51 3.96
CA ILE A 52 9.15 0.37 3.91
C ILE A 52 8.97 -0.08 2.45
N THR A 53 9.49 -1.26 2.07
CA THR A 53 9.47 -1.80 0.71
C THR A 53 8.62 -3.07 0.69
N LEU A 54 7.52 -3.10 -0.07
CA LEU A 54 6.66 -4.29 -0.21
C LEU A 54 7.30 -5.20 -1.27
N THR A 55 6.87 -6.46 -1.36
CA THR A 55 7.10 -7.33 -2.50
C THR A 55 5.86 -8.21 -2.66
N LEU A 56 5.37 -8.37 -3.89
CA LEU A 56 4.28 -9.26 -4.26
C LEU A 56 4.85 -10.24 -5.29
N SER A 57 5.24 -11.44 -4.87
CA SER A 57 5.86 -12.43 -5.75
C SER A 57 5.50 -13.82 -5.20
N THR A 58 5.57 -14.87 -6.02
CA THR A 58 5.12 -16.19 -5.60
C THR A 58 6.32 -17.11 -5.39
N SER A 59 7.22 -16.74 -4.47
CA SER A 59 8.38 -17.58 -4.13
C SER A 59 7.93 -18.97 -3.63
N THR A 60 6.79 -19.03 -2.94
CA THR A 60 6.19 -20.26 -2.44
C THR A 60 5.23 -20.89 -3.46
N GLY A 61 5.24 -20.38 -4.70
CA GLY A 61 4.22 -20.59 -5.72
C GLY A 61 2.87 -19.97 -5.37
N GLN A 62 2.65 -19.58 -4.11
CA GLN A 62 1.45 -18.95 -3.66
C GLN A 62 1.70 -17.46 -3.69
N ARG A 63 0.61 -16.72 -3.76
CA ARG A 63 0.54 -15.26 -3.72
C ARG A 63 0.93 -14.73 -2.33
N HIS A 64 2.21 -14.80 -2.01
CA HIS A 64 2.80 -14.26 -0.78
C HIS A 64 3.16 -12.79 -0.95
N ALA A 65 2.77 -11.99 0.04
CA ALA A 65 3.22 -10.62 0.26
C ALA A 65 4.26 -10.72 1.36
N SER A 66 5.50 -10.33 1.08
CA SER A 66 6.53 -10.14 2.10
C SER A 66 7.27 -8.86 1.76
N GLY A 67 7.88 -8.20 2.73
CA GLY A 67 8.53 -6.93 2.51
C GLY A 67 9.21 -6.50 3.79
N PHE A 68 10.03 -5.46 3.71
CA PHE A 68 10.69 -4.87 4.86
C PHE A 68 9.84 -3.67 5.29
N SER A 69 9.42 -3.61 6.55
CA SER A 69 8.75 -2.45 7.10
C SER A 69 9.69 -1.76 8.08
N GLY A 70 10.47 -0.80 7.60
CA GLY A 70 10.92 0.30 8.45
C GLY A 70 12.15 -0.10 9.25
N CYS A 71 12.04 -1.07 10.15
CA CYS A 71 13.20 -1.76 10.70
C CYS A 71 12.99 -3.28 10.73
N ASN A 72 11.83 -3.79 10.30
CA ASN A 72 11.37 -5.15 10.60
C ASN A 72 10.61 -5.67 9.38
N ARG A 73 11.07 -6.76 8.74
CA ARG A 73 10.31 -7.40 7.66
C ARG A 73 9.15 -8.26 8.16
N TYR A 74 8.21 -8.52 7.24
CA TYR A 74 6.96 -9.25 7.40
C TYR A 74 6.74 -10.27 6.27
N MET A 75 5.73 -11.13 6.41
CA MET A 75 5.27 -12.09 5.40
C MET A 75 3.79 -12.43 5.58
N GLY A 76 3.18 -13.07 4.58
CA GLY A 76 1.83 -13.61 4.61
C GLY A 76 1.23 -13.64 3.20
N SER A 77 -0.08 -13.78 3.04
CA SER A 77 -0.76 -14.16 1.81
C SER A 77 -1.86 -13.15 1.51
N TYR A 78 -2.24 -13.02 0.24
CA TYR A 78 -3.21 -12.01 -0.20
C TYR A 78 -4.20 -12.56 -1.23
N ALA A 79 -5.13 -11.72 -1.68
CA ALA A 79 -6.18 -12.03 -2.64
C ALA A 79 -6.50 -10.80 -3.47
N LEU A 80 -6.89 -11.03 -4.73
CA LEU A 80 -7.24 -10.05 -5.73
C LEU A 80 -8.69 -10.28 -6.09
N LYS A 81 -9.57 -9.43 -5.59
CA LYS A 81 -10.98 -9.34 -6.01
C LYS A 81 -11.47 -7.91 -5.76
N ASP A 82 -12.75 -7.60 -5.96
CA ASP A 82 -13.41 -6.40 -5.48
C ASP A 82 -12.72 -5.07 -5.85
N GLY A 83 -11.80 -5.06 -6.82
CA GLY A 83 -10.92 -3.93 -7.09
C GLY A 83 -9.96 -3.61 -5.97
N LYS A 84 -9.75 -4.50 -4.99
CA LYS A 84 -8.89 -4.27 -3.84
C LYS A 84 -7.97 -5.48 -3.60
N LEU A 85 -6.91 -5.23 -2.86
CA LEU A 85 -5.90 -6.22 -2.49
C LEU A 85 -6.11 -6.51 -1.01
N SER A 86 -6.72 -7.65 -0.72
CA SER A 86 -7.01 -8.07 0.65
C SER A 86 -5.93 -9.04 1.12
N PHE A 87 -5.42 -8.81 2.31
CA PHE A 87 -4.35 -9.58 2.91
C PHE A 87 -4.94 -10.64 3.85
N GLY A 88 -4.08 -11.40 4.53
CA GLY A 88 -4.43 -12.44 5.48
C GLY A 88 -3.82 -12.16 6.85
N THR A 89 -3.59 -13.22 7.61
CA THR A 89 -2.76 -13.21 8.81
C THR A 89 -1.32 -12.89 8.40
N LEU A 90 -1.03 -11.61 8.28
CA LEU A 90 0.31 -11.09 8.11
C LEU A 90 1.02 -11.10 9.46
N GLY A 91 2.28 -10.69 9.48
CA GLY A 91 3.09 -10.46 10.64
C GLY A 91 4.54 -10.80 10.34
N GLY A 92 5.40 -10.81 11.35
CA GLY A 92 6.82 -10.93 11.09
C GLY A 92 7.69 -10.93 12.34
N THR A 93 8.66 -10.02 12.37
CA THR A 93 9.77 -10.04 13.30
C THR A 93 9.54 -9.01 14.41
N ARG A 94 10.37 -9.04 15.46
CA ARG A 94 10.23 -8.21 16.65
C ARG A 94 11.53 -7.48 16.96
N MET A 95 12.19 -6.98 15.90
CA MET A 95 13.48 -6.33 16.02
C MET A 95 13.36 -5.11 16.95
N ALA A 96 14.37 -4.90 17.78
CA ALA A 96 14.51 -3.70 18.59
C ALA A 96 15.30 -2.70 17.79
N CYS A 97 14.74 -1.51 17.59
CA CYS A 97 15.36 -0.39 16.91
C CYS A 97 15.07 0.89 17.71
N MET A 98 15.75 1.98 17.35
CA MET A 98 15.63 3.27 18.05
C MET A 98 15.31 4.38 17.06
N THR A 99 14.73 4.02 15.91
CA THR A 99 14.57 4.90 14.78
C THR A 99 13.14 5.40 14.76
N PRO A 100 12.85 6.53 14.09
CA PRO A 100 11.47 6.95 13.88
C PRO A 100 10.76 6.09 12.83
N GLY A 101 11.47 5.28 12.06
CA GLY A 101 10.88 4.30 11.16
C GLY A 101 10.70 2.92 11.79
N GLY A 102 11.09 2.71 13.05
CA GLY A 102 11.06 1.38 13.65
C GLY A 102 9.73 1.09 14.34
N GLN A 103 9.21 2.04 15.14
CA GLN A 103 7.99 1.72 15.91
C GLN A 103 6.75 1.68 15.02
N ILE A 104 6.79 2.34 13.86
CA ILE A 104 5.66 2.44 12.94
C ILE A 104 5.22 1.07 12.39
N GLU A 105 6.07 0.05 12.56
CA GLU A 105 5.82 -1.33 12.25
C GLU A 105 4.75 -1.96 13.14
N GLY A 106 4.24 -1.23 14.11
CA GLY A 106 3.00 -1.58 14.79
C GLY A 106 1.80 -1.17 13.93
N ALA A 107 1.62 0.14 13.69
CA ALA A 107 0.39 0.67 13.09
C ALA A 107 0.17 0.13 11.68
N TYR A 108 1.24 -0.10 10.92
CA TYR A 108 1.17 -0.43 9.49
C TYR A 108 0.42 -1.77 9.29
N LEU A 109 0.62 -2.74 10.19
CA LEU A 109 -0.07 -4.03 10.18
C LEU A 109 -1.51 -3.90 10.66
N ASN A 110 -1.81 -2.85 11.43
CA ASN A 110 -3.20 -2.55 11.79
C ASN A 110 -3.95 -1.82 10.68
N ALA A 111 -3.23 -1.13 9.82
CA ALA A 111 -3.80 -0.51 8.63
C ALA A 111 -4.09 -1.58 7.58
N LEU A 112 -3.21 -2.57 7.44
CA LEU A 112 -3.37 -3.67 6.48
C LEU A 112 -4.60 -4.54 6.69
N THR A 113 -5.30 -4.48 7.84
CA THR A 113 -6.54 -5.21 8.03
C THR A 113 -7.76 -4.48 7.45
N HIS A 114 -7.58 -3.27 6.91
CA HIS A 114 -8.63 -2.39 6.47
C HIS A 114 -8.46 -2.14 4.98
N ILE A 115 -8.97 -3.04 4.13
CA ILE A 115 -8.91 -2.85 2.69
C ILE A 115 -10.33 -3.03 2.15
N ASP A 116 -11.22 -2.17 2.62
CA ASP A 116 -12.57 -2.08 2.08
C ASP A 116 -12.53 -1.48 0.67
N ARG A 117 -11.52 -0.63 0.44
CA ARG A 117 -11.32 0.07 -0.82
C ARG A 117 -9.86 0.17 -1.20
N THR A 118 -9.62 0.37 -2.48
CA THR A 118 -8.31 0.62 -3.07
C THR A 118 -8.50 1.48 -4.32
N GLY A 119 -7.41 1.95 -4.92
CA GLY A 119 -7.39 2.66 -6.19
C GLY A 119 -5.97 2.61 -6.75
N VAL A 120 -5.70 1.70 -7.69
CA VAL A 120 -4.40 1.61 -8.32
C VAL A 120 -4.47 2.27 -9.70
N GLN A 121 -3.45 3.06 -10.03
CA GLN A 121 -3.31 3.78 -11.29
C GLN A 121 -2.20 3.07 -12.06
N MET A 122 -2.47 1.90 -12.65
CA MET A 122 -1.53 1.16 -13.49
C MET A 122 -1.29 1.87 -14.84
N ARG A 123 -0.98 3.16 -14.85
CA ARG A 123 -0.65 3.94 -16.02
C ARG A 123 0.58 4.76 -15.63
N ALA A 124 1.65 4.76 -16.42
CA ALA A 124 2.84 5.53 -16.13
C ALA A 124 2.53 7.02 -16.20
N PRO A 125 2.89 7.83 -15.19
CA PRO A 125 3.65 7.44 -14.00
C PRO A 125 2.78 6.67 -12.98
N GLN A 126 3.18 5.43 -12.68
CA GLN A 126 2.40 4.47 -11.93
C GLN A 126 2.60 4.68 -10.44
N GLN A 127 1.50 4.74 -9.69
CA GLN A 127 1.45 4.70 -8.23
C GLN A 127 0.24 3.87 -7.80
N MET A 128 0.17 3.53 -6.52
CA MET A 128 -0.93 2.80 -5.90
C MET A 128 -1.43 3.68 -4.75
N GLN A 129 -2.74 3.83 -4.63
CA GLN A 129 -3.39 4.32 -3.42
C GLN A 129 -4.30 3.20 -2.96
N LEU A 130 -4.43 3.03 -1.64
CA LEU A 130 -5.54 2.30 -1.01
C LEU A 130 -6.39 3.28 -0.23
N VAL A 131 -7.59 2.90 0.23
CA VAL A 131 -8.17 3.59 1.35
C VAL A 131 -8.45 2.54 2.41
N LEU A 132 -8.36 2.92 3.66
CA LEU A 132 -8.76 2.08 4.78
C LEU A 132 -10.21 2.37 5.09
N ASP A 133 -10.93 1.49 5.79
CA ASP A 133 -12.35 1.67 6.07
C ASP A 133 -12.64 3.02 6.76
N ASN A 134 -11.65 3.60 7.46
CA ASN A 134 -11.74 4.86 8.20
C ASN A 134 -11.56 6.08 7.29
N GLY A 135 -10.95 5.88 6.11
CA GLY A 135 -10.64 6.91 5.14
C GLY A 135 -9.15 7.15 4.92
N ASP A 136 -8.26 6.57 5.75
CA ASP A 136 -6.80 6.76 5.61
C ASP A 136 -6.37 6.32 4.21
N THR A 137 -5.33 6.93 3.65
CA THR A 137 -4.96 6.79 2.25
C THR A 137 -3.43 6.67 2.15
N LEU A 138 -2.88 5.47 2.03
CA LEU A 138 -1.42 5.35 1.87
C LEU A 138 -1.08 5.48 0.39
N THR A 139 0.04 6.13 0.06
CA THR A 139 0.54 6.33 -1.29
C THR A 139 1.80 5.46 -1.46
N PHE A 140 1.79 4.62 -2.48
CA PHE A 140 2.91 3.78 -2.85
C PHE A 140 3.40 4.10 -4.25
N ASP A 141 4.68 3.88 -4.45
CA ASP A 141 5.40 4.09 -5.69
C ASP A 141 5.52 2.76 -6.42
N ARG A 142 5.53 2.78 -7.76
CA ARG A 142 5.71 1.56 -8.55
C ARG A 142 7.19 1.20 -8.51
N SER A 143 7.50 0.10 -7.83
CA SER A 143 8.78 -0.51 -7.87
C SER A 143 8.62 -1.83 -8.60
N THR A 144 8.86 -1.76 -9.90
CA THR A 144 8.98 -2.90 -10.80
C THR A 144 10.40 -2.94 -11.40
N ARG A 145 11.41 -2.40 -10.71
CA ARG A 145 12.81 -2.42 -11.15
C ARG A 145 13.64 -2.62 -9.89
N ILE A 1 -28.20 -10.20 -18.46
CA ILE A 1 -28.95 -8.93 -18.36
C ILE A 1 -28.02 -7.76 -18.72
N PRO A 2 -27.91 -7.39 -20.01
CA PRO A 2 -27.20 -6.17 -20.39
C PRO A 2 -27.90 -4.93 -19.80
N LYS A 3 -27.28 -3.74 -19.96
CA LYS A 3 -27.98 -2.48 -19.75
C LYS A 3 -28.91 -2.22 -20.95
N HIS A 4 -29.70 -1.15 -20.89
CA HIS A 4 -30.19 -0.47 -22.08
C HIS A 4 -28.99 0.13 -22.83
N PRO A 5 -29.12 0.54 -24.10
CA PRO A 5 -28.07 1.30 -24.79
C PRO A 5 -28.00 2.74 -24.26
N ASP A 6 -27.51 2.90 -23.04
CA ASP A 6 -27.12 4.12 -22.36
C ASP A 6 -25.90 3.73 -21.53
N SER A 7 -24.71 3.84 -22.13
CA SER A 7 -23.43 3.51 -21.53
C SER A 7 -22.32 3.93 -22.51
N GLU A 8 -21.06 3.76 -22.10
CA GLU A 8 -19.89 3.52 -22.94
C GLU A 8 -19.48 4.66 -23.87
N ALA A 9 -19.95 5.87 -23.59
CA ALA A 9 -19.54 7.09 -24.27
C ALA A 9 -18.98 8.09 -23.25
N VAL A 10 -18.11 7.62 -22.35
CA VAL A 10 -17.57 8.41 -21.24
C VAL A 10 -16.06 8.11 -21.15
N ALA A 11 -15.24 9.15 -21.01
CA ALA A 11 -13.80 9.02 -20.86
C ALA A 11 -13.44 8.30 -19.55
N PRO A 12 -12.29 7.59 -19.48
CA PRO A 12 -11.94 6.76 -18.35
C PRO A 12 -11.51 7.60 -17.15
N ASP A 13 -12.15 7.34 -16.02
CA ASP A 13 -11.84 7.93 -14.72
C ASP A 13 -10.67 7.15 -14.09
N PRO A 14 -9.77 7.81 -13.34
CA PRO A 14 -8.59 7.17 -12.74
C PRO A 14 -8.96 6.24 -11.58
N PHE A 15 -7.93 5.59 -11.01
CA PHE A 15 -8.03 4.58 -9.97
C PHE A 15 -9.03 3.49 -10.36
N ASN A 16 -8.89 3.01 -11.60
CA ASN A 16 -9.74 1.97 -12.15
C ASN A 16 -9.40 0.65 -11.45
N PRO A 17 -10.38 -0.22 -11.18
CA PRO A 17 -10.14 -1.51 -10.55
C PRO A 17 -9.60 -2.55 -11.55
N ALA A 18 -9.73 -2.32 -12.86
CA ALA A 18 -9.15 -3.17 -13.90
C ALA A 18 -7.62 -2.96 -14.03
N ALA A 19 -6.97 -2.83 -12.88
CA ALA A 19 -5.58 -2.56 -12.63
C ALA A 19 -5.17 -3.44 -11.45
N THR A 20 -5.99 -3.45 -10.40
CA THR A 20 -5.73 -4.17 -9.15
C THR A 20 -5.58 -5.68 -9.36
N GLN A 21 -6.10 -6.21 -10.46
CA GLN A 21 -5.94 -7.60 -10.84
C GLN A 21 -4.51 -8.00 -11.20
N LEU A 22 -3.58 -7.06 -11.37
CA LEU A 22 -2.17 -7.29 -11.69
C LEU A 22 -1.31 -7.21 -10.42
N LEU A 23 -1.93 -7.10 -9.23
CA LEU A 23 -1.20 -6.95 -7.96
C LEU A 23 -0.75 -8.33 -7.47
N ASP A 24 0.00 -9.04 -8.31
CA ASP A 24 0.19 -10.48 -8.18
C ASP A 24 1.64 -10.89 -8.37
N ASP A 25 2.34 -10.27 -9.33
CA ASP A 25 3.78 -10.44 -9.53
C ASP A 25 4.42 -9.04 -9.63
N THR A 26 3.97 -8.09 -8.82
CA THR A 26 4.41 -6.69 -8.88
C THR A 26 5.04 -6.25 -7.56
N SER A 27 5.87 -5.22 -7.59
CA SER A 27 6.57 -4.68 -6.43
C SER A 27 6.32 -3.21 -6.34
N TRP A 28 6.38 -2.74 -5.10
CA TRP A 28 5.93 -1.44 -4.67
C TRP A 28 6.80 -0.99 -3.49
N VAL A 29 6.79 0.30 -3.18
CA VAL A 29 7.53 0.91 -2.07
C VAL A 29 6.68 2.07 -1.58
N LEU A 30 6.51 2.25 -0.27
CA LEU A 30 5.70 3.34 0.28
C LEU A 30 6.51 4.63 0.33
N SER A 31 5.84 5.78 0.22
CA SER A 31 6.47 7.09 0.34
C SER A 31 5.68 8.08 1.23
N ALA A 32 4.36 7.97 1.37
CA ALA A 32 3.54 8.84 2.23
C ALA A 32 2.30 8.10 2.72
N TRP A 33 1.71 8.56 3.82
CA TRP A 33 0.49 8.04 4.45
C TRP A 33 -0.30 9.23 5.01
N LYS A 34 -1.40 9.60 4.37
CA LYS A 34 -2.32 10.60 4.89
C LYS A 34 -3.33 9.89 5.79
N GLN A 35 -3.57 10.41 6.98
CA GLN A 35 -4.79 10.09 7.72
C GLN A 35 -5.98 10.57 6.90
N ALA A 36 -7.16 10.02 7.24
CA ALA A 36 -8.47 10.50 6.84
C ALA A 36 -8.61 12.02 6.96
N ASP A 37 -8.10 12.59 8.07
CA ASP A 37 -8.24 13.99 8.45
C ASP A 37 -7.42 14.91 7.55
N GLY A 38 -6.49 14.35 6.78
CA GLY A 38 -5.54 15.04 5.93
C GLY A 38 -4.18 15.22 6.59
N THR A 39 -4.00 14.70 7.81
CA THR A 39 -2.75 14.66 8.54
C THR A 39 -1.79 13.69 7.87
N ALA A 40 -0.72 14.17 7.24
CA ALA A 40 0.32 13.28 6.75
C ALA A 40 1.16 12.74 7.92
N ARG A 41 1.53 11.46 7.87
CA ARG A 41 2.25 10.74 8.93
C ARG A 41 3.75 10.71 8.67
N ALA A 42 4.53 10.32 9.68
CA ALA A 42 5.97 10.12 9.54
C ALA A 42 6.22 8.70 9.04
N VAL A 43 6.53 8.53 7.76
CA VAL A 43 6.94 7.27 7.18
C VAL A 43 8.40 7.39 6.72
N PRO A 44 9.19 6.31 6.74
CA PRO A 44 10.61 6.35 6.39
C PRO A 44 10.77 6.42 4.87
N SER A 45 11.07 7.61 4.37
CA SER A 45 11.52 7.88 3.03
C SER A 45 12.76 7.10 2.59
N ALA A 46 13.08 7.16 1.30
CA ALA A 46 14.23 6.47 0.71
C ALA A 46 15.56 6.86 1.37
N ASP A 47 15.71 8.13 1.74
CA ASP A 47 16.93 8.61 2.39
C ASP A 47 16.98 8.32 3.89
N GLN A 48 15.83 7.95 4.47
CA GLN A 48 15.71 7.81 5.93
C GLN A 48 16.41 6.54 6.42
N GLY A 49 16.61 5.53 5.56
CA GLY A 49 17.66 4.53 5.76
C GLY A 49 17.26 3.10 5.44
N ALA A 50 15.99 2.75 5.67
CA ALA A 50 15.39 1.48 5.28
C ALA A 50 13.93 1.78 4.90
N PRO A 51 13.67 2.18 3.64
CA PRO A 51 12.32 2.52 3.21
C PRO A 51 11.42 1.28 3.18
N ILE A 52 10.12 1.53 3.16
CA ILE A 52 9.09 0.51 3.22
C ILE A 52 8.95 -0.12 1.83
N THR A 53 9.41 -1.35 1.65
CA THR A 53 9.25 -2.09 0.40
C THR A 53 8.07 -3.08 0.53
N LEU A 54 7.51 -3.51 -0.61
CA LEU A 54 6.61 -4.63 -0.77
C LEU A 54 7.01 -5.32 -2.07
N THR A 55 6.97 -6.65 -2.11
CA THR A 55 6.90 -7.37 -3.37
C THR A 55 5.84 -8.45 -3.25
N LEU A 56 5.18 -8.68 -4.38
CA LEU A 56 4.10 -9.64 -4.55
C LEU A 56 4.65 -10.62 -5.59
N SER A 57 4.82 -11.89 -5.23
CA SER A 57 5.16 -12.95 -6.17
C SER A 57 4.87 -14.31 -5.48
N THR A 58 5.09 -15.42 -6.20
CA THR A 58 4.53 -16.72 -5.87
C THR A 58 5.58 -17.78 -5.53
N SER A 59 6.83 -17.39 -5.23
CA SER A 59 7.93 -18.31 -4.89
C SER A 59 7.63 -19.33 -3.78
N THR A 60 6.80 -19.03 -2.77
CA THR A 60 6.48 -20.07 -1.77
C THR A 60 5.68 -21.22 -2.38
N GLY A 61 5.01 -20.97 -3.51
CA GLY A 61 3.91 -21.75 -4.04
C GLY A 61 2.57 -21.13 -3.66
N GLN A 62 2.55 -20.00 -2.93
CA GLN A 62 1.37 -19.21 -2.66
C GLN A 62 1.66 -17.74 -2.95
N ARG A 63 0.59 -16.94 -2.98
CA ARG A 63 0.60 -15.47 -3.10
C ARG A 63 1.11 -14.93 -1.76
N HIS A 64 2.42 -14.95 -1.60
CA HIS A 64 3.12 -14.52 -0.39
C HIS A 64 3.79 -13.19 -0.65
N ALA A 65 3.29 -12.19 0.03
CA ALA A 65 3.92 -10.89 0.11
C ALA A 65 5.16 -11.03 0.98
N SER A 66 6.18 -10.23 0.70
CA SER A 66 7.33 -10.04 1.57
C SER A 66 7.76 -8.58 1.44
N GLY A 67 8.38 -8.04 2.48
CA GLY A 67 8.79 -6.66 2.48
C GLY A 67 9.39 -6.27 3.83
N PHE A 68 9.58 -4.97 3.99
CA PHE A 68 9.99 -4.32 5.22
C PHE A 68 8.99 -3.16 5.35
N SER A 69 8.33 -3.00 6.50
CA SER A 69 7.38 -1.92 6.73
C SER A 69 7.76 -0.99 7.88
N GLY A 70 8.98 -1.09 8.39
CA GLY A 70 9.56 -0.12 9.31
C GLY A 70 10.86 -0.62 9.94
N CYS A 71 10.85 -1.71 10.72
CA CYS A 71 12.04 -2.31 11.33
C CYS A 71 11.79 -3.72 11.92
N ASN A 72 10.65 -4.33 11.67
CA ASN A 72 10.36 -5.71 12.07
C ASN A 72 10.24 -6.65 10.89
N ARG A 73 10.25 -6.09 9.67
CA ARG A 73 9.86 -6.69 8.43
C ARG A 73 8.55 -7.48 8.53
N TYR A 74 8.16 -8.02 7.39
CA TYR A 74 6.98 -8.85 7.32
C TYR A 74 6.98 -9.75 6.10
N MET A 75 6.07 -10.70 6.14
CA MET A 75 5.71 -11.64 5.09
C MET A 75 4.29 -12.11 5.40
N GLY A 76 3.63 -12.79 4.47
CA GLY A 76 2.32 -13.40 4.66
C GLY A 76 1.49 -13.31 3.39
N SER A 77 0.29 -13.91 3.38
CA SER A 77 -0.48 -14.15 2.17
C SER A 77 -1.23 -12.90 1.67
N TYR A 78 -1.68 -12.95 0.41
CA TYR A 78 -2.59 -11.97 -0.18
C TYR A 78 -3.61 -12.63 -1.12
N ALA A 79 -4.54 -11.86 -1.68
CA ALA A 79 -5.47 -12.29 -2.73
C ALA A 79 -6.00 -11.07 -3.49
N LEU A 80 -6.51 -11.33 -4.70
CA LEU A 80 -7.01 -10.33 -5.63
C LEU A 80 -8.45 -10.66 -5.98
N LYS A 81 -9.32 -9.66 -5.83
CA LYS A 81 -10.77 -9.72 -5.92
C LYS A 81 -11.30 -8.34 -5.58
N ASP A 82 -12.59 -8.11 -5.76
CA ASP A 82 -13.31 -7.03 -5.09
C ASP A 82 -12.73 -5.64 -5.35
N GLY A 83 -12.03 -5.47 -6.48
CA GLY A 83 -11.35 -4.23 -6.86
C GLY A 83 -10.11 -3.93 -6.01
N LYS A 84 -9.68 -4.82 -5.11
CA LYS A 84 -8.62 -4.57 -4.13
C LYS A 84 -7.58 -5.69 -4.11
N LEU A 85 -6.46 -5.43 -3.43
CA LEU A 85 -5.48 -6.41 -2.96
C LEU A 85 -5.77 -6.59 -1.48
N SER A 86 -6.30 -7.76 -1.09
CA SER A 86 -6.49 -8.11 0.31
C SER A 86 -5.24 -8.84 0.81
N PHE A 87 -5.02 -8.88 2.13
CA PHE A 87 -3.89 -9.56 2.77
C PHE A 87 -4.40 -10.65 3.72
N GLY A 88 -3.49 -11.38 4.35
CA GLY A 88 -3.78 -12.37 5.37
C GLY A 88 -3.53 -11.81 6.76
N THR A 89 -2.51 -12.37 7.41
CA THR A 89 -2.22 -12.31 8.82
C THR A 89 -0.70 -12.25 8.92
N LEU A 90 -0.15 -11.12 8.46
CA LEU A 90 1.25 -10.93 8.29
C LEU A 90 1.95 -10.87 9.65
N GLY A 91 3.26 -11.02 9.60
CA GLY A 91 4.10 -10.71 10.74
C GLY A 91 5.57 -10.89 10.39
N GLY A 92 6.45 -10.49 11.31
CA GLY A 92 7.88 -10.53 11.14
C GLY A 92 8.56 -10.87 12.46
N THR A 93 9.61 -10.14 12.80
CA THR A 93 10.46 -10.34 13.98
C THR A 93 10.10 -9.29 15.06
N ARG A 94 10.91 -9.15 16.11
CA ARG A 94 10.75 -8.17 17.18
C ARG A 94 12.06 -7.41 17.38
N MET A 95 12.44 -6.59 16.40
CA MET A 95 13.71 -5.85 16.42
C MET A 95 13.45 -4.41 16.83
N ALA A 96 14.45 -3.71 17.35
CA ALA A 96 14.32 -2.40 17.95
C ALA A 96 15.18 -1.41 17.17
N CYS A 97 14.55 -0.41 16.57
CA CYS A 97 15.25 0.64 15.81
C CYS A 97 15.40 1.98 16.58
N MET A 98 14.55 2.23 17.58
CA MET A 98 14.40 3.52 18.25
C MET A 98 14.25 4.74 17.33
N THR A 99 13.64 4.56 16.15
CA THR A 99 13.35 5.61 15.18
C THR A 99 11.84 5.59 14.93
N PRO A 100 11.22 6.68 14.40
CA PRO A 100 9.78 6.69 14.14
C PRO A 100 9.40 5.71 13.02
N GLY A 101 10.19 5.65 11.94
CA GLY A 101 9.91 4.70 10.86
C GLY A 101 10.10 3.27 11.33
N GLY A 102 11.01 2.99 12.27
CA GLY A 102 11.10 1.66 12.83
C GLY A 102 9.89 1.28 13.69
N GLN A 103 9.09 2.25 14.13
CA GLN A 103 7.99 2.04 15.06
C GLN A 103 6.64 1.93 14.35
N ILE A 104 6.59 2.29 13.07
CA ILE A 104 5.36 2.36 12.29
C ILE A 104 4.90 1.00 11.76
N GLU A 105 5.78 -0.01 11.73
CA GLU A 105 5.45 -1.31 11.13
C GLU A 105 4.21 -1.92 11.80
N GLY A 106 4.08 -1.75 13.12
CA GLY A 106 2.92 -2.21 13.87
C GLY A 106 1.64 -1.47 13.49
N ALA A 107 1.69 -0.22 13.03
CA ALA A 107 0.50 0.47 12.53
C ALA A 107 0.14 -0.05 11.14
N TYR A 108 1.16 -0.33 10.31
CA TYR A 108 1.01 -0.71 8.92
C TYR A 108 0.46 -2.15 8.82
N LEU A 109 0.94 -3.11 9.61
CA LEU A 109 0.36 -4.46 9.69
C LEU A 109 -1.09 -4.41 10.17
N ASN A 110 -1.44 -3.40 10.96
CA ASN A 110 -2.82 -3.16 11.39
C ASN A 110 -3.68 -2.50 10.31
N ALA A 111 -3.06 -1.84 9.34
CA ALA A 111 -3.71 -1.17 8.22
C ALA A 111 -4.04 -2.19 7.12
N LEU A 112 -3.14 -3.16 6.92
CA LEU A 112 -3.20 -4.25 5.95
C LEU A 112 -4.48 -5.08 6.01
N THR A 113 -5.29 -4.95 7.07
CA THR A 113 -6.50 -5.72 7.31
C THR A 113 -7.77 -4.85 7.30
N HIS A 114 -7.67 -3.53 7.09
CA HIS A 114 -8.82 -2.65 6.89
C HIS A 114 -8.87 -2.16 5.44
N ILE A 115 -8.48 -3.00 4.47
CA ILE A 115 -8.53 -2.72 3.03
C ILE A 115 -10.00 -2.72 2.60
N ASP A 116 -10.73 -1.68 2.96
CA ASP A 116 -12.10 -1.49 2.50
C ASP A 116 -12.10 -0.81 1.12
N ARG A 117 -11.05 -0.04 0.81
CA ARG A 117 -10.85 0.58 -0.49
C ARG A 117 -9.41 0.48 -0.97
N THR A 118 -9.22 0.72 -2.26
CA THR A 118 -7.99 0.64 -3.01
C THR A 118 -8.14 1.52 -4.26
N GLY A 119 -7.02 1.84 -4.89
CA GLY A 119 -6.94 2.47 -6.20
C GLY A 119 -5.51 2.37 -6.70
N VAL A 120 -5.15 1.32 -7.46
CA VAL A 120 -3.89 1.35 -8.20
C VAL A 120 -4.06 2.21 -9.46
N GLN A 121 -2.99 2.91 -9.85
CA GLN A 121 -2.88 3.70 -11.05
C GLN A 121 -1.71 3.13 -11.85
N MET A 122 -2.00 2.29 -12.86
CA MET A 122 -0.96 1.72 -13.72
C MET A 122 -0.64 2.59 -14.94
N ARG A 123 -1.29 3.75 -15.06
CA ARG A 123 -0.77 4.86 -15.85
C ARG A 123 0.55 5.26 -15.20
N ALA A 124 1.62 5.44 -15.98
CA ALA A 124 2.85 6.01 -15.47
C ALA A 124 2.57 7.46 -15.06
N PRO A 125 3.14 7.97 -13.96
CA PRO A 125 4.01 7.25 -13.03
C PRO A 125 3.20 6.24 -12.21
N GLN A 126 3.52 4.95 -12.34
CA GLN A 126 2.72 3.91 -11.73
C GLN A 126 2.86 3.98 -10.23
N GLN A 127 1.72 4.03 -9.58
CA GLN A 127 1.60 4.07 -8.14
C GLN A 127 0.44 3.20 -7.74
N MET A 128 0.44 2.82 -6.47
CA MET A 128 -0.70 2.23 -5.82
C MET A 128 -1.15 3.21 -4.74
N GLN A 129 -2.45 3.21 -4.47
CA GLN A 129 -3.08 4.01 -3.45
C GLN A 129 -3.95 3.02 -2.68
N LEU A 130 -3.90 3.07 -1.34
CA LEU A 130 -4.77 2.29 -0.48
C LEU A 130 -5.56 3.28 0.36
N VAL A 131 -6.74 2.86 0.80
CA VAL A 131 -7.68 3.66 1.58
C VAL A 131 -8.30 2.73 2.60
N LEU A 132 -8.24 3.11 3.87
CA LEU A 132 -8.86 2.32 4.94
C LEU A 132 -10.33 2.68 5.08
N ASP A 133 -11.02 1.89 5.90
CA ASP A 133 -12.44 2.03 6.25
C ASP A 133 -12.78 3.33 7.01
N ASN A 134 -11.79 4.17 7.31
CA ASN A 134 -11.93 5.49 7.87
C ASN A 134 -11.59 6.59 6.86
N GLY A 135 -11.01 6.26 5.71
CA GLY A 135 -10.84 7.20 4.60
C GLY A 135 -9.44 7.75 4.46
N ASP A 136 -8.44 7.08 5.05
CA ASP A 136 -7.03 7.42 4.91
C ASP A 136 -6.57 7.29 3.45
N THR A 137 -5.38 7.80 3.10
CA THR A 137 -4.88 7.76 1.72
C THR A 137 -3.38 7.43 1.74
N LEU A 138 -3.00 6.19 1.41
CA LEU A 138 -1.59 5.78 1.38
C LEU A 138 -0.99 5.97 -0.02
N THR A 139 0.33 6.01 -0.11
CA THR A 139 1.03 6.31 -1.36
C THR A 139 2.18 5.36 -1.60
N PHE A 140 2.04 4.49 -2.59
CA PHE A 140 3.12 3.61 -3.00
C PHE A 140 3.58 3.96 -4.41
N ASP A 141 4.88 3.90 -4.65
CA ASP A 141 5.45 3.87 -5.98
C ASP A 141 5.48 2.42 -6.43
N ARG A 142 5.33 2.13 -7.73
CA ARG A 142 5.78 0.84 -8.29
C ARG A 142 7.29 0.80 -8.14
N SER A 143 7.89 -0.33 -7.72
CA SER A 143 9.32 -0.48 -7.92
C SER A 143 9.54 -1.77 -8.70
N THR A 144 9.83 -1.64 -9.99
CA THR A 144 10.19 -2.79 -10.81
C THR A 144 11.57 -2.60 -11.47
N ARG A 145 12.40 -1.68 -10.95
CA ARG A 145 13.85 -1.78 -11.09
C ARG A 145 14.37 -2.67 -9.97
N ILE A 1 -19.89 25.88 14.46
CA ILE A 1 -20.04 26.21 13.04
C ILE A 1 -19.70 24.99 12.16
N PRO A 2 -20.63 24.04 11.99
CA PRO A 2 -20.45 22.93 11.06
C PRO A 2 -20.54 23.42 9.61
N LYS A 3 -19.86 22.74 8.68
CA LYS A 3 -20.03 22.94 7.23
C LYS A 3 -19.92 21.56 6.58
N HIS A 4 -20.78 21.25 5.62
CA HIS A 4 -20.87 19.98 4.92
C HIS A 4 -19.94 19.98 3.69
N PRO A 5 -19.69 18.82 3.05
CA PRO A 5 -18.71 18.71 1.97
C PRO A 5 -19.21 19.25 0.63
N ASP A 6 -20.47 19.68 0.53
CA ASP A 6 -21.08 20.32 -0.66
C ASP A 6 -21.02 19.42 -1.90
N SER A 7 -20.87 18.10 -1.75
CA SER A 7 -20.70 17.15 -2.84
C SER A 7 -22.04 16.93 -3.56
N GLU A 8 -22.17 17.51 -4.76
CA GLU A 8 -23.30 17.49 -5.64
C GLU A 8 -22.81 17.91 -7.02
N ALA A 9 -22.80 16.90 -7.86
CA ALA A 9 -22.58 16.92 -9.29
C ALA A 9 -21.09 17.10 -9.59
N VAL A 10 -20.28 16.13 -9.16
CA VAL A 10 -18.84 16.13 -9.27
C VAL A 10 -18.40 14.99 -10.18
N ALA A 11 -17.22 15.17 -10.77
CA ALA A 11 -16.56 14.25 -11.67
C ALA A 11 -16.22 12.93 -10.96
N PRO A 12 -16.05 11.83 -11.71
CA PRO A 12 -15.66 10.55 -11.12
C PRO A 12 -14.19 10.59 -10.70
N ASP A 13 -13.85 9.80 -9.69
CA ASP A 13 -12.48 9.59 -9.21
C ASP A 13 -11.65 8.82 -10.25
N PRO A 14 -10.31 8.90 -10.17
CA PRO A 14 -9.40 8.09 -10.96
C PRO A 14 -9.38 6.62 -10.47
N PHE A 15 -8.39 5.86 -10.96
CA PHE A 15 -8.08 4.48 -10.63
C PHE A 15 -9.08 3.53 -11.28
N ASN A 16 -8.83 2.21 -11.22
CA ASN A 16 -9.81 1.23 -11.69
C ASN A 16 -9.57 -0.15 -11.09
N PRO A 17 -10.62 -0.92 -10.77
CA PRO A 17 -10.46 -2.27 -10.25
C PRO A 17 -10.03 -3.27 -11.34
N ALA A 18 -10.24 -2.95 -12.63
CA ALA A 18 -9.75 -3.76 -13.74
C ALA A 18 -8.22 -3.88 -13.75
N ALA A 19 -7.49 -3.07 -12.99
CA ALA A 19 -6.06 -3.22 -12.84
C ALA A 19 -5.68 -4.36 -11.88
N THR A 20 -6.56 -4.71 -10.94
CA THR A 20 -6.21 -5.46 -9.74
C THR A 20 -5.68 -6.86 -10.05
N GLN A 21 -6.16 -7.49 -11.14
CA GLN A 21 -5.77 -8.86 -11.44
C GLN A 21 -4.27 -9.01 -11.70
N LEU A 22 -3.59 -7.91 -12.06
CA LEU A 22 -2.20 -7.89 -12.46
C LEU A 22 -1.27 -7.83 -11.24
N LEU A 23 -1.82 -7.61 -10.04
CA LEU A 23 -1.05 -7.36 -8.82
C LEU A 23 -0.30 -8.61 -8.36
N ASP A 24 -0.62 -9.79 -8.90
CA ASP A 24 0.02 -11.08 -8.63
C ASP A 24 1.52 -11.09 -9.00
N ASP A 25 2.01 -10.05 -9.68
CA ASP A 25 3.30 -10.00 -10.37
C ASP A 25 4.10 -8.75 -9.95
N THR A 26 3.65 -8.03 -8.92
CA THR A 26 4.08 -6.66 -8.66
C THR A 26 4.89 -6.56 -7.36
N SER A 27 5.27 -5.34 -6.94
CA SER A 27 6.20 -5.19 -5.83
C SER A 27 6.00 -3.89 -5.10
N TRP A 28 6.29 -2.77 -5.76
CA TRP A 28 6.11 -1.42 -5.23
C TRP A 28 7.01 -1.10 -4.04
N VAL A 29 7.00 0.17 -3.64
CA VAL A 29 7.65 0.70 -2.45
C VAL A 29 6.64 1.69 -1.89
N LEU A 30 6.43 1.67 -0.58
CA LEU A 30 5.61 2.65 0.11
C LEU A 30 6.41 3.95 0.20
N SER A 31 5.75 5.11 0.06
CA SER A 31 6.46 6.37 0.25
C SER A 31 5.68 7.46 0.97
N ALA A 32 4.33 7.42 1.00
CA ALA A 32 3.57 8.28 1.90
C ALA A 32 2.36 7.56 2.48
N TRP A 33 1.77 8.18 3.51
CA TRP A 33 0.66 7.69 4.29
C TRP A 33 -0.11 8.91 4.78
N LYS A 34 -1.24 9.24 4.16
CA LYS A 34 -2.16 10.25 4.65
C LYS A 34 -3.17 9.58 5.58
N GLN A 35 -3.60 10.28 6.62
CA GLN A 35 -4.80 9.93 7.37
C GLN A 35 -6.01 10.61 6.73
N ALA A 36 -7.20 10.27 7.21
CA ALA A 36 -8.47 10.76 6.69
C ALA A 36 -8.60 12.27 6.79
N ASP A 37 -8.04 12.87 7.84
CA ASP A 37 -8.12 14.32 8.04
C ASP A 37 -7.05 15.04 7.21
N GLY A 38 -6.31 14.31 6.38
CA GLY A 38 -5.28 14.83 5.51
C GLY A 38 -3.92 14.81 6.18
N THR A 39 -3.77 14.13 7.32
CA THR A 39 -2.57 14.11 8.12
C THR A 39 -1.53 13.24 7.42
N ALA A 40 -0.57 13.84 6.70
CA ALA A 40 0.57 13.07 6.22
C ALA A 40 1.41 12.62 7.41
N ARG A 41 1.28 11.35 7.74
CA ARG A 41 2.06 10.67 8.78
C ARG A 41 3.55 10.75 8.45
N ALA A 42 4.38 10.62 9.47
CA ALA A 42 5.81 10.44 9.27
C ALA A 42 6.04 9.00 8.81
N VAL A 43 6.69 8.79 7.67
CA VAL A 43 7.08 7.46 7.20
C VAL A 43 8.56 7.48 6.79
N PRO A 44 9.29 6.36 6.91
CA PRO A 44 10.72 6.31 6.62
C PRO A 44 10.95 6.29 5.10
N SER A 45 11.36 7.43 4.53
CA SER A 45 11.78 7.56 3.14
C SER A 45 13.09 6.79 2.93
N ALA A 46 13.51 6.61 1.67
CA ALA A 46 14.76 5.93 1.37
C ALA A 46 15.94 6.56 2.10
N ASP A 47 16.02 7.89 2.08
CA ASP A 47 17.16 8.61 2.66
C ASP A 47 17.18 8.55 4.19
N GLN A 48 16.11 8.06 4.84
CA GLN A 48 16.07 7.81 6.28
C GLN A 48 16.82 6.53 6.66
N GLY A 49 17.18 5.72 5.68
CA GLY A 49 17.99 4.53 5.86
C GLY A 49 17.29 3.27 5.39
N ALA A 50 15.98 3.21 5.55
CA ALA A 50 15.13 2.05 5.35
C ALA A 50 13.84 2.47 4.65
N PRO A 51 13.79 2.55 3.31
CA PRO A 51 12.53 2.70 2.59
C PRO A 51 11.70 1.44 2.79
N ILE A 52 10.43 1.58 3.12
CA ILE A 52 9.53 0.43 3.21
C ILE A 52 9.26 -0.14 1.80
N THR A 53 9.98 -1.20 1.44
CA THR A 53 9.71 -1.94 0.22
C THR A 53 8.47 -2.81 0.44
N LEU A 54 7.78 -3.13 -0.64
CA LEU A 54 6.66 -4.07 -0.70
C LEU A 54 7.07 -5.09 -1.76
N THR A 55 6.55 -6.32 -1.72
CA THR A 55 6.66 -7.30 -2.79
C THR A 55 5.34 -8.05 -2.86
N LEU A 56 4.81 -8.31 -4.06
CA LEU A 56 3.62 -9.11 -4.31
C LEU A 56 3.95 -10.15 -5.36
N SER A 57 4.92 -11.02 -5.06
CA SER A 57 5.50 -11.97 -6.01
C SER A 57 5.60 -13.34 -5.31
N THR A 58 5.96 -14.39 -6.04
CA THR A 58 5.72 -15.78 -5.65
C THR A 58 6.95 -16.38 -4.95
N SER A 59 7.59 -15.66 -4.03
CA SER A 59 8.81 -16.13 -3.38
C SER A 59 8.68 -17.47 -2.62
N THR A 60 7.46 -17.96 -2.37
CA THR A 60 7.11 -19.28 -1.83
C THR A 60 6.20 -20.09 -2.79
N GLY A 61 5.85 -19.52 -3.95
CA GLY A 61 5.00 -20.09 -5.01
C GLY A 61 3.59 -19.50 -4.99
N GLN A 62 3.03 -19.30 -3.79
CA GLN A 62 1.71 -18.74 -3.60
C GLN A 62 1.79 -17.21 -3.67
N ARG A 63 0.65 -16.53 -3.66
CA ARG A 63 0.60 -15.09 -3.54
C ARG A 63 0.88 -14.66 -2.10
N HIS A 64 2.14 -14.70 -1.70
CA HIS A 64 2.65 -14.27 -0.41
C HIS A 64 3.32 -12.92 -0.63
N ALA A 65 2.87 -11.94 0.12
CA ALA A 65 3.41 -10.60 0.18
C ALA A 65 4.61 -10.65 1.11
N SER A 66 5.65 -9.88 0.82
CA SER A 66 6.71 -9.59 1.78
C SER A 66 7.04 -8.10 1.68
N GLY A 67 7.88 -7.60 2.56
CA GLY A 67 8.38 -6.24 2.52
C GLY A 67 9.35 -6.05 3.67
N PHE A 68 9.72 -4.80 3.92
CA PHE A 68 10.55 -4.41 5.05
C PHE A 68 9.94 -3.17 5.70
N SER A 69 9.12 -3.32 6.75
CA SER A 69 8.58 -2.22 7.54
C SER A 69 9.65 -1.61 8.45
N GLY A 70 10.56 -0.80 7.90
CA GLY A 70 11.35 0.18 8.64
C GLY A 70 12.44 -0.44 9.49
N CYS A 71 12.12 -1.24 10.50
CA CYS A 71 13.11 -2.01 11.21
C CYS A 71 12.93 -3.49 10.98
N ASN A 72 11.77 -3.93 10.51
CA ASN A 72 11.26 -5.27 10.68
C ASN A 72 10.63 -5.65 9.36
N ARG A 73 11.06 -6.76 8.79
CA ARG A 73 10.29 -7.38 7.73
C ARG A 73 9.06 -8.09 8.28
N TYR A 74 8.18 -8.34 7.33
CA TYR A 74 6.86 -8.90 7.40
C TYR A 74 6.65 -9.73 6.13
N MET A 75 5.89 -10.80 6.28
CA MET A 75 5.54 -11.77 5.26
C MET A 75 4.14 -12.26 5.60
N GLY A 76 3.39 -12.68 4.60
CA GLY A 76 2.07 -13.27 4.78
C GLY A 76 1.31 -13.31 3.48
N SER A 77 0.12 -13.91 3.47
CA SER A 77 -0.64 -14.07 2.24
C SER A 77 -1.37 -12.79 1.85
N TYR A 78 -1.65 -12.63 0.55
CA TYR A 78 -2.56 -11.61 0.01
C TYR A 78 -3.65 -12.27 -0.85
N ALA A 79 -4.59 -11.46 -1.37
CA ALA A 79 -5.64 -11.87 -2.29
C ALA A 79 -6.03 -10.68 -3.16
N LEU A 80 -6.53 -10.99 -4.36
CA LEU A 80 -7.01 -10.06 -5.37
C LEU A 80 -8.51 -10.26 -5.44
N LYS A 81 -9.24 -9.36 -4.80
CA LYS A 81 -10.68 -9.45 -4.65
C LYS A 81 -11.27 -8.07 -4.46
N ASP A 82 -12.56 -7.89 -4.73
CA ASP A 82 -13.28 -6.61 -4.59
C ASP A 82 -12.54 -5.39 -5.14
N GLY A 83 -11.77 -5.59 -6.21
CA GLY A 83 -10.92 -4.57 -6.81
C GLY A 83 -9.77 -4.08 -5.93
N LYS A 84 -9.54 -4.67 -4.74
CA LYS A 84 -8.58 -4.19 -3.76
C LYS A 84 -7.57 -5.28 -3.41
N LEU A 85 -6.36 -4.83 -3.14
CA LEU A 85 -5.31 -5.66 -2.59
C LEU A 85 -5.69 -5.92 -1.13
N SER A 86 -5.88 -7.17 -0.72
CA SER A 86 -6.22 -7.49 0.66
C SER A 86 -5.20 -8.49 1.20
N PHE A 87 -4.97 -8.48 2.52
CA PHE A 87 -3.93 -9.25 3.16
C PHE A 87 -4.46 -10.26 4.18
N GLY A 88 -3.55 -11.09 4.73
CA GLY A 88 -3.82 -12.02 5.80
C GLY A 88 -3.27 -11.49 7.12
N THR A 89 -2.25 -12.17 7.64
CA THR A 89 -1.75 -12.12 9.00
C THR A 89 -0.24 -11.95 8.86
N LEU A 90 0.14 -10.76 8.42
CA LEU A 90 1.48 -10.46 8.08
C LEU A 90 2.34 -10.37 9.32
N GLY A 91 3.60 -10.68 9.15
CA GLY A 91 4.60 -10.50 10.17
C GLY A 91 5.84 -11.22 9.73
N GLY A 92 6.98 -10.92 10.33
CA GLY A 92 8.20 -11.61 9.95
C GLY A 92 9.18 -11.76 11.08
N THR A 93 9.09 -10.82 12.00
CA THR A 93 10.02 -10.51 13.08
C THR A 93 9.31 -9.63 14.12
N ARG A 94 9.94 -9.41 15.29
CA ARG A 94 9.38 -8.68 16.43
C ARG A 94 10.36 -7.59 16.89
N MET A 95 11.16 -7.07 15.97
CA MET A 95 12.31 -6.22 16.26
C MET A 95 11.87 -4.95 17.00
N ALA A 96 12.69 -4.53 17.97
CA ALA A 96 12.53 -3.32 18.74
C ALA A 96 13.54 -2.30 18.26
N CYS A 97 13.07 -1.12 17.87
CA CYS A 97 13.90 0.04 17.61
C CYS A 97 13.39 1.23 18.40
N MET A 98 14.20 2.27 18.44
CA MET A 98 13.97 3.52 19.16
C MET A 98 13.98 4.63 18.12
N THR A 99 13.26 4.41 17.01
CA THR A 99 13.09 5.33 15.91
C THR A 99 11.59 5.39 15.56
N PRO A 100 11.10 6.47 14.93
CA PRO A 100 9.72 6.55 14.44
C PRO A 100 9.43 5.44 13.43
N GLY A 101 10.33 5.28 12.45
CA GLY A 101 10.18 4.29 11.40
C GLY A 101 10.27 2.85 11.94
N GLY A 102 10.71 2.66 13.18
CA GLY A 102 10.71 1.36 13.84
C GLY A 102 9.33 0.99 14.36
N GLN A 103 8.76 1.79 15.27
CA GLN A 103 7.54 1.38 15.99
C GLN A 103 6.26 1.45 15.15
N ILE A 104 6.28 2.20 14.05
CA ILE A 104 5.17 2.31 13.11
C ILE A 104 4.81 0.95 12.48
N GLU A 105 5.70 -0.04 12.47
CA GLU A 105 5.47 -1.41 12.00
C GLU A 105 4.14 -1.95 12.56
N GLY A 106 3.89 -1.77 13.85
CA GLY A 106 2.64 -2.23 14.43
C GLY A 106 1.42 -1.49 13.89
N ALA A 107 1.51 -0.19 13.59
CA ALA A 107 0.40 0.52 12.95
C ALA A 107 0.23 0.06 11.50
N TYR A 108 1.33 -0.25 10.82
CA TYR A 108 1.35 -0.71 9.44
C TYR A 108 0.56 -2.01 9.31
N LEU A 109 1.01 -3.07 10.00
CA LEU A 109 0.41 -4.39 9.84
C LEU A 109 -0.99 -4.44 10.43
N ASN A 110 -1.31 -3.55 11.38
CA ASN A 110 -2.69 -3.34 11.85
C ASN A 110 -3.56 -2.86 10.70
N ALA A 111 -3.17 -1.73 10.12
CA ALA A 111 -3.90 -1.05 9.07
C ALA A 111 -4.01 -1.93 7.82
N LEU A 112 -3.02 -2.81 7.60
CA LEU A 112 -2.90 -3.66 6.42
C LEU A 112 -4.14 -4.54 6.20
N THR A 113 -4.97 -4.82 7.23
CA THR A 113 -6.17 -5.60 7.00
C THR A 113 -7.35 -4.75 6.52
N HIS A 114 -7.37 -3.43 6.81
CA HIS A 114 -8.53 -2.56 6.70
C HIS A 114 -8.54 -1.83 5.36
N ILE A 115 -8.15 -2.53 4.29
CA ILE A 115 -8.20 -2.04 2.93
C ILE A 115 -9.67 -2.13 2.53
N ASP A 116 -10.49 -1.17 2.95
CA ASP A 116 -11.90 -1.16 2.58
C ASP A 116 -12.06 -0.60 1.17
N ARG A 117 -11.16 0.29 0.77
CA ARG A 117 -11.13 1.01 -0.50
C ARG A 117 -9.71 0.95 -1.08
N THR A 118 -9.53 1.45 -2.31
CA THR A 118 -8.27 1.29 -3.02
C THR A 118 -8.15 2.35 -4.12
N GLY A 119 -7.04 2.31 -4.87
CA GLY A 119 -6.84 3.13 -6.05
C GLY A 119 -5.57 2.75 -6.80
N VAL A 120 -5.60 1.73 -7.67
CA VAL A 120 -4.46 1.43 -8.56
C VAL A 120 -4.60 2.23 -9.86
N GLN A 121 -3.59 3.05 -10.13
CA GLN A 121 -3.44 3.82 -11.34
C GLN A 121 -2.65 2.95 -12.33
N MET A 122 -3.35 2.24 -13.22
CA MET A 122 -2.73 1.41 -14.25
C MET A 122 -2.47 2.29 -15.47
N ARG A 123 -1.65 3.33 -15.26
CA ARG A 123 -1.09 4.22 -16.25
C ARG A 123 0.20 4.73 -15.63
N ALA A 124 1.30 4.78 -16.38
CA ALA A 124 2.52 5.34 -15.89
C ALA A 124 2.35 6.84 -15.59
N PRO A 125 3.09 7.42 -14.62
CA PRO A 125 3.93 6.72 -13.67
C PRO A 125 3.08 5.92 -12.69
N GLN A 126 3.24 4.60 -12.65
CA GLN A 126 2.32 3.72 -11.94
C GLN A 126 2.55 3.90 -10.45
N GLN A 127 1.44 4.18 -9.77
CA GLN A 127 1.36 4.42 -8.34
C GLN A 127 0.05 3.78 -7.87
N MET A 128 -0.05 3.51 -6.57
CA MET A 128 -1.06 2.64 -6.01
C MET A 128 -1.47 3.27 -4.68
N GLN A 129 -2.64 3.89 -4.63
CA GLN A 129 -3.33 4.17 -3.38
C GLN A 129 -3.82 2.86 -2.81
N LEU A 130 -3.78 2.75 -1.49
CA LEU A 130 -4.71 1.97 -0.70
C LEU A 130 -5.47 3.00 0.14
N VAL A 131 -6.71 2.69 0.53
CA VAL A 131 -7.55 3.63 1.27
C VAL A 131 -8.22 2.85 2.40
N LEU A 132 -7.98 3.25 3.64
CA LEU A 132 -8.60 2.60 4.78
C LEU A 132 -10.09 2.91 4.83
N ASP A 133 -10.75 2.11 5.66
CA ASP A 133 -12.14 2.23 6.07
C ASP A 133 -12.43 3.62 6.66
N ASN A 134 -11.46 4.18 7.39
CA ASN A 134 -11.62 5.46 8.06
C ASN A 134 -11.39 6.61 7.10
N GLY A 135 -10.87 6.35 5.90
CA GLY A 135 -10.54 7.36 4.90
C GLY A 135 -9.05 7.66 4.78
N ASP A 136 -8.17 6.84 5.38
CA ASP A 136 -6.73 7.01 5.19
C ASP A 136 -6.34 6.82 3.71
N THR A 137 -5.13 7.21 3.31
CA THR A 137 -4.71 7.15 1.91
C THR A 137 -3.19 6.94 1.83
N LEU A 138 -2.74 5.71 1.59
CA LEU A 138 -1.32 5.44 1.39
C LEU A 138 -0.91 5.84 -0.03
N THR A 139 0.40 5.92 -0.27
CA THR A 139 0.98 6.15 -1.58
C THR A 139 2.10 5.13 -1.76
N PHE A 140 1.99 4.30 -2.81
CA PHE A 140 3.09 3.43 -3.24
C PHE A 140 3.49 3.78 -4.67
N ASP A 141 4.73 3.44 -5.02
CA ASP A 141 5.36 3.68 -6.31
C ASP A 141 5.83 2.34 -6.87
N ARG A 142 5.51 2.06 -8.13
CA ARG A 142 5.81 0.80 -8.83
C ARG A 142 7.33 0.62 -8.98
N SER A 143 7.93 -0.33 -8.27
CA SER A 143 9.33 -0.72 -8.47
C SER A 143 9.38 -2.24 -8.50
N THR A 144 8.90 -2.81 -9.61
CA THR A 144 9.09 -4.24 -9.93
C THR A 144 10.42 -4.40 -10.69
N ARG A 145 11.46 -3.64 -10.33
CA ARG A 145 12.71 -3.62 -11.12
C ARG A 145 13.65 -4.74 -10.69
N ILE A 1 -17.05 11.51 9.24
CA ILE A 1 -17.69 12.65 8.58
C ILE A 1 -17.43 13.96 9.35
N PRO A 2 -16.18 14.46 9.44
CA PRO A 2 -15.88 15.67 10.22
C PRO A 2 -16.24 16.94 9.43
N LYS A 3 -17.53 17.10 9.13
CA LYS A 3 -18.09 18.09 8.21
C LYS A 3 -17.57 17.82 6.79
N HIS A 4 -18.44 17.40 5.88
CA HIS A 4 -18.08 17.05 4.50
C HIS A 4 -17.40 18.22 3.79
N PRO A 5 -16.66 17.97 2.70
CA PRO A 5 -16.10 19.04 1.88
C PRO A 5 -17.17 19.79 1.07
N ASP A 6 -18.41 19.31 1.09
CA ASP A 6 -19.61 19.89 0.50
C ASP A 6 -19.65 19.74 -1.03
N SER A 7 -20.84 19.92 -1.59
CA SER A 7 -21.17 19.97 -3.01
C SER A 7 -20.80 18.71 -3.80
N GLU A 8 -20.47 17.62 -3.12
CA GLU A 8 -19.92 16.40 -3.66
C GLU A 8 -21.05 15.43 -4.03
N ALA A 9 -21.91 15.90 -4.90
CA ALA A 9 -23.02 15.13 -5.42
C ALA A 9 -22.51 14.11 -6.44
N VAL A 10 -22.00 13.01 -5.89
CA VAL A 10 -21.57 11.78 -6.57
C VAL A 10 -20.53 12.11 -7.65
N ALA A 11 -19.49 12.84 -7.24
CA ALA A 11 -18.32 13.12 -8.06
C ALA A 11 -17.56 11.81 -8.33
N PRO A 12 -16.97 11.64 -9.52
CA PRO A 12 -16.30 10.41 -9.90
C PRO A 12 -14.99 10.28 -9.14
N ASP A 13 -14.54 9.05 -8.90
CA ASP A 13 -13.28 8.78 -8.21
C ASP A 13 -12.19 8.58 -9.27
N PRO A 14 -10.94 9.00 -9.03
CA PRO A 14 -9.79 8.58 -9.82
C PRO A 14 -9.52 7.08 -9.63
N PHE A 15 -8.46 6.56 -10.24
CA PHE A 15 -7.98 5.18 -10.16
C PHE A 15 -8.96 4.17 -10.77
N ASN A 16 -8.50 2.94 -10.97
CA ASN A 16 -9.28 1.92 -11.65
C ASN A 16 -9.08 0.55 -11.01
N PRO A 17 -10.12 -0.30 -10.93
CA PRO A 17 -9.99 -1.63 -10.34
C PRO A 17 -9.26 -2.60 -11.29
N ALA A 18 -9.50 -2.44 -12.59
CA ALA A 18 -8.87 -3.16 -13.68
C ALA A 18 -7.42 -2.66 -13.83
N ALA A 19 -6.61 -3.07 -12.86
CA ALA A 19 -5.18 -2.89 -12.73
C ALA A 19 -4.71 -3.70 -11.51
N THR A 20 -5.51 -3.77 -10.43
CA THR A 20 -5.17 -4.56 -9.24
C THR A 20 -5.09 -6.06 -9.55
N GLN A 21 -5.75 -6.52 -10.62
CA GLN A 21 -5.67 -7.89 -11.10
C GLN A 21 -4.24 -8.35 -11.42
N LEU A 22 -3.29 -7.42 -11.56
CA LEU A 22 -1.91 -7.70 -11.94
C LEU A 22 -0.98 -7.76 -10.73
N LEU A 23 -1.51 -7.67 -9.50
CA LEU A 23 -0.76 -7.76 -8.24
C LEU A 23 -0.38 -9.22 -7.99
N ASP A 24 0.60 -9.72 -8.73
CA ASP A 24 1.24 -11.02 -8.46
C ASP A 24 2.75 -11.03 -8.76
N ASP A 25 3.22 -10.20 -9.70
CA ASP A 25 4.64 -10.00 -10.01
C ASP A 25 5.13 -8.59 -9.63
N THR A 26 4.22 -7.72 -9.19
CA THR A 26 4.51 -6.34 -8.82
C THR A 26 5.30 -6.29 -7.50
N SER A 27 5.72 -5.10 -7.04
CA SER A 27 6.47 -5.00 -5.79
C SER A 27 6.00 -3.81 -4.98
N TRP A 28 6.20 -2.60 -5.52
CA TRP A 28 5.83 -1.33 -4.92
C TRP A 28 6.65 -1.00 -3.67
N VAL A 29 6.62 0.28 -3.28
CA VAL A 29 7.28 0.81 -2.11
C VAL A 29 6.31 1.82 -1.52
N LEU A 30 6.12 1.83 -0.21
CA LEU A 30 5.27 2.81 0.47
C LEU A 30 6.13 4.05 0.73
N SER A 31 5.60 5.26 0.47
CA SER A 31 6.33 6.48 0.77
C SER A 31 5.48 7.61 1.35
N ALA A 32 4.14 7.54 1.31
CA ALA A 32 3.30 8.52 2.00
C ALA A 32 2.05 7.87 2.59
N TRP A 33 1.55 8.47 3.67
CA TRP A 33 0.41 8.00 4.45
C TRP A 33 -0.36 9.25 4.89
N LYS A 34 -1.47 9.57 4.21
CA LYS A 34 -2.39 10.61 4.63
C LYS A 34 -3.41 9.98 5.57
N GLN A 35 -3.81 10.68 6.65
CA GLN A 35 -4.97 10.25 7.40
C GLN A 35 -6.26 10.66 6.70
N ALA A 36 -7.37 10.13 7.22
CA ALA A 36 -8.73 10.30 6.74
C ALA A 36 -9.21 11.75 6.67
N ASP A 37 -8.60 12.68 7.41
CA ASP A 37 -8.93 14.11 7.32
C ASP A 37 -7.78 14.92 6.70
N GLY A 38 -6.69 14.26 6.30
CA GLY A 38 -5.61 14.88 5.53
C GLY A 38 -4.27 14.89 6.24
N THR A 39 -4.17 14.36 7.46
CA THR A 39 -2.98 14.38 8.29
C THR A 39 -1.88 13.51 7.66
N ALA A 40 -0.95 14.08 6.88
CA ALA A 40 0.20 13.32 6.41
C ALA A 40 1.10 12.90 7.59
N ARG A 41 1.08 11.61 7.92
CA ARG A 41 1.84 11.00 9.01
C ARG A 41 3.34 11.06 8.73
N ALA A 42 4.17 10.92 9.76
CA ALA A 42 5.62 10.77 9.61
C ALA A 42 5.91 9.31 9.29
N VAL A 43 6.68 9.07 8.24
CA VAL A 43 6.98 7.74 7.74
C VAL A 43 8.48 7.66 7.39
N PRO A 44 9.05 6.46 7.20
CA PRO A 44 10.39 6.32 6.65
C PRO A 44 10.37 6.56 5.13
N SER A 45 11.00 7.65 4.68
CA SER A 45 11.41 7.85 3.31
C SER A 45 12.48 6.82 2.92
N ALA A 46 12.94 6.84 1.66
CA ALA A 46 14.15 6.12 1.29
C ALA A 46 15.35 6.68 2.04
N ASP A 47 15.42 8.00 2.13
CA ASP A 47 16.54 8.74 2.69
C ASP A 47 16.68 8.45 4.18
N GLN A 48 15.55 8.21 4.85
CA GLN A 48 15.45 7.83 6.25
C GLN A 48 16.20 6.53 6.58
N GLY A 49 16.62 5.76 5.59
CA GLY A 49 17.57 4.69 5.74
C GLY A 49 16.93 3.34 5.50
N ALA A 50 15.75 3.14 6.10
CA ALA A 50 15.01 1.90 6.09
C ALA A 50 13.56 2.18 5.67
N PRO A 51 13.29 2.37 4.36
CA PRO A 51 11.95 2.52 3.80
C PRO A 51 11.15 1.22 3.87
N ILE A 52 9.81 1.35 3.88
CA ILE A 52 8.89 0.24 3.76
C ILE A 52 8.78 -0.16 2.28
N THR A 53 9.48 -1.21 1.86
CA THR A 53 9.26 -1.82 0.55
C THR A 53 8.24 -2.95 0.65
N LEU A 54 7.55 -3.24 -0.45
CA LEU A 54 6.63 -4.37 -0.63
C LEU A 54 7.17 -5.21 -1.80
N THR A 55 6.83 -6.50 -1.84
CA THR A 55 7.23 -7.39 -2.94
C THR A 55 6.14 -8.44 -3.14
N LEU A 56 5.25 -8.29 -4.13
CA LEU A 56 4.31 -9.37 -4.41
C LEU A 56 5.07 -10.45 -5.18
N SER A 57 5.04 -11.68 -4.67
CA SER A 57 5.66 -12.81 -5.37
C SER A 57 4.99 -14.12 -4.88
N THR A 58 5.65 -15.24 -5.16
CA THR A 58 5.20 -16.62 -5.02
C THR A 58 6.33 -17.51 -4.48
N SER A 59 7.31 -16.94 -3.76
CA SER A 59 8.58 -17.58 -3.40
C SER A 59 8.47 -18.73 -2.38
N THR A 60 7.28 -19.08 -1.91
CA THR A 60 6.99 -20.26 -1.09
C THR A 60 6.02 -21.21 -1.82
N GLY A 61 5.63 -20.88 -3.05
CA GLY A 61 4.68 -21.58 -3.89
C GLY A 61 3.39 -20.78 -4.04
N GLN A 62 2.85 -20.29 -2.93
CA GLN A 62 1.52 -19.70 -2.82
C GLN A 62 1.64 -18.18 -2.99
N ARG A 63 0.53 -17.46 -3.11
CA ARG A 63 0.55 -16.00 -3.15
C ARG A 63 0.84 -15.48 -1.74
N HIS A 64 2.08 -15.09 -1.48
CA HIS A 64 2.52 -14.60 -0.19
C HIS A 64 3.13 -13.22 -0.38
N ALA A 65 2.88 -12.34 0.58
CA ALA A 65 3.33 -10.98 0.64
C ALA A 65 4.42 -10.92 1.71
N SER A 66 5.67 -10.92 1.29
CA SER A 66 6.80 -10.56 2.13
C SER A 66 7.32 -9.20 1.63
N GLY A 67 7.84 -8.40 2.55
CA GLY A 67 8.39 -7.07 2.34
C GLY A 67 9.27 -6.75 3.54
N PHE A 68 9.62 -5.49 3.78
CA PHE A 68 10.60 -5.13 4.81
C PHE A 68 10.03 -4.46 6.08
N SER A 69 8.78 -4.06 5.99
CA SER A 69 7.98 -3.28 6.91
C SER A 69 8.69 -1.98 7.31
N GLY A 70 8.23 -1.33 8.37
CA GLY A 70 8.85 -0.18 9.00
C GLY A 70 10.30 -0.40 9.37
N CYS A 71 10.66 -1.65 9.66
CA CYS A 71 12.04 -2.09 9.68
C CYS A 71 12.15 -3.59 9.94
N ASN A 72 11.05 -4.33 10.11
CA ASN A 72 11.10 -5.75 10.45
C ASN A 72 10.28 -6.54 9.44
N ARG A 73 11.01 -7.16 8.55
CA ARG A 73 10.49 -7.85 7.38
C ARG A 73 9.47 -8.91 7.74
N TYR A 74 8.37 -8.83 7.00
CA TYR A 74 7.07 -9.44 7.24
C TYR A 74 6.81 -10.49 6.19
N MET A 75 5.83 -11.34 6.46
CA MET A 75 5.36 -12.42 5.62
C MET A 75 3.90 -12.61 5.97
N GLY A 76 3.16 -13.18 5.04
CA GLY A 76 1.77 -13.56 5.21
C GLY A 76 1.08 -13.68 3.87
N SER A 77 -0.17 -14.12 3.86
CA SER A 77 -0.91 -14.41 2.64
C SER A 77 -1.61 -13.15 2.10
N TYR A 78 -2.06 -13.17 0.83
CA TYR A 78 -2.87 -12.10 0.24
C TYR A 78 -3.88 -12.67 -0.76
N ALA A 79 -4.71 -11.83 -1.37
CA ALA A 79 -5.68 -12.18 -2.43
C ALA A 79 -6.05 -10.92 -3.20
N LEU A 80 -6.49 -11.08 -4.45
CA LEU A 80 -6.99 -10.02 -5.32
C LEU A 80 -8.46 -10.26 -5.53
N LYS A 81 -9.27 -9.24 -5.27
CA LYS A 81 -10.72 -9.20 -5.58
C LYS A 81 -11.22 -7.77 -5.47
N ASP A 82 -12.44 -7.50 -5.92
CA ASP A 82 -13.17 -6.24 -5.68
C ASP A 82 -12.31 -4.98 -5.88
N GLY A 83 -11.53 -4.95 -6.97
CA GLY A 83 -10.63 -3.86 -7.30
C GLY A 83 -9.47 -3.64 -6.32
N LYS A 84 -9.36 -4.45 -5.26
CA LYS A 84 -8.50 -4.25 -4.11
C LYS A 84 -7.61 -5.45 -3.83
N LEU A 85 -6.71 -5.26 -2.88
CA LEU A 85 -5.66 -6.20 -2.51
C LEU A 85 -5.96 -6.53 -1.06
N SER A 86 -6.52 -7.69 -0.78
CA SER A 86 -6.83 -8.11 0.58
C SER A 86 -5.61 -8.89 1.09
N PHE A 87 -5.38 -8.88 2.40
CA PHE A 87 -4.25 -9.55 3.03
C PHE A 87 -4.73 -10.63 4.01
N GLY A 88 -3.80 -11.32 4.66
CA GLY A 88 -4.09 -12.32 5.67
C GLY A 88 -3.72 -11.78 7.05
N THR A 89 -2.62 -12.27 7.58
CA THR A 89 -2.21 -12.05 8.96
C THR A 89 -0.71 -11.87 8.90
N LEU A 90 -0.28 -10.72 8.36
CA LEU A 90 1.11 -10.44 8.20
C LEU A 90 1.81 -10.36 9.54
N GLY A 91 3.13 -10.39 9.49
CA GLY A 91 3.97 -10.20 10.64
C GLY A 91 5.35 -10.74 10.29
N GLY A 92 6.31 -10.50 11.16
CA GLY A 92 7.73 -10.56 10.84
C GLY A 92 8.52 -10.84 12.10
N THR A 93 9.79 -10.44 12.08
CA THR A 93 10.59 -10.35 13.28
C THR A 93 10.22 -9.08 14.06
N ARG A 94 10.87 -8.83 15.20
CA ARG A 94 10.89 -7.53 15.85
C ARG A 94 12.34 -7.25 16.21
N MET A 95 13.08 -6.67 15.28
CA MET A 95 14.45 -6.25 15.53
C MET A 95 14.40 -4.91 16.24
N ALA A 96 15.46 -4.63 16.99
CA ALA A 96 15.78 -3.27 17.37
C ALA A 96 16.15 -2.53 16.11
N CYS A 97 15.70 -1.29 16.02
CA CYS A 97 16.09 -0.39 14.97
C CYS A 97 16.26 1.05 15.44
N MET A 98 15.70 1.45 16.59
CA MET A 98 15.95 2.73 17.23
C MET A 98 15.52 3.95 16.40
N THR A 99 14.55 3.75 15.51
CA THR A 99 14.04 4.73 14.56
C THR A 99 12.53 4.91 14.74
N PRO A 100 11.94 6.01 14.24
CA PRO A 100 10.51 6.19 14.19
C PRO A 100 9.87 5.25 13.16
N GLY A 101 10.58 4.94 12.07
CA GLY A 101 10.18 3.95 11.09
C GLY A 101 10.05 2.56 11.72
N GLY A 102 10.87 2.23 12.72
CA GLY A 102 10.75 1.03 13.49
C GLY A 102 9.41 0.94 14.24
N GLN A 103 8.96 2.04 14.86
CA GLN A 103 7.82 2.01 15.77
C GLN A 103 6.48 2.15 15.04
N ILE A 104 6.43 2.90 13.93
CA ILE A 104 5.19 3.07 13.15
C ILE A 104 4.69 1.73 12.60
N GLU A 105 5.56 0.72 12.55
CA GLU A 105 5.23 -0.60 12.05
C GLU A 105 4.05 -1.21 12.82
N GLY A 106 3.96 -0.97 14.14
CA GLY A 106 2.83 -1.43 14.93
C GLY A 106 1.49 -0.90 14.41
N ALA A 107 1.48 0.26 13.76
CA ALA A 107 0.29 0.78 13.11
C ALA A 107 0.14 0.21 11.70
N TYR A 108 1.23 0.07 10.92
CA TYR A 108 1.04 -0.02 9.48
C TYR A 108 0.53 -1.45 9.17
N LEU A 109 0.93 -2.45 9.98
CA LEU A 109 0.46 -3.83 9.89
C LEU A 109 -1.05 -3.88 10.10
N ASN A 110 -1.55 -3.07 11.03
CA ASN A 110 -2.99 -2.99 11.31
C ASN A 110 -3.71 -2.27 10.19
N ALA A 111 -3.09 -1.25 9.60
CA ALA A 111 -3.67 -0.55 8.46
C ALA A 111 -3.87 -1.51 7.26
N LEU A 112 -3.11 -2.60 7.17
CA LEU A 112 -3.31 -3.63 6.14
C LEU A 112 -4.60 -4.44 6.36
N THR A 113 -5.33 -4.29 7.46
CA THR A 113 -6.51 -5.12 7.73
C THR A 113 -7.81 -4.46 7.28
N HIS A 114 -7.78 -3.17 6.94
CA HIS A 114 -8.96 -2.37 6.63
C HIS A 114 -8.99 -1.95 5.17
N ILE A 115 -8.51 -2.81 4.25
CA ILE A 115 -8.56 -2.58 2.81
C ILE A 115 -10.02 -2.74 2.36
N ASP A 116 -10.86 -1.78 2.70
CA ASP A 116 -12.20 -1.70 2.14
C ASP A 116 -12.13 -1.19 0.71
N ARG A 117 -11.19 -0.28 0.43
CA ARG A 117 -11.08 0.40 -0.85
C ARG A 117 -9.66 0.28 -1.40
N THR A 118 -9.48 0.49 -2.70
CA THR A 118 -8.18 0.62 -3.34
C THR A 118 -8.35 1.52 -4.57
N GLY A 119 -7.25 2.12 -5.02
CA GLY A 119 -7.16 2.88 -6.24
C GLY A 119 -5.77 2.70 -6.83
N VAL A 120 -5.63 1.97 -7.94
CA VAL A 120 -4.39 1.93 -8.72
C VAL A 120 -4.54 2.66 -10.04
N GLN A 121 -3.41 3.11 -10.58
CA GLN A 121 -3.28 3.81 -11.82
C GLN A 121 -2.06 3.20 -12.53
N MET A 122 -2.28 2.50 -13.64
CA MET A 122 -1.26 1.86 -14.45
C MET A 122 -1.10 2.63 -15.76
N ARG A 123 -0.61 3.85 -15.67
CA ARG A 123 -0.30 4.71 -16.79
C ARG A 123 0.80 5.68 -16.41
N ALA A 124 2.03 5.16 -16.46
CA ALA A 124 3.28 5.79 -16.08
C ALA A 124 3.23 7.31 -16.21
N PRO A 125 3.43 8.08 -15.13
CA PRO A 125 4.01 7.64 -13.87
C PRO A 125 2.99 6.90 -12.99
N GLN A 126 3.28 5.66 -12.60
CA GLN A 126 2.32 4.78 -11.91
C GLN A 126 2.35 5.11 -10.43
N GLN A 127 1.18 5.08 -9.79
CA GLN A 127 1.06 4.97 -8.35
C GLN A 127 -0.13 4.06 -8.04
N MET A 128 -0.24 3.71 -6.77
CA MET A 128 -1.22 2.83 -6.18
C MET A 128 -1.53 3.43 -4.82
N GLN A 129 -2.79 3.36 -4.44
CA GLN A 129 -3.33 3.96 -3.26
C GLN A 129 -4.21 2.93 -2.60
N LEU A 130 -4.00 2.69 -1.31
CA LEU A 130 -4.92 1.91 -0.48
C LEU A 130 -5.68 2.92 0.35
N VAL A 131 -6.98 2.70 0.54
CA VAL A 131 -7.87 3.60 1.25
C VAL A 131 -8.57 2.75 2.31
N LEU A 132 -8.46 3.15 3.58
CA LEU A 132 -9.13 2.43 4.66
C LEU A 132 -10.61 2.75 4.64
N ASP A 133 -11.42 1.96 5.36
CA ASP A 133 -12.83 2.28 5.56
C ASP A 133 -13.01 3.63 6.26
N ASN A 134 -12.10 4.01 7.17
CA ASN A 134 -12.19 5.32 7.81
C ASN A 134 -11.64 6.41 6.89
N GLY A 135 -10.78 6.07 5.93
CA GLY A 135 -10.37 6.97 4.86
C GLY A 135 -8.88 7.30 4.82
N ASP A 136 -8.02 6.67 5.64
CA ASP A 136 -6.56 6.89 5.53
C ASP A 136 -6.09 6.43 4.16
N THR A 137 -5.27 7.24 3.50
CA THR A 137 -4.86 7.14 2.11
C THR A 137 -3.35 6.91 2.08
N LEU A 138 -2.90 5.67 1.83
CA LEU A 138 -1.48 5.34 1.71
C LEU A 138 -1.11 5.39 0.23
N THR A 139 -0.25 6.33 -0.17
CA THR A 139 0.34 6.38 -1.50
C THR A 139 1.59 5.51 -1.50
N PHE A 140 1.62 4.56 -2.42
CA PHE A 140 2.77 3.78 -2.82
C PHE A 140 3.36 4.38 -4.10
N ASP A 141 4.60 4.02 -4.42
CA ASP A 141 5.23 4.18 -5.73
C ASP A 141 5.45 2.80 -6.34
N ARG A 142 5.36 2.67 -7.67
CA ARG A 142 5.65 1.43 -8.38
C ARG A 142 7.16 1.30 -8.53
N SER A 143 7.78 0.37 -7.80
CA SER A 143 9.12 -0.04 -8.13
C SER A 143 8.95 -1.22 -9.08
N THR A 144 9.26 -0.99 -10.36
CA THR A 144 9.47 -1.99 -11.43
C THR A 144 10.93 -1.96 -11.92
N ARG A 145 11.82 -1.35 -11.13
CA ARG A 145 13.24 -1.53 -11.29
C ARG A 145 13.61 -2.80 -10.55
N ILE A 1 -9.64 38.07 -13.06
CA ILE A 1 -10.07 37.30 -11.87
C ILE A 1 -9.64 35.85 -12.08
N PRO A 2 -9.48 35.04 -11.02
CA PRO A 2 -9.40 33.60 -11.20
C PRO A 2 -10.72 33.08 -11.79
N LYS A 3 -10.67 31.92 -12.45
CA LYS A 3 -11.74 31.33 -13.25
C LYS A 3 -12.12 32.25 -14.41
N HIS A 4 -11.50 31.98 -15.56
CA HIS A 4 -11.95 32.47 -16.86
C HIS A 4 -13.32 31.85 -17.19
N PRO A 5 -14.04 32.39 -18.19
CA PRO A 5 -15.15 31.68 -18.82
C PRO A 5 -14.58 30.46 -19.55
N ASP A 6 -14.60 29.34 -18.86
CA ASP A 6 -14.19 27.99 -19.21
C ASP A 6 -15.33 27.06 -18.76
N SER A 7 -15.35 25.80 -19.21
CA SER A 7 -16.34 24.80 -18.83
C SER A 7 -15.79 23.38 -18.71
N GLU A 8 -14.50 23.15 -18.95
CA GLU A 8 -13.93 21.81 -19.13
C GLU A 8 -13.54 21.16 -17.80
N ALA A 9 -14.40 21.30 -16.79
CA ALA A 9 -14.23 20.66 -15.50
C ALA A 9 -14.90 19.28 -15.48
N VAL A 10 -14.60 18.45 -16.48
CA VAL A 10 -15.15 17.10 -16.62
C VAL A 10 -14.09 16.24 -17.31
N ALA A 11 -13.69 15.13 -16.67
CA ALA A 11 -12.84 14.11 -17.29
C ALA A 11 -13.08 12.75 -16.63
N PRO A 12 -12.71 11.64 -17.28
CA PRO A 12 -12.67 10.32 -16.66
C PRO A 12 -11.49 10.21 -15.72
N ASP A 13 -11.81 9.85 -14.49
CA ASP A 13 -10.88 9.80 -13.37
C ASP A 13 -10.11 8.47 -13.36
N PRO A 14 -8.82 8.44 -12.96
CA PRO A 14 -7.95 7.26 -12.92
C PRO A 14 -8.20 6.37 -11.69
N PHE A 15 -7.26 5.45 -11.39
CA PHE A 15 -7.22 4.57 -10.23
C PHE A 15 -8.33 3.53 -10.30
N ASN A 16 -8.18 2.59 -11.23
CA ASN A 16 -9.25 1.69 -11.66
C ASN A 16 -9.25 0.36 -10.90
N PRO A 17 -10.44 -0.20 -10.62
CA PRO A 17 -10.55 -1.50 -9.97
C PRO A 17 -10.07 -2.64 -10.87
N ALA A 18 -10.17 -2.48 -12.20
CA ALA A 18 -9.65 -3.45 -13.16
C ALA A 18 -8.13 -3.65 -13.08
N ALA A 19 -7.40 -2.69 -12.50
CA ALA A 19 -5.97 -2.85 -12.32
C ALA A 19 -5.65 -3.76 -11.12
N THR A 20 -6.60 -4.01 -10.21
CA THR A 20 -6.26 -4.67 -8.95
C THR A 20 -5.94 -6.16 -9.19
N GLN A 21 -6.41 -6.77 -10.28
CA GLN A 21 -6.19 -8.18 -10.52
C GLN A 21 -4.74 -8.45 -10.96
N LEU A 22 -3.91 -7.41 -11.01
CA LEU A 22 -2.53 -7.40 -11.52
C LEU A 22 -1.58 -6.97 -10.40
N LEU A 23 -1.93 -7.23 -9.14
CA LEU A 23 -1.09 -7.13 -7.96
C LEU A 23 -0.69 -8.56 -7.61
N ASP A 24 0.22 -9.17 -8.37
CA ASP A 24 0.54 -10.59 -8.19
C ASP A 24 2.04 -10.83 -8.07
N ASP A 25 2.81 -10.51 -9.11
CA ASP A 25 4.28 -10.51 -9.11
C ASP A 25 4.82 -9.09 -8.91
N THR A 26 3.93 -8.14 -8.73
CA THR A 26 4.17 -6.70 -8.71
C THR A 26 4.89 -6.33 -7.40
N SER A 27 5.51 -5.17 -7.33
CA SER A 27 6.34 -4.79 -6.19
C SER A 27 6.39 -3.26 -6.15
N TRP A 28 6.39 -2.70 -4.94
CA TRP A 28 6.04 -1.31 -4.71
C TRP A 28 6.82 -0.70 -3.52
N VAL A 29 6.69 0.60 -3.20
CA VAL A 29 7.30 1.20 -1.99
C VAL A 29 6.64 2.42 -1.41
N LEU A 30 6.19 2.28 -0.18
CA LEU A 30 5.45 3.30 0.52
C LEU A 30 6.27 4.56 0.66
N SER A 31 5.60 5.69 0.48
CA SER A 31 6.21 6.97 0.77
C SER A 31 5.21 8.01 1.30
N ALA A 32 3.91 7.70 1.42
CA ALA A 32 2.95 8.54 2.14
C ALA A 32 1.84 7.67 2.73
N TRP A 33 1.17 8.18 3.77
CA TRP A 33 -0.02 7.64 4.41
C TRP A 33 -0.76 8.83 5.00
N LYS A 34 -1.79 9.34 4.35
CA LYS A 34 -2.68 10.34 4.91
C LYS A 34 -3.74 9.60 5.69
N GLN A 35 -4.18 10.13 6.82
CA GLN A 35 -5.41 9.67 7.45
C GLN A 35 -6.59 10.35 6.78
N ALA A 36 -7.80 9.89 7.12
CA ALA A 36 -9.02 10.37 6.48
C ALA A 36 -9.27 11.86 6.79
N ASP A 37 -8.83 12.30 7.97
CA ASP A 37 -8.95 13.68 8.47
C ASP A 37 -7.77 14.56 8.00
N GLY A 38 -6.87 14.00 7.18
CA GLY A 38 -5.86 14.75 6.45
C GLY A 38 -4.50 14.74 7.13
N THR A 39 -4.39 14.04 8.27
CA THR A 39 -3.18 13.83 9.02
C THR A 39 -2.23 12.94 8.21
N ALA A 40 -1.28 13.53 7.48
CA ALA A 40 -0.15 12.79 6.93
C ALA A 40 0.66 12.17 8.07
N ARG A 41 0.65 10.85 8.15
CA ARG A 41 1.43 10.09 9.12
C ARG A 41 2.89 10.12 8.75
N ALA A 42 3.73 10.06 9.77
CA ALA A 42 5.17 10.11 9.64
C ALA A 42 5.70 8.72 9.31
N VAL A 43 6.11 8.50 8.06
CA VAL A 43 6.61 7.24 7.53
C VAL A 43 8.09 7.46 7.18
N PRO A 44 8.94 6.41 7.21
CA PRO A 44 10.34 6.57 6.85
C PRO A 44 10.44 6.71 5.32
N SER A 45 10.99 7.83 4.85
CA SER A 45 11.34 8.02 3.45
C SER A 45 12.57 7.19 3.08
N ALA A 46 12.89 7.13 1.79
CA ALA A 46 14.16 6.57 1.33
C ALA A 46 15.33 7.33 1.95
N ASP A 47 15.20 8.66 2.07
CA ASP A 47 16.23 9.53 2.63
C ASP A 47 16.33 9.47 4.17
N GLN A 48 15.38 8.80 4.83
CA GLN A 48 15.36 8.65 6.30
C GLN A 48 16.28 7.51 6.76
N GLY A 49 16.47 6.48 5.94
CA GLY A 49 17.15 5.26 6.35
C GLY A 49 16.53 4.06 5.67
N ALA A 50 15.41 3.61 6.22
CA ALA A 50 14.77 2.33 5.91
C ALA A 50 13.31 2.56 5.49
N PRO A 51 13.04 2.87 4.22
CA PRO A 51 11.68 3.05 3.74
C PRO A 51 10.90 1.73 3.75
N ILE A 52 9.59 1.83 3.90
CA ILE A 52 8.67 0.71 3.89
C ILE A 52 8.46 0.29 2.43
N THR A 53 9.10 -0.77 1.94
CA THR A 53 8.86 -1.30 0.58
C THR A 53 7.71 -2.33 0.65
N LEU A 54 7.31 -2.88 -0.50
CA LEU A 54 6.25 -3.85 -0.69
C LEU A 54 6.69 -4.79 -1.79
N THR A 55 6.31 -6.05 -1.71
CA THR A 55 6.60 -7.04 -2.73
C THR A 55 5.38 -7.96 -2.77
N LEU A 56 5.01 -8.43 -3.95
CA LEU A 56 3.98 -9.42 -4.18
C LEU A 56 4.67 -10.42 -5.12
N SER A 57 4.63 -11.71 -4.81
CA SER A 57 5.20 -12.75 -5.67
C SER A 57 4.56 -14.08 -5.30
N THR A 58 4.92 -15.16 -6.01
CA THR A 58 4.29 -16.46 -5.89
C THR A 58 5.31 -17.60 -5.69
N SER A 59 6.51 -17.31 -5.16
CA SER A 59 7.57 -18.28 -4.93
C SER A 59 7.15 -19.55 -4.17
N THR A 60 6.16 -19.51 -3.27
CA THR A 60 5.68 -20.71 -2.57
C THR A 60 4.48 -21.37 -3.29
N GLY A 61 4.10 -20.93 -4.48
CA GLY A 61 2.84 -21.24 -5.13
C GLY A 61 1.66 -20.49 -4.51
N GLN A 62 1.92 -19.68 -3.48
CA GLN A 62 0.92 -18.99 -2.68
C GLN A 62 1.14 -17.49 -2.83
N ARG A 63 0.13 -16.69 -2.48
CA ARG A 63 0.07 -15.26 -2.77
C ARG A 63 0.98 -14.50 -1.81
N HIS A 64 2.29 -14.70 -1.83
CA HIS A 64 3.11 -14.14 -0.78
C HIS A 64 3.44 -12.69 -1.10
N ALA A 65 2.85 -11.83 -0.29
CA ALA A 65 3.34 -10.46 -0.14
C ALA A 65 4.49 -10.51 0.86
N SER A 66 5.41 -9.58 0.73
CA SER A 66 6.35 -9.21 1.76
C SER A 66 6.54 -7.68 1.71
N GLY A 67 7.41 -7.18 2.56
CA GLY A 67 7.99 -5.85 2.48
C GLY A 67 8.94 -5.71 3.66
N PHE A 68 9.77 -4.67 3.66
CA PHE A 68 10.40 -4.21 4.89
C PHE A 68 9.45 -3.17 5.49
N SER A 69 9.23 -3.17 6.81
CA SER A 69 8.43 -2.16 7.50
C SER A 69 9.36 -1.46 8.50
N GLY A 70 10.28 -0.63 7.99
CA GLY A 70 11.10 0.34 8.74
C GLY A 70 12.17 -0.22 9.68
N CYS A 71 11.91 -1.35 10.35
CA CYS A 71 12.90 -2.19 10.99
C CYS A 71 12.52 -3.66 10.94
N ASN A 72 11.28 -4.02 10.62
CA ASN A 72 10.88 -5.43 10.58
C ASN A 72 10.20 -5.65 9.25
N ARG A 73 10.82 -6.49 8.45
CA ARG A 73 10.14 -7.07 7.28
C ARG A 73 9.00 -7.96 7.73
N TYR A 74 8.11 -8.25 6.79
CA TYR A 74 6.92 -9.05 6.99
C TYR A 74 6.73 -9.96 5.78
N MET A 75 5.82 -10.92 5.92
CA MET A 75 5.31 -11.79 4.90
C MET A 75 3.89 -12.21 5.30
N GLY A 76 3.15 -12.90 4.42
CA GLY A 76 1.89 -13.58 4.71
C GLY A 76 1.33 -14.08 3.38
N SER A 77 0.00 -14.05 3.18
CA SER A 77 -0.59 -14.20 1.86
C SER A 77 -1.55 -13.05 1.48
N TYR A 78 -1.85 -12.87 0.18
CA TYR A 78 -2.72 -11.80 -0.33
C TYR A 78 -3.83 -12.34 -1.25
N ALA A 79 -4.77 -11.48 -1.66
CA ALA A 79 -5.92 -11.85 -2.47
C ALA A 79 -6.41 -10.65 -3.28
N LEU A 80 -6.80 -10.89 -4.54
CA LEU A 80 -7.33 -9.87 -5.43
C LEU A 80 -8.83 -10.08 -5.56
N LYS A 81 -9.64 -9.09 -5.20
CA LYS A 81 -11.07 -9.03 -5.46
C LYS A 81 -11.55 -7.59 -5.29
N ASP A 82 -12.78 -7.28 -5.70
CA ASP A 82 -13.48 -6.01 -5.39
C ASP A 82 -12.62 -4.76 -5.63
N GLY A 83 -11.83 -4.74 -6.71
CA GLY A 83 -10.99 -3.60 -7.03
C GLY A 83 -9.90 -3.29 -5.98
N LYS A 84 -9.63 -4.20 -5.03
CA LYS A 84 -8.68 -4.00 -3.96
C LYS A 84 -7.77 -5.20 -3.74
N LEU A 85 -6.69 -4.98 -3.00
CA LEU A 85 -5.65 -5.95 -2.68
C LEU A 85 -5.78 -6.26 -1.20
N SER A 86 -6.46 -7.35 -0.89
CA SER A 86 -6.64 -7.78 0.49
C SER A 86 -5.45 -8.67 0.89
N PHE A 87 -5.28 -8.83 2.19
CA PHE A 87 -4.18 -9.56 2.82
C PHE A 87 -4.72 -10.36 3.99
N GLY A 88 -4.01 -11.43 4.35
CA GLY A 88 -4.28 -12.19 5.56
C GLY A 88 -3.75 -11.44 6.78
N THR A 89 -2.65 -11.92 7.35
CA THR A 89 -2.31 -11.71 8.75
C THR A 89 -0.80 -11.55 8.87
N LEU A 90 -0.25 -10.56 8.17
CA LEU A 90 1.16 -10.44 7.93
C LEU A 90 1.97 -10.32 9.21
N GLY A 91 3.23 -10.75 9.15
CA GLY A 91 4.18 -10.57 10.24
C GLY A 91 5.58 -10.99 9.83
N GLY A 92 6.54 -10.72 10.71
CA GLY A 92 7.93 -11.10 10.55
C GLY A 92 8.54 -11.37 11.92
N THR A 93 9.54 -10.59 12.31
CA THR A 93 10.19 -10.66 13.62
C THR A 93 10.06 -9.32 14.36
N ARG A 94 10.58 -9.24 15.59
CA ARG A 94 10.60 -8.02 16.40
C ARG A 94 12.04 -7.58 16.58
N MET A 95 12.64 -7.03 15.53
CA MET A 95 13.94 -6.37 15.62
C MET A 95 13.77 -4.99 16.29
N ALA A 96 14.86 -4.25 16.51
CA ALA A 96 14.84 -2.88 17.02
C ALA A 96 15.76 -2.00 16.17
N CYS A 97 15.41 -0.73 16.02
CA CYS A 97 16.16 0.31 15.30
C CYS A 97 16.23 1.65 16.03
N MET A 98 15.43 1.84 17.07
CA MET A 98 15.42 3.02 17.93
C MET A 98 14.96 4.29 17.20
N THR A 99 14.23 4.15 16.11
CA THR A 99 13.98 5.22 15.14
C THR A 99 12.52 5.67 15.18
N PRO A 100 12.20 6.83 14.58
CA PRO A 100 10.82 7.20 14.27
C PRO A 100 10.24 6.40 13.11
N GLY A 101 11.06 5.66 12.36
CA GLY A 101 10.60 4.67 11.38
C GLY A 101 10.50 3.26 11.98
N GLY A 102 11.01 3.02 13.18
CA GLY A 102 11.00 1.71 13.80
C GLY A 102 9.61 1.27 14.25
N GLN A 103 8.92 2.10 15.05
CA GLN A 103 7.71 1.69 15.76
C GLN A 103 6.42 1.88 14.95
N ILE A 104 6.46 2.66 13.87
CA ILE A 104 5.35 2.75 12.92
C ILE A 104 5.05 1.38 12.29
N GLU A 105 5.98 0.43 12.36
CA GLU A 105 5.77 -0.97 11.99
C GLU A 105 4.44 -1.47 12.55
N GLY A 106 4.24 -1.36 13.86
CA GLY A 106 3.08 -1.91 14.53
C GLY A 106 1.79 -1.13 14.26
N ALA A 107 1.83 0.02 13.58
CA ALA A 107 0.64 0.62 12.96
C ALA A 107 0.46 0.03 11.57
N TYR A 108 1.52 0.06 10.75
CA TYR A 108 1.48 -0.29 9.34
C TYR A 108 0.94 -1.71 9.13
N LEU A 109 1.44 -2.69 9.89
CA LEU A 109 0.94 -4.06 9.80
C LEU A 109 -0.55 -4.12 10.10
N ASN A 110 -1.00 -3.41 11.14
CA ASN A 110 -2.40 -3.36 11.54
C ASN A 110 -3.26 -2.73 10.44
N ALA A 111 -2.73 -1.76 9.70
CA ALA A 111 -3.43 -1.07 8.63
C ALA A 111 -3.57 -1.94 7.36
N LEU A 112 -2.75 -2.98 7.19
CA LEU A 112 -2.93 -3.94 6.09
C LEU A 112 -4.13 -4.87 6.33
N THR A 113 -4.74 -4.84 7.51
CA THR A 113 -5.94 -5.62 7.80
C THR A 113 -7.22 -4.90 7.32
N HIS A 114 -7.08 -3.67 6.83
CA HIS A 114 -8.15 -2.73 6.51
C HIS A 114 -7.95 -2.28 5.07
N ILE A 115 -8.43 -3.08 4.10
CA ILE A 115 -8.33 -2.73 2.69
C ILE A 115 -9.74 -2.70 2.10
N ASP A 116 -10.61 -1.85 2.65
CA ASP A 116 -11.95 -1.74 2.09
C ASP A 116 -11.97 -1.07 0.72
N ARG A 117 -10.93 -0.28 0.45
CA ARG A 117 -10.74 0.47 -0.78
C ARG A 117 -9.31 0.33 -1.29
N THR A 118 -9.07 0.72 -2.54
CA THR A 118 -7.76 0.75 -3.21
C THR A 118 -7.82 1.71 -4.40
N GLY A 119 -6.66 2.01 -4.99
CA GLY A 119 -6.53 2.69 -6.26
C GLY A 119 -5.15 2.43 -6.86
N VAL A 120 -4.93 1.31 -7.54
CA VAL A 120 -3.70 1.16 -8.31
C VAL A 120 -3.83 1.87 -9.66
N GLN A 121 -2.71 2.34 -10.20
CA GLN A 121 -2.59 2.96 -11.50
C GLN A 121 -1.50 2.23 -12.28
N MET A 122 -1.87 1.19 -13.03
CA MET A 122 -0.98 0.55 -13.99
C MET A 122 -0.87 1.43 -15.24
N ARG A 123 -0.16 2.55 -15.14
CA ARG A 123 0.37 3.34 -16.24
C ARG A 123 1.61 4.02 -15.69
N ALA A 124 2.68 4.20 -16.46
CA ALA A 124 3.84 4.94 -16.05
C ALA A 124 3.43 6.42 -15.85
N PRO A 125 3.82 7.09 -14.75
CA PRO A 125 4.58 6.53 -13.64
C PRO A 125 3.69 5.65 -12.76
N GLN A 126 4.03 4.36 -12.65
CA GLN A 126 3.17 3.41 -11.98
C GLN A 126 3.25 3.68 -10.49
N GLN A 127 2.08 3.74 -9.85
CA GLN A 127 1.95 3.86 -8.40
C GLN A 127 0.74 3.05 -7.96
N MET A 128 0.70 2.78 -6.67
CA MET A 128 -0.41 2.12 -6.00
C MET A 128 -0.84 3.02 -4.85
N GLN A 129 -2.05 3.55 -4.89
CA GLN A 129 -2.74 4.02 -3.70
C GLN A 129 -3.47 2.83 -3.08
N LEU A 130 -3.60 2.84 -1.76
CA LEU A 130 -4.47 1.98 -0.97
C LEU A 130 -5.27 2.91 -0.05
N VAL A 131 -6.45 2.48 0.39
CA VAL A 131 -7.36 3.32 1.17
C VAL A 131 -8.00 2.45 2.25
N LEU A 132 -7.88 2.87 3.52
CA LEU A 132 -8.55 2.20 4.64
C LEU A 132 -10.02 2.55 4.63
N ASP A 133 -10.80 1.78 5.39
CA ASP A 133 -12.24 1.94 5.57
C ASP A 133 -12.61 3.36 5.99
N ASN A 134 -11.73 4.06 6.73
CA ASN A 134 -11.98 5.39 7.26
C ASN A 134 -11.97 6.40 6.11
N GLY A 135 -11.06 6.18 5.16
CA GLY A 135 -10.70 7.12 4.12
C GLY A 135 -9.22 7.49 4.09
N ASP A 136 -8.33 6.76 4.79
CA ASP A 136 -6.88 7.00 4.71
C ASP A 136 -6.41 6.91 3.26
N THR A 137 -5.29 7.54 2.91
CA THR A 137 -4.69 7.48 1.58
C THR A 137 -3.24 7.05 1.73
N LEU A 138 -2.94 5.77 1.54
CA LEU A 138 -1.57 5.30 1.43
C LEU A 138 -1.11 5.47 -0.01
N THR A 139 0.19 5.46 -0.24
CA THR A 139 0.78 5.65 -1.57
C THR A 139 2.13 4.95 -1.64
N PHE A 140 2.33 4.19 -2.72
CA PHE A 140 3.52 3.38 -2.96
C PHE A 140 4.13 3.72 -4.32
N ASP A 141 5.43 3.46 -4.49
CA ASP A 141 6.17 3.64 -5.74
C ASP A 141 6.11 2.33 -6.50
N ARG A 142 6.27 2.26 -7.82
CA ARG A 142 6.55 0.96 -8.44
C ARG A 142 8.04 0.66 -8.32
N SER A 143 8.43 -0.04 -7.26
CA SER A 143 9.76 -0.64 -7.18
C SER A 143 9.77 -1.96 -7.93
N THR A 144 10.09 -1.94 -9.23
CA THR A 144 10.22 -3.15 -10.04
C THR A 144 11.64 -3.76 -10.08
N ARG A 145 12.58 -3.15 -9.35
CA ARG A 145 14.01 -3.43 -9.27
C ARG A 145 14.80 -2.93 -10.47
#